data_1E0E
#
_entry.id   1E0E
#
_cell.length_a   1.000
_cell.length_b   1.000
_cell.length_c   1.000
_cell.angle_alpha   90.00
_cell.angle_beta   90.00
_cell.angle_gamma   90.00
#
_symmetry.space_group_name_H-M   'P 1'
#
loop_
_entity.id
_entity.type
_entity.pdbx_description
1 polymer 'HUMAN IMMUNODEFICIENCY VIRUS TYPE 2 INTEGRASE'
2 non-polymer 'ZINC ION'
#
_entity_poly.entity_id   1
_entity_poly.type   'polypeptide(L)'
_entity_poly.pdbx_seq_one_letter_code
;FLEKIEPAQEEHEKYHSNVKELSHKFGIPNLVARQIVNSCAQCQQKGEAIHGQVN
;
_entity_poly.pdbx_strand_id   A,B
#
# COMPACT_ATOMS: atom_id res chain seq x y z
N PHE A 1 10.60 3.17 -3.95
CA PHE A 1 9.14 3.06 -3.75
C PHE A 1 8.47 4.43 -3.62
N LEU A 2 9.07 5.30 -2.80
CA LEU A 2 8.54 6.64 -2.60
C LEU A 2 9.08 7.63 -3.63
N GLU A 3 9.67 7.14 -4.72
CA GLU A 3 10.22 8.00 -5.76
C GLU A 3 9.11 8.48 -6.70
N LYS A 4 8.48 7.52 -7.39
CA LYS A 4 7.41 7.84 -8.34
C LYS A 4 6.05 7.88 -7.65
N ILE A 5 5.93 7.18 -6.52
CA ILE A 5 4.66 7.15 -5.78
C ILE A 5 4.40 8.48 -5.08
N GLU A 6 5.45 9.10 -4.58
CA GLU A 6 5.32 10.37 -3.87
C GLU A 6 4.64 11.42 -4.76
N PRO A 7 5.22 11.74 -5.93
CA PRO A 7 4.64 12.72 -6.87
C PRO A 7 3.14 12.53 -7.07
N ALA A 8 2.69 11.28 -6.99
CA ALA A 8 1.29 10.95 -7.17
C ALA A 8 0.47 11.42 -5.97
N GLN A 9 1.07 11.37 -4.79
CA GLN A 9 0.39 11.80 -3.57
C GLN A 9 0.08 13.28 -3.62
N GLU A 10 0.96 14.05 -4.26
CA GLU A 10 0.77 15.49 -4.39
C GLU A 10 -0.31 15.80 -5.42
N GLU A 11 -0.46 14.93 -6.40
CA GLU A 11 -1.46 15.10 -7.45
C GLU A 11 -2.87 15.02 -6.88
N HIS A 12 -3.09 14.06 -5.98
CA HIS A 12 -4.40 13.90 -5.38
C HIS A 12 -4.73 15.10 -4.51
N GLU A 13 -3.75 15.59 -3.77
CA GLU A 13 -3.94 16.73 -2.88
C GLU A 13 -4.30 18.01 -3.64
N LYS A 14 -4.13 18.01 -4.97
CA LYS A 14 -4.42 19.20 -5.77
C LYS A 14 -5.72 19.08 -6.58
N TYR A 15 -6.18 17.84 -6.83
CA TYR A 15 -7.39 17.65 -7.62
C TYR A 15 -8.19 16.41 -7.19
N HIS A 16 -7.90 15.89 -5.98
CA HIS A 16 -8.59 14.70 -5.46
C HIS A 16 -8.78 13.61 -6.53
N SER A 17 -7.73 13.41 -7.33
CA SER A 17 -7.77 12.41 -8.39
C SER A 17 -8.05 11.02 -7.83
N ASN A 18 -8.91 10.28 -8.51
CA ASN A 18 -9.27 8.93 -8.08
C ASN A 18 -8.12 7.96 -8.38
N VAL A 19 -8.27 6.72 -7.91
CA VAL A 19 -7.24 5.69 -8.11
C VAL A 19 -6.91 5.54 -9.58
N LYS A 20 -7.93 5.33 -10.41
CA LYS A 20 -7.74 5.17 -11.85
C LYS A 20 -6.97 6.35 -12.44
N GLU A 21 -7.21 7.53 -11.90
CA GLU A 21 -6.53 8.74 -12.36
C GLU A 21 -5.05 8.70 -11.99
N LEU A 22 -4.77 8.39 -10.73
CA LEU A 22 -3.40 8.31 -10.24
C LEU A 22 -2.64 7.19 -10.96
N SER A 23 -3.30 6.05 -11.12
CA SER A 23 -2.69 4.90 -11.78
C SER A 23 -2.55 5.13 -13.27
N HIS A 24 -3.57 5.70 -13.89
CA HIS A 24 -3.55 5.96 -15.32
C HIS A 24 -2.67 7.16 -15.66
N LYS A 25 -2.55 8.11 -14.73
CA LYS A 25 -1.74 9.29 -14.95
C LYS A 25 -0.26 9.00 -14.73
N PHE A 26 0.05 8.35 -13.61
CA PHE A 26 1.44 8.02 -13.29
C PHE A 26 1.81 6.62 -13.76
N GLY A 27 1.03 5.63 -13.34
CA GLY A 27 1.30 4.26 -13.73
C GLY A 27 1.21 3.27 -12.57
N ILE A 28 1.20 3.79 -11.34
CA ILE A 28 1.10 2.94 -10.15
C ILE A 28 -0.16 2.10 -10.19
N PRO A 29 -0.10 0.83 -9.71
CA PRO A 29 -1.26 -0.06 -9.71
C PRO A 29 -2.45 0.56 -9.00
N ASN A 30 -3.62 -0.06 -9.14
CA ASN A 30 -4.83 0.44 -8.52
C ASN A 30 -4.76 0.42 -7.00
N LEU A 31 -3.88 -0.39 -6.45
CA LEU A 31 -3.73 -0.48 -5.00
C LEU A 31 -2.89 0.67 -4.47
N VAL A 32 -1.70 0.86 -5.06
CA VAL A 32 -0.82 1.94 -4.63
C VAL A 32 -1.50 3.30 -4.80
N ALA A 33 -2.38 3.39 -5.79
CA ALA A 33 -3.12 4.62 -6.03
C ALA A 33 -4.22 4.81 -5.00
N ARG A 34 -4.93 3.73 -4.69
CA ARG A 34 -6.01 3.77 -3.72
C ARG A 34 -5.49 4.19 -2.34
N GLN A 35 -4.22 3.88 -2.08
CA GLN A 35 -3.59 4.24 -0.81
C GLN A 35 -3.59 5.75 -0.66
N ILE A 36 -3.42 6.45 -1.77
CA ILE A 36 -3.40 7.91 -1.77
C ILE A 36 -4.78 8.46 -1.46
N VAL A 37 -5.79 7.90 -2.13
CA VAL A 37 -7.17 8.33 -1.92
C VAL A 37 -7.65 7.92 -0.53
N ASN A 38 -7.23 6.73 -0.11
CA ASN A 38 -7.60 6.21 1.20
C ASN A 38 -7.03 7.09 2.32
N SER A 39 -5.88 7.70 2.05
CA SER A 39 -5.24 8.57 3.03
C SER A 39 -5.99 9.89 3.14
N CYS A 40 -6.56 10.33 2.03
CA CYS A 40 -7.31 11.59 1.99
C CYS A 40 -8.54 11.50 2.89
N ALA A 41 -8.62 12.42 3.86
CA ALA A 41 -9.75 12.45 4.79
C ALA A 41 -11.03 12.89 4.09
N GLN A 42 -10.95 13.97 3.33
CA GLN A 42 -12.09 14.50 2.61
C GLN A 42 -12.71 13.45 1.69
N CYS A 43 -11.87 12.53 1.21
CA CYS A 43 -12.34 11.47 0.31
C CYS A 43 -12.68 10.20 1.09
N GLN A 44 -12.01 10.01 2.23
CA GLN A 44 -12.24 8.83 3.07
C GLN A 44 -13.71 8.73 3.47
N GLN A 45 -14.26 9.83 3.97
CA GLN A 45 -15.66 9.86 4.39
C GLN A 45 -16.60 9.93 3.20
N LYS A 46 -17.63 9.10 3.21
CA LYS A 46 -18.61 9.06 2.12
C LYS A 46 -19.87 9.82 2.50
N GLY A 47 -20.74 10.02 1.61
N PHE B 1 4.70 -5.23 -9.41
CA PHE B 1 4.34 -4.87 -8.02
C PHE B 1 3.93 -6.09 -7.21
N LEU B 2 3.07 -6.93 -7.80
CA LEU B 2 2.59 -8.13 -7.13
C LEU B 2 3.51 -9.33 -7.38
N GLU B 3 4.72 -9.08 -7.87
CA GLU B 3 5.67 -10.15 -8.14
C GLU B 3 6.40 -10.58 -6.87
N LYS B 4 7.14 -9.64 -6.27
CA LYS B 4 7.89 -9.92 -5.05
C LYS B 4 7.05 -9.65 -3.81
N ILE B 5 6.03 -8.81 -3.93
CA ILE B 5 5.16 -8.47 -2.80
C ILE B 5 4.23 -9.64 -2.47
N GLU B 6 3.76 -10.34 -3.50
CA GLU B 6 2.86 -11.47 -3.29
C GLU B 6 3.49 -12.51 -2.35
N PRO B 7 4.67 -13.07 -2.72
CA PRO B 7 5.35 -14.08 -1.90
C PRO B 7 5.40 -13.69 -0.42
N ALA B 8 5.47 -12.39 -0.16
CA ALA B 8 5.52 -11.88 1.20
C ALA B 8 4.17 -12.05 1.90
N GLN B 9 3.10 -11.94 1.14
CA GLN B 9 1.75 -12.08 1.68
C GLN B 9 1.53 -13.49 2.20
N GLU B 10 2.14 -14.46 1.52
CA GLU B 10 2.02 -15.86 1.91
C GLU B 10 2.85 -16.15 3.16
N GLU B 11 3.94 -15.40 3.33
CA GLU B 11 4.81 -15.57 4.49
C GLU B 11 4.09 -15.19 5.78
N HIS B 12 3.34 -14.09 5.74
CA HIS B 12 2.62 -13.66 6.92
C HIS B 12 1.53 -14.66 7.29
N GLU B 13 0.85 -15.19 6.28
CA GLU B 13 -0.23 -16.15 6.49
C GLU B 13 0.29 -17.45 7.11
N LYS B 14 1.60 -17.66 7.15
CA LYS B 14 2.15 -18.89 7.70
C LYS B 14 2.82 -18.69 9.06
N TYR B 15 3.20 -17.45 9.39
CA TYR B 15 3.86 -17.18 10.67
C TYR B 15 3.54 -15.79 11.22
N HIS B 16 2.47 -15.16 10.71
CA HIS B 16 2.06 -13.82 11.15
C HIS B 16 3.25 -12.88 11.34
N SER B 17 4.19 -12.94 10.41
CA SER B 17 5.39 -12.11 10.46
C SER B 17 5.02 -10.62 10.47
N ASN B 18 5.70 -9.85 11.32
CA ASN B 18 5.45 -8.42 11.43
C ASN B 18 6.02 -7.69 10.21
N VAL B 19 5.74 -6.38 10.13
CA VAL B 19 6.22 -5.57 9.01
C VAL B 19 7.74 -5.66 8.87
N LYS B 20 8.45 -5.43 9.97
CA LYS B 20 9.91 -5.49 9.96
C LYS B 20 10.40 -6.85 9.44
N GLU B 21 9.66 -7.90 9.76
CA GLU B 21 10.01 -9.24 9.32
C GLU B 21 9.82 -9.37 7.82
N LEU B 22 8.67 -8.93 7.32
CA LEU B 22 8.37 -9.00 5.90
C LEU B 22 9.34 -8.12 5.10
N SER B 23 9.59 -6.92 5.62
CA SER B 23 10.49 -5.98 4.97
C SER B 23 11.95 -6.43 5.06
N HIS B 24 12.33 -6.92 6.23
CA HIS B 24 13.70 -7.38 6.45
C HIS B 24 13.96 -8.73 5.79
N LYS B 25 12.90 -9.54 5.67
CA LYS B 25 13.04 -10.86 5.07
C LYS B 25 13.05 -10.77 3.54
N PHE B 26 12.09 -10.03 2.98
CA PHE B 26 11.99 -9.87 1.54
C PHE B 26 12.72 -8.62 1.06
N GLY B 27 12.36 -7.48 1.64
CA GLY B 27 12.99 -6.23 1.25
C GLY B 27 11.99 -5.09 1.04
N ILE B 28 10.71 -5.42 0.95
CA ILE B 28 9.67 -4.43 0.76
C ILE B 28 9.68 -3.40 1.89
N PRO B 29 9.42 -2.11 1.59
CA PRO B 29 9.41 -1.06 2.61
C PRO B 29 8.47 -1.40 3.76
N ASN B 30 8.57 -0.63 4.84
CA ASN B 30 7.74 -0.85 6.02
C ASN B 30 6.26 -0.64 5.72
N LEU B 31 5.95 0.10 4.67
CA LEU B 31 4.56 0.36 4.32
C LEU B 31 3.97 -0.82 3.55
N VAL B 32 4.65 -1.26 2.51
CA VAL B 32 4.18 -2.39 1.72
C VAL B 32 4.04 -3.63 2.59
N ALA B 33 4.90 -3.73 3.62
CA ALA B 33 4.86 -4.86 4.53
C ALA B 33 3.68 -4.74 5.48
N ARG B 34 3.47 -3.52 5.99
CA ARG B 34 2.37 -3.27 6.93
C ARG B 34 1.03 -3.58 6.27
N GLN B 35 0.96 -3.43 4.95
CA GLN B 35 -0.26 -3.70 4.21
C GLN B 35 -0.66 -5.16 4.37
N ILE B 36 0.35 -6.02 4.46
CA ILE B 36 0.13 -7.45 4.62
C ILE B 36 -0.43 -7.74 6.02
N VAL B 37 0.19 -7.14 7.03
CA VAL B 37 -0.24 -7.31 8.41
C VAL B 37 -1.60 -6.65 8.62
N ASN B 38 -1.78 -5.50 8.01
CA ASN B 38 -3.03 -4.75 8.11
C ASN B 38 -4.19 -5.54 7.51
N SER B 39 -3.89 -6.35 6.50
CA SER B 39 -4.90 -7.17 5.84
C SER B 39 -5.31 -8.34 6.73
N CYS B 40 -4.36 -8.82 7.52
CA CYS B 40 -4.60 -9.95 8.42
C CYS B 40 -5.63 -9.55 9.48
N ALA B 41 -6.72 -10.31 9.55
CA ALA B 41 -7.77 -10.04 10.52
C ALA B 41 -7.32 -10.37 11.94
N GLN B 42 -6.72 -11.54 12.11
CA GLN B 42 -6.24 -11.99 13.42
C GLN B 42 -5.25 -10.99 14.01
N CYS B 43 -4.53 -10.28 13.14
CA CYS B 43 -3.55 -9.29 13.57
C CYS B 43 -4.16 -7.89 13.63
N GLN B 44 -5.16 -7.65 12.79
CA GLN B 44 -5.82 -6.35 12.75
C GLN B 44 -6.39 -5.97 14.11
N GLN B 45 -7.10 -6.90 14.73
CA GLN B 45 -7.70 -6.66 16.04
C GLN B 45 -6.64 -6.75 17.14
N LYS B 46 -6.65 -5.77 18.05
CA LYS B 46 -5.71 -5.74 19.15
C LYS B 46 -6.34 -6.24 20.44
N GLY B 47 -5.62 -6.42 21.43
N PHE A 1 10.00 2.84 -5.18
CA PHE A 1 8.64 2.79 -4.59
C PHE A 1 8.04 4.19 -4.46
N LEU A 2 8.77 5.08 -3.78
CA LEU A 2 8.32 6.45 -3.58
C LEU A 2 8.79 7.38 -4.70
N GLU A 3 9.19 6.80 -5.83
CA GLU A 3 9.66 7.61 -6.96
C GLU A 3 8.50 7.96 -7.89
N LYS A 4 7.78 6.93 -8.33
CA LYS A 4 6.65 7.13 -9.24
C LYS A 4 5.35 7.32 -8.46
N ILE A 5 5.29 6.75 -7.25
CA ILE A 5 4.10 6.86 -6.41
C ILE A 5 3.98 8.27 -5.82
N GLU A 6 5.12 8.86 -5.46
CA GLU A 6 5.13 10.20 -4.87
C GLU A 6 4.44 11.20 -5.80
N PRO A 7 4.93 11.38 -7.04
CA PRO A 7 4.33 12.31 -8.01
C PRO A 7 2.80 12.22 -8.06
N ALA A 8 2.29 11.00 -7.92
CA ALA A 8 0.85 10.78 -7.94
C ALA A 8 0.18 11.35 -6.69
N GLN A 9 0.91 11.29 -5.58
CA GLN A 9 0.39 11.81 -4.31
C GLN A 9 0.21 13.32 -4.37
N GLU A 10 1.13 14.00 -5.05
CA GLU A 10 1.06 15.44 -5.20
C GLU A 10 -0.12 15.85 -6.07
N GLU A 11 -0.44 15.00 -7.04
CA GLU A 11 -1.55 15.27 -7.95
C GLU A 11 -2.88 15.21 -7.22
N HIS A 12 -3.02 14.26 -6.30
CA HIS A 12 -4.26 14.14 -5.54
C HIS A 12 -4.44 15.33 -4.61
N GLU A 13 -3.35 15.79 -4.02
CA GLU A 13 -3.40 16.92 -3.10
C GLU A 13 -3.80 18.22 -3.81
N LYS A 14 -3.80 18.23 -5.13
CA LYS A 14 -4.15 19.43 -5.88
C LYS A 14 -5.55 19.37 -6.50
N TYR A 15 -6.07 18.16 -6.72
CA TYR A 15 -7.40 18.03 -7.33
C TYR A 15 -8.17 16.82 -6.78
N HIS A 16 -7.73 16.28 -5.63
CA HIS A 16 -8.37 15.11 -5.01
C HIS A 16 -8.74 14.05 -6.04
N SER A 17 -7.83 13.81 -6.98
CA SER A 17 -8.04 12.83 -8.04
C SER A 17 -8.35 11.44 -7.47
N ASN A 18 -9.13 10.67 -8.21
CA ASN A 18 -9.50 9.32 -7.78
C ASN A 18 -8.45 8.31 -8.24
N VAL A 19 -8.60 7.07 -7.77
CA VAL A 19 -7.66 6.00 -8.12
C VAL A 19 -7.49 5.88 -9.64
N LYS A 20 -8.60 5.76 -10.34
CA LYS A 20 -8.57 5.63 -11.80
C LYS A 20 -7.87 6.84 -12.44
N GLU A 21 -7.96 7.98 -11.78
CA GLU A 21 -7.34 9.20 -12.28
C GLU A 21 -5.83 9.15 -12.07
N LEU A 22 -5.41 8.73 -10.88
CA LEU A 22 -3.99 8.64 -10.56
C LEU A 22 -3.33 7.51 -11.35
N SER A 23 -4.03 6.39 -11.46
CA SER A 23 -3.50 5.24 -12.19
C SER A 23 -3.50 5.49 -13.70
N HIS A 24 -4.51 6.19 -14.19
CA HIS A 24 -4.63 6.50 -15.61
C HIS A 24 -3.73 7.67 -16.00
N LYS A 25 -3.55 8.61 -15.08
CA LYS A 25 -2.73 9.78 -15.34
C LYS A 25 -1.24 9.46 -15.23
N PHE A 26 -0.89 8.56 -14.32
CA PHE A 26 0.49 8.17 -14.12
C PHE A 26 0.73 6.73 -14.57
N GLY A 27 0.15 5.78 -13.86
CA GLY A 27 0.31 4.38 -14.20
C GLY A 27 0.73 3.53 -13.00
N ILE A 28 -0.24 3.18 -12.18
CA ILE A 28 0.03 2.38 -10.99
C ILE A 28 -1.16 1.47 -10.65
N PRO A 29 -0.91 0.26 -10.12
CA PRO A 29 -1.97 -0.67 -9.76
C PRO A 29 -3.04 -0.03 -8.88
N ASN A 30 -4.26 -0.54 -8.98
CA ASN A 30 -5.38 0.00 -8.21
C ASN A 30 -5.07 -0.01 -6.71
N LEU A 31 -4.18 -0.91 -6.29
CA LEU A 31 -3.80 -1.01 -4.88
C LEU A 31 -2.97 0.20 -4.47
N VAL A 32 -1.99 0.56 -5.29
CA VAL A 32 -1.12 1.69 -5.00
C VAL A 32 -1.90 3.00 -5.02
N ALA A 33 -2.72 3.18 -6.06
CA ALA A 33 -3.53 4.38 -6.20
C ALA A 33 -4.53 4.51 -5.06
N ARG A 34 -5.05 3.37 -4.61
CA ARG A 34 -6.02 3.36 -3.52
C ARG A 34 -5.41 3.94 -2.25
N GLN A 35 -4.13 3.66 -2.04
CA GLN A 35 -3.42 4.15 -0.86
C GLN A 35 -3.36 5.68 -0.86
N ILE A 36 -3.29 6.26 -2.04
CA ILE A 36 -3.23 7.71 -2.19
C ILE A 36 -4.56 8.34 -1.78
N VAL A 37 -5.64 7.88 -2.40
CA VAL A 37 -6.97 8.39 -2.10
C VAL A 37 -7.37 8.04 -0.66
N ASN A 38 -7.01 6.83 -0.24
CA ASN A 38 -7.33 6.36 1.11
C ASN A 38 -6.55 7.16 2.15
N SER A 39 -5.32 7.54 1.80
CA SER A 39 -4.48 8.30 2.72
C SER A 39 -5.06 9.69 2.97
N CYS A 40 -5.76 10.22 1.97
CA CYS A 40 -6.38 11.54 2.08
C CYS A 40 -7.36 11.59 3.25
N ALA A 41 -7.34 12.69 3.99
CA ALA A 41 -8.21 12.85 5.15
C ALA A 41 -9.62 13.27 4.74
N GLN A 42 -9.73 14.39 4.02
CA GLN A 42 -11.02 14.91 3.57
C GLN A 42 -11.81 13.85 2.81
N CYS A 43 -11.17 13.26 1.80
CA CYS A 43 -11.80 12.22 0.99
C CYS A 43 -12.28 11.06 1.85
N GLN A 44 -11.61 10.83 2.98
CA GLN A 44 -12.00 9.76 3.89
C GLN A 44 -13.23 10.14 4.70
N GLN A 45 -13.07 11.09 5.61
CA GLN A 45 -14.18 11.54 6.45
C GLN A 45 -15.12 12.45 5.67
N LYS A 46 -16.34 11.97 5.44
CA LYS A 46 -17.33 12.76 4.70
C LYS A 46 -17.92 13.85 5.58
N GLY A 47 -18.86 14.54 5.12
N PHE B 1 5.82 -5.03 -8.71
CA PHE B 1 5.08 -4.69 -7.46
C PHE B 1 4.67 -5.95 -6.71
N LEU B 2 3.96 -6.85 -7.39
CA LEU B 2 3.51 -8.10 -6.78
C LEU B 2 4.53 -9.23 -6.96
N GLU B 3 5.78 -8.88 -7.28
CA GLU B 3 6.82 -9.87 -7.47
C GLU B 3 7.54 -10.15 -6.15
N LYS B 4 8.04 -9.10 -5.52
CA LYS B 4 8.76 -9.23 -4.26
C LYS B 4 7.80 -9.12 -3.06
N ILE B 5 6.71 -8.39 -3.26
CA ILE B 5 5.72 -8.22 -2.20
C ILE B 5 4.92 -9.49 -1.98
N GLU B 6 4.62 -10.20 -3.06
CA GLU B 6 3.84 -11.44 -2.97
C GLU B 6 4.51 -12.43 -2.02
N PRO B 7 5.77 -12.85 -2.29
CA PRO B 7 6.51 -13.79 -1.45
C PRO B 7 6.38 -13.47 0.04
N ALA B 8 6.37 -12.19 0.36
CA ALA B 8 6.25 -11.75 1.75
C ALA B 8 4.86 -12.03 2.29
N GLN B 9 3.86 -11.95 1.42
CA GLN B 9 2.48 -12.21 1.81
C GLN B 9 2.29 -13.68 2.21
N GLU B 10 2.97 -14.57 1.50
CA GLU B 10 2.88 -15.99 1.78
C GLU B 10 3.55 -16.32 3.12
N GLU B 11 4.58 -15.57 3.45
CA GLU B 11 5.31 -15.77 4.71
C GLU B 11 4.43 -15.42 5.90
N HIS B 12 3.66 -14.35 5.78
CA HIS B 12 2.79 -13.93 6.87
C HIS B 12 1.67 -14.95 7.08
N GLU B 13 1.15 -15.50 5.99
CA GLU B 13 0.08 -16.47 6.08
C GLU B 13 0.52 -17.78 6.73
N LYS B 14 1.83 -17.95 6.93
CA LYS B 14 2.34 -19.18 7.54
C LYS B 14 2.79 -18.98 8.99
N TYR B 15 3.12 -17.74 9.37
CA TYR B 15 3.57 -17.48 10.74
C TYR B 15 3.13 -16.11 11.25
N HIS B 16 2.14 -15.51 10.58
CA HIS B 16 1.61 -14.18 10.96
C HIS B 16 2.75 -13.21 11.33
N SER B 17 3.81 -13.24 10.53
CA SER B 17 4.97 -12.38 10.75
C SER B 17 4.58 -10.91 10.79
N ASN B 18 5.33 -10.13 11.56
CA ASN B 18 5.07 -8.69 11.67
C ASN B 18 5.78 -7.92 10.56
N VAL B 19 5.50 -6.63 10.48
CA VAL B 19 6.11 -5.77 9.47
C VAL B 19 7.63 -5.88 9.49
N LYS B 20 8.22 -5.66 10.66
CA LYS B 20 9.66 -5.74 10.82
C LYS B 20 10.19 -7.11 10.39
N GLU B 21 9.37 -8.13 10.55
CA GLU B 21 9.76 -9.48 10.16
C GLU B 21 9.74 -9.64 8.65
N LEU B 22 8.68 -9.15 8.02
CA LEU B 22 8.56 -9.24 6.57
C LEU B 22 9.58 -8.35 5.87
N SER B 23 9.77 -7.14 6.42
CA SER B 23 10.72 -6.19 5.85
C SER B 23 12.16 -6.63 6.09
N HIS B 24 12.41 -7.23 7.25
CA HIS B 24 13.74 -7.68 7.61
C HIS B 24 14.07 -9.02 6.95
N LYS B 25 13.05 -9.85 6.77
CA LYS B 25 13.23 -11.17 6.16
C LYS B 25 13.35 -11.06 4.64
N PHE B 26 12.63 -10.11 4.05
CA PHE B 26 12.66 -9.92 2.61
C PHE B 26 13.35 -8.61 2.24
N GLY B 27 12.71 -7.50 2.58
CA GLY B 27 13.27 -6.20 2.28
C GLY B 27 12.28 -5.29 1.59
N ILE B 28 11.40 -4.67 2.37
CA ILE B 28 10.39 -3.78 1.83
C ILE B 28 10.05 -2.67 2.83
N PRO B 29 9.73 -1.46 2.33
CA PRO B 29 9.40 -0.32 3.20
C PRO B 29 8.31 -0.67 4.21
N ASN B 30 8.33 0.00 5.36
CA ASN B 30 7.35 -0.25 6.41
C ASN B 30 5.92 -0.10 5.89
N LEU B 31 5.75 0.70 4.85
CA LEU B 31 4.44 0.92 4.27
C LEU B 31 3.95 -0.34 3.55
N VAL B 32 4.81 -0.95 2.75
CA VAL B 32 4.47 -2.15 2.02
C VAL B 32 4.20 -3.32 2.97
N ALA B 33 5.10 -3.51 3.94
CA ALA B 33 4.96 -4.57 4.91
C ALA B 33 3.71 -4.40 5.76
N ARG B 34 3.37 -3.15 6.04
CA ARG B 34 2.19 -2.85 6.85
C ARG B 34 0.92 -3.34 6.14
N GLN B 35 0.92 -3.24 4.82
CA GLN B 35 -0.24 -3.68 4.03
C GLN B 35 -0.46 -5.18 4.18
N ILE B 36 0.64 -5.92 4.36
CA ILE B 36 0.56 -7.36 4.51
C ILE B 36 -0.09 -7.72 5.84
N VAL B 37 0.45 -7.18 6.93
CA VAL B 37 -0.09 -7.44 8.26
C VAL B 37 -1.48 -6.85 8.40
N ASN B 38 -1.67 -5.67 7.82
CA ASN B 38 -2.96 -4.99 7.88
C ASN B 38 -4.01 -5.75 7.08
N SER B 39 -3.58 -6.36 5.98
CA SER B 39 -4.49 -7.12 5.13
C SER B 39 -5.01 -8.35 5.85
N CYS B 40 -4.19 -8.89 6.76
CA CYS B 40 -4.57 -10.08 7.52
C CYS B 40 -5.84 -9.81 8.32
N ALA B 41 -6.73 -10.81 8.34
CA ALA B 41 -8.00 -10.68 9.07
C ALA B 41 -7.83 -10.94 10.57
N GLN B 42 -7.31 -12.10 10.92
CA GLN B 42 -7.10 -12.47 12.32
C GLN B 42 -6.29 -11.41 13.06
N CYS B 43 -5.14 -11.05 12.49
CA CYS B 43 -4.26 -10.04 13.08
C CYS B 43 -4.99 -8.72 13.28
N GLN B 44 -5.98 -8.46 12.43
CA GLN B 44 -6.76 -7.23 12.52
C GLN B 44 -7.76 -7.30 13.68
N GLN B 45 -8.77 -8.14 13.52
CA GLN B 45 -9.80 -8.30 14.56
C GLN B 45 -9.28 -9.15 15.70
N LYS B 46 -9.13 -8.53 16.88
CA LYS B 46 -8.65 -9.24 18.05
C LYS B 46 -9.74 -10.10 18.66
N GLY B 47 -9.50 -10.69 19.73
N PHE A 1 10.56 4.05 -4.11
CA PHE A 1 9.15 3.75 -3.77
C PHE A 1 8.42 5.02 -3.30
N LEU A 2 8.84 5.54 -2.16
CA LEU A 2 8.23 6.75 -1.61
C LEU A 2 8.52 7.97 -2.48
N GLU A 3 9.57 7.89 -3.29
CA GLU A 3 9.95 9.00 -4.16
C GLU A 3 8.94 9.19 -5.29
N LYS A 4 8.48 8.09 -5.87
CA LYS A 4 7.51 8.14 -6.96
C LYS A 4 6.06 8.11 -6.45
N ILE A 5 5.87 7.59 -5.24
CA ILE A 5 4.54 7.49 -4.66
C ILE A 5 4.13 8.82 -3.99
N GLU A 6 5.09 9.52 -3.41
CA GLU A 6 4.81 10.80 -2.75
C GLU A 6 4.19 11.79 -3.73
N PRO A 7 4.86 12.04 -4.88
CA PRO A 7 4.36 12.98 -5.90
C PRO A 7 2.88 12.77 -6.21
N ALA A 8 2.45 11.51 -6.22
CA ALA A 8 1.07 11.17 -6.49
C ALA A 8 0.15 11.65 -5.36
N GLN A 9 0.65 11.59 -4.14
CA GLN A 9 -0.12 12.03 -2.99
C GLN A 9 -0.38 13.52 -3.03
N GLU A 10 0.61 14.28 -3.50
CA GLU A 10 0.48 15.73 -3.61
C GLU A 10 -0.47 16.10 -4.74
N GLU A 11 -0.50 15.27 -5.78
CA GLU A 11 -1.38 15.51 -6.92
C GLU A 11 -2.84 15.39 -6.52
N HIS A 12 -3.16 14.36 -5.74
CA HIS A 12 -4.53 14.15 -5.30
C HIS A 12 -5.02 15.32 -4.45
N GLU A 13 -4.14 15.81 -3.60
CA GLU A 13 -4.49 16.93 -2.71
C GLU A 13 -4.76 18.22 -3.49
N LYS A 14 -4.44 18.25 -4.78
CA LYS A 14 -4.64 19.45 -5.58
C LYS A 14 -5.81 19.32 -6.56
N TYR A 15 -6.22 18.09 -6.88
CA TYR A 15 -7.32 17.87 -7.82
C TYR A 15 -8.14 16.62 -7.50
N HIS A 16 -7.99 16.07 -6.29
CA HIS A 16 -8.71 14.86 -5.87
C HIS A 16 -8.78 13.81 -6.99
N SER A 17 -7.67 13.64 -7.69
CA SER A 17 -7.60 12.67 -8.78
C SER A 17 -7.91 11.26 -8.29
N ASN A 18 -8.45 10.44 -9.18
CA ASN A 18 -8.80 9.06 -8.85
C ASN A 18 -7.57 8.16 -8.94
N VAL A 19 -7.80 6.85 -8.91
CA VAL A 19 -6.72 5.88 -8.99
C VAL A 19 -6.18 5.79 -10.41
N LYS A 20 -7.09 5.67 -11.38
CA LYS A 20 -6.70 5.57 -12.79
C LYS A 20 -5.88 6.79 -13.22
N GLU A 21 -6.30 7.97 -12.79
CA GLU A 21 -5.61 9.20 -13.14
C GLU A 21 -4.19 9.21 -12.56
N LEU A 22 -4.08 8.86 -11.29
CA LEU A 22 -2.78 8.82 -10.62
C LEU A 22 -1.92 7.70 -11.18
N SER A 23 -2.51 6.53 -11.40
CA SER A 23 -1.80 5.38 -11.93
C SER A 23 -1.44 5.60 -13.41
N HIS A 24 -2.31 6.30 -14.12
CA HIS A 24 -2.09 6.57 -15.54
C HIS A 24 -1.12 7.73 -15.73
N LYS A 25 -1.19 8.71 -14.83
CA LYS A 25 -0.33 9.88 -14.90
C LYS A 25 1.05 9.59 -14.36
N PHE A 26 1.12 8.85 -13.25
CA PHE A 26 2.39 8.51 -12.63
C PHE A 26 2.86 7.11 -13.04
N GLY A 27 1.95 6.14 -12.99
CA GLY A 27 2.30 4.78 -13.35
C GLY A 27 2.09 3.78 -12.22
N ILE A 28 1.95 4.28 -10.99
CA ILE A 28 1.75 3.40 -9.83
C ILE A 28 0.54 2.49 -10.03
N PRO A 29 0.61 1.24 -9.54
CA PRO A 29 -0.50 0.28 -9.68
C PRO A 29 -1.81 0.81 -9.09
N ASN A 30 -2.77 -0.08 -8.91
CA ASN A 30 -4.07 0.29 -8.37
C ASN A 30 -4.06 0.25 -6.84
N LEU A 31 -3.36 -0.74 -6.30
CA LEU A 31 -3.25 -0.90 -4.85
C LEU A 31 -2.61 0.32 -4.20
N VAL A 32 -1.50 0.77 -4.79
CA VAL A 32 -0.78 1.93 -4.27
C VAL A 32 -1.58 3.20 -4.48
N ALA A 33 -2.19 3.32 -5.65
CA ALA A 33 -2.99 4.49 -5.98
C ALA A 33 -4.24 4.57 -5.11
N ARG A 34 -4.78 3.41 -4.73
CA ARG A 34 -5.97 3.36 -3.90
C ARG A 34 -5.68 3.90 -2.50
N GLN A 35 -4.46 3.65 -2.02
CA GLN A 35 -4.06 4.11 -0.70
C GLN A 35 -4.11 5.63 -0.62
N ILE A 36 -3.79 6.29 -1.73
CA ILE A 36 -3.80 7.75 -1.78
C ILE A 36 -5.23 8.28 -1.67
N VAL A 37 -6.10 7.77 -2.54
CA VAL A 37 -7.51 8.19 -2.53
C VAL A 37 -8.18 7.75 -1.23
N ASN A 38 -7.83 6.56 -0.76
CA ASN A 38 -8.39 6.02 0.47
C ASN A 38 -8.03 6.92 1.65
N SER A 39 -6.80 7.44 1.63
CA SER A 39 -6.33 8.31 2.70
C SER A 39 -7.16 9.60 2.75
N CYS A 40 -7.61 10.05 1.58
CA CYS A 40 -8.41 11.26 1.50
C CYS A 40 -9.73 11.08 2.23
N ALA A 41 -9.94 11.89 3.27
CA ALA A 41 -11.16 11.81 4.06
C ALA A 41 -12.37 12.36 3.29
N GLN A 42 -12.10 13.27 2.36
CA GLN A 42 -13.17 13.88 1.56
C GLN A 42 -13.62 12.95 0.43
N CYS A 43 -12.75 12.03 0.03
CA CYS A 43 -13.08 11.11 -1.05
C CYS A 43 -13.52 9.75 -0.52
N GLN A 44 -13.06 9.39 0.67
CA GLN A 44 -13.41 8.11 1.27
C GLN A 44 -14.91 8.02 1.54
N GLN A 45 -15.49 9.10 2.05
CA GLN A 45 -16.91 9.14 2.36
C GLN A 45 -17.74 9.42 1.10
N LYS A 46 -18.98 8.96 1.11
CA LYS A 46 -19.88 9.17 -0.03
C LYS A 46 -21.06 10.05 0.36
N GLY A 47 -21.24 11.10 -0.27
N PHE B 1 4.68 -6.19 -9.25
CA PHE B 1 4.20 -5.64 -7.96
C PHE B 1 3.48 -6.69 -7.14
N LEU B 2 2.33 -7.14 -7.63
CA LEU B 2 1.54 -8.15 -6.94
C LEU B 2 2.25 -9.50 -6.94
N GLU B 3 3.19 -9.69 -7.86
CA GLU B 3 3.93 -10.95 -7.97
C GLU B 3 4.89 -11.12 -6.79
N LYS B 4 5.55 -10.04 -6.39
CA LYS B 4 6.50 -10.09 -5.29
C LYS B 4 5.83 -9.77 -3.95
N ILE B 5 4.69 -9.07 -4.00
CA ILE B 5 3.97 -8.69 -2.80
C ILE B 5 3.07 -9.84 -2.30
N GLU B 6 2.51 -10.61 -3.23
CA GLU B 6 1.64 -11.73 -2.87
C GLU B 6 2.39 -12.73 -1.98
N PRO B 7 3.56 -13.23 -2.44
CA PRO B 7 4.36 -14.19 -1.67
C PRO B 7 4.52 -13.79 -0.21
N ALA B 8 4.65 -12.49 0.02
CA ALA B 8 4.81 -11.98 1.38
C ALA B 8 3.52 -12.17 2.18
N GLN B 9 2.38 -12.04 1.51
CA GLN B 9 1.09 -12.18 2.16
C GLN B 9 0.89 -13.63 2.63
N GLU B 10 1.36 -14.58 1.83
CA GLU B 10 1.24 -15.99 2.17
C GLU B 10 2.17 -16.35 3.32
N GLU B 11 3.31 -15.66 3.39
CA GLU B 11 4.29 -15.91 4.44
C GLU B 11 3.74 -15.50 5.80
N HIS B 12 3.09 -14.34 5.85
CA HIS B 12 2.52 -13.87 7.11
C HIS B 12 1.46 -14.83 7.63
N GLU B 13 0.65 -15.35 6.71
CA GLU B 13 -0.42 -16.27 7.08
C GLU B 13 0.11 -17.58 7.64
N LYS B 14 1.41 -17.83 7.51
CA LYS B 14 2.00 -19.08 8.00
C LYS B 14 2.85 -18.89 9.26
N TYR B 15 3.28 -17.65 9.53
CA TYR B 15 4.11 -17.40 10.71
C TYR B 15 3.88 -15.99 11.30
N HIS B 16 2.80 -15.34 10.90
CA HIS B 16 2.46 -13.98 11.38
C HIS B 16 3.71 -13.08 11.46
N SER B 17 4.56 -13.18 10.46
CA SER B 17 5.79 -12.38 10.41
C SER B 17 5.47 -10.89 10.44
N ASN B 18 6.40 -10.11 10.99
CA ASN B 18 6.22 -8.67 11.09
C ASN B 18 6.61 -7.98 9.78
N VAL B 19 6.74 -6.67 9.82
CA VAL B 19 7.10 -5.89 8.64
C VAL B 19 8.57 -6.07 8.29
N LYS B 20 9.42 -5.94 9.30
CA LYS B 20 10.86 -6.09 9.11
C LYS B 20 11.22 -7.46 8.54
N GLU B 21 10.57 -8.49 9.06
CA GLU B 21 10.82 -9.85 8.59
C GLU B 21 10.42 -10.00 7.12
N LEU B 22 9.23 -9.51 6.79
CA LEU B 22 8.73 -9.60 5.41
C LEU B 22 9.57 -8.71 4.49
N SER B 23 9.88 -7.50 4.95
CA SER B 23 10.65 -6.56 4.16
C SER B 23 12.11 -7.01 4.05
N HIS B 24 12.61 -7.65 5.09
CA HIS B 24 13.98 -8.13 5.12
C HIS B 24 14.11 -9.45 4.37
N LYS B 25 13.07 -10.28 4.43
CA LYS B 25 13.08 -11.57 3.77
C LYS B 25 12.76 -11.44 2.29
N PHE B 26 11.79 -10.58 1.97
CA PHE B 26 11.39 -10.36 0.58
C PHE B 26 12.05 -9.12 -0.01
N GLY B 27 12.02 -8.02 0.73
CA GLY B 27 12.63 -6.79 0.25
C GLY B 27 11.65 -5.63 0.16
N ILE B 28 10.35 -5.94 0.20
CA ILE B 28 9.32 -4.91 0.11
C ILE B 28 9.50 -3.85 1.20
N PRO B 29 9.21 -2.57 0.89
CA PRO B 29 9.35 -1.48 1.86
C PRO B 29 8.55 -1.72 3.13
N ASN B 30 8.38 -0.67 3.93
CA ASN B 30 7.63 -0.76 5.18
C ASN B 30 6.14 -0.53 4.94
N LEU B 31 5.83 0.41 4.04
CA LEU B 31 4.45 0.73 3.71
C LEU B 31 3.72 -0.49 3.15
N VAL B 32 4.36 -1.17 2.21
CA VAL B 32 3.76 -2.35 1.59
C VAL B 32 3.68 -3.50 2.59
N ALA B 33 4.74 -3.67 3.37
CA ALA B 33 4.80 -4.73 4.36
C ALA B 33 3.77 -4.51 5.47
N ARG B 34 3.52 -3.24 5.79
CA ARG B 34 2.56 -2.89 6.83
C ARG B 34 1.14 -3.28 6.42
N GLN B 35 0.86 -3.18 5.12
CA GLN B 35 -0.46 -3.52 4.60
C GLN B 35 -0.77 -5.00 4.85
N ILE B 36 0.26 -5.83 4.78
CA ILE B 36 0.10 -7.26 5.01
C ILE B 36 -0.26 -7.54 6.46
N VAL B 37 0.55 -7.03 7.38
CA VAL B 37 0.31 -7.21 8.80
C VAL B 37 -0.97 -6.51 9.22
N ASN B 38 -1.21 -5.34 8.64
CA ASN B 38 -2.42 -4.57 8.94
C ASN B 38 -3.67 -5.35 8.54
N SER B 39 -3.58 -6.06 7.42
CA SER B 39 -4.70 -6.85 6.93
C SER B 39 -5.03 -7.97 7.90
N CYS B 40 -4.01 -8.49 8.58
CA CYS B 40 -4.19 -9.56 9.54
C CYS B 40 -5.05 -9.09 10.72
N ALA B 41 -6.22 -9.70 10.88
CA ALA B 41 -7.13 -9.34 11.96
C ALA B 41 -6.59 -9.78 13.31
N GLN B 42 -5.80 -10.84 13.32
CA GLN B 42 -5.23 -11.37 14.56
C GLN B 42 -4.04 -10.53 15.04
N CYS B 43 -3.40 -9.82 14.12
CA CYS B 43 -2.24 -9.01 14.46
C CYS B 43 -2.61 -7.53 14.64
N GLN B 44 -3.68 -7.11 13.96
CA GLN B 44 -4.12 -5.72 14.04
C GLN B 44 -4.55 -5.36 15.47
N GLN B 45 -5.28 -6.26 16.11
CA GLN B 45 -5.76 -6.04 17.47
C GLN B 45 -4.68 -6.35 18.49
N LYS B 46 -4.77 -5.70 19.65
CA LYS B 46 -3.79 -5.90 20.71
C LYS B 46 -4.44 -6.53 21.93
N GLY B 47 -4.00 -7.62 22.34
N PHE A 1 10.58 3.38 -4.71
CA PHE A 1 9.14 3.21 -4.42
C PHE A 1 8.47 4.56 -4.16
N LEU A 2 9.12 5.40 -3.36
CA LEU A 2 8.59 6.72 -3.04
C LEU A 2 9.07 7.78 -4.04
N GLU A 3 9.55 7.36 -5.20
CA GLU A 3 10.03 8.29 -6.22
C GLU A 3 8.88 8.74 -7.12
N LYS A 4 8.26 7.78 -7.80
CA LYS A 4 7.15 8.09 -8.71
C LYS A 4 5.80 8.06 -7.99
N ILE A 5 5.74 7.37 -6.86
CA ILE A 5 4.50 7.28 -6.09
C ILE A 5 4.23 8.57 -5.33
N GLU A 6 5.29 9.21 -4.82
CA GLU A 6 5.16 10.45 -4.07
C GLU A 6 4.42 11.51 -4.90
N PRO A 7 4.95 11.87 -6.10
CA PRO A 7 4.32 12.86 -6.97
C PRO A 7 2.80 12.67 -7.10
N ALA A 8 2.38 11.41 -7.10
CA ALA A 8 0.96 11.09 -7.21
C ALA A 8 0.19 11.56 -5.98
N GLN A 9 0.79 11.35 -4.81
CA GLN A 9 0.17 11.77 -3.55
C GLN A 9 -0.04 13.28 -3.54
N GLU A 10 0.92 14.01 -4.09
CA GLU A 10 0.85 15.47 -4.15
C GLU A 10 -0.24 15.90 -5.12
N GLU A 11 -0.46 15.10 -6.15
CA GLU A 11 -1.48 15.40 -7.15
C GLU A 11 -2.88 15.30 -6.56
N HIS A 12 -3.12 14.25 -5.77
CA HIS A 12 -4.42 14.08 -5.14
C HIS A 12 -4.75 15.24 -4.21
N GLU A 13 -3.77 15.68 -3.45
CA GLU A 13 -3.96 16.78 -2.51
C GLU A 13 -4.32 18.09 -3.23
N LYS A 14 -4.14 18.14 -4.54
CA LYS A 14 -4.44 19.34 -5.31
C LYS A 14 -5.75 19.25 -6.10
N TYR A 15 -6.21 18.04 -6.41
CA TYR A 15 -7.44 17.90 -7.19
C TYR A 15 -8.26 16.65 -6.78
N HIS A 16 -7.94 16.07 -5.63
CA HIS A 16 -8.64 14.87 -5.13
C HIS A 16 -8.90 13.84 -6.24
N SER A 17 -7.87 13.59 -7.05
CA SER A 17 -7.98 12.63 -8.14
C SER A 17 -8.28 11.24 -7.62
N ASN A 18 -8.86 10.40 -8.49
CA ASN A 18 -9.19 9.03 -8.11
C ASN A 18 -8.02 8.09 -8.40
N VAL A 19 -8.24 6.79 -8.21
CA VAL A 19 -7.20 5.80 -8.44
C VAL A 19 -6.89 5.67 -9.93
N LYS A 20 -7.95 5.52 -10.74
CA LYS A 20 -7.79 5.39 -12.18
C LYS A 20 -7.06 6.58 -12.78
N GLU A 21 -7.40 7.78 -12.30
CA GLU A 21 -6.78 9.00 -12.78
C GLU A 21 -5.29 9.02 -12.44
N LEU A 22 -4.97 8.72 -11.18
CA LEU A 22 -3.59 8.70 -10.72
C LEU A 22 -2.82 7.57 -11.40
N SER A 23 -3.44 6.40 -11.49
CA SER A 23 -2.81 5.24 -12.12
C SER A 23 -2.63 5.47 -13.61
N HIS A 24 -3.59 6.16 -14.22
CA HIS A 24 -3.54 6.44 -15.65
C HIS A 24 -2.62 7.62 -15.95
N LYS A 25 -2.58 8.59 -15.04
CA LYS A 25 -1.74 9.77 -15.22
C LYS A 25 -0.27 9.46 -14.95
N PHE A 26 0.02 8.86 -13.81
CA PHE A 26 1.39 8.52 -13.46
C PHE A 26 1.77 7.12 -13.95
N GLY A 27 1.04 6.12 -13.48
CA GLY A 27 1.33 4.75 -13.89
C GLY A 27 1.64 3.85 -12.71
N ILE A 28 0.63 3.56 -11.89
CA ILE A 28 0.82 2.71 -10.72
C ILE A 28 -0.37 1.78 -10.52
N PRO A 29 -0.16 0.61 -9.89
CA PRO A 29 -1.24 -0.35 -9.64
C PRO A 29 -2.37 0.26 -8.82
N ASN A 30 -3.57 -0.31 -8.95
CA ASN A 30 -4.73 0.18 -8.22
C ASN A 30 -4.49 0.12 -6.72
N LEU A 31 -3.69 -0.85 -6.29
CA LEU A 31 -3.37 -1.01 -4.87
C LEU A 31 -2.62 0.21 -4.36
N VAL A 32 -1.52 0.54 -5.00
CA VAL A 32 -0.70 1.68 -4.61
C VAL A 32 -1.50 2.98 -4.68
N ALA A 33 -2.21 3.16 -5.80
CA ALA A 33 -3.02 4.36 -5.98
C ALA A 33 -4.15 4.43 -4.97
N ARG A 34 -4.68 3.26 -4.60
CA ARG A 34 -5.77 3.19 -3.63
C ARG A 34 -5.32 3.72 -2.27
N GLN A 35 -4.03 3.54 -1.97
CA GLN A 35 -3.47 4.00 -0.70
C GLN A 35 -3.51 5.52 -0.60
N ILE A 36 -3.34 6.19 -1.73
CA ILE A 36 -3.37 7.65 -1.76
C ILE A 36 -4.77 8.17 -1.46
N VAL A 37 -5.74 7.70 -2.23
CA VAL A 37 -7.13 8.12 -2.04
C VAL A 37 -7.65 7.66 -0.69
N ASN A 38 -7.24 6.46 -0.29
CA ASN A 38 -7.66 5.90 1.00
C ASN A 38 -7.11 6.73 2.16
N SER A 39 -5.94 7.32 1.95
CA SER A 39 -5.30 8.14 2.96
C SER A 39 -6.05 9.45 3.15
N CYS A 40 -6.65 9.94 2.06
CA CYS A 40 -7.41 11.20 2.10
C CYS A 40 -8.61 11.07 3.02
N ALA A 41 -8.78 12.06 3.90
CA ALA A 41 -9.90 12.06 4.85
C ALA A 41 -11.18 12.55 4.17
N GLN A 42 -11.08 13.68 3.48
CA GLN A 42 -12.23 14.26 2.79
C GLN A 42 -12.84 13.27 1.79
N CYS A 43 -12.01 12.38 1.26
CA CYS A 43 -12.47 11.38 0.31
C CYS A 43 -12.86 10.09 1.01
N GLN A 44 -12.19 9.79 2.11
CA GLN A 44 -12.48 8.58 2.88
C GLN A 44 -13.94 8.56 3.33
N GLN A 45 -14.43 9.70 3.78
CA GLN A 45 -15.81 9.81 4.25
C GLN A 45 -16.77 10.22 3.13
N LYS A 46 -16.38 9.96 1.90
CA LYS A 46 -17.22 10.30 0.75
C LYS A 46 -17.48 11.80 0.70
N GLY A 47 -18.45 12.26 1.34
N PHE B 1 5.43 -5.54 -9.26
CA PHE B 1 4.99 -5.12 -7.90
C PHE B 1 4.45 -6.30 -7.11
N LEU B 2 3.62 -7.11 -7.76
CA LEU B 2 3.02 -8.28 -7.11
C LEU B 2 3.90 -9.53 -7.29
N GLU B 3 5.17 -9.34 -7.65
CA GLU B 3 6.07 -10.46 -7.85
C GLU B 3 6.75 -10.87 -6.54
N LYS B 4 7.49 -9.92 -5.96
CA LYS B 4 8.19 -10.18 -4.71
C LYS B 4 7.32 -9.86 -3.49
N ILE B 5 6.32 -9.00 -3.68
CA ILE B 5 5.43 -8.63 -2.58
C ILE B 5 4.45 -9.75 -2.26
N GLU B 6 3.98 -10.45 -3.29
CA GLU B 6 3.03 -11.54 -3.11
C GLU B 6 3.58 -12.59 -2.13
N PRO B 7 4.77 -13.18 -2.42
CA PRO B 7 5.39 -14.18 -1.54
C PRO B 7 5.36 -13.78 -0.07
N ALA B 8 5.51 -12.48 0.18
CA ALA B 8 5.50 -11.97 1.55
C ALA B 8 4.12 -12.14 2.18
N GLN B 9 3.08 -11.88 1.40
CA GLN B 9 1.70 -12.01 1.89
C GLN B 9 1.43 -13.45 2.29
N GLU B 10 1.97 -14.39 1.52
CA GLU B 10 1.79 -15.81 1.80
C GLU B 10 2.54 -16.21 3.07
N GLU B 11 3.66 -15.53 3.33
CA GLU B 11 4.47 -15.81 4.50
C GLU B 11 3.73 -15.42 5.78
N HIS B 12 3.08 -14.25 5.76
CA HIS B 12 2.35 -13.79 6.93
C HIS B 12 1.22 -14.75 7.26
N GLU B 13 0.52 -15.23 6.25
CA GLU B 13 -0.60 -16.15 6.45
C GLU B 13 -0.15 -17.47 7.08
N LYS B 14 1.16 -17.72 7.11
CA LYS B 14 1.67 -18.98 7.66
C LYS B 14 2.31 -18.80 9.04
N TYR B 15 2.74 -17.59 9.38
CA TYR B 15 3.38 -17.35 10.68
C TYR B 15 3.08 -15.96 11.26
N HIS B 16 2.08 -15.28 10.71
CA HIS B 16 1.70 -13.93 11.17
C HIS B 16 2.92 -13.04 11.44
N SER B 17 3.87 -13.06 10.51
CA SER B 17 5.09 -12.26 10.66
C SER B 17 4.76 -10.77 10.69
N ASN B 18 5.66 -9.99 11.27
CA ASN B 18 5.48 -8.54 11.36
C ASN B 18 6.04 -7.85 10.13
N VAL B 19 6.03 -6.51 10.15
CA VAL B 19 6.54 -5.73 9.04
C VAL B 19 8.06 -5.85 8.93
N LYS B 20 8.74 -5.67 10.05
CA LYS B 20 10.20 -5.75 10.10
C LYS B 20 10.68 -7.12 9.61
N GLU B 21 9.99 -8.17 10.04
CA GLU B 21 10.35 -9.53 9.65
C GLU B 21 10.19 -9.72 8.15
N LEU B 22 9.04 -9.30 7.63
CA LEU B 22 8.76 -9.43 6.20
C LEU B 22 9.70 -8.53 5.39
N SER B 23 9.90 -7.30 5.86
CA SER B 23 10.77 -6.36 5.18
C SER B 23 12.22 -6.81 5.25
N HIS B 24 12.58 -7.43 6.37
CA HIS B 24 13.95 -7.92 6.56
C HIS B 24 14.17 -9.25 5.85
N LYS B 25 13.13 -10.07 5.81
CA LYS B 25 13.22 -11.38 5.17
C LYS B 25 13.20 -11.25 3.64
N PHE B 26 12.20 -10.56 3.12
CA PHE B 26 12.08 -10.38 1.67
C PHE B 26 12.83 -9.14 1.19
N GLY B 27 12.43 -7.98 1.71
CA GLY B 27 13.08 -6.74 1.32
C GLY B 27 12.11 -5.75 0.71
N ILE B 28 11.23 -5.20 1.54
CA ILE B 28 10.24 -4.24 1.08
C ILE B 28 10.04 -3.12 2.11
N PRO B 29 9.63 -1.91 1.65
CA PRO B 29 9.41 -0.77 2.55
C PRO B 29 8.38 -1.08 3.62
N ASN B 30 8.45 -0.37 4.74
CA ASN B 30 7.51 -0.57 5.84
C ASN B 30 6.08 -0.34 5.37
N LEU B 31 5.91 0.54 4.40
CA LEU B 31 4.59 0.86 3.87
C LEU B 31 3.97 -0.39 3.22
N VAL B 32 4.69 -0.96 2.26
CA VAL B 32 4.22 -2.15 1.57
C VAL B 32 3.99 -3.30 2.54
N ALA B 33 4.97 -3.54 3.41
CA ALA B 33 4.87 -4.61 4.39
C ALA B 33 3.73 -4.37 5.36
N ARG B 34 3.48 -3.10 5.68
CA ARG B 34 2.41 -2.73 6.60
C ARG B 34 1.05 -3.12 6.02
N GLN B 35 0.94 -3.11 4.70
CA GLN B 35 -0.31 -3.46 4.04
C GLN B 35 -0.66 -4.92 4.26
N ILE B 36 0.37 -5.77 4.34
CA ILE B 36 0.16 -7.19 4.56
C ILE B 36 -0.37 -7.45 5.96
N VAL B 37 0.34 -6.96 6.97
CA VAL B 37 -0.08 -7.12 8.35
C VAL B 37 -1.40 -6.41 8.60
N ASN B 38 -1.56 -5.23 7.99
CA ASN B 38 -2.78 -4.46 8.15
C ASN B 38 -3.98 -5.19 7.56
N SER B 39 -3.72 -5.97 6.51
CA SER B 39 -4.78 -6.74 5.85
C SER B 39 -5.25 -7.88 6.73
N CYS B 40 -4.34 -8.42 7.54
CA CYS B 40 -4.66 -9.52 8.43
C CYS B 40 -5.69 -9.09 9.47
N ALA B 41 -6.73 -9.91 9.64
CA ALA B 41 -7.79 -9.61 10.61
C ALA B 41 -7.36 -9.99 12.02
N GLN B 42 -6.84 -11.21 12.17
CA GLN B 42 -6.41 -11.69 13.47
C GLN B 42 -5.34 -10.78 14.09
N CYS B 43 -4.60 -10.10 13.23
CA CYS B 43 -3.55 -9.19 13.68
C CYS B 43 -4.08 -7.77 13.80
N GLN B 44 -5.03 -7.43 12.95
CA GLN B 44 -5.63 -6.09 12.96
C GLN B 44 -6.25 -5.78 14.31
N GLN B 45 -6.93 -6.77 14.89
CA GLN B 45 -7.57 -6.59 16.20
C GLN B 45 -6.66 -7.01 17.35
N LYS B 46 -5.36 -6.98 17.11
CA LYS B 46 -4.39 -7.35 18.13
C LYS B 46 -4.60 -8.78 18.60
N GLY B 47 -5.43 -8.99 19.52
N PHE A 1 10.16 3.39 -4.07
CA PHE A 1 8.69 3.33 -3.84
C PHE A 1 8.08 4.73 -3.80
N LEU A 2 8.45 5.50 -2.77
CA LEU A 2 7.95 6.86 -2.63
C LEU A 2 8.40 7.77 -3.77
N GLU A 3 9.40 7.33 -4.54
CA GLU A 3 9.91 8.11 -5.66
C GLU A 3 8.79 8.53 -6.62
N LYS A 4 8.20 7.56 -7.29
CA LYS A 4 7.12 7.82 -8.24
C LYS A 4 5.78 8.01 -7.53
N ILE A 5 5.64 7.41 -6.35
CA ILE A 5 4.41 7.52 -5.59
C ILE A 5 4.22 8.93 -5.04
N GLU A 6 5.32 9.60 -4.71
CA GLU A 6 5.26 10.96 -4.19
C GLU A 6 4.55 11.90 -5.17
N PRO A 7 5.10 12.07 -6.40
CA PRO A 7 4.51 12.94 -7.42
C PRO A 7 2.99 12.81 -7.51
N ALA A 8 2.49 11.58 -7.38
CA ALA A 8 1.06 11.32 -7.45
C ALA A 8 0.34 11.95 -6.26
N GLN A 9 0.98 11.90 -5.10
CA GLN A 9 0.40 12.46 -3.88
C GLN A 9 0.18 13.97 -4.04
N GLU A 10 1.10 14.62 -4.73
CA GLU A 10 1.00 16.07 -4.96
C GLU A 10 -0.10 16.38 -5.96
N GLU A 11 -0.34 15.46 -6.89
CA GLU A 11 -1.36 15.64 -7.91
C GLU A 11 -2.75 15.59 -7.30
N HIS A 12 -2.97 14.68 -6.37
CA HIS A 12 -4.27 14.56 -5.73
C HIS A 12 -4.60 15.82 -4.92
N GLU A 13 -3.62 16.32 -4.19
CA GLU A 13 -3.81 17.50 -3.37
C GLU A 13 -4.12 18.74 -4.21
N LYS A 14 -3.92 18.66 -5.53
CA LYS A 14 -4.17 19.79 -6.41
C LYS A 14 -5.49 19.69 -7.18
N TYR A 15 -5.97 18.46 -7.42
CA TYR A 15 -7.22 18.28 -8.17
C TYR A 15 -8.06 17.09 -7.68
N HIS A 16 -7.71 16.54 -6.52
CA HIS A 16 -8.43 15.37 -5.96
C HIS A 16 -8.70 14.31 -7.02
N SER A 17 -7.68 14.05 -7.85
CA SER A 17 -7.80 13.05 -8.91
C SER A 17 -8.16 11.68 -8.35
N ASN A 18 -8.90 10.90 -9.13
CA ASN A 18 -9.31 9.56 -8.72
C ASN A 18 -8.15 8.57 -8.86
N VAL A 19 -8.45 7.29 -8.67
CA VAL A 19 -7.44 6.24 -8.77
C VAL A 19 -7.02 6.04 -10.22
N LYS A 20 -8.00 5.86 -11.11
CA LYS A 20 -7.72 5.65 -12.52
C LYS A 20 -6.93 6.82 -13.11
N GLU A 21 -7.30 8.02 -12.71
CA GLU A 21 -6.62 9.23 -13.20
C GLU A 21 -5.17 9.24 -12.76
N LEU A 22 -4.93 8.94 -11.49
CA LEU A 22 -3.58 8.91 -10.93
C LEU A 22 -2.80 7.72 -11.49
N SER A 23 -3.48 6.57 -11.58
CA SER A 23 -2.85 5.36 -12.09
C SER A 23 -2.58 5.47 -13.60
N HIS A 24 -3.50 6.13 -14.31
CA HIS A 24 -3.35 6.30 -15.75
C HIS A 24 -2.39 7.44 -16.07
N LYS A 25 -2.36 8.45 -15.22
CA LYS A 25 -1.50 9.61 -15.43
C LYS A 25 -0.06 9.31 -15.02
N PHE A 26 0.12 8.56 -13.95
CA PHE A 26 1.45 8.22 -13.47
C PHE A 26 1.82 6.77 -13.82
N GLY A 27 1.02 5.83 -13.35
CA GLY A 27 1.29 4.43 -13.62
C GLY A 27 1.50 3.62 -12.36
N ILE A 28 0.45 3.51 -11.54
CA ILE A 28 0.53 2.77 -10.29
C ILE A 28 -0.72 1.93 -10.07
N PRO A 29 -0.59 0.72 -9.49
CA PRO A 29 -1.74 -0.15 -9.23
C PRO A 29 -2.85 0.55 -8.48
N ASN A 30 -4.07 0.03 -8.60
CA ASN A 30 -5.23 0.62 -7.93
C ASN A 30 -5.01 0.70 -6.42
N LEU A 31 -4.25 -0.25 -5.89
CA LEU A 31 -3.97 -0.28 -4.45
C LEU A 31 -3.21 0.96 -4.03
N VAL A 32 -2.09 1.22 -4.69
CA VAL A 32 -1.26 2.38 -4.38
C VAL A 32 -2.05 3.67 -4.57
N ALA A 33 -2.73 3.78 -5.70
CA ALA A 33 -3.53 4.97 -6.00
C ALA A 33 -4.66 5.14 -4.98
N ARG A 34 -5.24 4.01 -4.56
CA ARG A 34 -6.32 4.03 -3.59
C ARG A 34 -5.83 4.57 -2.25
N GLN A 35 -4.60 4.19 -1.87
CA GLN A 35 -4.02 4.64 -0.61
C GLN A 35 -3.93 6.16 -0.56
N ILE A 36 -3.53 6.77 -1.67
CA ILE A 36 -3.41 8.22 -1.74
C ILE A 36 -4.77 8.88 -1.52
N VAL A 37 -5.77 8.43 -2.28
CA VAL A 37 -7.11 8.97 -2.16
C VAL A 37 -7.70 8.62 -0.80
N ASN A 38 -7.42 7.42 -0.33
CA ASN A 38 -7.91 6.96 0.96
C ASN A 38 -7.41 7.87 2.09
N SER A 39 -6.22 8.43 1.89
CA SER A 39 -5.63 9.32 2.88
C SER A 39 -6.36 10.66 2.91
N CYS A 40 -6.89 11.07 1.77
CA CYS A 40 -7.62 12.33 1.67
C CYS A 40 -8.91 12.27 2.47
N ALA A 41 -9.07 13.22 3.38
CA ALA A 41 -10.26 13.28 4.23
C ALA A 41 -11.46 13.79 3.45
N GLN A 42 -11.26 14.86 2.68
CA GLN A 42 -12.33 15.45 1.88
C GLN A 42 -12.91 14.43 0.91
N CYS A 43 -12.09 13.46 0.50
CA CYS A 43 -12.53 12.43 -0.42
C CYS A 43 -13.01 11.19 0.31
N GLN A 44 -12.43 10.94 1.49
CA GLN A 44 -12.81 9.78 2.29
C GLN A 44 -14.28 9.83 2.67
N GLN A 45 -14.76 11.03 2.99
CA GLN A 45 -16.17 11.19 3.37
C GLN A 45 -17.07 11.15 2.14
N LYS A 46 -17.81 10.06 2.00
CA LYS A 46 -18.72 9.89 0.87
C LYS A 46 -20.09 9.41 1.34
N GLY A 47 -21.01 9.31 0.50
N PHE B 1 4.67 -5.40 -8.92
CA PHE B 1 4.28 -5.08 -7.52
C PHE B 1 3.96 -6.36 -6.75
N LEU B 2 2.88 -7.03 -7.15
CA LEU B 2 2.47 -8.26 -6.49
C LEU B 2 3.50 -9.38 -6.67
N GLU B 3 4.46 -9.19 -7.59
CA GLU B 3 5.49 -10.19 -7.83
C GLU B 3 6.23 -10.56 -6.54
N LYS B 4 6.97 -9.60 -5.99
CA LYS B 4 7.73 -9.83 -4.77
C LYS B 4 6.85 -9.71 -3.53
N ILE B 5 5.77 -8.95 -3.65
CA ILE B 5 4.85 -8.77 -2.52
C ILE B 5 4.07 -10.05 -2.22
N GLU B 6 3.79 -10.82 -3.27
CA GLU B 6 3.05 -12.08 -3.09
C GLU B 6 3.79 -13.03 -2.14
N PRO B 7 5.03 -13.44 -2.49
CA PRO B 7 5.83 -14.34 -1.64
C PRO B 7 5.76 -13.99 -0.15
N ALA B 8 5.77 -12.69 0.14
CA ALA B 8 5.70 -12.23 1.52
C ALA B 8 4.34 -12.58 2.15
N GLN B 9 3.28 -12.47 1.34
CA GLN B 9 1.94 -12.78 1.83
C GLN B 9 1.83 -14.23 2.26
N GLU B 10 2.53 -15.11 1.54
CA GLU B 10 2.52 -16.53 1.86
C GLU B 10 3.32 -16.82 3.13
N GLU B 11 4.35 -16.00 3.37
CA GLU B 11 5.21 -16.16 4.53
C GLU B 11 4.45 -15.83 5.81
N HIS B 12 3.63 -14.77 5.77
CA HIS B 12 2.87 -14.37 6.94
C HIS B 12 1.85 -15.45 7.32
N GLU B 13 1.18 -15.99 6.32
CA GLU B 13 0.17 -17.01 6.54
C GLU B 13 0.78 -18.29 7.14
N LYS B 14 2.10 -18.41 7.12
CA LYS B 14 2.76 -19.61 7.64
C LYS B 14 3.38 -19.40 9.02
N TYR B 15 3.74 -18.15 9.36
CA TYR B 15 4.35 -17.90 10.67
C TYR B 15 3.96 -16.54 11.27
N HIS B 16 2.94 -15.90 10.70
CA HIS B 16 2.48 -14.57 11.17
C HIS B 16 3.66 -13.63 11.43
N SER B 17 4.63 -13.64 10.53
CA SER B 17 5.81 -12.79 10.66
C SER B 17 5.42 -11.32 10.74
N ASN B 18 6.22 -10.54 11.48
CA ASN B 18 5.97 -9.12 11.65
C ASN B 18 6.40 -8.34 10.41
N VAL B 19 6.36 -7.01 10.50
CA VAL B 19 6.75 -6.16 9.39
C VAL B 19 8.26 -6.21 9.14
N LYS B 20 9.02 -6.01 10.20
CA LYS B 20 10.48 -6.04 10.11
C LYS B 20 10.97 -7.36 9.56
N GLU B 21 10.37 -8.46 10.03
CA GLU B 21 10.74 -9.79 9.60
C GLU B 21 10.47 -9.97 8.10
N LEU B 22 9.30 -9.53 7.66
CA LEU B 22 8.92 -9.63 6.25
C LEU B 22 9.75 -8.66 5.41
N SER B 23 9.93 -7.44 5.93
CA SER B 23 10.69 -6.42 5.23
C SER B 23 12.18 -6.77 5.18
N HIS B 24 12.67 -7.38 6.27
CA HIS B 24 14.08 -7.75 6.35
C HIS B 24 14.34 -9.06 5.61
N LYS B 25 13.34 -9.94 5.59
CA LYS B 25 13.47 -11.23 4.93
C LYS B 25 13.31 -11.11 3.42
N PHE B 26 12.38 -10.25 2.99
CA PHE B 26 12.12 -10.05 1.57
C PHE B 26 12.73 -8.75 1.07
N GLY B 27 12.31 -7.64 1.67
CA GLY B 27 12.82 -6.34 1.26
C GLY B 27 11.73 -5.41 0.76
N ILE B 28 10.83 -5.04 1.66
CA ILE B 28 9.73 -4.16 1.31
C ILE B 28 9.49 -3.11 2.41
N PRO B 29 9.10 -1.87 2.03
CA PRO B 29 8.85 -0.81 3.00
C PRO B 29 7.88 -1.24 4.09
N ASN B 30 7.92 -0.55 5.23
CA ASN B 30 7.04 -0.87 6.35
C ASN B 30 5.58 -0.78 5.94
N LEU B 31 5.29 0.11 4.99
CA LEU B 31 3.92 0.29 4.51
C LEU B 31 3.40 -0.98 3.86
N VAL B 32 4.15 -1.51 2.89
CA VAL B 32 3.77 -2.72 2.19
C VAL B 32 3.66 -3.89 3.17
N ALA B 33 4.67 -4.05 4.01
CA ALA B 33 4.68 -5.13 4.99
C ALA B 33 3.53 -4.99 5.97
N ARG B 34 3.22 -3.74 6.33
CA ARG B 34 2.13 -3.47 7.26
C ARG B 34 0.79 -3.89 6.66
N GLN B 35 0.63 -3.66 5.36
CA GLN B 35 -0.59 -4.01 4.67
C GLN B 35 -0.87 -5.50 4.78
N ILE B 36 0.17 -6.31 4.62
CA ILE B 36 0.04 -7.76 4.70
C ILE B 36 -0.44 -8.17 6.09
N VAL B 37 0.25 -7.68 7.12
CA VAL B 37 -0.11 -7.99 8.49
C VAL B 37 -1.46 -7.39 8.84
N ASN B 38 -1.71 -6.18 8.33
CA ASN B 38 -2.97 -5.49 8.58
C ASN B 38 -4.15 -6.31 8.05
N SER B 39 -3.90 -7.06 6.97
CA SER B 39 -4.93 -7.89 6.37
C SER B 39 -5.26 -9.08 7.26
N CYS B 40 -4.26 -9.56 8.00
CA CYS B 40 -4.44 -10.69 8.90
C CYS B 40 -5.38 -10.33 10.04
N ALA B 41 -6.44 -11.12 10.19
CA ALA B 41 -7.42 -10.89 11.25
C ALA B 41 -6.87 -11.31 12.61
N GLN B 42 -6.26 -12.49 12.66
CA GLN B 42 -5.69 -13.01 13.90
C GLN B 42 -4.65 -12.06 14.48
N CYS B 43 -4.00 -11.28 13.61
CA CYS B 43 -2.98 -10.33 14.02
C CYS B 43 -3.59 -8.94 14.22
N GLN B 44 -4.63 -8.63 13.46
CA GLN B 44 -5.29 -7.33 13.56
C GLN B 44 -5.84 -7.11 14.96
N GLN B 45 -6.40 -8.16 15.55
CA GLN B 45 -6.96 -8.07 16.89
C GLN B 45 -5.86 -8.06 17.95
N LYS B 46 -5.65 -6.89 18.56
CA LYS B 46 -4.62 -6.75 19.58
C LYS B 46 -5.17 -6.00 20.79
N GLY B 47 -4.43 -5.87 21.79
N PHE A 1 10.58 4.06 -4.19
CA PHE A 1 9.14 3.78 -3.98
C PHE A 1 8.37 5.05 -3.60
N LEU A 2 8.64 5.57 -2.40
CA LEU A 2 7.97 6.78 -1.93
C LEU A 2 8.33 7.98 -2.81
N GLU A 3 9.46 7.91 -3.48
CA GLU A 3 9.92 9.00 -4.35
C GLU A 3 8.86 9.39 -5.38
N LYS A 4 8.38 8.40 -6.13
CA LYS A 4 7.36 8.66 -7.15
C LYS A 4 5.95 8.55 -6.60
N ILE A 5 5.79 7.84 -5.48
CA ILE A 5 4.48 7.67 -4.88
C ILE A 5 4.07 8.91 -4.07
N GLU A 6 5.04 9.60 -3.49
CA GLU A 6 4.75 10.79 -2.71
C GLU A 6 4.08 11.86 -3.57
N PRO A 7 4.72 12.27 -4.69
CA PRO A 7 4.17 13.28 -5.59
C PRO A 7 2.70 13.03 -5.92
N ALA A 8 2.34 11.75 -6.02
CA ALA A 8 0.96 11.36 -6.33
C ALA A 8 0.02 11.72 -5.18
N GLN A 9 0.55 11.67 -3.96
CA GLN A 9 -0.26 11.99 -2.78
C GLN A 9 -0.60 13.47 -2.74
N GLU A 10 0.39 14.32 -3.02
CA GLU A 10 0.19 15.76 -3.02
C GLU A 10 -0.72 16.17 -4.17
N GLU A 11 -0.67 15.43 -5.27
CA GLU A 11 -1.49 15.71 -6.44
C GLU A 11 -2.96 15.50 -6.13
N HIS A 12 -3.29 14.43 -5.44
CA HIS A 12 -4.68 14.15 -5.09
C HIS A 12 -5.26 15.27 -4.23
N GLU A 13 -4.46 15.77 -3.30
CA GLU A 13 -4.91 16.83 -2.40
C GLU A 13 -5.23 18.12 -3.15
N LYS A 14 -4.83 18.22 -4.43
CA LYS A 14 -5.08 19.43 -5.19
C LYS A 14 -6.18 19.27 -6.24
N TYR A 15 -6.43 18.04 -6.70
CA TYR A 15 -7.45 17.81 -7.71
C TYR A 15 -8.29 16.54 -7.46
N HIS A 16 -8.11 15.91 -6.30
CA HIS A 16 -8.84 14.69 -5.95
C HIS A 16 -8.88 13.69 -7.12
N SER A 17 -7.76 13.60 -7.84
CA SER A 17 -7.67 12.70 -8.99
C SER A 17 -7.93 11.25 -8.57
N ASN A 18 -8.29 10.42 -9.54
CA ASN A 18 -8.57 9.02 -9.29
C ASN A 18 -7.31 8.17 -9.39
N VAL A 19 -7.46 6.86 -9.24
CA VAL A 19 -6.33 5.94 -9.32
C VAL A 19 -5.77 5.88 -10.74
N LYS A 20 -6.67 5.70 -11.70
CA LYS A 20 -6.28 5.62 -13.11
C LYS A 20 -5.45 6.84 -13.53
N GLU A 21 -5.88 8.02 -13.10
CA GLU A 21 -5.18 9.26 -13.42
C GLU A 21 -3.81 9.29 -12.77
N LEU A 22 -3.76 8.97 -11.48
CA LEU A 22 -2.51 8.96 -10.74
C LEU A 22 -1.57 7.89 -11.27
N SER A 23 -2.13 6.74 -11.63
CA SER A 23 -1.34 5.63 -12.15
C SER A 23 -0.84 5.93 -13.56
N HIS A 24 -1.68 6.58 -14.35
CA HIS A 24 -1.32 6.91 -15.73
C HIS A 24 -0.43 8.15 -15.79
N LYS A 25 -0.65 9.08 -14.87
CA LYS A 25 0.13 10.31 -14.83
C LYS A 25 1.52 10.08 -14.23
N PHE A 26 1.57 9.42 -13.08
CA PHE A 26 2.83 9.13 -12.41
C PHE A 26 3.39 7.78 -12.82
N GLY A 27 2.65 6.71 -12.51
CA GLY A 27 3.09 5.37 -12.85
C GLY A 27 3.15 4.47 -11.64
N ILE A 28 1.98 4.03 -11.18
CA ILE A 28 1.90 3.16 -10.02
C ILE A 28 0.68 2.24 -10.11
N PRO A 29 0.77 1.00 -9.57
CA PRO A 29 -0.34 0.05 -9.60
C PRO A 29 -1.61 0.62 -8.99
N ASN A 30 -2.66 -0.18 -8.94
CA ASN A 30 -3.93 0.26 -8.39
C ASN A 30 -3.92 0.21 -6.87
N LEU A 31 -3.14 -0.71 -6.31
CA LEU A 31 -3.04 -0.85 -4.86
C LEU A 31 -2.43 0.39 -4.22
N VAL A 32 -1.23 0.76 -4.68
CA VAL A 32 -0.54 1.92 -4.14
C VAL A 32 -1.31 3.21 -4.43
N ALA A 33 -1.86 3.31 -5.63
CA ALA A 33 -2.63 4.48 -6.03
C ALA A 33 -3.94 4.57 -5.24
N ARG A 34 -4.49 3.42 -4.89
CA ARG A 34 -5.74 3.38 -4.15
C ARG A 34 -5.54 3.85 -2.72
N GLN A 35 -4.33 3.62 -2.19
CA GLN A 35 -4.01 4.03 -0.83
C GLN A 35 -4.13 5.54 -0.67
N ILE A 36 -3.79 6.27 -1.71
CA ILE A 36 -3.88 7.73 -1.68
C ILE A 36 -5.33 8.19 -1.64
N VAL A 37 -6.12 7.69 -2.58
CA VAL A 37 -7.53 8.04 -2.63
C VAL A 37 -8.27 7.56 -1.39
N ASN A 38 -7.90 6.36 -0.93
CA ASN A 38 -8.52 5.78 0.26
C ASN A 38 -8.29 6.68 1.47
N SER A 39 -7.11 7.27 1.55
CA SER A 39 -6.76 8.14 2.66
C SER A 39 -7.65 9.37 2.68
N CYS A 40 -8.09 9.81 1.50
CA CYS A 40 -8.94 10.97 1.40
C CYS A 40 -10.32 10.71 1.98
N ALA A 41 -10.69 11.48 2.99
CA ALA A 41 -11.98 11.34 3.64
C ALA A 41 -13.10 11.91 2.78
N GLN A 42 -12.81 13.04 2.14
CA GLN A 42 -13.78 13.70 1.26
C GLN A 42 -14.18 12.79 0.10
N CYS A 43 -13.26 11.94 -0.32
CA CYS A 43 -13.51 11.02 -1.42
C CYS A 43 -14.05 9.69 -0.90
N GLN A 44 -13.63 9.31 0.30
CA GLN A 44 -14.07 8.06 0.90
C GLN A 44 -15.58 8.07 1.12
N GLN A 45 -16.06 9.10 1.81
CA GLN A 45 -17.49 9.23 2.09
C GLN A 45 -18.21 9.91 0.94
N LYS A 46 -19.45 9.50 0.70
CA LYS A 46 -20.25 10.07 -0.38
C LYS A 46 -21.52 10.73 0.16
N GLY A 47 -21.51 11.97 0.29
N PHE B 1 4.70 -6.10 -9.21
CA PHE B 1 4.36 -5.58 -7.86
C PHE B 1 3.71 -6.66 -7.00
N LEU B 2 2.49 -7.05 -7.35
CA LEU B 2 1.76 -8.07 -6.62
C LEU B 2 2.48 -9.42 -6.68
N GLU B 3 3.30 -9.62 -7.72
CA GLU B 3 4.03 -10.87 -7.90
C GLU B 3 4.86 -11.23 -6.67
N LYS B 4 5.68 -10.29 -6.22
CA LYS B 4 6.55 -10.52 -5.05
C LYS B 4 5.84 -10.13 -3.75
N ILE B 5 4.83 -9.26 -3.84
CA ILE B 5 4.11 -8.82 -2.66
C ILE B 5 3.09 -9.86 -2.21
N GLU B 6 2.52 -10.61 -3.16
CA GLU B 6 1.54 -11.63 -2.82
C GLU B 6 2.15 -12.70 -1.91
N PRO B 7 3.26 -13.34 -2.33
CA PRO B 7 3.94 -14.37 -1.52
C PRO B 7 4.12 -13.94 -0.07
N ALA B 8 4.37 -12.64 0.13
CA ALA B 8 4.57 -12.10 1.48
C ALA B 8 3.28 -12.16 2.28
N GLN B 9 2.14 -12.03 1.60
CA GLN B 9 0.84 -12.07 2.27
C GLN B 9 0.54 -13.47 2.79
N GLU B 10 0.80 -14.48 1.97
CA GLU B 10 0.57 -15.86 2.36
C GLU B 10 1.53 -16.28 3.47
N GLU B 11 2.72 -15.69 3.45
CA GLU B 11 3.73 -16.00 4.47
C GLU B 11 3.29 -15.56 5.85
N HIS B 12 2.72 -14.35 5.93
CA HIS B 12 2.27 -13.83 7.21
C HIS B 12 1.19 -14.73 7.81
N GLU B 13 0.29 -15.20 6.96
CA GLU B 13 -0.80 -16.07 7.41
C GLU B 13 -0.30 -17.38 8.00
N LYS B 14 0.98 -17.71 7.80
CA LYS B 14 1.52 -18.96 8.30
C LYS B 14 2.45 -18.77 9.51
N TYR B 15 3.05 -17.59 9.65
CA TYR B 15 3.96 -17.34 10.78
C TYR B 15 3.81 -15.95 11.39
N HIS B 16 2.78 -15.20 10.98
CA HIS B 16 2.54 -13.84 11.49
C HIS B 16 3.83 -13.02 11.55
N SER B 17 4.68 -13.19 10.55
CA SER B 17 5.95 -12.47 10.49
C SER B 17 5.73 -10.96 10.51
N ASN B 18 6.77 -10.22 10.88
CA ASN B 18 6.69 -8.77 10.94
C ASN B 18 7.07 -8.15 9.60
N VAL B 19 7.10 -6.82 9.56
CA VAL B 19 7.44 -6.10 8.33
C VAL B 19 8.92 -6.31 7.98
N LYS B 20 9.78 -6.13 8.97
CA LYS B 20 11.23 -6.30 8.77
C LYS B 20 11.55 -7.66 8.18
N GLU B 21 10.91 -8.70 8.70
CA GLU B 21 11.12 -10.06 8.22
C GLU B 21 10.64 -10.21 6.78
N LEU B 22 9.43 -9.73 6.51
CA LEU B 22 8.85 -9.82 5.18
C LEU B 22 9.63 -8.96 4.19
N SER B 23 10.09 -7.81 4.64
CA SER B 23 10.86 -6.91 3.78
C SER B 23 12.27 -7.45 3.53
N HIS B 24 12.85 -8.09 4.55
CA HIS B 24 14.19 -8.64 4.44
C HIS B 24 14.17 -10.00 3.73
N LYS B 25 13.10 -10.75 3.94
CA LYS B 25 12.96 -12.07 3.33
C LYS B 25 12.58 -11.96 1.86
N PHE B 26 11.56 -11.17 1.56
CA PHE B 26 11.09 -11.00 0.19
C PHE B 26 11.76 -9.80 -0.48
N GLY B 27 11.53 -8.62 0.07
CA GLY B 27 12.12 -7.41 -0.49
C GLY B 27 11.07 -6.37 -0.84
N ILE B 28 10.54 -5.70 0.19
CA ILE B 28 9.53 -4.69 0.00
C ILE B 28 9.61 -3.61 1.08
N PRO B 29 9.27 -2.34 0.75
CA PRO B 29 9.32 -1.25 1.72
C PRO B 29 8.49 -1.55 2.97
N ASN B 30 8.43 -0.59 3.88
CA ASN B 30 7.68 -0.77 5.12
C ASN B 30 6.19 -0.51 4.88
N LEU B 31 5.87 0.34 3.91
CA LEU B 31 4.49 0.66 3.61
C LEU B 31 3.75 -0.57 3.07
N VAL B 32 4.28 -1.17 2.02
CA VAL B 32 3.66 -2.34 1.41
C VAL B 32 3.66 -3.52 2.37
N ALA B 33 4.76 -3.69 3.10
CA ALA B 33 4.88 -4.79 4.05
C ALA B 33 3.94 -4.58 5.24
N ARG B 34 3.71 -3.32 5.59
CA ARG B 34 2.84 -2.99 6.71
C ARG B 34 1.37 -3.30 6.36
N GLN B 35 1.04 -3.18 5.08
CA GLN B 35 -0.32 -3.44 4.63
C GLN B 35 -0.73 -4.89 4.92
N ILE B 36 0.23 -5.80 4.84
CA ILE B 36 -0.02 -7.21 5.10
C ILE B 36 -0.31 -7.44 6.59
N VAL B 37 0.59 -6.95 7.43
CA VAL B 37 0.44 -7.09 8.87
C VAL B 37 -0.80 -6.34 9.36
N ASN B 38 -1.04 -5.17 8.78
CA ASN B 38 -2.19 -4.36 9.16
C ASN B 38 -3.49 -5.10 8.87
N SER B 39 -3.51 -5.84 7.77
CA SER B 39 -4.70 -6.60 7.39
C SER B 39 -5.01 -7.68 8.42
N CYS B 40 -3.97 -8.20 9.07
CA CYS B 40 -4.12 -9.23 10.08
C CYS B 40 -4.83 -8.68 11.32
N ALA B 41 -5.98 -9.26 11.64
CA ALA B 41 -6.75 -8.83 12.80
C ALA B 41 -6.12 -9.34 14.09
N GLN B 42 -5.61 -10.57 14.04
CA GLN B 42 -4.99 -11.19 15.20
C GLN B 42 -3.75 -10.40 15.64
N CYS B 43 -3.10 -9.75 14.68
CA CYS B 43 -1.91 -8.96 14.96
C CYS B 43 -2.29 -7.51 15.24
N GLN B 44 -3.36 -7.04 14.62
CA GLN B 44 -3.81 -5.67 14.80
C GLN B 44 -4.22 -5.42 16.25
N GLN B 45 -5.10 -6.27 16.77
CA GLN B 45 -5.56 -6.15 18.15
C GLN B 45 -4.61 -6.86 19.10
N LYS B 46 -4.46 -6.30 20.30
CA LYS B 46 -3.59 -6.88 21.31
C LYS B 46 -4.37 -7.27 22.56
N GLY B 47 -4.69 -8.47 22.71
N PHE A 1 11.21 4.70 -5.19
CA PHE A 1 9.85 4.23 -4.78
C PHE A 1 9.10 5.32 -4.00
N LEU A 2 9.62 5.66 -2.83
CA LEU A 2 9.00 6.69 -1.99
C LEU A 2 9.11 8.08 -2.62
N GLU A 3 9.95 8.22 -3.64
CA GLU A 3 10.15 9.51 -4.30
C GLU A 3 9.10 9.76 -5.40
N LYS A 4 8.74 8.71 -6.12
CA LYS A 4 7.78 8.82 -7.21
C LYS A 4 6.34 8.57 -6.72
N ILE A 5 6.21 7.84 -5.61
CA ILE A 5 4.89 7.53 -5.08
C ILE A 5 4.36 8.68 -4.21
N GLU A 6 5.25 9.33 -3.48
CA GLU A 6 4.86 10.45 -2.62
C GLU A 6 4.14 11.54 -3.41
N PRO A 7 4.77 12.05 -4.50
CA PRO A 7 4.17 13.09 -5.34
C PRO A 7 2.72 12.80 -5.71
N ALA A 8 2.41 11.52 -5.87
CA ALA A 8 1.06 11.09 -6.21
C ALA A 8 0.11 11.27 -5.02
N GLN A 9 0.65 11.17 -3.81
CA GLN A 9 -0.16 11.32 -2.61
C GLN A 9 -0.62 12.76 -2.44
N GLU A 10 0.25 13.71 -2.77
CA GLU A 10 -0.09 15.12 -2.65
C GLU A 10 -1.12 15.51 -3.70
N GLU A 11 -1.01 14.91 -4.88
CA GLU A 11 -1.93 15.19 -5.98
C GLU A 11 -3.36 14.84 -5.59
N HIS A 12 -3.51 13.79 -4.78
CA HIS A 12 -4.84 13.37 -4.35
C HIS A 12 -5.42 14.38 -3.36
N GLU A 13 -4.58 14.87 -2.46
CA GLU A 13 -5.03 15.82 -1.45
C GLU A 13 -5.48 17.15 -2.07
N LYS A 14 -5.16 17.37 -3.35
CA LYS A 14 -5.53 18.62 -4.01
C LYS A 14 -6.76 18.47 -4.91
N TYR A 15 -7.05 17.26 -5.38
CA TYR A 15 -8.19 17.05 -6.27
C TYR A 15 -8.85 15.68 -6.10
N HIS A 16 -8.57 15.01 -4.97
CA HIS A 16 -9.12 13.68 -4.68
C HIS A 16 -9.14 12.78 -5.91
N SER A 17 -8.04 12.78 -6.65
CA SER A 17 -7.93 11.97 -7.87
C SER A 17 -8.09 10.49 -7.54
N ASN A 18 -8.55 9.72 -8.52
CA ASN A 18 -8.76 8.29 -8.35
C ASN A 18 -7.48 7.50 -8.65
N VAL A 19 -7.62 6.18 -8.73
CA VAL A 19 -6.47 5.31 -9.01
C VAL A 19 -5.98 5.48 -10.44
N LYS A 20 -6.87 5.24 -11.40
CA LYS A 20 -6.53 5.36 -12.82
C LYS A 20 -5.91 6.71 -13.15
N GLU A 21 -6.34 7.75 -12.44
CA GLU A 21 -5.84 9.10 -12.66
C GLU A 21 -4.42 9.24 -12.12
N LEU A 22 -4.19 8.73 -10.93
CA LEU A 22 -2.88 8.79 -10.29
C LEU A 22 -1.90 7.84 -10.98
N SER A 23 -2.40 6.67 -11.36
CA SER A 23 -1.56 5.67 -12.03
C SER A 23 -1.24 6.09 -13.47
N HIS A 24 -2.20 6.73 -14.12
CA HIS A 24 -2.02 7.19 -15.50
C HIS A 24 -1.23 8.49 -15.55
N LYS A 25 -1.44 9.35 -14.55
CA LYS A 25 -0.76 10.64 -14.49
C LYS A 25 0.71 10.46 -14.08
N PHE A 26 0.95 9.59 -13.11
CA PHE A 26 2.30 9.34 -12.62
C PHE A 26 2.88 8.06 -13.24
N GLY A 27 2.34 6.92 -12.83
CA GLY A 27 2.82 5.64 -13.35
C GLY A 27 3.05 4.62 -12.25
N ILE A 28 1.97 4.27 -11.56
CA ILE A 28 2.05 3.29 -10.47
C ILE A 28 0.92 2.26 -10.57
N PRO A 29 1.19 0.99 -10.23
CA PRO A 29 0.16 -0.07 -10.28
C PRO A 29 -1.11 0.33 -9.54
N ASN A 30 -2.18 -0.42 -9.78
CA ASN A 30 -3.45 -0.15 -9.12
C ASN A 30 -3.36 -0.35 -7.61
N LEU A 31 -2.49 -1.29 -7.21
CA LEU A 31 -2.30 -1.57 -5.80
C LEU A 31 -1.81 -0.33 -5.06
N VAL A 32 -0.61 0.13 -5.42
CA VAL A 32 -0.02 1.31 -4.78
C VAL A 32 -0.95 2.53 -4.89
N ALA A 33 -1.56 2.70 -6.05
CA ALA A 33 -2.47 3.83 -6.27
C ALA A 33 -3.68 3.73 -5.34
N ARG A 34 -4.10 2.50 -5.05
CA ARG A 34 -5.24 2.27 -4.18
C ARG A 34 -4.91 2.67 -2.74
N GLN A 35 -3.64 2.48 -2.37
CA GLN A 35 -3.18 2.82 -1.02
C GLN A 35 -3.34 4.31 -0.75
N ILE A 36 -3.16 5.12 -1.80
CA ILE A 36 -3.30 6.57 -1.68
C ILE A 36 -4.75 6.95 -1.40
N VAL A 37 -5.64 6.52 -2.28
CA VAL A 37 -7.06 6.80 -2.12
C VAL A 37 -7.60 6.15 -0.85
N ASN A 38 -7.13 4.93 -0.58
CA ASN A 38 -7.56 4.20 0.61
C ASN A 38 -7.19 4.97 1.87
N SER A 39 -6.08 5.69 1.82
CA SER A 39 -5.63 6.48 2.96
C SER A 39 -6.57 7.65 3.20
N CYS A 40 -7.15 8.18 2.12
CA CYS A 40 -8.07 9.31 2.22
C CYS A 40 -9.34 8.89 2.94
N ALA A 41 -9.64 9.57 4.04
CA ALA A 41 -10.84 9.28 4.83
C ALA A 41 -12.09 9.80 4.13
N GLN A 42 -12.00 10.99 3.56
CA GLN A 42 -13.13 11.60 2.87
C GLN A 42 -13.57 10.75 1.68
N CYS A 43 -12.61 10.01 1.10
CA CYS A 43 -12.91 9.15 -0.04
C CYS A 43 -13.27 7.74 0.41
N GLN A 44 -12.73 7.32 1.55
CA GLN A 44 -12.99 6.00 2.09
C GLN A 44 -14.48 5.82 2.38
N GLN A 45 -15.04 6.71 3.19
CA GLN A 45 -16.44 6.66 3.55
C GLN A 45 -17.30 7.31 2.47
N LYS A 46 -18.57 7.53 2.79
CA LYS A 46 -19.50 8.15 1.86
C LYS A 46 -20.36 9.20 2.56
N GLY A 47 -21.40 8.82 3.14
N PHE B 1 5.69 -6.97 -9.61
CA PHE B 1 5.19 -6.25 -8.41
C PHE B 1 4.19 -7.10 -7.64
N LEU B 2 3.04 -7.36 -8.26
CA LEU B 2 1.99 -8.16 -7.63
C LEU B 2 2.41 -9.62 -7.47
N GLU B 3 3.49 -10.03 -8.14
CA GLU B 3 3.96 -11.41 -8.07
C GLU B 3 4.88 -11.64 -6.87
N LYS B 4 5.70 -10.65 -6.55
CA LYS B 4 6.64 -10.76 -5.43
C LYS B 4 6.03 -10.23 -4.13
N ILE B 5 5.04 -9.35 -4.24
CA ILE B 5 4.39 -8.78 -3.06
C ILE B 5 3.32 -9.71 -2.52
N GLU B 6 2.60 -10.38 -3.40
CA GLU B 6 1.54 -11.30 -3.00
C GLU B 6 2.07 -12.38 -2.04
N PRO B 7 3.13 -13.11 -2.43
CA PRO B 7 3.72 -14.16 -1.60
C PRO B 7 3.96 -13.69 -0.16
N ALA B 8 4.27 -12.41 0.01
CA ALA B 8 4.51 -11.84 1.32
C ALA B 8 3.20 -11.72 2.11
N GLN B 9 2.10 -11.54 1.41
CA GLN B 9 0.79 -11.40 2.04
C GLN B 9 0.35 -12.72 2.66
N GLU B 10 0.64 -13.82 1.99
CA GLU B 10 0.28 -15.15 2.48
C GLU B 10 1.12 -15.51 3.70
N GLU B 11 2.38 -15.09 3.67
CA GLU B 11 3.31 -15.38 4.77
C GLU B 11 2.81 -14.76 6.06
N HIS B 12 2.15 -13.62 5.97
CA HIS B 12 1.63 -12.94 7.15
C HIS B 12 0.44 -13.71 7.71
N GLU B 13 -0.42 -14.19 6.84
CA GLU B 13 -1.61 -14.93 7.25
C GLU B 13 -1.26 -16.24 7.95
N LYS B 14 0.01 -16.68 7.86
CA LYS B 14 0.42 -17.93 8.48
C LYS B 14 1.19 -17.72 9.79
N TYR B 15 1.79 -16.55 9.98
CA TYR B 15 2.57 -16.30 11.20
C TYR B 15 2.52 -14.84 11.63
N HIS B 16 1.56 -14.08 11.12
CA HIS B 16 1.40 -12.65 11.44
C HIS B 16 2.75 -11.91 11.51
N SER B 17 3.61 -12.19 10.54
CA SER B 17 4.92 -11.57 10.49
C SER B 17 4.82 -10.05 10.42
N ASN B 18 5.84 -9.36 10.89
CA ASN B 18 5.85 -7.91 10.88
C ASN B 18 6.44 -7.37 9.58
N VAL B 19 6.68 -6.06 9.54
CA VAL B 19 7.23 -5.42 8.35
C VAL B 19 8.67 -5.86 8.08
N LYS B 20 9.55 -5.61 9.06
CA LYS B 20 10.96 -5.96 8.93
C LYS B 20 11.15 -7.42 8.56
N GLU B 21 10.24 -8.28 9.02
CA GLU B 21 10.32 -9.71 8.73
C GLU B 21 9.94 -9.98 7.28
N LEU B 22 8.87 -9.36 6.82
CA LEU B 22 8.40 -9.54 5.45
C LEU B 22 9.34 -8.85 4.47
N SER B 23 9.83 -7.67 4.85
CA SER B 23 10.74 -6.91 4.01
C SER B 23 12.11 -7.57 3.94
N HIS B 24 12.54 -8.14 5.06
CA HIS B 24 13.85 -8.79 5.14
C HIS B 24 13.79 -10.20 4.54
N LYS B 25 12.66 -10.87 4.71
CA LYS B 25 12.49 -12.22 4.19
C LYS B 25 12.28 -12.22 2.68
N PHE B 26 11.50 -11.26 2.20
CA PHE B 26 11.21 -11.16 0.77
C PHE B 26 12.07 -10.08 0.12
N GLY B 27 11.79 -8.82 0.44
CA GLY B 27 12.55 -7.72 -0.13
C GLY B 27 11.66 -6.61 -0.62
N ILE B 28 10.90 -6.00 0.28
CA ILE B 28 10.00 -4.91 -0.07
C ILE B 28 10.11 -3.75 0.91
N PRO B 29 10.00 -2.50 0.44
CA PRO B 29 10.09 -1.31 1.31
C PRO B 29 9.15 -1.41 2.50
N ASN B 30 9.37 -0.55 3.49
CA ASN B 30 8.54 -0.54 4.69
C ASN B 30 7.10 -0.16 4.34
N LEU B 31 6.94 0.68 3.33
CA LEU B 31 5.62 1.13 2.90
C LEU B 31 4.77 -0.06 2.47
N VAL B 32 5.19 -0.75 1.41
CA VAL B 32 4.46 -1.90 0.90
C VAL B 32 4.27 -2.97 1.98
N ALA B 33 5.31 -3.20 2.77
CA ALA B 33 5.25 -4.20 3.84
C ALA B 33 4.21 -3.80 4.88
N ARG B 34 4.07 -2.49 5.09
CA ARG B 34 3.10 -1.98 6.06
C ARG B 34 1.67 -2.22 5.58
N GLN B 35 1.49 -2.19 4.27
CA GLN B 35 0.17 -2.41 3.68
C GLN B 35 -0.34 -3.82 3.98
N ILE B 36 0.58 -4.77 4.07
CA ILE B 36 0.22 -6.15 4.38
C ILE B 36 -0.28 -6.26 5.81
N VAL B 37 0.54 -5.83 6.75
CA VAL B 37 0.18 -5.87 8.16
C VAL B 37 -1.03 -4.98 8.42
N ASN B 38 -1.06 -3.82 7.76
CA ASN B 38 -2.16 -2.89 7.91
C ASN B 38 -3.48 -3.52 7.49
N SER B 39 -3.40 -4.41 6.51
CA SER B 39 -4.59 -5.09 6.00
C SER B 39 -5.12 -6.08 7.05
N CYS B 40 -4.20 -6.65 7.83
CA CYS B 40 -4.58 -7.59 8.87
C CYS B 40 -5.37 -6.91 9.96
N ALA B 41 -6.60 -7.38 10.19
CA ALA B 41 -7.46 -6.81 11.21
C ALA B 41 -7.01 -7.22 12.61
N GLN B 42 -6.63 -8.48 12.75
CA GLN B 42 -6.17 -9.00 14.04
C GLN B 42 -4.92 -8.26 14.53
N CYS B 43 -4.13 -7.75 13.58
CA CYS B 43 -2.91 -7.02 13.92
C CYS B 43 -3.19 -5.52 14.01
N GLN B 44 -4.18 -5.05 13.27
CA GLN B 44 -4.54 -3.64 13.28
C GLN B 44 -4.98 -3.20 14.67
N GLN B 45 -5.97 -3.89 15.22
CA GLN B 45 -6.48 -3.57 16.55
C GLN B 45 -5.63 -4.22 17.64
N LYS B 46 -6.13 -4.20 18.87
CA LYS B 46 -5.42 -4.80 19.99
C LYS B 46 -6.36 -5.60 20.87
N GLY B 47 -7.00 -4.99 21.76
N PHE A 1 9.99 2.01 -5.10
CA PHE A 1 8.59 2.01 -4.60
C PHE A 1 8.08 3.43 -4.35
N LEU A 2 8.87 4.23 -3.65
CA LEU A 2 8.49 5.60 -3.35
C LEU A 2 8.96 6.57 -4.44
N GLU A 3 9.31 6.05 -5.61
CA GLU A 3 9.77 6.89 -6.72
C GLU A 3 8.60 7.31 -7.61
N LYS A 4 7.90 6.33 -8.17
CA LYS A 4 6.77 6.61 -9.04
C LYS A 4 5.48 6.85 -8.24
N ILE A 5 5.40 6.24 -7.06
CA ILE A 5 4.23 6.39 -6.21
C ILE A 5 4.13 7.82 -5.67
N GLU A 6 5.29 8.44 -5.42
CA GLU A 6 5.33 9.81 -4.91
C GLU A 6 4.58 10.77 -5.84
N PRO A 7 5.05 10.92 -7.11
CA PRO A 7 4.41 11.82 -8.09
C PRO A 7 2.88 11.75 -8.06
N ALA A 8 2.35 10.54 -7.95
CA ALA A 8 0.91 10.34 -7.92
C ALA A 8 0.28 11.03 -6.71
N GLN A 9 0.97 10.96 -5.57
CA GLN A 9 0.48 11.58 -4.35
C GLN A 9 0.33 13.09 -4.53
N GLU A 10 1.30 13.68 -5.23
CA GLU A 10 1.29 15.12 -5.48
C GLU A 10 0.10 15.49 -6.35
N GLU A 11 -0.28 14.59 -7.24
CA GLU A 11 -1.41 14.83 -8.14
C GLU A 11 -2.72 14.89 -7.35
N HIS A 12 -2.91 13.93 -6.44
CA HIS A 12 -4.12 13.92 -5.63
C HIS A 12 -4.18 15.15 -4.73
N GLU A 13 -3.03 15.54 -4.19
CA GLU A 13 -2.96 16.68 -3.30
C GLU A 13 -3.30 17.99 -4.02
N LYS A 14 -3.35 17.97 -5.36
CA LYS A 14 -3.65 19.18 -6.12
C LYS A 14 -5.07 19.18 -6.71
N TYR A 15 -5.69 18.01 -6.81
CA TYR A 15 -7.04 17.95 -7.38
C TYR A 15 -7.90 16.82 -6.78
N HIS A 16 -7.47 16.26 -5.65
CA HIS A 16 -8.18 15.16 -4.98
C HIS A 16 -8.74 14.13 -5.97
N SER A 17 -7.96 13.83 -7.00
CA SER A 17 -8.37 12.87 -8.01
C SER A 17 -8.71 11.52 -7.41
N ASN A 18 -9.42 10.69 -8.16
CA ASN A 18 -9.81 9.36 -7.70
C ASN A 18 -8.74 8.33 -8.04
N VAL A 19 -9.00 7.08 -7.68
CA VAL A 19 -8.06 5.99 -7.95
C VAL A 19 -7.93 5.74 -9.45
N LYS A 20 -9.07 5.67 -10.12
CA LYS A 20 -9.10 5.42 -11.57
C LYS A 20 -8.29 6.48 -12.32
N GLU A 21 -8.41 7.73 -11.89
CA GLU A 21 -7.69 8.83 -12.54
C GLU A 21 -6.19 8.71 -12.30
N LEU A 22 -5.82 8.33 -11.08
CA LEU A 22 -4.41 8.17 -10.74
C LEU A 22 -3.83 6.91 -11.37
N SER A 23 -4.61 5.84 -11.37
CA SER A 23 -4.17 4.57 -11.94
C SER A 23 -4.12 4.66 -13.46
N HIS A 24 -5.00 5.46 -14.04
CA HIS A 24 -5.06 5.64 -15.48
C HIS A 24 -3.99 6.61 -15.96
N LYS A 25 -3.66 7.58 -15.12
CA LYS A 25 -2.65 8.59 -15.45
C LYS A 25 -1.24 8.04 -15.26
N PHE A 26 -0.95 7.57 -14.05
CA PHE A 26 0.37 7.03 -13.73
C PHE A 26 0.46 5.52 -14.01
N GLY A 27 -0.60 4.95 -14.60
CA GLY A 27 -0.59 3.53 -14.91
C GLY A 27 -0.30 2.65 -13.70
N ILE A 28 -0.63 3.14 -12.52
CA ILE A 28 -0.40 2.39 -11.29
C ILE A 28 -1.60 1.53 -10.94
N PRO A 29 -1.40 0.38 -10.26
CA PRO A 29 -2.49 -0.51 -9.87
C PRO A 29 -3.46 0.17 -8.90
N ASN A 30 -4.70 -0.30 -8.90
CA ASN A 30 -5.73 0.26 -8.03
C ASN A 30 -5.29 0.25 -6.56
N LEU A 31 -4.38 -0.65 -6.23
CA LEU A 31 -3.88 -0.76 -4.86
C LEU A 31 -3.09 0.49 -4.46
N VAL A 32 -2.08 0.83 -5.27
CA VAL A 32 -1.26 1.99 -5.01
C VAL A 32 -2.09 3.27 -5.00
N ALA A 33 -2.94 3.42 -6.00
CA ALA A 33 -3.79 4.61 -6.11
C ALA A 33 -4.70 4.74 -4.89
N ARG A 34 -5.18 3.61 -4.39
CA ARG A 34 -6.07 3.61 -3.23
C ARG A 34 -5.35 4.13 -1.99
N GLN A 35 -4.07 3.78 -1.87
CA GLN A 35 -3.27 4.21 -0.72
C GLN A 35 -3.21 5.73 -0.63
N ILE A 36 -3.18 6.39 -1.79
CA ILE A 36 -3.12 7.85 -1.83
C ILE A 36 -4.42 8.45 -1.28
N VAL A 37 -5.54 8.04 -1.85
CA VAL A 37 -6.84 8.53 -1.41
C VAL A 37 -7.09 8.19 0.06
N ASN A 38 -6.68 6.98 0.45
CA ASN A 38 -6.85 6.54 1.83
C ASN A 38 -6.01 7.42 2.76
N SER A 39 -4.88 7.89 2.26
CA SER A 39 -4.00 8.75 3.05
C SER A 39 -4.60 10.14 3.21
N CYS A 40 -5.35 10.58 2.21
CA CYS A 40 -5.97 11.89 2.25
C CYS A 40 -7.03 11.95 3.34
N ALA A 41 -6.88 12.91 4.25
CA ALA A 41 -7.83 13.07 5.35
C ALA A 41 -9.11 13.75 4.88
N GLN A 42 -8.96 14.78 4.05
CA GLN A 42 -10.11 15.51 3.53
C GLN A 42 -11.04 14.59 2.74
N CYS A 43 -10.47 13.54 2.16
CA CYS A 43 -11.26 12.58 1.39
C CYS A 43 -11.73 11.42 2.27
N GLN A 44 -10.94 11.10 3.29
CA GLN A 44 -11.28 10.01 4.20
C GLN A 44 -12.52 10.37 5.02
N GLN A 45 -12.58 11.61 5.49
CA GLN A 45 -13.70 12.09 6.29
C GLN A 45 -14.84 12.56 5.39
N LYS A 46 -15.97 11.87 5.47
CA LYS A 46 -17.14 12.22 4.66
C LYS A 46 -18.12 13.07 5.46
N GLY A 47 -18.27 12.82 6.68
N PHE B 1 5.90 -4.20 -8.81
CA PHE B 1 5.23 -3.91 -7.51
C PHE B 1 4.71 -5.18 -6.86
N LEU B 2 4.00 -5.99 -7.63
CA LEU B 2 3.45 -7.25 -7.10
C LEU B 2 4.43 -8.42 -7.28
N GLU B 3 5.70 -8.11 -7.53
CA GLU B 3 6.72 -9.14 -7.70
C GLU B 3 7.38 -9.51 -6.38
N LYS B 4 8.00 -8.52 -5.74
CA LYS B 4 8.67 -8.73 -4.47
C LYS B 4 7.70 -8.66 -3.30
N ILE B 5 6.63 -7.89 -3.46
CA ILE B 5 5.62 -7.74 -2.42
C ILE B 5 4.86 -9.06 -2.21
N GLU B 6 4.67 -9.81 -3.28
CA GLU B 6 3.96 -11.09 -3.21
C GLU B 6 4.64 -12.04 -2.22
N PRO B 7 5.91 -12.43 -2.48
CA PRO B 7 6.66 -13.34 -1.59
C PRO B 7 6.46 -13.02 -0.11
N ALA B 8 6.48 -11.74 0.23
CA ALA B 8 6.30 -11.32 1.62
C ALA B 8 4.93 -11.73 2.15
N GLN B 9 3.91 -11.63 1.30
CA GLN B 9 2.56 -12.00 1.71
C GLN B 9 2.50 -13.48 2.06
N GLU B 10 3.21 -14.30 1.30
CA GLU B 10 3.24 -15.74 1.54
C GLU B 10 3.88 -16.04 2.88
N GLU B 11 4.86 -15.22 3.26
CA GLU B 11 5.55 -15.39 4.54
C GLU B 11 4.61 -15.15 5.70
N HIS B 12 3.85 -14.06 5.64
CA HIS B 12 2.91 -13.74 6.70
C HIS B 12 1.83 -14.83 6.80
N GLU B 13 1.38 -15.31 5.65
CA GLU B 13 0.34 -16.33 5.61
C GLU B 13 0.82 -17.65 6.22
N LYS B 14 2.12 -17.80 6.46
CA LYS B 14 2.64 -19.04 7.03
C LYS B 14 3.05 -18.90 8.50
N TYR B 15 3.26 -17.67 8.96
CA TYR B 15 3.66 -17.48 10.37
C TYR B 15 3.14 -16.16 10.97
N HIS B 16 2.17 -15.53 10.30
CA HIS B 16 1.58 -14.26 10.77
C HIS B 16 2.65 -13.30 11.31
N SER B 17 3.80 -13.26 10.65
CA SER B 17 4.89 -12.39 11.07
C SER B 17 4.46 -10.93 11.13
N ASN B 18 5.25 -10.11 11.83
CA ASN B 18 4.94 -8.69 11.96
C ASN B 18 5.56 -7.88 10.83
N VAL B 19 5.37 -6.57 10.86
CA VAL B 19 5.91 -5.68 9.83
C VAL B 19 7.43 -5.66 9.88
N LYS B 20 7.97 -5.51 11.09
CA LYS B 20 9.42 -5.45 11.28
C LYS B 20 10.09 -6.71 10.73
N GLU B 21 9.48 -7.86 10.97
CA GLU B 21 10.02 -9.12 10.50
C GLU B 21 9.99 -9.21 8.98
N LEU B 22 8.90 -8.74 8.38
CA LEU B 22 8.75 -8.75 6.94
C LEU B 22 9.64 -7.69 6.28
N SER B 23 9.70 -6.52 6.90
CA SER B 23 10.51 -5.42 6.39
C SER B 23 11.99 -5.72 6.57
N HIS B 24 12.33 -6.45 7.62
CA HIS B 24 13.71 -6.80 7.91
C HIS B 24 14.16 -7.98 7.06
N LYS B 25 13.22 -8.87 6.74
CA LYS B 25 13.53 -10.04 5.94
C LYS B 25 13.59 -9.70 4.45
N PHE B 26 12.51 -9.12 3.94
CA PHE B 26 12.45 -8.76 2.52
C PHE B 26 12.96 -7.34 2.27
N GLY B 27 13.49 -6.69 3.31
CA GLY B 27 14.01 -5.35 3.16
C GLY B 27 13.00 -4.37 2.58
N ILE B 28 11.71 -4.65 2.80
CA ILE B 28 10.65 -3.78 2.30
C ILE B 28 10.30 -2.71 3.32
N PRO B 29 9.82 -1.53 2.87
CA PRO B 29 9.44 -0.44 3.76
C PRO B 29 8.28 -0.83 4.66
N ASN B 30 8.19 -0.17 5.82
CA ASN B 30 7.13 -0.44 6.79
C ASN B 30 5.75 -0.31 6.15
N LEU B 31 5.66 0.47 5.08
CA LEU B 31 4.40 0.67 4.38
C LEU B 31 3.92 -0.61 3.71
N VAL B 32 4.78 -1.20 2.89
CA VAL B 32 4.45 -2.43 2.19
C VAL B 32 4.14 -3.55 3.18
N ALA B 33 5.00 -3.71 4.18
CA ALA B 33 4.83 -4.74 5.19
C ALA B 33 3.50 -4.57 5.93
N ARG B 34 3.12 -3.32 6.18
CA ARG B 34 1.88 -3.04 6.89
C ARG B 34 0.67 -3.49 6.07
N GLN B 35 0.76 -3.34 4.75
CA GLN B 35 -0.33 -3.73 3.87
C GLN B 35 -0.65 -5.21 4.00
N ILE B 36 0.38 -6.02 4.22
CA ILE B 36 0.22 -7.45 4.38
C ILE B 36 -0.56 -7.78 5.64
N VAL B 37 -0.08 -7.27 6.78
CA VAL B 37 -0.74 -7.50 8.05
C VAL B 37 -2.16 -6.94 8.03
N ASN B 38 -2.31 -5.76 7.42
CA ASN B 38 -3.63 -5.12 7.33
C ASN B 38 -4.58 -5.98 6.50
N SER B 39 -4.02 -6.69 5.52
CA SER B 39 -4.82 -7.56 4.66
C SER B 39 -5.26 -8.81 5.41
N CYS B 40 -4.43 -9.25 6.34
CA CYS B 40 -4.74 -10.44 7.13
C CYS B 40 -5.95 -10.19 8.02
N ALA B 41 -6.96 -11.03 7.88
CA ALA B 41 -8.18 -10.90 8.68
C ALA B 41 -7.98 -11.43 10.09
N GLN B 42 -7.31 -12.57 10.19
CA GLN B 42 -7.04 -13.19 11.50
C GLN B 42 -6.24 -12.24 12.40
N CYS B 43 -5.45 -11.36 11.78
CA CYS B 43 -4.64 -10.42 12.53
C CYS B 43 -5.38 -9.10 12.71
N GLN B 44 -6.24 -8.76 11.75
CA GLN B 44 -7.02 -7.53 11.82
C GLN B 44 -8.03 -7.57 12.96
N GLN B 45 -8.68 -8.73 13.11
CA GLN B 45 -9.67 -8.90 14.16
C GLN B 45 -9.00 -9.32 15.47
N LYS B 46 -9.11 -8.46 16.48
CA LYS B 46 -8.51 -8.72 17.79
C LYS B 46 -9.53 -9.31 18.75
N GLY B 47 -10.71 -8.88 18.69
N PHE A 1 10.61 4.35 -5.22
CA PHE A 1 9.24 4.06 -4.72
C PHE A 1 8.60 5.31 -4.12
N LEU A 2 9.15 5.79 -3.03
CA LEU A 2 8.64 6.99 -2.37
C LEU A 2 8.79 8.22 -3.25
N GLU A 3 9.74 8.18 -4.19
CA GLU A 3 9.98 9.31 -5.07
C GLU A 3 8.87 9.47 -6.11
N LYS A 4 8.36 8.34 -6.61
CA LYS A 4 7.31 8.37 -7.62
C LYS A 4 5.91 8.34 -7.00
N ILE A 5 5.81 7.78 -5.79
CA ILE A 5 4.52 7.68 -5.11
C ILE A 5 4.15 8.99 -4.40
N GLU A 6 5.13 9.66 -3.81
CA GLU A 6 4.87 10.91 -3.11
C GLU A 6 4.22 11.94 -4.03
N PRO A 7 4.82 12.22 -5.21
CA PRO A 7 4.28 13.19 -6.18
C PRO A 7 2.80 12.95 -6.44
N ALA A 8 2.40 11.69 -6.51
CA ALA A 8 1.01 11.33 -6.76
C ALA A 8 0.12 11.78 -5.61
N GLN A 9 0.64 11.66 -4.38
CA GLN A 9 -0.11 12.07 -3.20
C GLN A 9 -0.41 13.57 -3.24
N GLU A 10 0.53 14.34 -3.80
CA GLU A 10 0.37 15.78 -3.90
C GLU A 10 -0.70 16.12 -4.94
N GLU A 11 -0.78 15.30 -5.99
CA GLU A 11 -1.75 15.50 -7.05
C GLU A 11 -3.17 15.27 -6.55
N HIS A 12 -3.33 14.25 -5.70
CA HIS A 12 -4.65 13.95 -5.16
C HIS A 12 -5.12 15.07 -4.24
N GLU A 13 -4.20 15.61 -3.45
CA GLU A 13 -4.54 16.69 -2.52
C GLU A 13 -4.98 17.96 -3.24
N LYS A 14 -4.76 18.04 -4.56
CA LYS A 14 -5.12 19.22 -5.32
C LYS A 14 -6.42 19.05 -6.11
N TYR A 15 -6.75 17.82 -6.49
CA TYR A 15 -7.96 17.58 -7.28
C TYR A 15 -8.67 16.27 -6.90
N HIS A 16 -8.31 15.69 -5.76
CA HIS A 16 -8.91 14.43 -5.30
C HIS A 16 -9.04 13.40 -6.43
N SER A 17 -7.97 13.28 -7.22
CA SER A 17 -7.95 12.35 -8.34
C SER A 17 -8.20 10.92 -7.87
N ASN A 18 -8.68 10.08 -8.79
CA ASN A 18 -8.98 8.69 -8.48
C ASN A 18 -7.76 7.81 -8.75
N VAL A 19 -7.86 6.53 -8.37
CA VAL A 19 -6.77 5.58 -8.58
C VAL A 19 -6.34 5.54 -10.04
N LYS A 20 -7.31 5.28 -10.92
CA LYS A 20 -7.04 5.20 -12.35
C LYS A 20 -6.36 6.48 -12.86
N GLU A 21 -6.62 7.60 -12.17
CA GLU A 21 -6.03 8.87 -12.55
C GLU A 21 -4.59 8.97 -12.06
N LEU A 22 -4.38 8.60 -10.79
CA LEU A 22 -3.05 8.63 -10.21
C LEU A 22 -2.14 7.60 -10.87
N SER A 23 -2.72 6.44 -11.20
CA SER A 23 -1.96 5.37 -11.84
C SER A 23 -1.67 5.68 -13.30
N HIS A 24 -2.64 6.30 -13.98
CA HIS A 24 -2.49 6.64 -15.39
C HIS A 24 -1.68 7.93 -15.55
N LYS A 25 -1.85 8.85 -14.60
CA LYS A 25 -1.14 10.12 -14.65
C LYS A 25 0.32 9.96 -14.25
N PHE A 26 0.61 8.98 -13.40
CA PHE A 26 1.96 8.73 -12.94
C PHE A 26 2.47 7.37 -13.42
N GLY A 27 1.92 6.30 -12.84
CA GLY A 27 2.34 4.97 -13.23
C GLY A 27 2.52 4.05 -12.04
N ILE A 28 1.42 3.73 -11.37
CA ILE A 28 1.45 2.86 -10.21
C ILE A 28 0.24 1.92 -10.18
N PRO A 29 0.42 0.66 -9.74
CA PRO A 29 -0.68 -0.32 -9.68
C PRO A 29 -1.86 0.21 -8.86
N ASN A 30 -3.02 -0.42 -9.01
CA ASN A 30 -4.22 -0.02 -8.29
C ASN A 30 -4.00 -0.10 -6.78
N LEU A 31 -3.17 -1.05 -6.36
CA LEU A 31 -2.87 -1.22 -4.94
C LEU A 31 -2.17 0.00 -4.37
N VAL A 32 -1.06 0.39 -4.99
CA VAL A 32 -0.30 1.55 -4.54
C VAL A 32 -1.13 2.82 -4.64
N ALA A 33 -1.87 2.95 -5.74
CA ALA A 33 -2.72 4.11 -5.96
C ALA A 33 -3.87 4.16 -4.95
N ARG A 34 -4.39 3.00 -4.60
CA ARG A 34 -5.49 2.91 -3.64
C ARG A 34 -5.06 3.49 -2.29
N GLN A 35 -3.79 3.29 -1.95
CA GLN A 35 -3.26 3.80 -0.69
C GLN A 35 -3.36 5.32 -0.62
N ILE A 36 -3.16 5.96 -1.77
CA ILE A 36 -3.24 7.42 -1.84
C ILE A 36 -4.66 7.89 -1.55
N VAL A 37 -5.61 7.42 -2.33
CA VAL A 37 -7.01 7.79 -2.14
C VAL A 37 -7.50 7.33 -0.78
N ASN A 38 -7.07 6.14 -0.37
CA ASN A 38 -7.46 5.58 0.92
C ASN A 38 -7.00 6.48 2.06
N SER A 39 -5.83 7.10 1.88
CA SER A 39 -5.29 8.00 2.90
C SER A 39 -6.17 9.23 3.06
N CYS A 40 -6.81 9.64 1.97
CA CYS A 40 -7.69 10.81 1.99
C CYS A 40 -8.92 10.55 2.85
N ALA A 41 -9.19 11.45 3.79
CA ALA A 41 -10.33 11.32 4.68
C ALA A 41 -11.62 11.78 4.00
N GLN A 42 -11.54 12.91 3.31
CA GLN A 42 -12.70 13.48 2.62
C GLN A 42 -13.22 12.49 1.58
N CYS A 43 -12.33 11.69 1.01
CA CYS A 43 -12.71 10.71 0.00
C CYS A 43 -13.15 9.40 0.64
N GLN A 44 -12.49 9.04 1.74
CA GLN A 44 -12.83 7.80 2.44
C GLN A 44 -14.26 7.85 2.96
N GLN A 45 -14.52 8.80 3.85
CA GLN A 45 -15.85 8.97 4.42
C GLN A 45 -16.68 9.93 3.57
N LYS A 46 -17.87 9.49 3.18
CA LYS A 46 -18.76 10.32 2.37
C LYS A 46 -19.89 10.89 3.22
N GLY A 47 -20.73 10.10 3.70
N PHE B 1 5.84 -6.60 -9.10
CA PHE B 1 5.23 -6.04 -7.87
C PHE B 1 4.36 -7.08 -7.16
N LEU B 2 3.28 -7.49 -7.80
CA LEU B 2 2.37 -8.48 -7.23
C LEU B 2 3.06 -9.84 -7.08
N GLU B 3 4.11 -10.07 -7.88
CA GLU B 3 4.83 -11.34 -7.84
C GLU B 3 5.67 -11.46 -6.58
N LYS B 4 6.28 -10.36 -6.16
CA LYS B 4 7.14 -10.36 -4.97
C LYS B 4 6.35 -10.03 -3.71
N ILE B 5 5.25 -9.30 -3.86
CA ILE B 5 4.44 -8.91 -2.71
C ILE B 5 3.50 -10.04 -2.27
N GLU B 6 2.93 -10.75 -3.23
CA GLU B 6 2.01 -11.85 -2.91
C GLU B 6 2.67 -12.89 -2.00
N PRO B 7 3.85 -13.41 -2.38
CA PRO B 7 4.57 -14.40 -1.58
C PRO B 7 4.69 -13.99 -0.11
N ALA B 8 4.91 -12.69 0.11
CA ALA B 8 5.04 -12.16 1.46
C ALA B 8 3.73 -12.31 2.23
N GLN B 9 2.62 -12.11 1.53
CA GLN B 9 1.29 -12.22 2.14
C GLN B 9 1.06 -13.64 2.64
N GLU B 10 1.60 -14.62 1.91
CA GLU B 10 1.45 -16.02 2.28
C GLU B 10 2.29 -16.34 3.51
N GLU B 11 3.43 -15.67 3.63
CA GLU B 11 4.32 -15.86 4.77
C GLU B 11 3.68 -15.34 6.05
N HIS B 12 3.01 -14.21 5.96
CA HIS B 12 2.35 -13.63 7.12
C HIS B 12 1.22 -14.53 7.61
N GLU B 13 0.47 -15.09 6.67
CA GLU B 13 -0.65 -15.95 7.00
C GLU B 13 -0.20 -17.24 7.71
N LYS B 14 1.10 -17.53 7.70
CA LYS B 14 1.61 -18.74 8.32
C LYS B 14 2.26 -18.48 9.69
N TYR B 15 2.78 -17.28 9.90
CA TYR B 15 3.45 -16.97 11.18
C TYR B 15 3.20 -15.53 11.63
N HIS B 16 2.22 -14.86 11.04
CA HIS B 16 1.89 -13.46 11.39
C HIS B 16 3.15 -12.60 11.54
N SER B 17 4.06 -12.76 10.60
CA SER B 17 5.32 -12.01 10.61
C SER B 17 5.05 -10.50 10.61
N ASN B 18 6.03 -9.74 11.10
CA ASN B 18 5.91 -8.28 11.16
C ASN B 18 6.46 -7.65 9.89
N VAL B 19 6.29 -6.33 9.75
CA VAL B 19 6.77 -5.60 8.59
C VAL B 19 8.26 -5.82 8.38
N LYS B 20 9.05 -5.55 9.42
CA LYS B 20 10.50 -5.71 9.35
C LYS B 20 10.87 -7.14 8.93
N GLU B 21 9.99 -8.09 9.24
CA GLU B 21 10.23 -9.49 8.88
C GLU B 21 9.91 -9.72 7.41
N LEU B 22 8.76 -9.22 6.97
CA LEU B 22 8.35 -9.38 5.58
C LEU B 22 9.28 -8.61 4.66
N SER B 23 9.71 -7.43 5.11
CA SER B 23 10.60 -6.59 4.32
C SER B 23 12.02 -7.15 4.29
N HIS B 24 12.46 -7.68 5.42
CA HIS B 24 13.80 -8.26 5.52
C HIS B 24 13.85 -9.65 4.93
N LYS B 25 12.76 -10.40 5.07
CA LYS B 25 12.69 -11.76 4.56
C LYS B 25 12.51 -11.77 3.05
N PHE B 26 11.87 -10.73 2.51
CA PHE B 26 11.63 -10.63 1.08
C PHE B 26 12.38 -9.45 0.48
N GLY B 27 11.91 -8.24 0.78
CA GLY B 27 12.56 -7.05 0.25
C GLY B 27 11.56 -6.01 -0.22
N ILE B 28 10.82 -5.44 0.72
CA ILE B 28 9.82 -4.42 0.40
C ILE B 28 9.79 -3.31 1.46
N PRO B 29 9.59 -2.05 1.05
CA PRO B 29 9.55 -0.93 1.99
C PRO B 29 8.51 -1.14 3.10
N ASN B 30 8.62 -0.36 4.17
CA ASN B 30 7.69 -0.47 5.29
C ASN B 30 6.26 -0.22 4.85
N LEU B 31 6.10 0.64 3.85
CA LEU B 31 4.77 0.97 3.33
C LEU B 31 4.11 -0.27 2.73
N VAL B 32 4.80 -0.89 1.77
CA VAL B 32 4.26 -2.09 1.12
C VAL B 32 4.06 -3.21 2.12
N ALA B 33 5.02 -3.38 3.02
CA ALA B 33 4.94 -4.42 4.04
C ALA B 33 3.80 -4.16 5.02
N ARG B 34 3.58 -2.88 5.34
CA ARG B 34 2.53 -2.50 6.25
C ARG B 34 1.16 -2.93 5.71
N GLN B 35 1.01 -2.89 4.40
CA GLN B 35 -0.23 -3.29 3.76
C GLN B 35 -0.55 -4.75 4.05
N ILE B 36 0.49 -5.58 4.11
CA ILE B 36 0.33 -7.00 4.39
C ILE B 36 -0.22 -7.21 5.80
N VAL B 37 0.51 -6.70 6.79
CA VAL B 37 0.09 -6.82 8.17
C VAL B 37 -1.24 -6.11 8.39
N ASN B 38 -1.39 -4.95 7.76
CA ASN B 38 -2.61 -4.16 7.87
C ASN B 38 -3.81 -4.96 7.39
N SER B 39 -3.60 -5.77 6.35
CA SER B 39 -4.67 -6.58 5.79
C SER B 39 -5.12 -7.64 6.79
N CYS B 40 -4.21 -8.09 7.64
CA CYS B 40 -4.52 -9.10 8.65
C CYS B 40 -5.47 -8.53 9.70
N ALA B 41 -6.57 -9.23 9.93
CA ALA B 41 -7.56 -8.81 10.91
C ALA B 41 -7.13 -9.16 12.33
N GLN B 42 -6.63 -10.38 12.51
CA GLN B 42 -6.19 -10.83 13.82
C GLN B 42 -5.07 -9.95 14.36
N CYS B 43 -4.27 -9.38 13.46
CA CYS B 43 -3.17 -8.50 13.85
C CYS B 43 -3.65 -7.06 14.00
N GLN B 44 -4.59 -6.65 13.16
CA GLN B 44 -5.12 -5.30 13.21
C GLN B 44 -5.81 -5.06 14.55
N GLN B 45 -6.86 -5.82 14.81
CA GLN B 45 -7.62 -5.70 16.06
C GLN B 45 -7.05 -6.63 17.11
N LYS B 46 -6.73 -6.07 18.28
CA LYS B 46 -6.18 -6.86 19.38
C LYS B 46 -7.25 -7.12 20.44
N GLY B 47 -7.69 -6.16 21.08
N PHE A 1 10.98 3.61 -5.88
CA PHE A 1 9.59 3.25 -5.51
C PHE A 1 8.82 4.48 -5.01
N LEU A 2 9.20 4.98 -3.85
CA LEU A 2 8.55 6.16 -3.27
C LEU A 2 8.88 7.44 -4.04
N GLU A 3 9.83 7.36 -4.97
CA GLU A 3 10.22 8.53 -5.76
C GLU A 3 9.08 9.01 -6.64
N LYS A 4 8.64 8.15 -7.56
CA LYS A 4 7.56 8.50 -8.49
C LYS A 4 6.17 8.26 -7.88
N ILE A 5 6.11 7.57 -6.75
CA ILE A 5 4.83 7.29 -6.10
C ILE A 5 4.43 8.43 -5.16
N GLU A 6 5.43 9.07 -4.54
CA GLU A 6 5.16 10.18 -3.63
C GLU A 6 4.41 11.30 -4.33
N PRO A 7 4.93 11.78 -5.49
CA PRO A 7 4.29 12.86 -6.25
C PRO A 7 2.80 12.61 -6.48
N ALA A 8 2.43 11.34 -6.57
CA ALA A 8 1.03 10.97 -6.78
C ALA A 8 0.21 11.21 -5.52
N GLN A 9 0.80 10.95 -4.36
CA GLN A 9 0.13 11.14 -3.09
C GLN A 9 -0.22 12.61 -2.88
N GLU A 10 0.62 13.49 -3.42
CA GLU A 10 0.39 14.92 -3.29
C GLU A 10 -0.69 15.39 -4.26
N GLU A 11 -0.78 14.71 -5.41
CA GLU A 11 -1.78 15.05 -6.41
C GLU A 11 -3.19 14.82 -5.88
N HIS A 12 -3.36 13.74 -5.11
CA HIS A 12 -4.67 13.45 -4.56
C HIS A 12 -5.05 14.49 -3.50
N GLU A 13 -4.08 14.89 -2.69
CA GLU A 13 -4.32 15.86 -1.64
C GLU A 13 -4.70 17.24 -2.19
N LYS A 14 -4.53 17.45 -3.50
CA LYS A 14 -4.85 18.74 -4.11
C LYS A 14 -6.14 18.70 -4.92
N TYR A 15 -6.56 17.53 -5.38
CA TYR A 15 -7.79 17.43 -6.18
C TYR A 15 -8.55 16.13 -5.95
N HIS A 16 -8.23 15.41 -4.88
CA HIS A 16 -8.87 14.13 -4.54
C HIS A 16 -9.08 13.24 -5.77
N SER A 17 -8.03 13.15 -6.59
CA SER A 17 -8.08 12.35 -7.81
C SER A 17 -8.36 10.88 -7.49
N ASN A 18 -8.88 10.16 -8.47
CA ASN A 18 -9.19 8.73 -8.29
C ASN A 18 -7.99 7.88 -8.68
N VAL A 19 -8.10 6.57 -8.43
CA VAL A 19 -7.02 5.64 -8.77
C VAL A 19 -6.66 5.73 -10.25
N LYS A 20 -7.66 5.66 -11.11
CA LYS A 20 -7.46 5.73 -12.55
C LYS A 20 -6.74 7.02 -12.94
N GLU A 21 -6.97 8.07 -12.15
CA GLU A 21 -6.33 9.36 -12.40
C GLU A 21 -4.87 9.33 -11.97
N LEU A 22 -4.62 8.80 -10.78
CA LEU A 22 -3.26 8.71 -10.25
C LEU A 22 -2.43 7.73 -11.07
N SER A 23 -3.05 6.64 -11.51
CA SER A 23 -2.36 5.63 -12.30
C SER A 23 -2.16 6.09 -13.74
N HIS A 24 -3.11 6.86 -14.25
CA HIS A 24 -3.03 7.36 -15.62
C HIS A 24 -2.12 8.59 -15.72
N LYS A 25 -2.12 9.41 -14.68
CA LYS A 25 -1.31 10.62 -14.66
C LYS A 25 0.16 10.29 -14.42
N PHE A 26 0.41 9.32 -13.54
CA PHE A 26 1.78 8.93 -13.20
C PHE A 26 2.13 7.56 -13.80
N GLY A 27 1.47 6.52 -13.30
CA GLY A 27 1.74 5.18 -13.79
C GLY A 27 2.03 4.20 -12.66
N ILE A 28 0.98 3.72 -12.01
CA ILE A 28 1.13 2.78 -10.91
C ILE A 28 -0.06 1.81 -10.86
N PRO A 29 0.13 0.60 -10.30
CA PRO A 29 -0.95 -0.39 -10.19
C PRO A 29 -2.09 0.10 -9.30
N ASN A 30 -3.25 -0.53 -9.43
CA ASN A 30 -4.41 -0.16 -8.63
C ASN A 30 -4.12 -0.26 -7.14
N LEU A 31 -3.18 -1.14 -6.78
CA LEU A 31 -2.81 -1.33 -5.39
C LEU A 31 -2.14 -0.07 -4.83
N VAL A 32 -1.05 0.34 -5.46
CA VAL A 32 -0.31 1.52 -5.02
C VAL A 32 -1.18 2.78 -5.11
N ALA A 33 -1.98 2.86 -6.16
CA ALA A 33 -2.86 4.01 -6.37
C ALA A 33 -4.00 4.01 -5.35
N ARG A 34 -4.51 2.82 -5.03
CA ARG A 34 -5.60 2.69 -4.07
C ARG A 34 -5.15 3.15 -2.68
N GLN A 35 -3.88 2.92 -2.36
CA GLN A 35 -3.34 3.31 -1.07
C GLN A 35 -3.49 4.81 -0.84
N ILE A 36 -3.32 5.58 -1.91
CA ILE A 36 -3.44 7.03 -1.83
C ILE A 36 -4.87 7.43 -1.47
N VAL A 37 -5.83 6.96 -2.26
CA VAL A 37 -7.23 7.26 -2.02
C VAL A 37 -7.67 6.66 -0.69
N ASN A 38 -7.21 5.44 -0.42
CA ASN A 38 -7.54 4.75 0.81
C ASN A 38 -7.06 5.54 2.02
N SER A 39 -5.87 6.10 1.91
CA SER A 39 -5.29 6.90 2.99
C SER A 39 -6.15 8.12 3.27
N CYS A 40 -6.78 8.65 2.23
CA CYS A 40 -7.63 9.82 2.36
C CYS A 40 -8.86 9.50 3.21
N ALA A 41 -9.08 10.31 4.23
CA ALA A 41 -10.22 10.13 5.12
C ALA A 41 -11.51 10.67 4.51
N GLN A 42 -11.42 11.87 3.95
CA GLN A 42 -12.58 12.50 3.33
C GLN A 42 -13.15 11.64 2.21
N CYS A 43 -12.29 10.87 1.56
CA CYS A 43 -12.71 10.01 0.47
C CYS A 43 -13.13 8.63 0.98
N GLN A 44 -12.58 8.22 2.12
CA GLN A 44 -12.91 6.93 2.70
C GLN A 44 -14.37 6.89 3.15
N GLN A 45 -14.85 8.00 3.70
CA GLN A 45 -16.22 8.09 4.17
C GLN A 45 -17.17 8.48 3.03
N LYS A 46 -18.35 7.88 3.02
CA LYS A 46 -19.34 8.17 1.99
C LYS A 46 -20.68 8.55 2.62
N GLY A 47 -21.52 9.13 1.90
N PHE B 1 6.55 -6.10 -9.48
CA PHE B 1 6.06 -5.49 -8.22
C PHE B 1 5.30 -6.51 -7.36
N LEU B 2 4.14 -6.91 -7.84
CA LEU B 2 3.31 -7.88 -7.12
C LEU B 2 3.92 -9.28 -7.15
N GLU B 3 4.97 -9.47 -7.95
CA GLU B 3 5.60 -10.78 -8.06
C GLU B 3 6.27 -11.18 -6.75
N LYS B 4 7.25 -10.39 -6.30
CA LYS B 4 7.97 -10.67 -5.07
C LYS B 4 7.24 -10.14 -3.83
N ILE B 5 6.22 -9.31 -4.03
CA ILE B 5 5.47 -8.76 -2.91
C ILE B 5 4.33 -9.69 -2.49
N GLU B 6 3.76 -10.40 -3.45
CA GLU B 6 2.66 -11.31 -3.18
C GLU B 6 3.09 -12.39 -2.17
N PRO B 7 4.22 -13.09 -2.45
CA PRO B 7 4.74 -14.13 -1.56
C PRO B 7 4.80 -13.68 -0.11
N ALA B 8 5.04 -12.39 0.09
CA ALA B 8 5.13 -11.82 1.44
C ALA B 8 3.75 -11.77 2.10
N GLN B 9 2.73 -11.46 1.30
CA GLN B 9 1.37 -11.39 1.81
C GLN B 9 0.91 -12.74 2.33
N GLU B 10 1.42 -13.81 1.71
CA GLU B 10 1.05 -15.16 2.12
C GLU B 10 1.80 -15.56 3.38
N GLU B 11 3.01 -15.03 3.55
CA GLU B 11 3.84 -15.32 4.71
C GLU B 11 3.18 -14.80 5.99
N HIS B 12 2.55 -13.63 5.89
CA HIS B 12 1.89 -13.06 7.05
C HIS B 12 0.65 -13.89 7.41
N GLU B 13 -0.08 -14.32 6.41
CA GLU B 13 -1.29 -15.11 6.62
C GLU B 13 -0.99 -16.46 7.28
N LYS B 14 0.28 -16.86 7.33
CA LYS B 14 0.64 -18.14 7.91
C LYS B 14 1.29 -18.02 9.30
N TYR B 15 1.87 -16.85 9.61
CA TYR B 15 2.52 -16.67 10.91
C TYR B 15 2.39 -15.23 11.44
N HIS B 16 1.48 -14.45 10.87
CA HIS B 16 1.26 -13.05 11.27
C HIS B 16 2.58 -12.31 11.52
N SER B 17 3.52 -12.48 10.60
CA SER B 17 4.83 -11.84 10.71
C SER B 17 4.69 -10.32 10.72
N ASN B 18 5.70 -9.65 11.27
CA ASN B 18 5.70 -8.20 11.34
C ASN B 18 6.36 -7.59 10.11
N VAL B 19 6.28 -6.27 9.98
CA VAL B 19 6.89 -5.56 8.85
C VAL B 19 8.37 -5.90 8.72
N LYS B 20 9.10 -5.78 9.82
CA LYS B 20 10.53 -6.06 9.83
C LYS B 20 10.80 -7.49 9.36
N GLU B 21 9.86 -8.39 9.62
CA GLU B 21 9.99 -9.78 9.22
C GLU B 21 9.75 -9.94 7.73
N LEU B 22 8.69 -9.30 7.23
CA LEU B 22 8.35 -9.36 5.82
C LEU B 22 9.40 -8.65 4.98
N SER B 23 9.91 -7.53 5.49
CA SER B 23 10.92 -6.76 4.79
C SER B 23 12.29 -7.43 4.86
N HIS B 24 12.56 -8.09 5.98
CA HIS B 24 13.84 -8.76 6.17
C HIS B 24 13.87 -10.12 5.46
N LYS B 25 12.73 -10.80 5.44
CA LYS B 25 12.63 -12.10 4.80
C LYS B 25 12.62 -11.98 3.29
N PHE B 26 11.92 -10.97 2.77
CA PHE B 26 11.83 -10.76 1.33
C PHE B 26 12.66 -9.56 0.89
N GLY B 27 12.24 -8.37 1.30
CA GLY B 27 12.94 -7.15 0.93
C GLY B 27 12.03 -6.11 0.34
N ILE B 28 11.32 -5.39 1.21
CA ILE B 28 10.41 -4.34 0.77
C ILE B 28 10.34 -3.21 1.80
N PRO B 29 10.00 -1.97 1.35
CA PRO B 29 9.91 -0.82 2.25
C PRO B 29 8.83 -1.01 3.31
N ASN B 30 8.90 -0.22 4.37
CA ASN B 30 7.92 -0.30 5.45
C ASN B 30 6.51 -0.05 4.93
N LEU B 31 6.40 0.69 3.83
CA LEU B 31 5.10 0.99 3.25
C LEU B 31 4.45 -0.26 2.69
N VAL B 32 5.15 -0.93 1.77
CA VAL B 32 4.63 -2.15 1.16
C VAL B 32 4.43 -3.24 2.20
N ALA B 33 5.35 -3.33 3.14
CA ALA B 33 5.28 -4.33 4.20
C ALA B 33 4.13 -4.02 5.16
N ARG B 34 3.94 -2.75 5.45
CA ARG B 34 2.88 -2.32 6.37
C ARG B 34 1.50 -2.66 5.80
N GLN B 35 1.38 -2.60 4.48
CA GLN B 35 0.11 -2.91 3.82
C GLN B 35 -0.35 -4.32 4.14
N ILE B 36 0.61 -5.24 4.23
CA ILE B 36 0.31 -6.63 4.55
C ILE B 36 -0.28 -6.74 5.95
N VAL B 37 0.45 -6.23 6.93
CA VAL B 37 -0.01 -6.27 8.31
C VAL B 37 -1.27 -5.44 8.48
N ASN B 38 -1.30 -4.28 7.81
CA ASN B 38 -2.45 -3.40 7.87
C ASN B 38 -3.70 -4.10 7.33
N SER B 39 -3.52 -4.86 6.26
CA SER B 39 -4.63 -5.59 5.65
C SER B 39 -5.19 -6.62 6.62
N CYS B 40 -4.31 -7.16 7.47
CA CYS B 40 -4.73 -8.15 8.45
C CYS B 40 -5.66 -7.54 9.48
N ALA B 41 -6.82 -8.17 9.68
CA ALA B 41 -7.80 -7.69 10.63
C ALA B 41 -7.44 -8.09 12.06
N GLN B 42 -7.05 -9.35 12.23
CA GLN B 42 -6.67 -9.87 13.54
C GLN B 42 -5.52 -9.07 14.14
N CYS B 43 -4.66 -8.54 13.27
CA CYS B 43 -3.52 -7.76 13.72
C CYS B 43 -3.87 -6.28 13.86
N GLN B 44 -4.86 -5.83 13.10
CA GLN B 44 -5.28 -4.43 13.16
C GLN B 44 -5.90 -4.10 14.52
N GLN B 45 -6.66 -5.05 15.07
CA GLN B 45 -7.30 -4.86 16.36
C GLN B 45 -6.35 -5.23 17.50
N LYS B 46 -6.40 -4.46 18.58
CA LYS B 46 -5.56 -4.71 19.74
C LYS B 46 -6.39 -4.79 21.02
N GLY B 47 -5.87 -5.31 22.02
N PHE A 1 10.20 2.83 -3.75
CA PHE A 1 8.73 2.78 -3.46
C PHE A 1 8.15 4.17 -3.32
N LEU A 2 8.85 5.04 -2.59
CA LEU A 2 8.38 6.40 -2.38
C LEU A 2 8.90 7.37 -3.46
N GLU A 3 9.39 6.82 -4.58
CA GLU A 3 9.89 7.64 -5.66
C GLU A 3 8.80 7.98 -6.66
N LYS A 4 8.13 6.96 -7.17
CA LYS A 4 7.05 7.13 -8.15
C LYS A 4 5.70 7.30 -7.46
N ILE A 5 5.59 6.80 -6.23
CA ILE A 5 4.33 6.89 -5.48
C ILE A 5 4.15 8.29 -4.90
N GLU A 6 5.24 8.90 -4.46
CA GLU A 6 5.18 10.24 -3.87
C GLU A 6 4.56 11.24 -4.84
N PRO A 7 5.12 11.39 -6.06
CA PRO A 7 4.60 12.32 -7.07
C PRO A 7 3.09 12.24 -7.24
N ALA A 8 2.56 11.01 -7.18
CA ALA A 8 1.12 10.81 -7.32
C ALA A 8 0.35 11.44 -6.17
N GLN A 9 0.93 11.41 -4.98
CA GLN A 9 0.29 11.98 -3.79
C GLN A 9 0.14 13.49 -3.94
N GLU A 10 1.17 14.13 -4.47
CA GLU A 10 1.14 15.58 -4.66
C GLU A 10 0.11 15.98 -5.71
N GLU A 11 -0.12 15.09 -6.67
CA GLU A 11 -1.09 15.35 -7.73
C GLU A 11 -2.51 15.40 -7.19
N HIS A 12 -2.84 14.47 -6.29
CA HIS A 12 -4.17 14.44 -5.72
C HIS A 12 -4.43 15.70 -4.89
N GLU A 13 -3.44 16.13 -4.13
CA GLU A 13 -3.58 17.31 -3.30
C GLU A 13 -3.83 18.58 -4.12
N LYS A 14 -3.62 18.51 -5.44
CA LYS A 14 -3.81 19.68 -6.29
C LYS A 14 -5.13 19.65 -7.06
N TYR A 15 -5.57 18.46 -7.48
CA TYR A 15 -6.82 18.36 -8.25
C TYR A 15 -7.75 17.26 -7.73
N HIS A 16 -7.44 16.69 -6.57
CA HIS A 16 -8.25 15.61 -5.99
C HIS A 16 -8.62 14.54 -7.02
N SER A 17 -7.69 14.28 -7.94
CA SER A 17 -7.91 13.29 -9.00
C SER A 17 -8.26 11.92 -8.42
N ASN A 18 -8.97 11.12 -9.21
CA ASN A 18 -9.38 9.79 -8.78
C ASN A 18 -8.26 8.78 -8.98
N VAL A 19 -8.52 7.53 -8.58
CA VAL A 19 -7.53 6.47 -8.71
C VAL A 19 -7.22 6.17 -10.18
N LYS A 20 -8.26 5.93 -10.97
CA LYS A 20 -8.11 5.64 -12.39
C LYS A 20 -7.28 6.71 -13.10
N GLU A 21 -7.34 7.93 -12.59
CA GLU A 21 -6.59 9.02 -13.20
C GLU A 21 -5.11 8.88 -12.88
N LEU A 22 -4.80 8.84 -11.59
CA LEU A 22 -3.41 8.70 -11.16
C LEU A 22 -2.82 7.38 -11.61
N SER A 23 -3.66 6.34 -11.65
CA SER A 23 -3.23 5.02 -12.08
C SER A 23 -2.81 5.05 -13.54
N HIS A 24 -3.63 5.69 -14.37
CA HIS A 24 -3.35 5.79 -15.79
C HIS A 24 -2.36 6.92 -16.08
N LYS A 25 -2.29 7.91 -15.19
CA LYS A 25 -1.39 9.03 -15.37
C LYS A 25 0.04 8.66 -14.97
N PHE A 26 0.19 8.05 -13.81
CA PHE A 26 1.50 7.65 -13.31
C PHE A 26 1.83 6.21 -13.68
N GLY A 27 0.80 5.36 -13.70
CA GLY A 27 1.00 3.97 -14.03
C GLY A 27 1.14 3.09 -12.80
N ILE A 28 0.42 3.45 -11.73
CA ILE A 28 0.48 2.69 -10.49
C ILE A 28 -0.79 1.85 -10.30
N PRO A 29 -0.69 0.71 -9.60
CA PRO A 29 -1.84 -0.17 -9.36
C PRO A 29 -2.98 0.56 -8.66
N ASN A 30 -4.15 -0.07 -8.64
CA ASN A 30 -5.33 0.52 -8.00
C ASN A 30 -5.14 0.60 -6.49
N LEU A 31 -4.39 -0.36 -5.94
CA LEU A 31 -4.14 -0.40 -4.51
C LEU A 31 -3.30 0.80 -4.06
N VAL A 32 -2.24 1.09 -4.82
CA VAL A 32 -1.37 2.22 -4.50
C VAL A 32 -2.11 3.54 -4.63
N ALA A 33 -2.78 3.72 -5.76
CA ALA A 33 -3.55 4.94 -6.02
C ALA A 33 -4.65 5.12 -4.99
N ARG A 34 -5.24 4.01 -4.54
CA ARG A 34 -6.31 4.06 -3.56
C ARG A 34 -5.80 4.61 -2.23
N GLN A 35 -4.56 4.29 -1.90
CA GLN A 35 -3.95 4.76 -0.66
C GLN A 35 -3.88 6.28 -0.63
N ILE A 36 -3.74 6.89 -1.80
CA ILE A 36 -3.66 8.34 -1.91
C ILE A 36 -5.02 8.98 -1.64
N VAL A 37 -6.03 8.49 -2.36
CA VAL A 37 -7.39 9.00 -2.22
C VAL A 37 -7.94 8.70 -0.82
N ASN A 38 -7.58 7.53 -0.31
CA ASN A 38 -8.04 7.13 1.03
C ASN A 38 -7.49 8.06 2.10
N SER A 39 -6.28 8.56 1.87
CA SER A 39 -5.65 9.47 2.82
C SER A 39 -6.37 10.82 2.85
N CYS A 40 -6.94 11.21 1.71
CA CYS A 40 -7.65 12.47 1.62
C CYS A 40 -8.94 12.44 2.45
N ALA A 41 -9.06 13.40 3.36
CA ALA A 41 -10.23 13.48 4.23
C ALA A 41 -11.41 14.11 3.49
N GLN A 42 -11.13 15.11 2.67
CA GLN A 42 -12.16 15.80 1.90
C GLN A 42 -12.83 14.84 0.91
N CYS A 43 -12.08 13.84 0.46
CA CYS A 43 -12.59 12.87 -0.50
C CYS A 43 -13.12 11.63 0.21
N GLN A 44 -12.59 11.34 1.39
CA GLN A 44 -13.01 10.17 2.16
C GLN A 44 -14.50 10.21 2.44
N GLN A 45 -14.97 11.33 2.98
CA GLN A 45 -16.38 11.49 3.29
C GLN A 45 -17.22 11.52 2.02
N LYS A 46 -18.53 11.71 2.18
CA LYS A 46 -19.44 11.76 1.04
C LYS A 46 -19.41 10.45 0.26
N GLY A 47 -20.35 9.65 0.40
N PHE B 1 4.46 -4.87 -9.10
CA PHE B 1 4.01 -4.54 -7.72
C PHE B 1 3.58 -5.81 -6.97
N LEU B 2 2.83 -6.67 -7.64
CA LEU B 2 2.36 -7.91 -7.03
C LEU B 2 3.34 -9.07 -7.25
N GLU B 3 4.57 -8.76 -7.64
CA GLU B 3 5.57 -9.78 -7.88
C GLU B 3 6.37 -10.07 -6.62
N LYS B 4 6.95 -9.02 -6.03
CA LYS B 4 7.75 -9.16 -4.81
C LYS B 4 6.88 -9.02 -3.56
N ILE B 5 5.73 -8.36 -3.68
CA ILE B 5 4.84 -8.17 -2.55
C ILE B 5 4.03 -9.43 -2.26
N GLU B 6 3.64 -10.14 -3.31
CA GLU B 6 2.86 -11.36 -3.15
C GLU B 6 3.59 -12.38 -2.27
N PRO B 7 4.84 -12.76 -2.63
CA PRO B 7 5.63 -13.73 -1.85
C PRO B 7 5.61 -13.43 -0.35
N ALA B 8 5.68 -12.15 -0.01
CA ALA B 8 5.67 -11.74 1.39
C ALA B 8 4.35 -12.08 2.07
N GLN B 9 3.26 -11.99 1.32
CA GLN B 9 1.94 -12.30 1.86
C GLN B 9 1.83 -13.77 2.23
N GLU B 10 2.38 -14.63 1.39
CA GLU B 10 2.36 -16.07 1.64
C GLU B 10 3.20 -16.43 2.86
N GLU B 11 4.24 -15.66 3.10
CA GLU B 11 5.13 -15.90 4.24
C GLU B 11 4.42 -15.65 5.55
N HIS B 12 3.64 -14.58 5.63
CA HIS B 12 2.91 -14.27 6.84
C HIS B 12 1.89 -15.35 7.16
N GLU B 13 1.20 -15.82 6.13
CA GLU B 13 0.18 -16.86 6.32
C GLU B 13 0.77 -18.16 6.86
N LYS B 14 2.10 -18.31 6.82
CA LYS B 14 2.75 -19.53 7.28
C LYS B 14 3.33 -19.38 8.69
N TYR B 15 3.89 -18.22 9.02
CA TYR B 15 4.50 -18.02 10.34
C TYR B 15 4.04 -16.73 11.03
N HIS B 16 3.02 -16.06 10.48
CA HIS B 16 2.51 -14.81 11.05
C HIS B 16 3.65 -13.85 11.41
N SER B 17 4.70 -13.85 10.59
CA SER B 17 5.86 -12.99 10.82
C SER B 17 5.45 -11.52 10.90
N ASN B 18 6.25 -10.72 11.59
CA ASN B 18 5.98 -9.30 11.75
C ASN B 18 6.47 -8.51 10.55
N VAL B 19 6.23 -7.19 10.57
CA VAL B 19 6.64 -6.32 9.48
C VAL B 19 8.16 -6.28 9.34
N LYS B 20 8.84 -5.98 10.45
CA LYS B 20 10.30 -5.90 10.46
C LYS B 20 10.94 -7.17 9.90
N GLU B 21 10.25 -8.29 10.03
CA GLU B 21 10.77 -9.56 9.53
C GLU B 21 10.66 -9.61 8.02
N LEU B 22 9.44 -9.44 7.52
CA LEU B 22 9.19 -9.46 6.09
C LEU B 22 9.92 -8.32 5.40
N SER B 23 10.00 -7.18 6.08
CA SER B 23 10.67 -6.01 5.54
C SER B 23 12.16 -6.29 5.35
N HIS B 24 12.77 -6.89 6.35
CA HIS B 24 14.19 -7.22 6.30
C HIS B 24 14.43 -8.52 5.51
N LYS B 25 13.42 -9.38 5.46
CA LYS B 25 13.52 -10.65 4.74
C LYS B 25 13.37 -10.45 3.24
N PHE B 26 12.33 -9.73 2.84
CA PHE B 26 12.07 -9.48 1.43
C PHE B 26 12.67 -8.16 0.97
N GLY B 27 12.70 -7.18 1.87
CA GLY B 27 13.26 -5.89 1.52
C GLY B 27 12.20 -4.89 1.09
N ILE B 28 11.02 -4.99 1.70
CA ILE B 28 9.92 -4.10 1.37
C ILE B 28 9.71 -3.06 2.46
N PRO B 29 9.19 -1.86 2.11
CA PRO B 29 8.95 -0.79 3.09
C PRO B 29 8.01 -1.23 4.21
N ASN B 30 7.95 -0.44 5.27
CA ASN B 30 7.09 -0.74 6.40
C ASN B 30 5.62 -0.65 6.01
N LEU B 31 5.31 0.24 5.08
CA LEU B 31 3.94 0.42 4.62
C LEU B 31 3.43 -0.83 3.90
N VAL B 32 4.26 -1.38 3.01
CA VAL B 32 3.88 -2.57 2.26
C VAL B 32 3.73 -3.77 3.19
N ALA B 33 4.72 -3.99 4.04
CA ALA B 33 4.71 -5.09 4.98
C ALA B 33 3.53 -4.98 5.95
N ARG B 34 3.19 -3.73 6.30
CA ARG B 34 2.08 -3.48 7.22
C ARG B 34 0.76 -3.93 6.61
N GLN B 35 0.63 -3.78 5.30
CA GLN B 35 -0.59 -4.17 4.59
C GLN B 35 -0.83 -5.66 4.73
N ILE B 36 0.25 -6.43 4.84
CA ILE B 36 0.14 -7.88 4.97
C ILE B 36 -0.36 -8.25 6.36
N VAL B 37 0.28 -7.72 7.39
CA VAL B 37 -0.10 -7.99 8.77
C VAL B 37 -1.49 -7.43 9.06
N ASN B 38 -1.78 -6.27 8.48
CA ASN B 38 -3.08 -5.63 8.68
C ASN B 38 -4.20 -6.48 8.12
N SER B 39 -3.91 -7.21 7.04
CA SER B 39 -4.90 -8.06 6.41
C SER B 39 -5.21 -9.26 7.29
N CYS B 40 -4.23 -9.70 8.07
CA CYS B 40 -4.40 -10.85 8.96
C CYS B 40 -5.38 -10.51 10.09
N ALA B 41 -6.43 -11.31 10.21
CA ALA B 41 -7.43 -11.10 11.25
C ALA B 41 -6.94 -11.62 12.60
N GLN B 42 -6.26 -12.76 12.57
CA GLN B 42 -5.73 -13.37 13.80
C GLN B 42 -4.69 -12.46 14.45
N CYS B 43 -4.01 -11.66 13.64
CA CYS B 43 -2.99 -10.74 14.15
C CYS B 43 -3.57 -9.36 14.41
N GLN B 44 -4.62 -9.00 13.66
CA GLN B 44 -5.24 -7.69 13.81
C GLN B 44 -5.71 -7.46 15.24
N GLN B 45 -6.46 -8.43 15.78
CA GLN B 45 -6.96 -8.32 17.14
C GLN B 45 -5.83 -8.39 18.15
N LYS B 46 -6.17 -8.35 19.44
CA LYS B 46 -5.16 -8.40 20.50
C LYS B 46 -4.20 -7.23 20.38
N GLY B 47 -4.33 -6.27 21.19
N PHE A 1 8.93 1.34 -3.66
CA PHE A 1 7.52 1.58 -3.26
C PHE A 1 7.14 3.04 -3.45
N LEU A 2 7.98 3.94 -2.93
CA LEU A 2 7.72 5.37 -3.05
C LEU A 2 8.36 5.96 -4.31
N GLU A 3 8.68 5.12 -5.28
CA GLU A 3 9.28 5.58 -6.54
C GLU A 3 8.21 6.02 -7.52
N LYS A 4 7.31 5.10 -7.87
CA LYS A 4 6.23 5.39 -8.81
C LYS A 4 4.99 5.90 -8.08
N ILE A 5 4.84 5.48 -6.83
CA ILE A 5 3.69 5.90 -6.02
C ILE A 5 3.80 7.38 -5.65
N GLU A 6 5.02 7.84 -5.41
CA GLU A 6 5.24 9.23 -5.03
C GLU A 6 4.67 10.19 -6.10
N PRO A 7 5.17 10.11 -7.35
CA PRO A 7 4.68 10.96 -8.45
C PRO A 7 3.16 11.08 -8.47
N ALA A 8 2.48 10.00 -8.08
CA ALA A 8 1.03 9.99 -8.07
C ALA A 8 0.48 10.94 -7.00
N GLN A 9 1.15 10.95 -5.85
CA GLN A 9 0.75 11.82 -4.75
C GLN A 9 0.86 13.28 -5.17
N GLU A 10 1.88 13.59 -5.95
CA GLU A 10 2.10 14.95 -6.44
C GLU A 10 1.00 15.36 -7.41
N GLU A 11 0.47 14.40 -8.14
CA GLU A 11 -0.60 14.66 -9.09
C GLU A 11 -1.91 14.97 -8.37
N HIS A 12 -2.23 14.17 -7.36
CA HIS A 12 -3.46 14.40 -6.61
C HIS A 12 -3.40 15.75 -5.89
N GLU A 13 -2.24 16.06 -5.34
CA GLU A 13 -2.06 17.32 -4.62
C GLU A 13 -2.24 18.54 -5.53
N LYS A 14 -2.24 18.33 -6.84
CA LYS A 14 -2.38 19.45 -7.78
C LYS A 14 -3.81 19.57 -8.33
N TYR A 15 -4.45 18.44 -8.63
CA TYR A 15 -5.82 18.48 -9.18
C TYR A 15 -6.77 17.54 -8.45
N HIS A 16 -6.41 17.14 -7.22
CA HIS A 16 -7.24 16.22 -6.41
C HIS A 16 -7.79 15.06 -7.26
N SER A 17 -6.94 14.51 -8.11
CA SER A 17 -7.32 13.39 -8.99
C SER A 17 -7.92 12.23 -8.19
N ASN A 18 -8.81 11.49 -8.84
CA ASN A 18 -9.44 10.33 -8.20
C ASN A 18 -8.63 9.07 -8.39
N VAL A 19 -9.03 7.99 -7.73
CA VAL A 19 -8.34 6.71 -7.83
C VAL A 19 -8.25 6.24 -9.28
N LYS A 20 -9.39 6.21 -9.95
CA LYS A 20 -9.45 5.79 -11.36
C LYS A 20 -8.47 6.60 -12.21
N GLU A 21 -8.20 7.83 -11.78
CA GLU A 21 -7.28 8.70 -12.50
C GLU A 21 -5.83 8.34 -12.17
N LEU A 22 -5.54 8.16 -10.89
CA LEU A 22 -4.19 7.80 -10.46
C LEU A 22 -3.83 6.40 -10.95
N SER A 23 -4.83 5.52 -11.02
CA SER A 23 -4.61 4.15 -11.47
C SER A 23 -4.46 4.08 -12.99
N HIS A 24 -5.23 4.87 -13.70
CA HIS A 24 -5.19 4.87 -15.16
C HIS A 24 -4.01 5.68 -15.67
N LYS A 25 -3.61 6.70 -14.91
CA LYS A 25 -2.48 7.54 -15.29
C LYS A 25 -1.15 6.89 -14.97
N PHE A 26 -0.95 6.53 -13.70
CA PHE A 26 0.29 5.90 -13.27
C PHE A 26 0.21 4.38 -13.32
N GLY A 27 -0.84 3.83 -13.94
CA GLY A 27 -1.00 2.40 -14.05
C GLY A 27 -0.88 1.67 -12.71
N ILE A 28 -1.35 2.31 -11.65
CA ILE A 28 -1.28 1.70 -10.32
C ILE A 28 -2.63 1.12 -9.92
N PRO A 29 -2.64 -0.01 -9.17
CA PRO A 29 -3.88 -0.66 -8.73
C PRO A 29 -4.75 0.29 -7.89
N ASN A 30 -6.03 -0.03 -7.80
CA ASN A 30 -6.97 0.78 -7.03
C ASN A 30 -6.52 0.89 -5.57
N LEU A 31 -5.85 -0.16 -5.08
CA LEU A 31 -5.36 -0.19 -3.71
C LEU A 31 -4.42 0.99 -3.44
N VAL A 32 -3.33 1.05 -4.20
CA VAL A 32 -2.36 2.12 -4.04
C VAL A 32 -3.01 3.49 -4.25
N ALA A 33 -3.78 3.60 -5.33
CA ALA A 33 -4.46 4.85 -5.65
C ALA A 33 -5.40 5.27 -4.52
N ARG A 34 -6.01 4.30 -3.85
CA ARG A 34 -6.92 4.58 -2.75
C ARG A 34 -6.19 5.26 -1.60
N GLN A 35 -4.98 4.78 -1.30
CA GLN A 35 -4.19 5.34 -0.22
C GLN A 35 -3.88 6.81 -0.47
N ILE A 36 -3.70 7.16 -1.74
CA ILE A 36 -3.41 8.54 -2.11
C ILE A 36 -4.60 9.44 -1.80
N VAL A 37 -5.76 9.12 -2.36
CA VAL A 37 -6.96 9.91 -2.12
C VAL A 37 -7.36 9.85 -0.65
N ASN A 38 -7.22 8.67 -0.05
CA ASN A 38 -7.56 8.49 1.35
C ASN A 38 -6.70 9.37 2.25
N SER A 39 -5.45 9.58 1.83
CA SER A 39 -4.53 10.42 2.60
C SER A 39 -4.94 11.88 2.56
N CYS A 40 -5.59 12.28 1.47
CA CYS A 40 -6.05 13.66 1.32
C CYS A 40 -7.14 13.99 2.32
N ALA A 41 -6.97 15.09 3.04
CA ALA A 41 -7.95 15.52 4.04
C ALA A 41 -9.13 16.23 3.38
N GLN A 42 -8.84 17.16 2.48
CA GLN A 42 -9.88 17.90 1.78
C GLN A 42 -10.84 16.96 1.05
N CYS A 43 -10.33 15.81 0.62
CA CYS A 43 -11.13 14.83 -0.07
C CYS A 43 -11.77 13.84 0.90
N GLN A 44 -11.10 13.60 2.02
CA GLN A 44 -11.61 12.69 3.04
C GLN A 44 -12.92 13.21 3.62
N GLN A 45 -12.88 14.44 4.14
CA GLN A 45 -14.07 15.05 4.73
C GLN A 45 -14.95 15.67 3.66
N LYS A 46 -16.26 15.65 3.90
CA LYS A 46 -17.21 16.22 2.94
C LYS A 46 -17.92 17.43 3.54
N GLY A 47 -18.93 17.87 2.96
N PHE B 1 4.45 -3.14 -8.05
CA PHE B 1 3.85 -3.11 -6.69
C PHE B 1 3.77 -4.51 -6.10
N LEU B 2 3.23 -5.45 -6.87
CA LEU B 2 3.08 -6.83 -6.43
C LEU B 2 4.31 -7.68 -6.78
N GLU B 3 5.43 -7.03 -7.08
CA GLU B 3 6.66 -7.74 -7.43
C GLU B 3 7.43 -8.14 -6.18
N LYS B 4 7.81 -7.15 -5.37
CA LYS B 4 8.56 -7.40 -4.15
C LYS B 4 7.62 -7.60 -2.96
N ILE B 5 6.43 -7.01 -3.04
CA ILE B 5 5.44 -7.14 -1.97
C ILE B 5 4.86 -8.54 -1.93
N GLU B 6 4.69 -9.16 -3.10
CA GLU B 6 4.15 -10.50 -3.18
C GLU B 6 4.97 -11.49 -2.35
N PRO B 7 6.28 -11.66 -2.68
CA PRO B 7 7.17 -12.57 -1.94
C PRO B 7 6.99 -12.46 -0.43
N ALA B 8 6.70 -11.25 0.05
CA ALA B 8 6.50 -11.01 1.47
C ALA B 8 5.25 -11.71 1.97
N GLN B 9 4.20 -11.68 1.16
CA GLN B 9 2.93 -12.32 1.52
C GLN B 9 3.13 -13.83 1.66
N GLU B 10 3.99 -14.38 0.81
CA GLU B 10 4.28 -15.81 0.83
C GLU B 10 5.02 -16.18 2.12
N GLU B 11 5.84 -15.24 2.61
CA GLU B 11 6.61 -15.47 3.83
C GLU B 11 5.70 -15.48 5.04
N HIS B 12 4.78 -14.52 5.12
CA HIS B 12 3.86 -14.45 6.25
C HIS B 12 2.97 -15.68 6.26
N GLU B 13 2.51 -16.10 5.10
CA GLU B 13 1.63 -17.26 4.98
C GLU B 13 2.31 -18.55 5.44
N LYS B 14 3.64 -18.52 5.60
CA LYS B 14 4.37 -19.71 6.02
C LYS B 14 4.71 -19.69 7.52
N TYR B 15 5.11 -18.54 8.04
CA TYR B 15 5.48 -18.44 9.46
C TYR B 15 4.79 -17.28 10.17
N HIS B 16 3.69 -16.77 9.60
CA HIS B 16 2.94 -15.64 10.17
C HIS B 16 3.88 -14.54 10.68
N SER B 17 4.90 -14.23 9.89
CA SER B 17 5.88 -13.21 10.24
C SER B 17 5.22 -11.87 10.56
N ASN B 18 5.85 -11.09 11.41
CA ASN B 18 5.33 -9.78 11.81
C ASN B 18 5.81 -8.69 10.86
N VAL B 19 5.27 -7.49 11.03
CA VAL B 19 5.65 -6.35 10.19
C VAL B 19 7.15 -6.11 10.24
N LYS B 20 7.69 -5.99 11.45
CA LYS B 20 9.11 -5.75 11.65
C LYS B 20 9.95 -6.81 10.92
N GLU B 21 9.37 -8.00 10.75
CA GLU B 21 10.06 -9.09 10.07
C GLU B 21 9.97 -8.91 8.55
N LEU B 22 8.77 -8.61 8.06
CA LEU B 22 8.56 -8.40 6.64
C LEU B 22 9.30 -7.15 6.16
N SER B 23 9.38 -6.15 7.04
CA SER B 23 10.05 -4.90 6.71
C SER B 23 11.58 -5.05 6.75
N HIS B 24 12.07 -5.80 7.73
CA HIS B 24 13.49 -6.00 7.88
C HIS B 24 14.01 -7.05 6.90
N LYS B 25 13.16 -8.00 6.54
CA LYS B 25 13.54 -9.05 5.60
C LYS B 25 13.49 -8.56 4.15
N PHE B 26 12.33 -8.08 3.74
CA PHE B 26 12.15 -7.59 2.38
C PHE B 26 12.42 -6.09 2.27
N GLY B 27 12.98 -5.49 3.31
CA GLY B 27 13.30 -4.07 3.29
C GLY B 27 12.11 -3.20 2.89
N ILE B 28 10.91 -3.61 3.27
CA ILE B 28 9.70 -2.85 2.95
C ILE B 28 9.24 -2.02 4.14
N PRO B 29 8.67 -0.82 3.89
CA PRO B 29 8.18 0.06 4.96
C PRO B 29 7.13 -0.61 5.83
N ASN B 30 6.92 -0.09 7.03
CA ASN B 30 5.93 -0.64 7.95
C ASN B 30 4.54 -0.62 7.32
N LEU B 31 4.30 0.36 6.45
CA LEU B 31 3.02 0.50 5.78
C LEU B 31 2.68 -0.75 4.97
N VAL B 32 3.55 -1.08 4.02
CA VAL B 32 3.35 -2.25 3.18
C VAL B 32 3.27 -3.52 4.03
N ALA B 33 4.21 -3.66 4.95
CA ALA B 33 4.26 -4.82 5.83
C ALA B 33 2.97 -4.95 6.65
N ARG B 34 2.40 -3.81 7.02
CA ARG B 34 1.16 -3.80 7.81
C ARG B 34 0.01 -4.42 7.02
N GLN B 35 -0.06 -4.09 5.73
CA GLN B 35 -1.11 -4.62 4.87
C GLN B 35 -1.05 -6.14 4.80
N ILE B 36 0.16 -6.68 4.85
CA ILE B 36 0.36 -8.13 4.80
C ILE B 36 -0.24 -8.79 6.03
N VAL B 37 0.23 -8.37 7.21
CA VAL B 37 -0.27 -8.92 8.46
C VAL B 37 -1.75 -8.61 8.64
N ASN B 38 -2.15 -7.41 8.25
CA ASN B 38 -3.54 -6.98 8.38
C ASN B 38 -4.44 -7.86 7.52
N SER B 39 -3.92 -8.32 6.38
CA SER B 39 -4.69 -9.16 5.48
C SER B 39 -4.93 -10.54 6.09
N CYS B 40 -3.99 -10.98 6.93
CA CYS B 40 -4.10 -12.28 7.58
C CYS B 40 -5.27 -12.30 8.56
N ALA B 41 -6.13 -13.32 8.43
CA ALA B 41 -7.29 -13.45 9.31
C ALA B 41 -6.89 -14.05 10.66
N GLN B 42 -6.12 -15.13 10.62
CA GLN B 42 -5.66 -15.80 11.84
C GLN B 42 -4.93 -14.83 12.75
N CYS B 43 -4.27 -13.83 12.16
CA CYS B 43 -3.52 -12.84 12.91
C CYS B 43 -4.42 -11.64 13.28
N GLN B 44 -5.40 -11.37 12.42
CA GLN B 44 -6.31 -10.26 12.67
C GLN B 44 -7.13 -10.50 13.93
N GLN B 45 -7.81 -11.63 13.99
CA GLN B 45 -8.64 -11.97 15.15
C GLN B 45 -7.78 -12.59 16.25
N LYS B 46 -8.16 -12.35 17.51
CA LYS B 46 -7.43 -12.87 18.65
C LYS B 46 -8.29 -13.89 19.41
N GLY B 47 -7.90 -14.24 20.54
N PHE A 1 9.82 3.16 -3.70
CA PHE A 1 8.34 3.11 -3.44
C PHE A 1 7.76 4.52 -3.36
N LEU A 2 8.36 5.37 -2.53
CA LEU A 2 7.88 6.75 -2.37
C LEU A 2 8.49 7.70 -3.41
N GLU A 3 9.09 7.15 -4.46
CA GLU A 3 9.69 7.97 -5.51
C GLU A 3 8.64 8.39 -6.53
N LYS A 4 7.96 7.41 -7.12
CA LYS A 4 6.94 7.67 -8.12
C LYS A 4 5.56 7.84 -7.48
N ILE A 5 5.37 7.26 -6.30
CA ILE A 5 4.09 7.36 -5.60
C ILE A 5 3.88 8.76 -5.01
N GLU A 6 4.97 9.39 -4.57
CA GLU A 6 4.88 10.73 -3.99
C GLU A 6 4.29 11.73 -5.00
N PRO A 7 4.93 11.90 -6.17
CA PRO A 7 4.44 12.83 -7.20
C PRO A 7 2.94 12.71 -7.44
N ALA A 8 2.41 11.50 -7.30
CA ALA A 8 0.99 11.27 -7.50
C ALA A 8 0.16 11.91 -6.40
N GLN A 9 0.71 11.96 -5.20
CA GLN A 9 0.02 12.56 -4.06
C GLN A 9 -0.15 14.05 -4.26
N GLU A 10 0.88 14.69 -4.82
CA GLU A 10 0.82 16.13 -5.07
C GLU A 10 -0.25 16.46 -6.10
N GLU A 11 -0.45 15.55 -7.05
CA GLU A 11 -1.45 15.74 -8.10
C GLU A 11 -2.86 15.68 -7.51
N HIS A 12 -3.09 14.71 -6.63
CA HIS A 12 -4.41 14.58 -6.02
C HIS A 12 -4.72 15.79 -5.15
N GLU A 13 -3.71 16.26 -4.42
CA GLU A 13 -3.89 17.41 -3.53
C GLU A 13 -4.22 18.69 -4.31
N LYS A 14 -4.05 18.67 -5.63
CA LYS A 14 -4.32 19.85 -6.44
C LYS A 14 -5.64 19.77 -7.20
N TYR A 15 -6.07 18.57 -7.56
CA TYR A 15 -7.33 18.41 -8.30
C TYR A 15 -8.12 17.17 -7.87
N HIS A 16 -7.84 16.66 -6.67
CA HIS A 16 -8.51 15.47 -6.13
C HIS A 16 -8.72 14.38 -7.19
N SER A 17 -7.67 14.12 -7.96
CA SER A 17 -7.72 13.10 -9.02
C SER A 17 -8.09 11.74 -8.45
N ASN A 18 -8.84 10.96 -9.22
CA ASN A 18 -9.25 9.62 -8.80
C ASN A 18 -8.14 8.60 -9.02
N VAL A 19 -8.36 7.39 -8.51
CA VAL A 19 -7.37 6.31 -8.65
C VAL A 19 -7.00 6.10 -10.11
N LYS A 20 -8.00 5.93 -10.97
CA LYS A 20 -7.77 5.71 -12.39
C LYS A 20 -6.93 6.83 -12.99
N GLU A 21 -7.06 8.02 -12.43
CA GLU A 21 -6.31 9.18 -12.92
C GLU A 21 -4.85 9.08 -12.49
N LEU A 22 -4.63 8.81 -11.20
CA LEU A 22 -3.27 8.70 -10.67
C LEU A 22 -2.56 7.49 -11.27
N SER A 23 -3.30 6.40 -11.47
CA SER A 23 -2.73 5.18 -12.02
C SER A 23 -2.47 5.31 -13.52
N HIS A 24 -3.40 5.95 -14.23
CA HIS A 24 -3.28 6.13 -15.67
C HIS A 24 -2.35 7.29 -16.02
N LYS A 25 -2.28 8.28 -15.14
CA LYS A 25 -1.43 9.44 -15.39
C LYS A 25 0.03 9.15 -15.04
N PHE A 26 0.25 8.56 -13.87
CA PHE A 26 1.60 8.23 -13.43
C PHE A 26 1.96 6.79 -13.78
N GLY A 27 1.26 5.84 -13.18
CA GLY A 27 1.53 4.44 -13.45
C GLY A 27 1.64 3.63 -12.16
N ILE A 28 0.51 3.38 -11.53
CA ILE A 28 0.48 2.61 -10.29
C ILE A 28 -0.79 1.77 -10.19
N PRO A 29 -0.73 0.59 -9.56
CA PRO A 29 -1.91 -0.28 -9.41
C PRO A 29 -3.06 0.43 -8.70
N ASN A 30 -4.16 -0.27 -8.53
CA ASN A 30 -5.34 0.29 -7.87
C ASN A 30 -5.11 0.42 -6.37
N LEU A 31 -4.43 -0.56 -5.79
CA LEU A 31 -4.15 -0.56 -4.36
C LEU A 31 -3.34 0.68 -3.95
N VAL A 32 -2.18 0.84 -4.59
CA VAL A 32 -1.31 1.97 -4.30
C VAL A 32 -2.02 3.30 -4.56
N ALA A 33 -2.73 3.37 -5.68
CA ALA A 33 -3.46 4.59 -6.04
C ALA A 33 -4.58 4.87 -5.04
N ARG A 34 -5.21 3.81 -4.56
CA ARG A 34 -6.30 3.95 -3.60
C ARG A 34 -5.81 4.61 -2.32
N GLN A 35 -4.57 4.30 -1.94
CA GLN A 35 -3.97 4.87 -0.73
C GLN A 35 -3.96 6.40 -0.79
N ILE A 36 -3.69 6.94 -1.97
CA ILE A 36 -3.67 8.38 -2.17
C ILE A 36 -5.03 9.00 -1.91
N VAL A 37 -6.06 8.46 -2.57
CA VAL A 37 -7.42 8.95 -2.41
C VAL A 37 -7.93 8.66 -1.00
N ASN A 38 -7.58 7.49 -0.48
CA ASN A 38 -8.00 7.09 0.86
C ASN A 38 -7.37 8.01 1.91
N SER A 39 -6.15 8.44 1.66
CA SER A 39 -5.45 9.33 2.59
C SER A 39 -6.11 10.70 2.64
N CYS A 40 -6.68 11.11 1.51
CA CYS A 40 -7.35 12.40 1.42
C CYS A 40 -8.52 12.48 2.40
N ALA A 41 -8.52 13.52 3.23
CA ALA A 41 -9.58 13.71 4.22
C ALA A 41 -10.84 14.29 3.57
N GLN A 42 -10.66 15.03 2.48
CA GLN A 42 -11.78 15.64 1.77
C GLN A 42 -12.50 14.63 0.87
N CYS A 43 -11.83 13.52 0.56
CA CYS A 43 -12.41 12.49 -0.30
C CYS A 43 -12.89 11.29 0.52
N GLN A 44 -12.27 11.06 1.67
CA GLN A 44 -12.64 9.94 2.52
C GLN A 44 -14.08 10.08 3.02
N GLN A 45 -14.45 11.30 3.41
CA GLN A 45 -15.80 11.57 3.91
C GLN A 45 -16.77 11.77 2.75
N LYS A 46 -18.06 11.62 3.04
CA LYS A 46 -19.10 11.78 2.04
C LYS A 46 -20.09 12.86 2.44
N GLY A 47 -20.26 13.08 3.66
N PHE B 1 4.37 -4.99 -8.65
CA PHE B 1 3.95 -4.69 -7.25
C PHE B 1 3.57 -5.97 -6.51
N LEU B 2 2.70 -6.78 -7.10
CA LEU B 2 2.25 -8.03 -6.49
C LEU B 2 3.19 -9.19 -6.81
N GLU B 3 4.38 -8.90 -7.33
CA GLU B 3 5.35 -9.94 -7.67
C GLU B 3 6.16 -10.34 -6.44
N LYS B 4 6.81 -9.36 -5.82
CA LYS B 4 7.63 -9.61 -4.64
C LYS B 4 6.81 -9.50 -3.35
N ILE B 5 5.73 -8.72 -3.41
CA ILE B 5 4.87 -8.53 -2.24
C ILE B 5 4.05 -9.78 -1.94
N GLU B 6 3.65 -10.50 -2.98
CA GLU B 6 2.85 -11.72 -2.81
C GLU B 6 3.60 -12.74 -1.96
N PRO B 7 4.80 -13.18 -2.40
CA PRO B 7 5.61 -14.16 -1.66
C PRO B 7 5.68 -13.87 -0.16
N ALA B 8 5.67 -12.59 0.18
CA ALA B 8 5.74 -12.17 1.58
C ALA B 8 4.46 -12.52 2.32
N GLN B 9 3.33 -12.48 1.61
CA GLN B 9 2.04 -12.80 2.21
C GLN B 9 1.98 -14.27 2.59
N GLU B 10 2.55 -15.12 1.75
CA GLU B 10 2.56 -16.56 2.00
C GLU B 10 3.38 -16.88 3.25
N GLU B 11 4.44 -16.09 3.47
CA GLU B 11 5.31 -16.28 4.62
C GLU B 11 4.57 -15.94 5.90
N HIS B 12 3.84 -14.82 5.89
CA HIS B 12 3.11 -14.41 7.09
C HIS B 12 2.02 -15.43 7.41
N GLU B 13 1.35 -15.93 6.39
CA GLU B 13 0.28 -16.91 6.59
C GLU B 13 0.80 -18.22 7.18
N LYS B 14 2.11 -18.42 7.19
CA LYS B 14 2.68 -19.65 7.72
C LYS B 14 3.28 -19.49 9.12
N TYR B 15 3.78 -18.30 9.44
CA TYR B 15 4.38 -18.07 10.75
C TYR B 15 4.06 -16.68 11.32
N HIS B 16 3.00 -16.04 10.81
CA HIS B 16 2.57 -14.70 11.24
C HIS B 16 3.78 -13.76 11.45
N SER B 17 4.70 -13.77 10.50
CA SER B 17 5.88 -12.91 10.57
C SER B 17 5.50 -11.44 10.69
N ASN B 18 6.30 -10.68 11.42
CA ASN B 18 6.05 -9.26 11.60
C ASN B 18 6.56 -8.45 10.41
N VAL B 19 6.23 -7.16 10.40
CA VAL B 19 6.66 -6.27 9.33
C VAL B 19 8.17 -6.32 9.13
N LYS B 20 8.91 -6.12 10.21
CA LYS B 20 10.36 -6.15 10.16
C LYS B 20 10.88 -7.45 9.57
N GLU B 21 10.12 -8.52 9.76
CA GLU B 21 10.50 -9.83 9.23
C GLU B 21 10.27 -9.90 7.74
N LEU B 22 9.08 -9.48 7.30
CA LEU B 22 8.75 -9.49 5.88
C LEU B 22 9.61 -8.50 5.11
N SER B 23 9.88 -7.35 5.73
CA SER B 23 10.70 -6.31 5.09
C SER B 23 12.18 -6.70 5.06
N HIS B 24 12.65 -7.28 6.15
CA HIS B 24 14.05 -7.68 6.26
C HIS B 24 14.32 -9.00 5.54
N LYS B 25 13.30 -9.86 5.48
CA LYS B 25 13.46 -11.16 4.83
C LYS B 25 13.35 -11.03 3.30
N PHE B 26 12.32 -10.32 2.85
CA PHE B 26 12.10 -10.14 1.42
C PHE B 26 12.72 -8.82 0.93
N GLY B 27 12.21 -7.71 1.42
CA GLY B 27 12.72 -6.42 1.01
C GLY B 27 11.62 -5.45 0.62
N ILE B 28 10.90 -4.95 1.61
CA ILE B 28 9.80 -4.01 1.37
C ILE B 28 9.68 -3.01 2.50
N PRO B 29 9.26 -1.76 2.20
CA PRO B 29 9.10 -0.72 3.23
C PRO B 29 8.16 -1.14 4.35
N ASN B 30 7.97 -0.27 5.32
CA ASN B 30 7.09 -0.55 6.45
C ASN B 30 5.63 -0.50 6.03
N LEU B 31 5.31 0.45 5.16
CA LEU B 31 3.94 0.60 4.68
C LEU B 31 3.45 -0.66 3.99
N VAL B 32 4.18 -1.09 2.96
CA VAL B 32 3.81 -2.28 2.21
C VAL B 32 3.77 -3.51 3.12
N ALA B 33 4.78 -3.64 3.98
CA ALA B 33 4.84 -4.77 4.90
C ALA B 33 3.68 -4.74 5.89
N ARG B 34 3.31 -3.54 6.32
CA ARG B 34 2.21 -3.37 7.26
C ARG B 34 0.91 -3.92 6.68
N GLN B 35 0.74 -3.76 5.37
CA GLN B 35 -0.46 -4.22 4.69
C GLN B 35 -0.65 -5.73 4.89
N ILE B 36 0.46 -6.46 4.85
CA ILE B 36 0.42 -7.90 5.03
C ILE B 36 -0.11 -8.27 6.42
N VAL B 37 0.52 -7.70 7.44
CA VAL B 37 0.10 -7.95 8.82
C VAL B 37 -1.28 -7.39 9.08
N ASN B 38 -1.57 -6.22 8.52
CA ASN B 38 -2.86 -5.58 8.70
C ASN B 38 -3.97 -6.41 8.06
N SER B 39 -3.64 -7.06 6.93
CA SER B 39 -4.61 -7.89 6.23
C SER B 39 -4.96 -9.14 7.05
N CYS B 40 -3.98 -9.62 7.82
CA CYS B 40 -4.19 -10.80 8.65
C CYS B 40 -5.29 -10.56 9.67
N ALA B 41 -6.28 -11.46 9.69
CA ALA B 41 -7.40 -11.35 10.62
C ALA B 41 -7.01 -11.83 12.02
N GLN B 42 -6.04 -12.73 12.08
CA GLN B 42 -5.57 -13.27 13.36
C GLN B 42 -4.62 -12.30 14.06
N CYS B 43 -4.06 -11.35 13.31
CA CYS B 43 -3.12 -10.39 13.87
C CYS B 43 -3.78 -9.03 14.08
N GLN B 44 -4.79 -8.73 13.28
CA GLN B 44 -5.50 -7.46 13.38
C GLN B 44 -6.18 -7.32 14.74
N GLN B 45 -6.80 -8.40 15.20
CA GLN B 45 -7.49 -8.38 16.49
C GLN B 45 -6.52 -8.61 17.64
N LYS B 46 -6.92 -8.23 18.84
CA LYS B 46 -6.09 -8.38 20.02
C LYS B 46 -6.78 -9.23 21.08
N GLY B 47 -8.03 -9.24 21.10
N PHE A 1 10.80 3.78 -4.45
CA PHE A 1 9.38 3.53 -4.11
C PHE A 1 8.66 4.82 -3.75
N LEU A 2 9.11 5.46 -2.67
CA LEU A 2 8.49 6.70 -2.22
C LEU A 2 8.76 7.84 -3.21
N GLU A 3 9.87 7.75 -3.94
CA GLU A 3 10.24 8.78 -4.92
C GLU A 3 9.13 9.00 -5.94
N LYS A 4 8.58 7.92 -6.48
CA LYS A 4 7.52 8.01 -7.48
C LYS A 4 6.14 8.02 -6.84
N ILE A 5 6.02 7.43 -5.66
CA ILE A 5 4.75 7.37 -4.95
C ILE A 5 4.40 8.71 -4.29
N GLU A 6 5.41 9.43 -3.82
CA GLU A 6 5.18 10.72 -3.18
C GLU A 6 4.49 11.70 -4.15
N PRO A 7 5.10 11.96 -5.32
CA PRO A 7 4.54 12.87 -6.33
C PRO A 7 3.05 12.61 -6.59
N ALA A 8 2.68 11.33 -6.61
CA ALA A 8 1.30 10.94 -6.85
C ALA A 8 0.39 11.37 -5.70
N GLN A 9 0.94 11.39 -4.49
CA GLN A 9 0.17 11.79 -3.32
C GLN A 9 -0.13 13.29 -3.35
N GLU A 10 0.84 14.08 -3.81
CA GLU A 10 0.67 15.52 -3.91
C GLU A 10 -0.34 15.88 -4.98
N GLU A 11 -0.43 15.05 -6.01
CA GLU A 11 -1.37 15.28 -7.11
C GLU A 11 -2.82 15.19 -6.62
N HIS A 12 -3.11 14.15 -5.83
CA HIS A 12 -4.46 13.98 -5.32
C HIS A 12 -4.83 15.14 -4.40
N GLU A 13 -3.88 15.58 -3.60
CA GLU A 13 -4.11 16.68 -2.66
C GLU A 13 -4.40 18.00 -3.38
N LYS A 14 -4.17 18.06 -4.68
CA LYS A 14 -4.39 19.29 -5.43
C LYS A 14 -5.65 19.24 -6.30
N TYR A 15 -6.10 18.04 -6.66
CA TYR A 15 -7.29 17.91 -7.51
C TYR A 15 -8.13 16.67 -7.16
N HIS A 16 -7.90 16.10 -5.98
CA HIS A 16 -8.62 14.90 -5.52
C HIS A 16 -8.77 13.87 -6.65
N SER A 17 -7.70 13.70 -7.41
CA SER A 17 -7.68 12.75 -8.53
C SER A 17 -7.95 11.33 -8.04
N ASN A 18 -8.82 10.63 -8.76
CA ASN A 18 -9.17 9.25 -8.41
C ASN A 18 -8.02 8.30 -8.72
N VAL A 19 -8.19 7.03 -8.35
CA VAL A 19 -7.17 6.01 -8.58
C VAL A 19 -6.79 5.92 -10.06
N LYS A 20 -7.79 5.79 -10.92
CA LYS A 20 -7.56 5.70 -12.36
C LYS A 20 -6.73 6.88 -12.86
N GLU A 21 -6.87 8.01 -12.20
CA GLU A 21 -6.12 9.21 -12.55
C GLU A 21 -4.66 9.06 -12.15
N LEU A 22 -4.43 8.77 -10.87
CA LEU A 22 -3.08 8.60 -10.35
C LEU A 22 -2.40 7.40 -11.01
N SER A 23 -3.19 6.37 -11.31
CA SER A 23 -2.67 5.17 -11.93
C SER A 23 -2.37 5.38 -13.42
N HIS A 24 -3.23 6.15 -14.08
CA HIS A 24 -3.05 6.43 -15.50
C HIS A 24 -2.01 7.52 -15.73
N LYS A 25 -1.93 8.46 -14.78
CA LYS A 25 -0.99 9.56 -14.88
C LYS A 25 0.42 9.13 -14.50
N PHE A 26 0.57 8.55 -13.31
CA PHE A 26 1.87 8.11 -12.84
C PHE A 26 2.15 6.64 -13.22
N GLY A 27 1.24 6.02 -13.95
CA GLY A 27 1.43 4.64 -14.36
C GLY A 27 1.67 3.70 -13.19
N ILE A 28 0.98 3.97 -12.08
CA ILE A 28 1.12 3.13 -10.88
C ILE A 28 -0.08 2.19 -10.73
N PRO A 29 0.13 1.00 -10.14
CA PRO A 29 -0.95 0.02 -9.94
C PRO A 29 -2.13 0.62 -9.18
N ASN A 30 -3.26 -0.07 -9.24
CA ASN A 30 -4.47 0.39 -8.55
C ASN A 30 -4.26 0.39 -7.04
N LEU A 31 -3.47 -0.56 -6.56
CA LEU A 31 -3.17 -0.67 -5.13
C LEU A 31 -2.51 0.60 -4.62
N VAL A 32 -1.40 0.97 -5.26
CA VAL A 32 -0.66 2.17 -4.87
C VAL A 32 -1.56 3.41 -4.95
N ALA A 33 -2.23 3.59 -6.08
CA ALA A 33 -3.12 4.72 -6.26
C ALA A 33 -4.25 4.70 -5.24
N ARG A 34 -4.74 3.51 -4.93
CA ARG A 34 -5.82 3.35 -3.96
C ARG A 34 -5.40 3.90 -2.60
N GLN A 35 -4.13 3.72 -2.26
CA GLN A 35 -3.61 4.20 -0.99
C GLN A 35 -3.74 5.72 -0.89
N ILE A 36 -3.56 6.40 -2.00
CA ILE A 36 -3.66 7.86 -2.04
C ILE A 36 -5.10 8.30 -1.79
N VAL A 37 -6.03 7.78 -2.59
CA VAL A 37 -7.44 8.12 -2.44
C VAL A 37 -7.98 7.60 -1.11
N ASN A 38 -7.52 6.40 -0.72
CA ASN A 38 -7.95 5.80 0.54
C ASN A 38 -7.49 6.64 1.73
N SER A 39 -6.34 7.28 1.58
CA SER A 39 -5.79 8.12 2.65
C SER A 39 -6.60 9.39 2.79
N CYS A 40 -7.15 9.88 1.68
CA CYS A 40 -7.95 11.10 1.69
C CYS A 40 -9.24 10.90 2.48
N ALA A 41 -9.37 11.62 3.59
CA ALA A 41 -10.56 11.52 4.42
C ALA A 41 -11.77 12.16 3.75
N GLN A 42 -11.53 13.24 3.01
CA GLN A 42 -12.60 13.95 2.32
C GLN A 42 -13.20 13.07 1.22
N CYS A 43 -12.38 12.20 0.65
CA CYS A 43 -12.83 11.31 -0.41
C CYS A 43 -13.33 9.98 0.16
N GLN A 44 -12.85 9.61 1.35
CA GLN A 44 -13.26 8.37 1.99
C GLN A 44 -14.78 8.32 2.19
N GLN A 45 -15.31 9.34 2.85
CA GLN A 45 -16.75 9.41 3.10
C GLN A 45 -17.49 9.86 1.85
N LYS A 46 -18.54 9.11 1.50
CA LYS A 46 -19.33 9.43 0.32
C LYS A 46 -20.52 10.32 0.68
N GLY A 47 -20.94 10.28 1.86
N PHE B 1 4.94 -5.93 -9.44
CA PHE B 1 4.47 -5.43 -8.12
C PHE B 1 3.85 -6.54 -7.29
N LEU B 2 2.76 -7.11 -7.79
CA LEU B 2 2.07 -8.18 -7.08
C LEU B 2 2.91 -9.45 -7.06
N GLU B 3 3.78 -9.61 -8.05
CA GLU B 3 4.63 -10.80 -8.14
C GLU B 3 5.47 -10.98 -6.89
N LYS B 4 6.09 -9.90 -6.42
CA LYS B 4 6.94 -9.96 -5.23
C LYS B 4 6.15 -9.67 -3.95
N ILE B 5 5.05 -8.94 -4.09
CA ILE B 5 4.22 -8.60 -2.93
C ILE B 5 3.34 -9.78 -2.50
N GLU B 6 2.90 -10.58 -3.46
CA GLU B 6 2.05 -11.73 -3.15
C GLU B 6 2.79 -12.70 -2.21
N PRO B 7 3.98 -13.20 -2.62
CA PRO B 7 4.77 -14.13 -1.80
C PRO B 7 4.89 -13.67 -0.35
N ALA B 8 5.05 -12.37 -0.15
CA ALA B 8 5.17 -11.81 1.19
C ALA B 8 3.88 -11.96 1.98
N GLN B 9 2.75 -11.91 1.28
CA GLN B 9 1.45 -12.04 1.93
C GLN B 9 1.24 -13.47 2.43
N GLU B 10 1.70 -14.44 1.65
CA GLU B 10 1.57 -15.84 2.01
C GLU B 10 2.45 -16.17 3.21
N GLU B 11 3.58 -15.46 3.33
CA GLU B 11 4.51 -15.69 4.42
C GLU B 11 3.87 -15.32 5.76
N HIS B 12 3.22 -14.16 5.81
CA HIS B 12 2.58 -13.73 7.04
C HIS B 12 1.46 -14.69 7.44
N GLU B 13 0.72 -15.17 6.45
CA GLU B 13 -0.38 -16.10 6.71
C GLU B 13 0.10 -17.44 7.26
N LYS B 14 1.41 -17.70 7.22
CA LYS B 14 1.94 -18.96 7.71
C LYS B 14 2.66 -18.83 9.05
N TYR B 15 3.13 -17.63 9.39
CA TYR B 15 3.83 -17.42 10.65
C TYR B 15 3.58 -16.04 11.25
N HIS B 16 2.52 -15.36 10.80
CA HIS B 16 2.17 -14.02 11.28
C HIS B 16 3.39 -13.12 11.43
N SER B 17 4.30 -13.22 10.46
CA SER B 17 5.52 -12.43 10.47
C SER B 17 5.21 -10.93 10.48
N ASN B 18 5.92 -10.19 11.33
CA ASN B 18 5.73 -8.75 11.44
C ASN B 18 6.31 -8.03 10.23
N VAL B 19 6.09 -6.71 10.17
CA VAL B 19 6.59 -5.90 9.07
C VAL B 19 8.10 -6.05 8.89
N LYS B 20 8.84 -5.87 9.97
CA LYS B 20 10.30 -6.00 9.93
C LYS B 20 10.73 -7.33 9.34
N GLU B 21 9.89 -8.34 9.54
CA GLU B 21 10.16 -9.68 9.01
C GLU B 21 9.95 -9.71 7.50
N LEU B 22 8.77 -9.30 7.06
CA LEU B 22 8.44 -9.26 5.65
C LEU B 22 9.34 -8.28 4.90
N SER B 23 9.69 -7.19 5.58
CA SER B 23 10.53 -6.16 4.99
C SER B 23 11.98 -6.60 4.93
N HIS B 24 12.43 -7.31 5.96
CA HIS B 24 13.81 -7.78 6.02
C HIS B 24 13.99 -9.04 5.19
N LYS B 25 12.95 -9.85 5.11
CA LYS B 25 13.00 -11.09 4.34
C LYS B 25 12.86 -10.83 2.84
N PHE B 26 11.78 -10.15 2.46
CA PHE B 26 11.53 -9.84 1.06
C PHE B 26 12.13 -8.50 0.63
N GLY B 27 12.85 -7.84 1.55
CA GLY B 27 13.47 -6.56 1.22
C GLY B 27 12.47 -5.53 0.71
N ILE B 28 11.26 -5.56 1.27
CA ILE B 28 10.23 -4.61 0.85
C ILE B 28 10.07 -3.49 1.88
N PRO B 29 9.68 -2.28 1.44
CA PRO B 29 9.49 -1.13 2.33
C PRO B 29 8.53 -1.45 3.48
N ASN B 30 8.54 -0.60 4.51
CA ASN B 30 7.67 -0.80 5.65
C ASN B 30 6.20 -0.64 5.24
N LEU B 31 5.95 0.23 4.27
CA LEU B 31 4.60 0.47 3.77
C LEU B 31 4.00 -0.82 3.22
N VAL B 32 4.70 -1.43 2.27
CA VAL B 32 4.24 -2.66 1.66
C VAL B 32 4.03 -3.75 2.71
N ALA B 33 5.04 -3.96 3.55
CA ALA B 33 4.96 -4.97 4.60
C ALA B 33 3.82 -4.65 5.56
N ARG B 34 3.63 -3.36 5.84
CA ARG B 34 2.57 -2.93 6.75
C ARG B 34 1.20 -3.36 6.24
N GLN B 35 1.04 -3.35 4.92
CA GLN B 35 -0.22 -3.74 4.29
C GLN B 35 -0.54 -5.19 4.61
N ILE B 36 0.49 -6.03 4.68
CA ILE B 36 0.30 -7.44 4.98
C ILE B 36 -0.18 -7.62 6.42
N VAL B 37 0.57 -7.07 7.36
CA VAL B 37 0.21 -7.17 8.77
C VAL B 37 -1.08 -6.41 9.05
N ASN B 38 -1.25 -5.27 8.39
CA ASN B 38 -2.44 -4.46 8.57
C ASN B 38 -3.67 -5.19 8.07
N SER B 39 -3.49 -6.03 7.04
CA SER B 39 -4.59 -6.80 6.47
C SER B 39 -5.01 -7.91 7.41
N CYS B 40 -4.05 -8.43 8.17
CA CYS B 40 -4.33 -9.51 9.12
C CYS B 40 -5.22 -9.02 10.25
N ALA B 41 -6.43 -9.58 10.33
CA ALA B 41 -7.38 -9.19 11.36
C ALA B 41 -6.94 -9.72 12.73
N GLN B 42 -6.34 -10.91 12.73
CA GLN B 42 -5.88 -11.52 13.98
C GLN B 42 -4.75 -10.71 14.60
N CYS B 43 -3.97 -10.05 13.76
CA CYS B 43 -2.86 -9.22 14.22
C CYS B 43 -3.29 -7.78 14.46
N GLN B 44 -4.35 -7.36 13.77
CA GLN B 44 -4.85 -5.99 13.92
C GLN B 44 -5.22 -5.69 15.37
N GLN B 45 -6.08 -6.53 15.95
CA GLN B 45 -6.51 -6.35 17.33
C GLN B 45 -5.43 -6.82 18.29
N LYS B 46 -5.09 -5.98 19.27
CA LYS B 46 -4.07 -6.32 20.27
C LYS B 46 -4.70 -6.96 21.49
N GLY B 47 -5.90 -6.72 21.73
N PHE A 1 9.37 2.80 -3.62
CA PHE A 1 7.95 2.90 -3.21
C PHE A 1 7.47 4.35 -3.18
N LEU A 2 8.29 5.22 -2.58
CA LEU A 2 7.95 6.63 -2.48
C LEU A 2 8.47 7.43 -3.69
N GLU A 3 8.86 6.72 -4.75
CA GLU A 3 9.37 7.38 -5.95
C GLU A 3 8.25 7.67 -6.93
N LYS A 4 7.48 6.65 -7.26
CA LYS A 4 6.37 6.80 -8.20
C LYS A 4 5.05 7.14 -7.49
N ILE A 5 4.95 6.76 -6.22
CA ILE A 5 3.73 7.02 -5.44
C ILE A 5 3.65 8.49 -5.03
N GLU A 6 4.78 9.06 -4.59
CA GLU A 6 4.81 10.45 -4.16
C GLU A 6 4.28 11.39 -5.26
N PRO A 7 4.88 11.35 -6.46
CA PRO A 7 4.44 12.21 -7.58
C PRO A 7 2.94 12.15 -7.79
N ALA A 8 2.36 10.98 -7.58
CA ALA A 8 0.92 10.79 -7.73
C ALA A 8 0.16 11.48 -6.60
N GLN A 9 0.79 11.55 -5.44
CA GLN A 9 0.19 12.20 -4.28
C GLN A 9 0.11 13.71 -4.49
N GLU A 10 1.13 14.26 -5.13
CA GLU A 10 1.17 15.69 -5.42
C GLU A 10 0.08 16.06 -6.42
N GLU A 11 -0.22 15.14 -7.33
CA GLU A 11 -1.24 15.37 -8.33
C GLU A 11 -2.63 15.39 -7.70
N HIS A 12 -2.84 14.54 -6.69
CA HIS A 12 -4.12 14.49 -6.02
C HIS A 12 -4.36 15.78 -5.25
N GLU A 13 -3.33 16.27 -4.59
CA GLU A 13 -3.44 17.50 -3.80
C GLU A 13 -3.78 18.72 -4.67
N LYS A 14 -3.69 18.59 -5.99
CA LYS A 14 -3.98 19.71 -6.88
C LYS A 14 -5.32 19.57 -7.61
N TYR A 15 -5.82 18.35 -7.75
CA TYR A 15 -7.09 18.14 -8.46
C TYR A 15 -7.92 17.00 -7.86
N HIS A 16 -7.57 16.54 -6.66
CA HIS A 16 -8.29 15.44 -5.99
C HIS A 16 -8.64 14.31 -6.95
N SER A 17 -7.68 13.97 -7.82
CA SER A 17 -7.89 12.89 -8.80
C SER A 17 -8.22 11.57 -8.10
N ASN A 18 -8.90 10.69 -8.81
CA ASN A 18 -9.29 9.40 -8.27
C ASN A 18 -8.18 8.37 -8.48
N VAL A 19 -8.48 7.11 -8.18
CA VAL A 19 -7.51 6.03 -8.34
C VAL A 19 -7.21 5.77 -9.80
N LYS A 20 -8.25 5.52 -10.58
CA LYS A 20 -8.09 5.23 -12.01
C LYS A 20 -7.36 6.37 -12.72
N GLU A 21 -7.59 7.60 -12.27
CA GLU A 21 -6.94 8.77 -12.85
C GLU A 21 -5.45 8.79 -12.52
N LEU A 22 -5.13 8.56 -11.26
CA LEU A 22 -3.74 8.55 -10.81
C LEU A 22 -3.01 7.33 -11.34
N SER A 23 -3.69 6.18 -11.34
CA SER A 23 -3.11 4.94 -11.82
C SER A 23 -2.92 4.97 -13.33
N HIS A 24 -3.85 5.61 -14.03
CA HIS A 24 -3.79 5.70 -15.48
C HIS A 24 -2.81 6.80 -15.93
N LYS A 25 -2.84 7.93 -15.21
CA LYS A 25 -1.97 9.06 -15.53
C LYS A 25 -0.51 8.73 -15.25
N PHE A 26 -0.27 8.07 -14.12
CA PHE A 26 1.09 7.70 -13.73
C PHE A 26 1.40 6.26 -14.11
N GLY A 27 0.78 5.32 -13.40
CA GLY A 27 1.02 3.92 -13.70
C GLY A 27 1.22 3.10 -12.44
N ILE A 28 0.33 3.27 -11.47
CA ILE A 28 0.41 2.54 -10.21
C ILE A 28 -0.85 1.70 -9.98
N PRO A 29 -0.72 0.51 -9.36
CA PRO A 29 -1.87 -0.36 -9.09
C PRO A 29 -3.00 0.36 -8.37
N ASN A 30 -4.21 -0.15 -8.52
CA ASN A 30 -5.38 0.45 -7.89
C ASN A 30 -5.21 0.47 -6.37
N LEU A 31 -4.48 -0.50 -5.85
CA LEU A 31 -4.24 -0.59 -4.41
C LEU A 31 -3.40 0.59 -3.93
N VAL A 32 -2.28 0.83 -4.59
CA VAL A 32 -1.39 1.92 -4.22
C VAL A 32 -2.08 3.27 -4.42
N ALA A 33 -2.75 3.42 -5.56
CA ALA A 33 -3.47 4.65 -5.87
C ALA A 33 -4.51 4.97 -4.80
N ARG A 34 -5.02 3.92 -4.15
CA ARG A 34 -6.02 4.08 -3.10
C ARG A 34 -5.40 4.68 -1.85
N GLN A 35 -4.13 4.37 -1.60
CA GLN A 35 -3.44 4.89 -0.42
C GLN A 35 -3.35 6.42 -0.46
N ILE A 36 -3.30 6.97 -1.68
CA ILE A 36 -3.22 8.41 -1.86
C ILE A 36 -4.54 9.07 -1.50
N VAL A 37 -5.61 8.65 -2.18
CA VAL A 37 -6.93 9.19 -1.93
C VAL A 37 -7.37 8.89 -0.50
N ASN A 38 -6.98 7.72 0.00
CA ASN A 38 -7.34 7.31 1.36
C ASN A 38 -6.73 8.26 2.38
N SER A 39 -5.59 8.86 2.02
CA SER A 39 -4.92 9.80 2.92
C SER A 39 -5.61 11.15 2.92
N CYS A 40 -6.19 11.53 1.78
CA CYS A 40 -6.89 12.81 1.67
C CYS A 40 -8.07 12.87 2.62
N ALA A 41 -8.16 13.94 3.39
CA ALA A 41 -9.24 14.12 4.35
C ALA A 41 -10.53 14.56 3.65
N GLN A 42 -10.42 15.59 2.81
CA GLN A 42 -11.57 16.11 2.09
C GLN A 42 -12.26 15.02 1.26
N CYS A 43 -11.48 14.04 0.83
CA CYS A 43 -12.02 12.94 0.04
C CYS A 43 -12.43 11.77 0.93
N GLN A 44 -11.71 11.60 2.05
CA GLN A 44 -12.00 10.53 2.99
C GLN A 44 -13.41 10.64 3.55
N GLN A 45 -13.77 11.86 3.99
CA GLN A 45 -15.09 12.10 4.55
C GLN A 45 -16.19 11.78 3.53
N LYS A 46 -17.33 11.32 4.04
CA LYS A 46 -18.46 10.97 3.18
C LYS A 46 -19.76 11.54 3.75
N GLY A 47 -20.63 11.92 2.94
N PHE B 1 4.37 -4.47 -8.25
CA PHE B 1 3.78 -4.30 -6.90
C PHE B 1 3.44 -5.64 -6.27
N LEU B 2 2.81 -6.51 -7.05
CA LEU B 2 2.44 -7.84 -6.56
C LEU B 2 3.54 -8.87 -6.81
N GLU B 3 4.74 -8.42 -7.13
CA GLU B 3 5.87 -9.30 -7.39
C GLU B 3 6.64 -9.59 -6.10
N LYS B 4 7.04 -8.53 -5.41
CA LYS B 4 7.81 -8.66 -4.18
C LYS B 4 6.90 -8.70 -2.95
N ILE B 5 5.71 -8.12 -3.06
CA ILE B 5 4.77 -8.09 -1.96
C ILE B 5 4.09 -9.45 -1.76
N GLU B 6 3.71 -10.10 -2.86
CA GLU B 6 3.05 -11.39 -2.79
C GLU B 6 3.89 -12.40 -2.00
N PRO B 7 5.15 -12.65 -2.43
CA PRO B 7 6.05 -13.58 -1.74
C PRO B 7 6.08 -13.35 -0.23
N ALA B 8 6.02 -12.09 0.17
CA ALA B 8 6.02 -11.73 1.58
C ALA B 8 4.71 -12.12 2.25
N GLN B 9 3.63 -12.10 1.47
CA GLN B 9 2.31 -12.48 1.99
C GLN B 9 2.27 -13.97 2.28
N GLU B 10 2.91 -14.75 1.42
CA GLU B 10 2.95 -16.20 1.59
C GLU B 10 3.73 -16.57 2.84
N GLU B 11 4.75 -15.76 3.16
CA GLU B 11 5.56 -16.00 4.34
C GLU B 11 4.78 -15.72 5.61
N HIS B 12 3.93 -14.71 5.57
CA HIS B 12 3.11 -14.37 6.73
C HIS B 12 2.11 -15.49 7.02
N GLU B 13 1.51 -16.02 5.97
CA GLU B 13 0.52 -17.07 6.11
C GLU B 13 1.11 -18.35 6.72
N LYS B 14 2.44 -18.44 6.79
CA LYS B 14 3.08 -19.64 7.33
C LYS B 14 3.66 -19.42 8.73
N TYR B 15 3.95 -18.18 9.10
CA TYR B 15 4.53 -17.90 10.43
C TYR B 15 4.04 -16.58 11.03
N HIS B 16 2.98 -16.00 10.46
CA HIS B 16 2.43 -14.72 10.94
C HIS B 16 3.52 -13.70 11.27
N SER B 17 4.55 -13.64 10.43
CA SER B 17 5.66 -12.71 10.64
C SER B 17 5.16 -11.27 10.70
N ASN B 18 5.92 -10.42 11.38
CA ASN B 18 5.57 -9.02 11.52
C ASN B 18 6.08 -8.20 10.34
N VAL B 19 5.96 -6.88 10.45
CA VAL B 19 6.42 -5.99 9.39
C VAL B 19 7.94 -6.00 9.26
N LYS B 20 8.62 -5.73 10.37
CA LYS B 20 10.09 -5.70 10.38
C LYS B 20 10.66 -7.02 9.88
N GLU B 21 9.99 -8.11 10.20
CA GLU B 21 10.45 -9.43 9.78
C GLU B 21 10.30 -9.61 8.28
N LEU B 22 9.13 -9.24 7.76
CA LEU B 22 8.86 -9.36 6.33
C LEU B 22 9.68 -8.34 5.54
N SER B 23 9.79 -7.13 6.07
CA SER B 23 10.54 -6.07 5.42
C SER B 23 12.04 -6.36 5.45
N HIS B 24 12.50 -6.97 6.53
CA HIS B 24 13.92 -7.29 6.68
C HIS B 24 14.27 -8.57 5.93
N LYS B 25 13.38 -9.56 5.98
CA LYS B 25 13.61 -10.83 5.30
C LYS B 25 13.56 -10.66 3.79
N PHE B 26 12.60 -9.89 3.32
CA PHE B 26 12.43 -9.67 1.88
C PHE B 26 13.09 -8.35 1.46
N GLY B 27 12.49 -7.23 1.86
CA GLY B 27 13.04 -5.93 1.51
C GLY B 27 11.97 -4.96 1.03
N ILE B 28 10.89 -4.86 1.79
CA ILE B 28 9.80 -3.96 1.45
C ILE B 28 9.56 -2.93 2.55
N PRO B 29 9.18 -1.70 2.19
CA PRO B 29 8.92 -0.64 3.18
C PRO B 29 7.97 -1.08 4.28
N ASN B 30 8.06 -0.43 5.43
CA ASN B 30 7.19 -0.75 6.57
C ASN B 30 5.72 -0.58 6.20
N LEU B 31 5.46 0.36 5.28
CA LEU B 31 4.10 0.64 4.83
C LEU B 31 3.53 -0.55 4.08
N VAL B 32 4.27 -1.06 3.10
CA VAL B 32 3.82 -2.19 2.31
C VAL B 32 3.71 -3.44 3.17
N ALA B 33 4.72 -3.66 4.01
CA ALA B 33 4.73 -4.82 4.90
C ALA B 33 3.50 -4.82 5.81
N ARG B 34 2.99 -3.63 6.10
CA ARG B 34 1.81 -3.48 6.96
C ARG B 34 0.55 -3.96 6.24
N GLN B 35 0.52 -3.81 4.92
CA GLN B 35 -0.64 -4.23 4.14
C GLN B 35 -0.85 -5.73 4.24
N ILE B 36 0.24 -6.47 4.42
CA ILE B 36 0.19 -7.92 4.54
C ILE B 36 -0.42 -8.32 5.87
N VAL B 37 0.19 -7.86 6.96
CA VAL B 37 -0.31 -8.17 8.29
C VAL B 37 -1.72 -7.60 8.49
N ASN B 38 -1.95 -6.42 7.91
CA ASN B 38 -3.25 -5.77 8.01
C ASN B 38 -4.34 -6.63 7.38
N SER B 39 -3.96 -7.44 6.39
CA SER B 39 -4.92 -8.30 5.71
C SER B 39 -5.24 -9.54 6.55
N CYS B 40 -4.26 -10.00 7.32
CA CYS B 40 -4.44 -11.16 8.18
C CYS B 40 -5.52 -10.91 9.22
N ALA B 41 -6.48 -11.83 9.32
CA ALA B 41 -7.56 -11.71 10.27
C ALA B 41 -7.12 -12.06 11.69
N GLN B 42 -6.46 -13.21 11.82
CA GLN B 42 -5.97 -13.68 13.12
C GLN B 42 -5.07 -12.65 13.77
N CYS B 43 -4.39 -11.85 12.96
CA CYS B 43 -3.48 -10.83 13.46
C CYS B 43 -4.20 -9.48 13.60
N GLN B 44 -5.19 -9.26 12.72
CA GLN B 44 -5.96 -8.02 12.74
C GLN B 44 -6.69 -7.85 14.06
N GLN B 45 -7.37 -8.91 14.50
CA GLN B 45 -8.12 -8.88 15.75
C GLN B 45 -7.20 -8.57 16.94
N LYS B 46 -7.75 -7.87 17.93
CA LYS B 46 -6.99 -7.51 19.12
C LYS B 46 -7.79 -7.80 20.39
N GLY B 47 -7.17 -8.18 21.40
N PHE A 1 10.16 2.94 -3.33
CA PHE A 1 8.69 2.85 -3.25
C PHE A 1 8.05 4.23 -3.20
N LEU A 2 8.65 5.13 -2.42
CA LEU A 2 8.15 6.49 -2.29
C LEU A 2 8.76 7.43 -3.32
N GLU A 3 9.30 6.89 -4.40
CA GLU A 3 9.91 7.70 -5.45
C GLU A 3 8.88 8.10 -6.51
N LYS A 4 8.35 7.11 -7.23
CA LYS A 4 7.36 7.38 -8.27
C LYS A 4 5.95 7.48 -7.69
N ILE A 5 5.74 6.90 -6.51
CA ILE A 5 4.43 6.95 -5.87
C ILE A 5 4.15 8.34 -5.28
N GLU A 6 5.21 9.00 -4.79
CA GLU A 6 5.08 10.33 -4.21
C GLU A 6 4.45 11.30 -5.21
N PRO A 7 5.08 11.51 -6.38
CA PRO A 7 4.56 12.42 -7.41
C PRO A 7 3.05 12.30 -7.62
N ALA A 8 2.54 11.08 -7.49
CA ALA A 8 1.11 10.82 -7.66
C ALA A 8 0.31 11.49 -6.56
N GLN A 9 0.87 11.49 -5.34
CA GLN A 9 0.20 12.10 -4.20
C GLN A 9 0.06 13.60 -4.40
N GLU A 10 1.11 14.22 -4.94
CA GLU A 10 1.10 15.65 -5.18
C GLU A 10 0.04 16.01 -6.23
N GLU A 11 -0.18 15.10 -7.17
CA GLU A 11 -1.16 15.32 -8.22
C GLU A 11 -2.57 15.40 -7.65
N HIS A 12 -2.89 14.50 -6.73
CA HIS A 12 -4.20 14.50 -6.12
C HIS A 12 -4.43 15.79 -5.33
N GLU A 13 -3.42 16.22 -4.61
CA GLU A 13 -3.52 17.44 -3.80
C GLU A 13 -3.71 18.69 -4.66
N LYS A 14 -3.52 18.56 -5.98
CA LYS A 14 -3.65 19.71 -6.88
C LYS A 14 -4.95 19.67 -7.69
N TYR A 15 -5.54 18.49 -7.87
CA TYR A 15 -6.77 18.37 -8.65
C TYR A 15 -7.69 17.25 -8.14
N HIS A 16 -7.48 16.80 -6.91
CA HIS A 16 -8.28 15.72 -6.29
C HIS A 16 -8.56 14.58 -7.28
N SER A 17 -7.54 14.22 -8.06
CA SER A 17 -7.66 13.16 -9.05
C SER A 17 -8.08 11.85 -8.41
N ASN A 18 -8.86 11.05 -9.12
CA ASN A 18 -9.32 9.77 -8.63
C ASN A 18 -8.28 8.68 -8.86
N VAL A 19 -8.48 7.52 -8.26
CA VAL A 19 -7.56 6.39 -8.40
C VAL A 19 -7.26 6.11 -9.86
N LYS A 20 -8.31 5.97 -10.66
CA LYS A 20 -8.16 5.68 -12.09
C LYS A 20 -7.33 6.77 -12.77
N GLU A 21 -7.39 7.98 -12.24
CA GLU A 21 -6.63 9.10 -12.80
C GLU A 21 -5.17 9.06 -12.36
N LEU A 22 -4.95 8.63 -11.11
CA LEU A 22 -3.60 8.54 -10.57
C LEU A 22 -2.87 7.33 -11.15
N SER A 23 -3.58 6.23 -11.32
CA SER A 23 -2.99 5.01 -11.86
C SER A 23 -2.81 5.11 -13.37
N HIS A 24 -3.73 5.80 -14.03
CA HIS A 24 -3.68 5.96 -15.48
C HIS A 24 -2.70 7.05 -15.87
N LYS A 25 -2.56 8.05 -15.01
CA LYS A 25 -1.66 9.17 -15.28
C LYS A 25 -0.21 8.81 -14.96
N PHE A 26 -0.02 8.03 -13.90
CA PHE A 26 1.32 7.62 -13.48
C PHE A 26 1.57 6.15 -13.79
N GLY A 27 0.70 5.28 -13.29
CA GLY A 27 0.86 3.86 -13.53
C GLY A 27 0.69 3.00 -12.28
N ILE A 28 0.72 3.64 -11.11
CA ILE A 28 0.57 2.93 -9.84
C ILE A 28 -0.71 2.10 -9.82
N PRO A 29 -0.70 0.91 -9.18
CA PRO A 29 -1.87 0.04 -9.10
C PRO A 29 -3.01 0.67 -8.29
N ASN A 30 -4.15 0.00 -8.28
CA ASN A 30 -5.32 0.50 -7.55
C ASN A 30 -5.04 0.59 -6.06
N LEU A 31 -4.21 -0.31 -5.55
CA LEU A 31 -3.88 -0.33 -4.13
C LEU A 31 -3.16 0.96 -3.71
N VAL A 32 -2.02 1.24 -4.35
CA VAL A 32 -1.25 2.43 -4.04
C VAL A 32 -2.03 3.69 -4.37
N ALA A 33 -2.87 3.62 -5.40
CA ALA A 33 -3.67 4.76 -5.81
C ALA A 33 -4.79 5.04 -4.82
N ARG A 34 -5.39 3.97 -4.30
CA ARG A 34 -6.48 4.10 -3.33
C ARG A 34 -5.99 4.80 -2.06
N GLN A 35 -4.72 4.58 -1.72
CA GLN A 35 -4.13 5.18 -0.54
C GLN A 35 -4.07 6.70 -0.67
N ILE A 36 -3.82 7.18 -1.88
CA ILE A 36 -3.74 8.61 -2.14
C ILE A 36 -5.09 9.27 -1.88
N VAL A 37 -6.12 8.77 -2.56
CA VAL A 37 -7.47 9.31 -2.40
C VAL A 37 -7.95 9.13 -0.96
N ASN A 38 -7.65 7.96 -0.40
CA ASN A 38 -8.05 7.66 0.97
C ASN A 38 -7.41 8.65 1.95
N SER A 39 -6.13 8.96 1.70
CA SER A 39 -5.40 9.89 2.55
C SER A 39 -6.07 11.26 2.56
N CYS A 40 -6.70 11.61 1.44
CA CYS A 40 -7.39 12.89 1.32
C CYS A 40 -8.60 12.95 2.25
N ALA A 41 -8.57 13.90 3.17
CA ALA A 41 -9.67 14.07 4.12
C ALA A 41 -10.90 14.71 3.46
N GLN A 42 -10.65 15.50 2.43
CA GLN A 42 -11.73 16.18 1.72
C GLN A 42 -12.48 15.23 0.78
N CYS A 43 -11.82 14.15 0.37
CA CYS A 43 -12.43 13.17 -0.53
C CYS A 43 -13.01 11.98 0.24
N GLN A 44 -12.49 11.72 1.43
CA GLN A 44 -12.97 10.60 2.24
C GLN A 44 -14.38 10.87 2.76
N GLN A 45 -14.62 12.12 3.15
CA GLN A 45 -15.93 12.53 3.67
C GLN A 45 -16.94 12.72 2.54
N LYS A 46 -18.16 13.12 2.90
CA LYS A 46 -19.21 13.34 1.92
C LYS A 46 -19.51 12.07 1.13
N GLY A 47 -18.84 11.84 0.10
N PHE B 1 4.00 -4.90 -9.11
CA PHE B 1 3.75 -4.58 -7.68
C PHE B 1 3.42 -5.84 -6.88
N LEU B 2 2.60 -6.71 -7.46
CA LEU B 2 2.20 -7.94 -6.81
C LEU B 2 3.16 -9.09 -7.12
N GLU B 3 4.36 -8.77 -7.57
CA GLU B 3 5.35 -9.80 -7.92
C GLU B 3 6.20 -10.16 -6.70
N LYS B 4 6.99 -9.22 -6.22
CA LYS B 4 7.86 -9.45 -5.07
C LYS B 4 7.10 -9.27 -3.74
N ILE B 5 6.00 -8.52 -3.78
CA ILE B 5 5.21 -8.29 -2.58
C ILE B 5 4.39 -9.52 -2.21
N GLU B 6 3.94 -10.27 -3.22
CA GLU B 6 3.15 -11.47 -3.00
C GLU B 6 3.92 -12.46 -2.10
N PRO B 7 5.11 -12.91 -2.53
CA PRO B 7 5.94 -13.85 -1.75
C PRO B 7 5.97 -13.52 -0.26
N ALA B 8 5.97 -12.23 0.06
CA ALA B 8 5.99 -11.79 1.45
C ALA B 8 4.71 -12.18 2.18
N GLN B 9 3.58 -12.10 1.46
CA GLN B 9 2.30 -12.44 2.04
C GLN B 9 2.25 -13.92 2.40
N GLU B 10 2.82 -14.76 1.54
CA GLU B 10 2.85 -16.20 1.77
C GLU B 10 3.69 -16.53 2.99
N GLU B 11 4.72 -15.71 3.23
CA GLU B 11 5.61 -15.91 4.36
C GLU B 11 4.88 -15.70 5.68
N HIS B 12 4.05 -14.66 5.74
CA HIS B 12 3.30 -14.37 6.95
C HIS B 12 2.30 -15.49 7.23
N GLU B 13 1.65 -16.00 6.19
CA GLU B 13 0.67 -17.05 6.35
C GLU B 13 1.31 -18.37 6.83
N LYS B 14 2.64 -18.45 6.81
CA LYS B 14 3.34 -19.66 7.22
C LYS B 14 3.99 -19.52 8.61
N TYR B 15 4.27 -18.29 9.04
CA TYR B 15 4.91 -18.09 10.35
C TYR B 15 4.46 -16.79 11.03
N HIS B 16 3.34 -16.23 10.58
CA HIS B 16 2.80 -14.96 11.12
C HIS B 16 3.90 -13.93 11.39
N SER B 17 4.84 -13.85 10.46
CA SER B 17 5.96 -12.91 10.57
C SER B 17 5.46 -11.46 10.70
N ASN B 18 6.20 -10.67 11.47
CA ASN B 18 5.84 -9.27 11.68
C ASN B 18 6.36 -8.41 10.53
N VAL B 19 5.91 -7.14 10.49
CA VAL B 19 6.32 -6.20 9.45
C VAL B 19 7.85 -6.15 9.33
N LYS B 20 8.52 -5.96 10.45
CA LYS B 20 9.98 -5.90 10.47
C LYS B 20 10.60 -7.17 9.90
N GLU B 21 9.88 -8.28 10.04
CA GLU B 21 10.36 -9.56 9.54
C GLU B 21 10.10 -9.69 8.03
N LEU B 22 8.98 -9.15 7.59
CA LEU B 22 8.62 -9.20 6.17
C LEU B 22 9.45 -8.21 5.36
N SER B 23 9.70 -7.04 5.94
CA SER B 23 10.48 -6.00 5.27
C SER B 23 11.97 -6.32 5.32
N HIS B 24 12.41 -6.94 6.42
CA HIS B 24 13.82 -7.28 6.58
C HIS B 24 14.16 -8.57 5.83
N LYS B 25 13.18 -9.45 5.71
CA LYS B 25 13.39 -10.72 5.01
C LYS B 25 13.29 -10.55 3.50
N PHE B 26 12.39 -9.67 3.06
CA PHE B 26 12.21 -9.43 1.63
C PHE B 26 12.76 -8.07 1.23
N GLY B 27 12.30 -7.01 1.89
CA GLY B 27 12.76 -5.67 1.58
C GLY B 27 11.64 -4.66 1.46
N ILE B 28 10.40 -5.14 1.34
CA ILE B 28 9.24 -4.25 1.22
C ILE B 28 9.18 -3.24 2.36
N PRO B 29 8.73 -1.99 2.09
CA PRO B 29 8.64 -0.95 3.12
C PRO B 29 7.62 -1.29 4.20
N ASN B 30 7.57 -0.46 5.24
CA ASN B 30 6.63 -0.67 6.34
C ASN B 30 5.18 -0.61 5.87
N LEU B 31 4.92 0.21 4.86
CA LEU B 31 3.58 0.36 4.33
C LEU B 31 3.06 -0.96 3.74
N VAL B 32 3.78 -1.48 2.76
CA VAL B 32 3.39 -2.74 2.11
C VAL B 32 3.44 -3.90 3.10
N ALA B 33 4.36 -3.83 4.06
CA ALA B 33 4.50 -4.88 5.06
C ALA B 33 3.34 -4.84 6.05
N ARG B 34 2.91 -3.63 6.43
CA ARG B 34 1.81 -3.48 7.37
C ARG B 34 0.54 -4.08 6.81
N GLN B 35 0.39 -4.01 5.49
CA GLN B 35 -0.80 -4.54 4.82
C GLN B 35 -0.88 -6.05 4.99
N ILE B 36 0.27 -6.71 4.98
CA ILE B 36 0.31 -8.16 5.13
C ILE B 36 -0.19 -8.57 6.51
N VAL B 37 0.41 -8.01 7.55
CA VAL B 37 0.02 -8.31 8.93
C VAL B 37 -1.42 -7.87 9.16
N ASN B 38 -1.77 -6.70 8.64
CA ASN B 38 -3.11 -6.17 8.79
C ASN B 38 -4.14 -7.10 8.15
N SER B 39 -3.78 -7.64 6.99
CA SER B 39 -4.67 -8.56 6.27
C SER B 39 -4.96 -9.79 7.12
N CYS B 40 -3.99 -10.19 7.94
CA CYS B 40 -4.15 -11.35 8.80
C CYS B 40 -5.22 -11.09 9.86
N ALA B 41 -6.26 -11.91 9.84
CA ALA B 41 -7.35 -11.79 10.81
C ALA B 41 -6.95 -12.31 12.18
N GLN B 42 -6.01 -13.26 12.21
CA GLN B 42 -5.55 -13.85 13.45
C GLN B 42 -4.58 -12.92 14.19
N CYS B 43 -3.94 -12.02 13.45
CA CYS B 43 -2.99 -11.08 14.05
C CYS B 43 -3.63 -9.73 14.34
N GLN B 44 -4.70 -9.39 13.63
CA GLN B 44 -5.39 -8.12 13.83
C GLN B 44 -6.12 -8.11 15.18
N GLN B 45 -6.70 -9.25 15.54
CA GLN B 45 -7.43 -9.37 16.80
C GLN B 45 -6.47 -9.55 17.97
N LYS B 46 -7.03 -9.71 19.17
CA LYS B 46 -6.23 -9.89 20.37
C LYS B 46 -5.31 -8.70 20.60
N GLY B 47 -4.19 -8.70 20.06
N PHE A 1 10.67 4.02 -4.74
CA PHE A 1 9.29 3.72 -4.30
C PHE A 1 8.55 4.99 -3.86
N LEU A 2 8.79 5.43 -2.63
CA LEU A 2 8.14 6.63 -2.12
C LEU A 2 8.53 7.87 -2.94
N GLU A 3 9.63 7.77 -3.69
CA GLU A 3 10.10 8.89 -4.50
C GLU A 3 9.03 9.33 -5.51
N LYS A 4 8.51 8.37 -6.26
CA LYS A 4 7.49 8.66 -7.27
C LYS A 4 6.08 8.56 -6.67
N ILE A 5 5.92 7.73 -5.65
CA ILE A 5 4.63 7.55 -5.01
C ILE A 5 4.21 8.82 -4.24
N GLU A 6 5.19 9.51 -3.67
CA GLU A 6 4.91 10.74 -2.92
C GLU A 6 4.22 11.78 -3.81
N PRO A 7 4.88 12.24 -4.90
CA PRO A 7 4.31 13.23 -5.81
C PRO A 7 2.85 12.95 -6.14
N ALA A 8 2.50 11.67 -6.22
CA ALA A 8 1.13 11.26 -6.53
C ALA A 8 0.19 11.61 -5.39
N GLN A 9 0.66 11.43 -4.16
CA GLN A 9 -0.15 11.74 -2.98
C GLN A 9 -0.50 13.21 -2.94
N GLU A 10 0.45 14.05 -3.34
CA GLU A 10 0.24 15.50 -3.36
C GLU A 10 -0.75 15.89 -4.45
N GLU A 11 -0.76 15.12 -5.54
CA GLU A 11 -1.65 15.39 -6.66
C GLU A 11 -3.11 15.19 -6.25
N HIS A 12 -3.36 14.13 -5.48
CA HIS A 12 -4.71 13.85 -5.03
C HIS A 12 -5.25 14.98 -4.14
N GLU A 13 -4.40 15.48 -3.27
CA GLU A 13 -4.79 16.55 -2.36
C GLU A 13 -5.14 17.85 -3.10
N LYS A 14 -4.81 17.93 -4.40
CA LYS A 14 -5.10 19.13 -5.17
C LYS A 14 -6.29 18.96 -6.12
N TYR A 15 -6.64 17.73 -6.47
CA TYR A 15 -7.76 17.51 -7.39
C TYR A 15 -8.50 16.20 -7.14
N HIS A 16 -8.29 15.60 -5.95
CA HIS A 16 -8.94 14.33 -5.58
C HIS A 16 -8.95 13.33 -6.73
N SER A 17 -7.86 13.28 -7.49
CA SER A 17 -7.74 12.37 -8.62
C SER A 17 -7.91 10.92 -8.18
N ASN A 18 -8.71 10.17 -8.92
CA ASN A 18 -8.97 8.77 -8.60
C ASN A 18 -7.71 7.93 -8.80
N VAL A 19 -7.82 6.63 -8.54
CA VAL A 19 -6.70 5.71 -8.70
C VAL A 19 -6.22 5.66 -10.14
N LYS A 20 -7.14 5.37 -11.06
CA LYS A 20 -6.80 5.29 -12.48
C LYS A 20 -6.16 6.58 -12.97
N GLU A 21 -6.57 7.71 -12.37
CA GLU A 21 -6.03 9.00 -12.74
C GLU A 21 -4.58 9.13 -12.26
N LEU A 22 -4.36 8.82 -10.99
CA LEU A 22 -3.03 8.89 -10.41
C LEU A 22 -2.11 7.84 -11.03
N SER A 23 -2.65 6.65 -11.25
CA SER A 23 -1.89 5.56 -11.84
C SER A 23 -1.55 5.86 -13.30
N HIS A 24 -2.50 6.44 -14.01
CA HIS A 24 -2.31 6.78 -15.42
C HIS A 24 -1.51 8.08 -15.57
N LYS A 25 -1.64 8.97 -14.60
CA LYS A 25 -0.94 10.25 -14.64
C LYS A 25 0.53 10.10 -14.25
N PHE A 26 0.80 9.22 -13.27
CA PHE A 26 2.16 9.00 -12.82
C PHE A 26 2.71 7.68 -13.36
N GLY A 27 1.94 6.60 -13.19
CA GLY A 27 2.37 5.29 -13.66
C GLY A 27 2.55 4.30 -12.53
N ILE A 28 1.66 4.36 -11.55
CA ILE A 28 1.74 3.45 -10.40
C ILE A 28 0.57 2.47 -10.40
N PRO A 29 0.79 1.23 -9.93
CA PRO A 29 -0.26 0.20 -9.89
C PRO A 29 -1.50 0.67 -9.13
N ASN A 30 -2.62 0.01 -9.39
CA ASN A 30 -3.88 0.36 -8.73
C ASN A 30 -3.76 0.22 -7.22
N LEU A 31 -2.95 -0.74 -6.78
CA LEU A 31 -2.75 -0.97 -5.36
C LEU A 31 -2.10 0.24 -4.70
N VAL A 32 -1.05 0.75 -5.32
CA VAL A 32 -0.34 1.91 -4.80
C VAL A 32 -1.23 3.14 -4.80
N ALA A 33 -1.86 3.40 -5.94
CA ALA A 33 -2.75 4.55 -6.07
C ALA A 33 -3.95 4.43 -5.13
N ARG A 34 -4.41 3.20 -4.92
CA ARG A 34 -5.54 2.96 -4.04
C ARG A 34 -5.23 3.40 -2.62
N GLN A 35 -3.97 3.25 -2.22
CA GLN A 35 -3.52 3.65 -0.89
C GLN A 35 -3.65 5.16 -0.70
N ILE A 36 -3.38 5.90 -1.77
CA ILE A 36 -3.46 7.35 -1.74
C ILE A 36 -4.89 7.81 -1.52
N VAL A 37 -5.79 7.33 -2.38
CA VAL A 37 -7.20 7.69 -2.29
C VAL A 37 -7.79 7.20 -0.97
N ASN A 38 -7.37 6.00 -0.55
CA ASN A 38 -7.85 5.41 0.70
C ASN A 38 -7.51 6.31 1.88
N SER A 39 -6.39 7.03 1.77
CA SER A 39 -5.95 7.93 2.84
C SER A 39 -6.87 9.15 2.93
N CYS A 40 -7.39 9.58 1.79
CA CYS A 40 -8.29 10.72 1.74
C CYS A 40 -9.60 10.42 2.45
N ALA A 41 -9.86 11.14 3.54
CA ALA A 41 -11.06 10.95 4.32
C ALA A 41 -12.29 11.48 3.59
N GLN A 42 -12.09 12.49 2.74
CA GLN A 42 -13.18 13.09 1.99
C GLN A 42 -13.64 12.17 0.85
N CYS A 43 -12.75 11.31 0.39
CA CYS A 43 -13.07 10.38 -0.70
C CYS A 43 -13.47 9.01 -0.16
N GLN A 44 -12.89 8.63 0.98
CA GLN A 44 -13.19 7.34 1.58
C GLN A 44 -14.65 7.28 2.03
N GLN A 45 -15.06 8.27 2.83
CA GLN A 45 -16.44 8.32 3.32
C GLN A 45 -17.39 8.80 2.23
N LYS A 46 -18.65 8.38 2.33
CA LYS A 46 -19.66 8.76 1.35
C LYS A 46 -20.66 9.73 1.95
N GLY A 47 -21.77 9.86 1.41
N PHE B 1 5.37 -6.03 -9.22
CA PHE B 1 4.83 -5.46 -7.96
C PHE B 1 4.11 -6.54 -7.15
N LEU B 2 2.85 -6.82 -7.50
CA LEU B 2 2.07 -7.83 -6.79
C LEU B 2 2.71 -9.22 -6.91
N GLU B 3 3.60 -9.39 -7.89
CA GLU B 3 4.26 -10.67 -8.10
C GLU B 3 5.04 -11.10 -6.86
N LYS B 4 5.88 -10.20 -6.35
CA LYS B 4 6.70 -10.49 -5.17
C LYS B 4 5.96 -10.12 -3.89
N ILE B 5 5.08 -9.12 -3.98
CA ILE B 5 4.32 -8.67 -2.82
C ILE B 5 3.32 -9.73 -2.37
N GLU B 6 2.76 -10.46 -3.32
CA GLU B 6 1.78 -11.51 -3.00
C GLU B 6 2.39 -12.57 -2.07
N PRO B 7 3.46 -13.28 -2.53
CA PRO B 7 4.11 -14.30 -1.71
C PRO B 7 4.32 -13.87 -0.26
N ALA B 8 4.57 -12.58 -0.06
CA ALA B 8 4.77 -12.04 1.27
C ALA B 8 3.49 -12.08 2.08
N GLN B 9 2.37 -11.78 1.42
CA GLN B 9 1.07 -11.79 2.09
C GLN B 9 0.74 -13.18 2.61
N GLU B 10 1.11 -14.20 1.83
CA GLU B 10 0.86 -15.58 2.22
C GLU B 10 1.75 -15.99 3.39
N GLU B 11 2.93 -15.40 3.45
CA GLU B 11 3.88 -15.71 4.53
C GLU B 11 3.34 -15.24 5.87
N HIS B 12 2.73 -14.06 5.89
CA HIS B 12 2.17 -13.53 7.12
C HIS B 12 1.05 -14.42 7.65
N GLU B 13 0.21 -14.90 6.75
CA GLU B 13 -0.90 -15.76 7.14
C GLU B 13 -0.42 -17.08 7.74
N LYS B 14 0.86 -17.40 7.61
CA LYS B 14 1.39 -18.66 8.14
C LYS B 14 2.20 -18.48 9.43
N TYR B 15 2.71 -17.27 9.68
CA TYR B 15 3.51 -17.03 10.89
C TYR B 15 3.38 -15.60 11.42
N HIS B 16 2.36 -14.87 10.97
CA HIS B 16 2.13 -13.48 11.41
C HIS B 16 3.43 -12.67 11.46
N SER B 17 4.29 -12.89 10.49
CA SER B 17 5.57 -12.19 10.43
C SER B 17 5.36 -10.68 10.36
N ASN B 18 6.11 -9.93 11.16
CA ASN B 18 6.01 -8.49 11.20
C ASN B 18 6.50 -7.87 9.88
N VAL B 19 6.44 -6.54 9.81
CA VAL B 19 6.88 -5.83 8.61
C VAL B 19 8.36 -6.06 8.34
N LYS B 20 9.20 -5.79 9.35
CA LYS B 20 10.65 -5.96 9.20
C LYS B 20 10.98 -7.40 8.79
N GLU B 21 10.17 -8.35 9.23
CA GLU B 21 10.38 -9.75 8.91
C GLU B 21 10.06 -10.00 7.45
N LEU B 22 8.90 -9.54 7.00
CA LEU B 22 8.47 -9.72 5.62
C LEU B 22 9.36 -8.91 4.68
N SER B 23 9.71 -7.70 5.10
CA SER B 23 10.56 -6.82 4.31
C SER B 23 11.97 -7.38 4.21
N HIS B 24 12.46 -7.93 5.32
CA HIS B 24 13.81 -8.50 5.37
C HIS B 24 13.83 -9.90 4.76
N LYS B 25 12.72 -10.61 4.86
CA LYS B 25 12.63 -11.97 4.33
C LYS B 25 12.45 -11.96 2.81
N PHE B 26 11.68 -11.00 2.31
CA PHE B 26 11.43 -10.90 0.87
C PHE B 26 12.25 -9.76 0.25
N GLY B 27 12.16 -8.59 0.86
CA GLY B 27 12.89 -7.44 0.35
C GLY B 27 11.98 -6.33 -0.12
N ILE B 28 10.90 -6.10 0.63
CA ILE B 28 9.94 -5.06 0.30
C ILE B 28 9.97 -3.93 1.32
N PRO B 29 9.73 -2.67 0.89
CA PRO B 29 9.74 -1.51 1.79
C PRO B 29 8.78 -1.69 2.96
N ASN B 30 9.00 -0.92 4.02
CA ASN B 30 8.15 -1.00 5.21
C ASN B 30 6.71 -0.65 4.86
N LEU B 31 6.53 0.24 3.89
CA LEU B 31 5.21 0.65 3.46
C LEU B 31 4.43 -0.53 2.88
N VAL B 32 5.08 -1.27 1.98
CA VAL B 32 4.46 -2.42 1.35
C VAL B 32 4.16 -3.50 2.38
N ALA B 33 5.15 -3.83 3.19
CA ALA B 33 4.98 -4.86 4.23
C ALA B 33 3.95 -4.43 5.26
N ARG B 34 3.88 -3.13 5.53
CA ARG B 34 2.93 -2.60 6.49
C ARG B 34 1.50 -2.86 6.04
N GLN B 35 1.29 -2.84 4.72
CA GLN B 35 -0.03 -3.08 4.16
C GLN B 35 -0.48 -4.51 4.43
N ILE B 36 0.48 -5.44 4.39
CA ILE B 36 0.19 -6.84 4.64
C ILE B 36 -0.28 -7.06 6.09
N VAL B 37 0.54 -6.60 7.02
CA VAL B 37 0.22 -6.73 8.44
C VAL B 37 -1.06 -5.97 8.77
N ASN B 38 -1.22 -4.80 8.16
CA ASN B 38 -2.41 -3.97 8.39
C ASN B 38 -3.67 -4.73 7.99
N SER B 39 -3.55 -5.60 6.99
CA SER B 39 -4.68 -6.38 6.52
C SER B 39 -5.09 -7.42 7.57
N CYS B 40 -4.10 -7.94 8.28
CA CYS B 40 -4.35 -8.95 9.32
C CYS B 40 -5.16 -8.35 10.46
N ALA B 41 -6.37 -8.86 10.65
CA ALA B 41 -7.26 -8.38 11.70
C ALA B 41 -6.77 -8.85 13.07
N GLN B 42 -6.09 -9.99 13.11
CA GLN B 42 -5.58 -10.54 14.37
C GLN B 42 -4.38 -9.75 14.86
N CYS B 43 -3.66 -9.09 13.95
CA CYS B 43 -2.49 -8.31 14.30
C CYS B 43 -2.83 -6.84 14.46
N GLN B 44 -3.81 -6.37 13.69
CA GLN B 44 -4.23 -4.97 13.74
C GLN B 44 -4.83 -4.64 15.11
N GLN B 45 -5.82 -5.43 15.52
CA GLN B 45 -6.48 -5.22 16.80
C GLN B 45 -5.61 -5.71 17.94
N LYS B 46 -5.78 -5.10 19.12
CA LYS B 46 -5.01 -5.49 20.30
C LYS B 46 -5.89 -6.21 21.32
N GLY B 47 -5.51 -6.26 22.50
N PHE A 1 10.81 3.60 -4.88
CA PHE A 1 9.40 3.37 -4.47
C PHE A 1 8.69 4.67 -4.13
N LEU A 2 9.32 5.48 -3.29
CA LEU A 2 8.74 6.76 -2.89
C LEU A 2 9.18 7.90 -3.83
N GLU A 3 9.67 7.56 -5.02
CA GLU A 3 10.11 8.55 -5.98
C GLU A 3 8.97 8.98 -6.90
N LYS A 4 8.45 8.04 -7.69
CA LYS A 4 7.38 8.34 -8.63
C LYS A 4 6.00 8.24 -7.97
N ILE A 5 5.91 7.46 -6.90
CA ILE A 5 4.63 7.30 -6.19
C ILE A 5 4.25 8.58 -5.44
N GLU A 6 5.24 9.26 -4.88
CA GLU A 6 5.00 10.49 -4.12
C GLU A 6 4.26 11.52 -4.98
N PRO A 7 4.85 11.94 -6.12
CA PRO A 7 4.22 12.93 -7.01
C PRO A 7 2.73 12.69 -7.23
N ALA A 8 2.32 11.42 -7.18
CA ALA A 8 0.92 11.06 -7.37
C ALA A 8 0.10 11.45 -6.16
N GLN A 9 0.65 11.22 -4.97
CA GLN A 9 -0.04 11.56 -3.73
C GLN A 9 -0.28 13.06 -3.64
N GLU A 10 0.65 13.83 -4.20
CA GLU A 10 0.54 15.29 -4.20
C GLU A 10 -0.57 15.74 -5.15
N GLU A 11 -0.78 14.98 -6.22
CA GLU A 11 -1.81 15.30 -7.19
C GLU A 11 -3.20 15.10 -6.60
N HIS A 12 -3.33 14.11 -5.72
CA HIS A 12 -4.62 13.85 -5.09
C HIS A 12 -4.97 14.97 -4.09
N GLU A 13 -3.96 15.42 -3.36
CA GLU A 13 -4.17 16.47 -2.37
C GLU A 13 -4.57 17.80 -3.01
N LYS A 14 -4.44 17.92 -4.33
CA LYS A 14 -4.78 19.16 -5.01
C LYS A 14 -6.13 19.09 -5.72
N TYR A 15 -6.58 17.89 -6.09
CA TYR A 15 -7.86 17.75 -6.80
C TYR A 15 -8.59 16.45 -6.46
N HIS A 16 -8.22 15.82 -5.35
CA HIS A 16 -8.82 14.55 -4.92
C HIS A 16 -9.03 13.58 -6.08
N SER A 17 -7.99 13.44 -6.89
CA SER A 17 -8.03 12.54 -8.06
C SER A 17 -8.28 11.10 -7.64
N ASN A 18 -9.00 10.36 -8.49
CA ASN A 18 -9.31 8.96 -8.21
C ASN A 18 -8.17 8.06 -8.66
N VAL A 19 -8.22 6.79 -8.24
CA VAL A 19 -7.18 5.81 -8.58
C VAL A 19 -6.90 5.80 -10.08
N LYS A 20 -7.96 5.69 -10.88
CA LYS A 20 -7.83 5.67 -12.33
C LYS A 20 -7.14 6.94 -12.83
N GLU A 21 -7.33 8.03 -12.11
CA GLU A 21 -6.74 9.30 -12.48
C GLU A 21 -5.26 9.34 -12.09
N LEU A 22 -4.95 8.81 -10.91
CA LEU A 22 -3.57 8.78 -10.44
C LEU A 22 -2.74 7.77 -11.22
N SER A 23 -3.34 6.63 -11.54
CA SER A 23 -2.64 5.59 -12.29
C SER A 23 -2.53 5.97 -13.76
N HIS A 24 -3.53 6.67 -14.27
CA HIS A 24 -3.53 7.08 -15.68
C HIS A 24 -2.67 8.32 -15.88
N LYS A 25 -2.68 9.23 -14.91
CA LYS A 25 -1.91 10.46 -15.00
C LYS A 25 -0.42 10.20 -14.74
N PHE A 26 -0.13 9.17 -13.95
CA PHE A 26 1.26 8.84 -13.62
C PHE A 26 1.64 7.45 -14.13
N GLY A 27 1.05 6.43 -13.53
CA GLY A 27 1.34 5.07 -13.93
C GLY A 27 1.73 4.19 -12.75
N ILE A 28 0.72 3.63 -12.10
CA ILE A 28 0.95 2.78 -10.94
C ILE A 28 -0.20 1.77 -10.75
N PRO A 29 0.08 0.59 -10.16
CA PRO A 29 -0.95 -0.42 -9.94
C PRO A 29 -2.14 0.14 -9.16
N ASN A 30 -3.25 -0.59 -9.19
CA ASN A 30 -4.46 -0.16 -8.49
C ASN A 30 -4.23 -0.12 -6.98
N LEU A 31 -3.39 -1.03 -6.49
CA LEU A 31 -3.09 -1.10 -5.06
C LEU A 31 -2.41 0.18 -4.59
N VAL A 32 -1.36 0.59 -5.29
CA VAL A 32 -0.63 1.79 -4.93
C VAL A 32 -1.52 3.03 -5.02
N ALA A 33 -2.23 3.17 -6.14
CA ALA A 33 -3.12 4.30 -6.33
C ALA A 33 -4.24 4.30 -5.31
N ARG A 34 -4.67 3.11 -4.92
CA ARG A 34 -5.74 2.98 -3.93
C ARG A 34 -5.29 3.51 -2.58
N GLN A 35 -4.02 3.27 -2.24
CA GLN A 35 -3.46 3.72 -0.99
C GLN A 35 -3.54 5.24 -0.88
N ILE A 36 -3.43 5.92 -2.01
CA ILE A 36 -3.51 7.37 -2.03
C ILE A 36 -4.88 7.85 -1.59
N VAL A 37 -5.92 7.39 -2.27
CA VAL A 37 -7.30 7.76 -1.93
C VAL A 37 -7.63 7.31 -0.52
N ASN A 38 -7.20 6.10 -0.16
CA ASN A 38 -7.44 5.56 1.16
C ASN A 38 -6.80 6.43 2.23
N SER A 39 -5.62 6.95 1.93
CA SER A 39 -4.92 7.81 2.87
C SER A 39 -5.70 9.10 3.11
N CYS A 40 -6.40 9.55 2.09
CA CYS A 40 -7.20 10.77 2.18
C CYS A 40 -8.33 10.61 3.18
N ALA A 41 -8.43 11.55 4.12
CA ALA A 41 -9.47 11.50 5.14
C ALA A 41 -10.80 12.01 4.61
N GLN A 42 -10.76 13.06 3.80
CA GLN A 42 -11.97 13.65 3.23
C GLN A 42 -12.65 12.71 2.24
N CYS A 43 -11.86 11.83 1.62
CA CYS A 43 -12.39 10.89 0.65
C CYS A 43 -12.82 9.58 1.32
N GLN A 44 -12.10 9.19 2.36
CA GLN A 44 -12.40 7.96 3.09
C GLN A 44 -13.80 8.03 3.71
N GLN A 45 -14.15 9.21 4.22
CA GLN A 45 -15.46 9.42 4.83
C GLN A 45 -16.50 9.92 3.82
N LYS A 46 -16.27 9.64 2.56
CA LYS A 46 -17.19 10.07 1.49
C LYS A 46 -17.27 11.59 1.45
N GLY A 47 -16.35 12.26 1.96
N PHE B 1 5.53 -5.84 -9.42
CA PHE B 1 4.98 -5.34 -8.13
C PHE B 1 4.38 -6.46 -7.31
N LEU B 2 3.49 -7.24 -7.93
CA LEU B 2 2.84 -8.36 -7.25
C LEU B 2 3.64 -9.66 -7.40
N GLU B 3 4.92 -9.54 -7.75
CA GLU B 3 5.77 -10.72 -7.92
C GLU B 3 6.47 -11.09 -6.62
N LYS B 4 7.32 -10.19 -6.13
CA LYS B 4 8.07 -10.43 -4.90
C LYS B 4 7.27 -10.05 -3.66
N ILE B 5 6.32 -9.13 -3.82
CA ILE B 5 5.50 -8.68 -2.68
C ILE B 5 4.53 -9.78 -2.24
N GLU B 6 3.99 -10.52 -3.21
CA GLU B 6 3.04 -11.59 -2.91
C GLU B 6 3.64 -12.60 -1.92
N PRO B 7 4.76 -13.26 -2.27
CA PRO B 7 5.42 -14.24 -1.42
C PRO B 7 5.48 -13.80 0.05
N ALA B 8 5.58 -12.50 0.26
CA ALA B 8 5.65 -11.94 1.61
C ALA B 8 4.30 -12.05 2.31
N GLN B 9 3.24 -11.75 1.58
CA GLN B 9 1.89 -11.82 2.12
C GLN B 9 1.55 -13.24 2.55
N GLU B 10 2.10 -14.21 1.82
CA GLU B 10 1.86 -15.61 2.11
C GLU B 10 2.58 -16.02 3.40
N GLU B 11 3.72 -15.38 3.65
CA GLU B 11 4.51 -15.65 4.85
C GLU B 11 3.79 -15.18 6.09
N HIS B 12 3.06 -14.08 5.98
CA HIS B 12 2.33 -13.54 7.11
C HIS B 12 1.14 -14.45 7.46
N GLU B 13 0.47 -14.95 6.43
CA GLU B 13 -0.69 -15.82 6.64
C GLU B 13 -0.31 -17.14 7.30
N LYS B 14 0.99 -17.45 7.37
CA LYS B 14 1.43 -18.70 7.97
C LYS B 14 1.98 -18.52 9.39
N TYR B 15 2.46 -17.32 9.72
CA TYR B 15 3.03 -17.10 11.05
C TYR B 15 2.80 -15.66 11.54
N HIS B 16 1.85 -14.95 10.94
CA HIS B 16 1.55 -13.56 11.31
C HIS B 16 2.81 -12.73 11.55
N SER B 17 3.76 -12.85 10.61
CA SER B 17 5.02 -12.14 10.70
C SER B 17 4.80 -10.63 10.69
N ASN B 18 5.65 -9.90 11.42
CA ASN B 18 5.57 -8.45 11.49
C ASN B 18 6.27 -7.80 10.31
N VAL B 19 6.04 -6.49 10.14
CA VAL B 19 6.66 -5.74 9.04
C VAL B 19 8.17 -5.96 8.98
N LYS B 20 8.83 -5.80 10.11
CA LYS B 20 10.28 -5.99 10.18
C LYS B 20 10.66 -7.40 9.75
N GLU B 21 9.76 -8.34 9.99
CA GLU B 21 10.01 -9.74 9.61
C GLU B 21 9.80 -9.94 8.11
N LEU B 22 8.75 -9.32 7.57
CA LEU B 22 8.46 -9.43 6.15
C LEU B 22 9.48 -8.68 5.32
N SER B 23 9.89 -7.52 5.80
CA SER B 23 10.87 -6.70 5.08
C SER B 23 12.27 -7.28 5.22
N HIS B 24 12.55 -7.88 6.37
CA HIS B 24 13.86 -8.47 6.62
C HIS B 24 13.99 -9.84 5.97
N LYS B 25 12.89 -10.60 5.97
CA LYS B 25 12.89 -11.93 5.38
C LYS B 25 12.84 -11.88 3.86
N PHE B 26 12.26 -10.81 3.32
CA PHE B 26 12.16 -10.66 1.87
C PHE B 26 12.92 -9.42 1.39
N GLY B 27 12.41 -8.24 1.74
CA GLY B 27 13.04 -7.01 1.32
C GLY B 27 12.06 -6.05 0.67
N ILE B 28 11.38 -5.26 1.48
CA ILE B 28 10.40 -4.31 0.99
C ILE B 28 10.23 -3.13 1.94
N PRO B 29 9.87 -1.94 1.44
CA PRO B 29 9.67 -0.76 2.27
C PRO B 29 8.69 -1.02 3.41
N ASN B 30 8.68 -0.14 4.40
CA ASN B 30 7.79 -0.28 5.55
C ASN B 30 6.33 -0.15 5.11
N LEU B 31 6.09 0.67 4.11
CA LEU B 31 4.73 0.88 3.60
C LEU B 31 4.15 -0.42 3.04
N VAL B 32 4.90 -1.07 2.16
CA VAL B 32 4.47 -2.32 1.55
C VAL B 32 4.26 -3.40 2.60
N ALA B 33 5.25 -3.57 3.48
CA ALA B 33 5.17 -4.58 4.52
C ALA B 33 4.02 -4.27 5.49
N ARG B 34 3.76 -2.99 5.70
CA ARG B 34 2.69 -2.56 6.59
C ARG B 34 1.33 -2.97 6.02
N GLN B 35 1.20 -2.89 4.71
CA GLN B 35 -0.04 -3.26 4.04
C GLN B 35 -0.39 -4.71 4.31
N ILE B 36 0.64 -5.55 4.45
CA ILE B 36 0.44 -6.96 4.72
C ILE B 36 -0.24 -7.17 6.07
N VAL B 37 0.37 -6.64 7.13
CA VAL B 37 -0.18 -6.75 8.47
C VAL B 37 -1.55 -6.07 8.54
N ASN B 38 -1.65 -4.91 7.91
CA ASN B 38 -2.90 -4.16 7.89
C ASN B 38 -4.01 -4.98 7.23
N SER B 39 -3.65 -5.70 6.18
CA SER B 39 -4.62 -6.53 5.47
C SER B 39 -5.14 -7.64 6.38
N CYS B 40 -4.28 -8.11 7.27
CA CYS B 40 -4.65 -9.17 8.20
C CYS B 40 -5.75 -8.70 9.15
N ALA B 41 -6.82 -9.49 9.25
CA ALA B 41 -7.94 -9.15 10.12
C ALA B 41 -7.66 -9.52 11.57
N GLN B 42 -7.02 -10.66 11.78
CA GLN B 42 -6.70 -11.12 13.12
C GLN B 42 -5.66 -10.23 13.80
N CYS B 43 -4.83 -9.57 13.00
CA CYS B 43 -3.80 -8.69 13.53
C CYS B 43 -4.31 -7.26 13.68
N GLN B 44 -5.18 -6.84 12.76
CA GLN B 44 -5.75 -5.50 12.81
C GLN B 44 -6.53 -5.28 14.10
N GLN B 45 -7.25 -6.31 14.53
CA GLN B 45 -8.04 -6.23 15.75
C GLN B 45 -7.26 -6.70 16.98
N LYS B 46 -5.94 -6.62 16.90
CA LYS B 46 -5.08 -7.05 18.00
C LYS B 46 -5.27 -8.53 18.31
N GLY B 47 -5.76 -9.26 17.41
N PHE A 1 10.79 3.29 -3.79
CA PHE A 1 9.32 3.15 -3.61
C PHE A 1 8.64 4.50 -3.57
N LEU A 2 9.27 5.45 -2.90
CA LEU A 2 8.72 6.81 -2.78
C LEU A 2 9.19 7.72 -3.92
N GLU A 3 9.71 7.13 -5.00
CA GLU A 3 10.19 7.91 -6.13
C GLU A 3 9.06 8.20 -7.11
N LYS A 4 8.47 7.14 -7.64
CA LYS A 4 7.37 7.28 -8.61
C LYS A 4 6.02 7.38 -7.90
N ILE A 5 5.93 6.86 -6.68
CA ILE A 5 4.69 6.89 -5.92
C ILE A 5 4.41 8.29 -5.38
N GLU A 6 5.46 9.00 -5.00
CA GLU A 6 5.32 10.36 -4.46
C GLU A 6 4.55 11.26 -5.45
N PRO A 7 5.07 11.43 -6.68
CA PRO A 7 4.43 12.26 -7.71
C PRO A 7 2.90 12.07 -7.76
N ALA A 8 2.47 10.83 -7.54
CA ALA A 8 1.04 10.52 -7.55
C ALA A 8 0.33 11.16 -6.37
N GLN A 9 1.00 11.20 -5.23
CA GLN A 9 0.43 11.80 -4.04
C GLN A 9 0.20 13.29 -4.23
N GLU A 10 1.15 13.95 -4.87
CA GLU A 10 1.05 15.39 -5.13
C GLU A 10 -0.10 15.68 -6.09
N GLU A 11 -0.37 14.74 -7.00
CA GLU A 11 -1.45 14.88 -7.97
C GLU A 11 -2.80 14.84 -7.28
N HIS A 12 -2.93 14.00 -6.25
CA HIS A 12 -4.18 13.90 -5.52
C HIS A 12 -4.39 15.15 -4.67
N GLU A 13 -3.31 15.65 -4.09
CA GLU A 13 -3.39 16.83 -3.24
C GLU A 13 -3.78 18.09 -4.03
N LYS A 14 -3.76 18.01 -5.36
CA LYS A 14 -4.11 19.16 -6.18
C LYS A 14 -5.50 19.06 -6.79
N TYR A 15 -6.03 17.85 -6.93
CA TYR A 15 -7.35 17.67 -7.53
C TYR A 15 -8.12 16.48 -6.93
N HIS A 16 -7.70 16.02 -5.76
CA HIS A 16 -8.34 14.88 -5.07
C HIS A 16 -8.71 13.75 -6.05
N SER A 17 -7.81 13.44 -6.97
CA SER A 17 -8.03 12.40 -7.95
C SER A 17 -8.29 11.05 -7.27
N ASN A 18 -9.06 10.20 -7.95
CA ASN A 18 -9.39 8.88 -7.40
C ASN A 18 -8.33 7.86 -7.78
N VAL A 19 -8.44 6.66 -7.22
CA VAL A 19 -7.48 5.58 -7.48
C VAL A 19 -7.39 5.30 -8.99
N LYS A 20 -8.54 5.17 -9.64
CA LYS A 20 -8.60 4.91 -11.07
C LYS A 20 -7.85 5.99 -11.85
N GLU A 21 -7.84 7.21 -11.30
CA GLU A 21 -7.15 8.31 -11.94
C GLU A 21 -5.65 8.25 -11.69
N LEU A 22 -5.29 7.97 -10.43
CA LEU A 22 -3.87 7.87 -10.06
C LEU A 22 -3.25 6.62 -10.66
N SER A 23 -4.06 5.57 -10.80
CA SER A 23 -3.58 4.31 -11.36
C SER A 23 -3.50 4.39 -12.88
N HIS A 24 -4.49 5.04 -13.50
CA HIS A 24 -4.52 5.17 -14.94
C HIS A 24 -3.50 6.21 -15.43
N LYS A 25 -3.22 7.19 -14.58
CA LYS A 25 -2.27 8.24 -14.93
C LYS A 25 -0.83 7.77 -14.73
N PHE A 26 -0.52 7.34 -13.51
CA PHE A 26 0.83 6.88 -13.20
C PHE A 26 0.99 5.37 -13.41
N GLY A 27 -0.01 4.73 -14.02
CA GLY A 27 0.07 3.29 -14.27
C GLY A 27 0.35 2.48 -13.02
N ILE A 28 -0.04 3.01 -11.86
CA ILE A 28 0.18 2.31 -10.60
C ILE A 28 -1.02 1.44 -10.23
N PRO A 29 -0.78 0.23 -9.69
CA PRO A 29 -1.87 -0.68 -9.30
C PRO A 29 -2.84 -0.02 -8.31
N ASN A 30 -3.99 -0.66 -8.11
CA ASN A 30 -4.99 -0.14 -7.19
C ASN A 30 -4.45 -0.05 -5.76
N LEU A 31 -3.54 -0.95 -5.42
CA LEU A 31 -2.95 -0.96 -4.09
C LEU A 31 -2.23 0.34 -3.78
N VAL A 32 -1.20 0.64 -4.56
CA VAL A 32 -0.43 1.85 -4.35
C VAL A 32 -1.32 3.09 -4.48
N ALA A 33 -2.23 3.07 -5.45
CA ALA A 33 -3.14 4.18 -5.66
C ALA A 33 -4.10 4.34 -4.49
N ARG A 34 -4.59 3.21 -3.97
CA ARG A 34 -5.51 3.24 -2.84
C ARG A 34 -4.87 3.94 -1.64
N GLN A 35 -3.61 3.63 -1.39
CA GLN A 35 -2.88 4.23 -0.29
C GLN A 35 -2.84 5.76 -0.43
N ILE A 36 -2.98 6.26 -1.65
CA ILE A 36 -2.98 7.69 -1.90
C ILE A 36 -4.24 8.34 -1.35
N VAL A 37 -5.39 7.89 -1.86
CA VAL A 37 -6.67 8.43 -1.42
C VAL A 37 -6.87 8.19 0.07
N ASN A 38 -6.43 7.03 0.55
CA ASN A 38 -6.56 6.69 1.96
C ASN A 38 -5.78 7.67 2.82
N SER A 39 -4.64 8.12 2.32
CA SER A 39 -3.81 9.08 3.05
C SER A 39 -4.51 10.42 3.19
N CYS A 40 -5.32 10.76 2.20
CA CYS A 40 -6.06 12.02 2.20
C CYS A 40 -7.06 12.05 3.35
N ALA A 41 -6.99 13.10 4.17
CA ALA A 41 -7.89 13.25 5.30
C ALA A 41 -9.25 13.80 4.87
N GLN A 42 -9.24 14.57 3.78
CA GLN A 42 -10.48 15.16 3.27
C GLN A 42 -11.30 14.15 2.47
N CYS A 43 -10.66 13.07 2.03
CA CYS A 43 -11.35 12.05 1.26
C CYS A 43 -11.68 10.82 2.12
N GLN A 44 -10.85 10.55 3.12
CA GLN A 44 -11.08 9.42 4.01
C GLN A 44 -12.43 9.52 4.70
N GLN A 45 -12.75 10.72 5.17
CA GLN A 45 -14.02 10.96 5.85
C GLN A 45 -15.10 11.37 4.88
N LYS A 46 -16.36 11.28 5.31
CA LYS A 46 -17.50 11.64 4.47
C LYS A 46 -18.39 12.64 5.18
N GLY A 47 -18.37 12.68 6.43
N PHE B 1 4.51 -5.41 -9.61
CA PHE B 1 4.18 -5.02 -8.22
C PHE B 1 3.86 -6.23 -7.37
N LEU B 2 3.12 -7.18 -7.95
CA LEU B 2 2.74 -8.40 -7.25
C LEU B 2 3.78 -9.51 -7.43
N GLU B 3 4.98 -9.16 -7.86
CA GLU B 3 6.04 -10.15 -8.07
C GLU B 3 6.82 -10.38 -6.78
N LYS B 4 7.44 -9.32 -6.26
CA LYS B 4 8.22 -9.41 -5.04
C LYS B 4 7.36 -9.20 -3.80
N ILE B 5 6.23 -8.53 -3.96
CA ILE B 5 5.33 -8.27 -2.85
C ILE B 5 4.55 -9.53 -2.46
N GLU B 6 4.19 -10.34 -3.45
CA GLU B 6 3.45 -11.57 -3.20
C GLU B 6 4.18 -12.47 -2.18
N PRO B 7 5.43 -12.87 -2.49
CA PRO B 7 6.24 -13.71 -1.59
C PRO B 7 6.13 -13.30 -0.13
N ALA B 8 6.04 -12.00 0.11
CA ALA B 8 5.94 -11.47 1.46
C ALA B 8 4.60 -11.83 2.08
N GLN B 9 3.56 -11.83 1.26
CA GLN B 9 2.22 -12.17 1.74
C GLN B 9 2.15 -13.62 2.19
N GLU B 10 2.80 -14.50 1.44
CA GLU B 10 2.83 -15.92 1.77
C GLU B 10 3.59 -16.15 3.08
N GLU B 11 4.58 -15.31 3.34
CA GLU B 11 5.38 -15.42 4.55
C GLU B 11 4.55 -15.07 5.78
N HIS B 12 3.66 -14.09 5.64
CA HIS B 12 2.81 -13.71 6.75
C HIS B 12 1.75 -14.78 7.01
N GLU B 13 1.24 -15.36 5.94
CA GLU B 13 0.21 -16.40 6.05
C GLU B 13 0.75 -17.66 6.72
N LYS B 14 2.07 -17.78 6.88
CA LYS B 14 2.66 -18.96 7.49
C LYS B 14 3.12 -18.72 8.93
N TYR B 15 3.37 -17.47 9.30
CA TYR B 15 3.82 -17.17 10.66
C TYR B 15 3.33 -15.80 11.16
N HIS B 16 2.29 -15.26 10.52
CA HIS B 16 1.71 -13.96 10.89
C HIS B 16 2.78 -12.93 11.25
N SER B 17 3.85 -12.89 10.45
CA SER B 17 4.95 -11.96 10.66
C SER B 17 4.45 -10.51 10.65
N ASN B 18 5.14 -9.64 11.37
CA ASN B 18 4.77 -8.23 11.45
C ASN B 18 5.43 -7.44 10.32
N VAL B 19 5.03 -6.18 10.19
CA VAL B 19 5.59 -5.31 9.14
C VAL B 19 7.11 -5.25 9.22
N LYS B 20 7.62 -5.03 10.42
CA LYS B 20 9.06 -4.94 10.64
C LYS B 20 9.75 -6.22 10.17
N GLU B 21 9.04 -7.34 10.24
CA GLU B 21 9.58 -8.62 9.81
C GLU B 21 9.52 -8.74 8.30
N LEU B 22 8.38 -8.38 7.72
CA LEU B 22 8.19 -8.44 6.28
C LEU B 22 9.05 -7.40 5.57
N SER B 23 9.25 -6.26 6.25
CA SER B 23 10.05 -5.18 5.69
C SER B 23 11.54 -5.45 5.84
N HIS B 24 11.92 -6.01 6.98
CA HIS B 24 13.32 -6.33 7.23
C HIS B 24 13.76 -7.57 6.44
N LYS B 25 12.82 -8.47 6.18
CA LYS B 25 13.10 -9.69 5.45
C LYS B 25 13.17 -9.44 3.95
N PHE B 26 12.07 -8.90 3.40
CA PHE B 26 12.00 -8.61 1.97
C PHE B 26 12.44 -7.18 1.64
N GLY B 27 13.03 -6.48 2.62
CA GLY B 27 13.49 -5.12 2.39
C GLY B 27 12.42 -4.21 1.82
N ILE B 28 11.16 -4.51 2.11
CA ILE B 28 10.04 -3.70 1.62
C ILE B 28 9.67 -2.61 2.63
N PRO B 29 9.35 -1.39 2.15
CA PRO B 29 8.97 -0.29 3.04
C PRO B 29 7.80 -0.65 3.94
N ASN B 30 7.54 0.19 4.94
CA ASN B 30 6.45 -0.05 5.88
C ASN B 30 5.10 -0.03 5.15
N LEU B 31 5.02 0.75 4.09
CA LEU B 31 3.78 0.85 3.32
C LEU B 31 3.37 -0.51 2.76
N VAL B 32 4.20 -1.05 1.88
CA VAL B 32 3.92 -2.34 1.27
C VAL B 32 3.75 -3.43 2.33
N ALA B 33 4.60 -3.39 3.36
CA ALA B 33 4.53 -4.38 4.43
C ALA B 33 3.23 -4.22 5.23
N ARG B 34 2.83 -2.97 5.48
CA ARG B 34 1.61 -2.70 6.22
C ARG B 34 0.41 -3.33 5.53
N GLN B 35 0.37 -3.20 4.20
CA GLN B 35 -0.73 -3.76 3.42
C GLN B 35 -0.82 -5.28 3.61
N ILE B 36 0.29 -5.90 3.99
CA ILE B 36 0.32 -7.34 4.20
C ILE B 36 -0.46 -7.71 5.46
N VAL B 37 -0.03 -7.16 6.60
CA VAL B 37 -0.70 -7.43 7.87
C VAL B 37 -2.15 -6.96 7.82
N ASN B 38 -2.40 -5.84 7.15
CA ASN B 38 -3.74 -5.30 7.04
C ASN B 38 -4.65 -6.26 6.28
N SER B 39 -4.07 -6.96 5.30
CA SER B 39 -4.84 -7.92 4.51
C SER B 39 -5.26 -9.12 5.36
N CYS B 40 -4.43 -9.45 6.35
CA CYS B 40 -4.73 -10.56 7.24
C CYS B 40 -5.97 -10.30 8.07
N ALA B 41 -6.93 -11.22 8.02
CA ALA B 41 -8.17 -11.08 8.77
C ALA B 41 -7.98 -11.47 10.23
N GLN B 42 -7.04 -12.37 10.48
CA GLN B 42 -6.77 -12.82 11.85
C GLN B 42 -5.94 -11.80 12.63
N CYS B 43 -5.27 -10.90 11.92
CA CYS B 43 -4.44 -9.88 12.56
C CYS B 43 -5.14 -8.53 12.60
N GLN B 44 -5.98 -8.26 11.60
CA GLN B 44 -6.71 -7.00 11.55
C GLN B 44 -7.57 -6.80 12.80
N GLN B 45 -8.25 -7.87 13.21
CA GLN B 45 -9.11 -7.81 14.38
C GLN B 45 -8.34 -8.18 15.65
N LYS B 46 -8.91 -7.83 16.80
CA LYS B 46 -8.28 -8.12 18.08
C LYS B 46 -9.23 -8.87 19.00
N GLY B 47 -10.47 -8.75 18.80
N PHE A 1 11.58 4.27 -5.77
CA PHE A 1 10.22 3.79 -5.39
C PHE A 1 9.39 4.91 -4.77
N LEU A 2 9.77 5.32 -3.56
CA LEU A 2 9.05 6.39 -2.86
C LEU A 2 9.19 7.73 -3.59
N GLU A 3 10.19 7.84 -4.46
CA GLU A 3 10.42 9.07 -5.21
C GLU A 3 9.20 9.47 -6.05
N LYS A 4 8.81 8.60 -6.97
CA LYS A 4 7.66 8.87 -7.84
C LYS A 4 6.33 8.55 -7.16
N ILE A 5 6.36 7.71 -6.14
CA ILE A 5 5.16 7.34 -5.43
C ILE A 5 4.69 8.46 -4.50
N GLU A 6 5.63 9.23 -3.97
CA GLU A 6 5.31 10.33 -3.08
C GLU A 6 4.40 11.35 -3.79
N PRO A 7 4.86 11.93 -4.92
CA PRO A 7 4.08 12.92 -5.68
C PRO A 7 2.62 12.49 -5.88
N ALA A 8 2.40 11.18 -5.97
CA ALA A 8 1.05 10.66 -6.16
C ALA A 8 0.19 10.87 -4.92
N GLN A 9 0.82 10.76 -3.75
CA GLN A 9 0.12 10.95 -2.49
C GLN A 9 -0.33 12.39 -2.32
N GLU A 10 0.52 13.31 -2.76
CA GLU A 10 0.21 14.74 -2.67
C GLU A 10 -0.93 15.10 -3.63
N GLU A 11 -0.93 14.46 -4.79
CA GLU A 11 -1.96 14.70 -5.80
C GLU A 11 -3.33 14.34 -5.26
N HIS A 12 -3.43 13.19 -4.60
CA HIS A 12 -4.70 12.76 -4.04
C HIS A 12 -5.14 13.73 -2.94
N GLU A 13 -4.19 14.17 -2.12
CA GLU A 13 -4.48 15.08 -1.02
C GLU A 13 -5.00 16.43 -1.51
N LYS A 14 -4.86 16.71 -2.80
CA LYS A 14 -5.31 17.99 -3.35
C LYS A 14 -6.65 17.88 -4.09
N TYR A 15 -6.87 16.79 -4.81
CA TYR A 15 -8.12 16.61 -5.57
C TYR A 15 -8.75 15.24 -5.34
N HIS A 16 -8.35 14.55 -4.27
CA HIS A 16 -8.86 13.21 -3.94
C HIS A 16 -8.97 12.32 -5.19
N SER A 17 -7.94 12.38 -6.03
CA SER A 17 -7.92 11.59 -7.26
C SER A 17 -8.08 10.10 -6.97
N ASN A 18 -8.73 9.39 -7.88
CA ASN A 18 -8.95 7.96 -7.72
C ASN A 18 -7.75 7.16 -8.19
N VAL A 19 -7.77 5.86 -7.91
CA VAL A 19 -6.67 4.97 -8.30
C VAL A 19 -6.36 5.08 -9.79
N LYS A 20 -7.40 4.95 -10.62
CA LYS A 20 -7.25 5.04 -12.06
C LYS A 20 -6.58 6.36 -12.47
N GLU A 21 -6.79 7.39 -11.66
CA GLU A 21 -6.21 8.70 -11.93
C GLU A 21 -4.74 8.74 -11.51
N LEU A 22 -4.46 8.23 -10.31
CA LEU A 22 -3.10 8.20 -9.80
C LEU A 22 -2.24 7.21 -10.59
N SER A 23 -2.88 6.12 -11.05
CA SER A 23 -2.18 5.09 -11.81
C SER A 23 -1.94 5.53 -13.25
N HIS A 24 -2.91 6.23 -13.82
CA HIS A 24 -2.82 6.70 -15.20
C HIS A 24 -1.96 7.96 -15.27
N LYS A 25 -2.00 8.78 -14.22
CA LYS A 25 -1.23 10.01 -14.17
C LYS A 25 0.22 9.76 -13.82
N PHE A 26 0.46 8.85 -12.87
CA PHE A 26 1.81 8.53 -12.43
C PHE A 26 2.30 7.18 -12.99
N GLY A 27 1.45 6.49 -13.75
CA GLY A 27 1.84 5.22 -14.33
C GLY A 27 2.16 4.16 -13.29
N ILE A 28 1.41 4.16 -12.20
CA ILE A 28 1.62 3.17 -11.14
C ILE A 28 0.51 2.12 -11.15
N PRO A 29 0.81 0.88 -10.72
CA PRO A 29 -0.19 -0.19 -10.70
C PRO A 29 -1.41 0.19 -9.88
N ASN A 30 -2.39 -0.70 -9.82
CA ASN A 30 -3.61 -0.45 -9.06
C ASN A 30 -3.36 -0.62 -7.57
N LEU A 31 -2.45 -1.52 -7.22
CA LEU A 31 -2.12 -1.77 -5.83
C LEU A 31 -1.56 -0.51 -5.17
N VAL A 32 -0.46 0.01 -5.72
CA VAL A 32 0.16 1.22 -5.18
C VAL A 32 -0.81 2.38 -5.16
N ALA A 33 -1.54 2.58 -6.25
CA ALA A 33 -2.51 3.66 -6.33
C ALA A 33 -3.60 3.47 -5.29
N ARG A 34 -3.93 2.22 -5.01
CA ARG A 34 -4.96 1.89 -4.02
C ARG A 34 -4.51 2.32 -2.63
N GLN A 35 -3.24 2.14 -2.34
CA GLN A 35 -2.68 2.51 -1.04
C GLN A 35 -2.92 3.99 -0.75
N ILE A 36 -2.95 4.80 -1.79
CA ILE A 36 -3.17 6.23 -1.66
C ILE A 36 -4.61 6.51 -1.24
N VAL A 37 -5.56 5.97 -2.01
CA VAL A 37 -6.97 6.16 -1.72
C VAL A 37 -7.34 5.44 -0.42
N ASN A 38 -6.75 4.28 -0.21
CA ASN A 38 -7.02 3.50 1.00
C ASN A 38 -6.54 4.25 2.23
N SER A 39 -5.44 4.98 2.09
CA SER A 39 -4.87 5.75 3.19
C SER A 39 -5.78 6.92 3.53
N CYS A 40 -6.47 7.45 2.52
CA CYS A 40 -7.37 8.58 2.72
C CYS A 40 -8.58 8.16 3.55
N ALA A 41 -8.80 8.85 4.66
CA ALA A 41 -9.93 8.55 5.54
C ALA A 41 -11.23 9.09 4.97
N GLN A 42 -11.18 10.30 4.44
CA GLN A 42 -12.37 10.93 3.85
C GLN A 42 -12.91 10.09 2.70
N CYS A 43 -12.02 9.38 2.01
CA CYS A 43 -12.40 8.54 0.89
C CYS A 43 -12.71 7.13 1.35
N GLN A 44 -12.07 6.69 2.43
CA GLN A 44 -12.28 5.36 2.97
C GLN A 44 -13.70 5.20 3.49
N GLN A 45 -14.04 5.95 4.54
CA GLN A 45 -15.37 5.89 5.13
C GLN A 45 -16.41 6.47 4.19
N LYS A 46 -17.69 6.26 4.52
CA LYS A 46 -18.77 6.76 3.69
C LYS A 46 -19.94 7.22 4.56
N GLY A 47 -20.01 8.44 4.84
N PHE B 1 6.45 -6.59 -9.94
CA PHE B 1 5.98 -5.86 -8.73
C PHE B 1 5.09 -6.75 -7.87
N LEU B 2 3.89 -7.03 -8.35
CA LEU B 2 2.95 -7.87 -7.61
C LEU B 2 3.46 -9.31 -7.49
N GLU B 3 4.42 -9.69 -8.33
CA GLU B 3 4.97 -11.03 -8.30
C GLU B 3 5.58 -11.38 -6.94
N LYS B 4 6.58 -10.59 -6.52
CA LYS B 4 7.25 -10.83 -5.25
C LYS B 4 6.47 -10.22 -4.08
N ILE B 5 5.61 -9.25 -4.36
CA ILE B 5 4.82 -8.62 -3.31
C ILE B 5 3.68 -9.52 -2.85
N GLU B 6 3.16 -10.33 -3.77
CA GLU B 6 2.06 -11.24 -3.43
C GLU B 6 2.48 -12.20 -2.31
N PRO B 7 3.55 -13.00 -2.54
CA PRO B 7 4.04 -13.97 -1.54
C PRO B 7 4.12 -13.37 -0.14
N ALA B 8 4.40 -12.07 -0.06
CA ALA B 8 4.50 -11.40 1.23
C ALA B 8 3.15 -11.30 1.91
N GLN B 9 2.10 -11.11 1.13
CA GLN B 9 0.75 -11.01 1.66
C GLN B 9 0.30 -12.33 2.25
N GLU B 10 0.69 -13.42 1.59
CA GLU B 10 0.33 -14.76 2.06
C GLU B 10 1.06 -15.10 3.35
N GLU B 11 2.31 -14.63 3.44
CA GLU B 11 3.13 -14.88 4.62
C GLU B 11 2.49 -14.24 5.85
N HIS B 12 2.03 -13.00 5.72
CA HIS B 12 1.39 -12.33 6.84
C HIS B 12 0.10 -13.05 7.22
N GLU B 13 -0.65 -13.49 6.22
CA GLU B 13 -1.91 -14.18 6.46
C GLU B 13 -1.72 -15.50 7.22
N LYS B 14 -0.47 -15.99 7.30
CA LYS B 14 -0.21 -17.26 7.97
C LYS B 14 0.36 -17.06 9.38
N TYR B 15 1.23 -16.07 9.57
CA TYR B 15 1.84 -15.83 10.88
C TYR B 15 1.76 -14.36 11.30
N HIS B 16 0.88 -13.59 10.66
CA HIS B 16 0.72 -12.15 10.96
C HIS B 16 2.06 -11.45 11.13
N SER B 17 3.01 -11.78 10.26
CA SER B 17 4.35 -11.19 10.30
C SER B 17 4.28 -9.67 10.25
N ASN B 18 5.21 -9.01 10.92
CA ASN B 18 5.26 -7.55 10.95
C ASN B 18 6.00 -7.01 9.73
N VAL B 19 5.94 -5.70 9.55
CA VAL B 19 6.59 -5.03 8.42
C VAL B 19 8.08 -5.41 8.35
N LYS B 20 8.78 -5.25 9.47
CA LYS B 20 10.20 -5.58 9.53
C LYS B 20 10.46 -7.02 9.10
N GLU B 21 9.48 -7.88 9.31
CA GLU B 21 9.60 -9.28 8.94
C GLU B 21 9.36 -9.46 7.44
N LEU B 22 8.30 -8.83 6.93
CA LEU B 22 7.97 -8.92 5.52
C LEU B 22 9.02 -8.19 4.68
N SER B 23 9.56 -7.10 5.22
CA SER B 23 10.56 -6.31 4.52
C SER B 23 11.92 -6.99 4.55
N HIS B 24 12.25 -7.60 5.68
CA HIS B 24 13.53 -8.28 5.82
C HIS B 24 13.51 -9.66 5.16
N LYS B 25 12.34 -10.29 5.14
CA LYS B 25 12.19 -11.60 4.53
C LYS B 25 12.05 -11.51 3.02
N PHE B 26 11.30 -10.51 2.55
CA PHE B 26 11.10 -10.33 1.12
C PHE B 26 11.92 -9.16 0.55
N GLY B 27 12.67 -8.48 1.40
CA GLY B 27 13.50 -7.38 0.94
C GLY B 27 12.69 -6.22 0.36
N ILE B 28 11.52 -5.95 0.94
CA ILE B 28 10.67 -4.87 0.47
C ILE B 28 10.72 -3.69 1.43
N PRO B 29 10.54 -2.45 0.93
CA PRO B 29 10.58 -1.25 1.77
C PRO B 29 9.56 -1.34 2.90
N ASN B 30 9.53 -0.30 3.75
CA ASN B 30 8.60 -0.27 4.86
C ASN B 30 7.20 0.07 4.39
N LEU B 31 7.11 0.88 3.33
CA LEU B 31 5.83 1.28 2.78
C LEU B 31 5.05 0.06 2.30
N VAL B 32 5.63 -0.68 1.36
CA VAL B 32 4.98 -1.88 0.81
C VAL B 32 4.65 -2.87 1.91
N ALA B 33 5.60 -3.13 2.80
CA ALA B 33 5.39 -4.05 3.90
C ALA B 33 4.27 -3.57 4.80
N ARG B 34 4.16 -2.25 4.93
CA ARG B 34 3.12 -1.64 5.76
C ARG B 34 1.74 -1.92 5.17
N GLN B 35 1.64 -1.88 3.85
CA GLN B 35 0.37 -2.14 3.17
C GLN B 35 -0.18 -3.50 3.54
N ILE B 36 0.72 -4.45 3.82
CA ILE B 36 0.31 -5.80 4.20
C ILE B 36 -0.32 -5.80 5.59
N VAL B 37 0.41 -5.26 6.55
CA VAL B 37 -0.08 -5.20 7.93
C VAL B 37 -1.28 -4.26 8.03
N ASN B 38 -1.23 -3.16 7.27
CA ASN B 38 -2.31 -2.18 7.27
C ASN B 38 -3.58 -2.81 6.71
N SER B 39 -3.42 -3.71 5.73
CA SER B 39 -4.56 -4.38 5.12
C SER B 39 -5.20 -5.34 6.11
N CYS B 40 -4.38 -5.91 6.99
CA CYS B 40 -4.87 -6.86 7.99
C CYS B 40 -5.76 -6.16 9.00
N ALA B 41 -6.99 -6.65 9.15
CA ALA B 41 -7.93 -6.07 10.09
C ALA B 41 -7.63 -6.49 11.52
N GLN B 42 -7.29 -7.76 11.70
CA GLN B 42 -6.97 -8.29 13.02
C GLN B 42 -5.77 -7.56 13.62
N CYS B 43 -4.87 -7.10 12.75
CA CYS B 43 -3.68 -6.38 13.18
C CYS B 43 -3.93 -4.87 13.26
N GLN B 44 -4.85 -4.39 12.41
CA GLN B 44 -5.18 -2.98 12.38
C GLN B 44 -5.84 -2.54 13.68
N GLN B 45 -7.03 -3.07 13.96
CA GLN B 45 -7.76 -2.74 15.17
C GLN B 45 -7.06 -3.29 16.40
N LYS B 46 -7.50 -2.86 17.57
CA LYS B 46 -6.91 -3.31 18.83
C LYS B 46 -7.98 -3.48 19.90
N GLY B 47 -8.47 -4.62 20.09
N PHE A 1 10.61 4.21 -6.65
CA PHE A 1 9.42 3.82 -5.84
C PHE A 1 8.84 5.03 -5.10
N LEU A 2 9.42 5.39 -3.97
CA LEU A 2 8.94 6.53 -3.19
C LEU A 2 8.99 7.82 -4.02
N GLU A 3 9.92 7.87 -4.97
CA GLU A 3 10.09 9.04 -5.82
C GLU A 3 8.81 9.32 -6.63
N LYS A 4 8.24 8.28 -7.21
CA LYS A 4 7.03 8.43 -8.01
C LYS A 4 5.76 8.27 -7.17
N ILE A 5 5.88 7.58 -6.03
CA ILE A 5 4.73 7.37 -5.15
C ILE A 5 4.41 8.62 -4.34
N GLU A 6 5.44 9.37 -3.96
CA GLU A 6 5.25 10.59 -3.17
C GLU A 6 4.38 11.59 -3.93
N PRO A 7 4.79 12.00 -5.15
CA PRO A 7 4.03 12.96 -5.97
C PRO A 7 2.55 12.61 -6.06
N ALA A 8 2.26 11.34 -6.34
CA ALA A 8 0.88 10.87 -6.46
C ALA A 8 0.13 11.07 -5.15
N GLN A 9 0.84 11.01 -4.04
CA GLN A 9 0.23 11.17 -2.72
C GLN A 9 -0.29 12.60 -2.54
N GLU A 10 0.47 13.57 -3.03
CA GLU A 10 0.08 14.97 -2.92
C GLU A 10 -1.09 15.28 -3.84
N GLU A 11 -1.15 14.57 -4.96
CA GLU A 11 -2.23 14.77 -5.93
C GLU A 11 -3.58 14.38 -5.33
N HIS A 12 -3.60 13.28 -4.57
CA HIS A 12 -4.85 12.85 -3.95
C HIS A 12 -5.29 13.85 -2.88
N GLU A 13 -4.33 14.36 -2.12
CA GLU A 13 -4.64 15.31 -1.06
C GLU A 13 -5.20 16.63 -1.60
N LYS A 14 -5.12 16.84 -2.92
CA LYS A 14 -5.61 18.09 -3.51
C LYS A 14 -6.93 17.90 -4.26
N TYR A 15 -7.23 16.68 -4.70
CA TYR A 15 -8.47 16.45 -5.44
C TYR A 15 -9.09 15.07 -5.16
N HIS A 16 -8.61 14.38 -4.12
CA HIS A 16 -9.10 13.05 -3.76
C HIS A 16 -9.28 12.15 -4.99
N SER A 17 -8.26 12.14 -5.86
CA SER A 17 -8.31 11.32 -7.07
C SER A 17 -8.35 9.84 -6.72
N ASN A 18 -8.78 9.02 -7.68
CA ASN A 18 -8.88 7.58 -7.47
C ASN A 18 -7.59 6.89 -7.86
N VAL A 19 -7.63 5.55 -7.90
CA VAL A 19 -6.46 4.76 -8.26
C VAL A 19 -6.16 4.86 -9.75
N LYS A 20 -7.16 4.54 -10.57
CA LYS A 20 -7.01 4.59 -12.02
C LYS A 20 -6.52 5.95 -12.50
N GLU A 21 -6.86 6.99 -11.75
CA GLU A 21 -6.45 8.35 -12.10
C GLU A 21 -4.99 8.57 -11.75
N LEU A 22 -4.59 8.13 -10.56
CA LEU A 22 -3.22 8.28 -10.09
C LEU A 22 -2.28 7.39 -10.90
N SER A 23 -2.74 6.18 -11.21
CA SER A 23 -1.94 5.23 -11.96
C SER A 23 -1.81 5.64 -13.42
N HIS A 24 -2.89 6.17 -13.99
CA HIS A 24 -2.90 6.59 -15.38
C HIS A 24 -2.27 7.97 -15.55
N LYS A 25 -2.36 8.79 -14.52
CA LYS A 25 -1.80 10.14 -14.56
C LYS A 25 -0.29 10.11 -14.34
N PHE A 26 0.15 9.43 -13.30
CA PHE A 26 1.57 9.33 -12.98
C PHE A 26 2.20 8.10 -13.64
N GLY A 27 1.74 6.92 -13.25
CA GLY A 27 2.26 5.69 -13.80
C GLY A 27 2.69 4.71 -12.73
N ILE A 28 1.72 4.15 -12.02
CA ILE A 28 2.00 3.18 -10.96
C ILE A 28 0.92 2.10 -10.91
N PRO A 29 1.29 0.85 -10.53
CA PRO A 29 0.33 -0.25 -10.44
C PRO A 29 -0.88 0.11 -9.58
N ASN A 30 -2.02 -0.53 -9.86
CA ASN A 30 -3.24 -0.27 -9.12
C ASN A 30 -3.04 -0.58 -7.63
N LEU A 31 -2.16 -1.53 -7.34
CA LEU A 31 -1.88 -1.93 -5.96
C LEU A 31 -1.32 -0.76 -5.15
N VAL A 32 -0.25 -0.15 -5.66
CA VAL A 32 0.36 0.98 -4.98
C VAL A 32 -0.60 2.16 -4.92
N ALA A 33 -1.21 2.48 -6.04
CA ALA A 33 -2.16 3.57 -6.11
C ALA A 33 -3.29 3.40 -5.10
N ARG A 34 -3.60 2.14 -4.77
CA ARG A 34 -4.66 1.85 -3.81
C ARG A 34 -4.26 2.33 -2.42
N GLN A 35 -2.97 2.29 -2.12
CA GLN A 35 -2.47 2.73 -0.81
C GLN A 35 -2.76 4.23 -0.61
N ILE A 36 -2.84 4.97 -1.72
CA ILE A 36 -3.11 6.40 -1.66
C ILE A 36 -4.49 6.65 -1.07
N VAL A 37 -5.52 6.12 -1.72
CA VAL A 37 -6.89 6.28 -1.25
C VAL A 37 -7.06 5.67 0.14
N ASN A 38 -6.43 4.52 0.35
CA ASN A 38 -6.49 3.84 1.64
C ASN A 38 -5.91 4.71 2.74
N SER A 39 -4.87 5.47 2.40
CA SER A 39 -4.22 6.35 3.36
C SER A 39 -5.15 7.51 3.72
N CYS A 40 -5.99 7.91 2.78
CA CYS A 40 -6.93 9.01 2.99
C CYS A 40 -8.04 8.58 3.96
N ALA A 41 -8.25 9.39 5.00
CA ALA A 41 -9.28 9.09 5.99
C ALA A 41 -10.67 9.47 5.50
N GLN A 42 -10.76 10.64 4.85
CA GLN A 42 -12.04 11.12 4.33
C GLN A 42 -12.59 10.19 3.26
N CYS A 43 -11.71 9.47 2.58
CA CYS A 43 -12.12 8.55 1.53
C CYS A 43 -12.32 7.14 2.07
N GLN A 44 -11.56 6.79 3.11
CA GLN A 44 -11.66 5.47 3.72
C GLN A 44 -13.06 5.25 4.28
N GLN A 45 -13.52 6.18 5.10
CA GLN A 45 -14.84 6.08 5.71
C GLN A 45 -15.92 6.63 4.77
N LYS A 46 -17.07 5.97 4.75
CA LYS A 46 -18.17 6.38 3.89
C LYS A 46 -19.33 6.92 4.73
N GLY A 47 -19.31 6.73 5.96
N PHE B 1 7.19 -6.61 -8.89
CA PHE B 1 6.31 -5.94 -7.90
C PHE B 1 5.33 -6.93 -7.27
N LEU B 2 4.24 -7.22 -7.96
CA LEU B 2 3.25 -8.16 -7.45
C LEU B 2 3.85 -9.53 -7.22
N GLU B 3 4.89 -9.85 -7.98
CA GLU B 3 5.56 -11.14 -7.87
C GLU B 3 6.15 -11.34 -6.47
N LYS B 4 6.81 -10.31 -5.95
CA LYS B 4 7.43 -10.38 -4.63
C LYS B 4 6.47 -9.91 -3.54
N ILE B 5 5.48 -9.11 -3.91
CA ILE B 5 4.51 -8.61 -2.93
C ILE B 5 3.48 -9.68 -2.57
N GLU B 6 3.12 -10.51 -3.54
CA GLU B 6 2.13 -11.57 -3.30
C GLU B 6 2.62 -12.53 -2.21
N PRO B 7 3.80 -13.15 -2.38
CA PRO B 7 4.36 -14.09 -1.40
C PRO B 7 4.31 -13.53 0.03
N ALA B 8 4.76 -12.29 0.17
CA ALA B 8 4.77 -11.65 1.49
C ALA B 8 3.36 -11.54 2.07
N GLN B 9 2.38 -11.44 1.20
CA GLN B 9 0.99 -11.32 1.63
C GLN B 9 0.52 -12.61 2.30
N GLU B 10 0.94 -13.75 1.75
CA GLU B 10 0.57 -15.04 2.30
C GLU B 10 1.28 -15.29 3.63
N GLU B 11 2.48 -14.75 3.75
CA GLU B 11 3.27 -14.91 4.97
C GLU B 11 2.58 -14.25 6.16
N HIS B 12 2.00 -13.07 5.94
CA HIS B 12 1.31 -12.37 7.01
C HIS B 12 0.06 -13.13 7.42
N GLU B 13 -0.66 -13.67 6.45
CA GLU B 13 -1.89 -14.40 6.71
C GLU B 13 -1.63 -15.69 7.52
N LYS B 14 -0.36 -16.09 7.64
CA LYS B 14 -0.03 -17.31 8.37
C LYS B 14 0.56 -17.04 9.76
N TYR B 15 1.16 -15.87 9.96
CA TYR B 15 1.77 -15.56 11.25
C TYR B 15 1.64 -14.07 11.63
N HIS B 16 0.77 -13.33 10.93
CA HIS B 16 0.57 -11.90 11.18
C HIS B 16 1.90 -11.15 11.41
N SER B 17 2.88 -11.42 10.55
CA SER B 17 4.19 -10.79 10.65
C SER B 17 4.07 -9.28 10.45
N ASN B 18 5.08 -8.55 10.90
CA ASN B 18 5.10 -7.10 10.79
C ASN B 18 5.75 -6.66 9.48
N VAL B 19 5.99 -5.37 9.35
CA VAL B 19 6.61 -4.80 8.15
C VAL B 19 8.10 -5.15 8.08
N LYS B 20 8.82 -4.81 9.14
CA LYS B 20 10.25 -5.07 9.20
C LYS B 20 10.57 -6.55 8.97
N GLU B 21 9.64 -7.41 9.34
CA GLU B 21 9.81 -8.85 9.16
C GLU B 21 9.61 -9.25 7.70
N LEU B 22 8.56 -8.69 7.09
CA LEU B 22 8.25 -8.99 5.70
C LEU B 22 9.28 -8.37 4.76
N SER B 23 9.73 -7.16 5.11
CA SER B 23 10.71 -6.45 4.30
C SER B 23 12.10 -7.08 4.44
N HIS B 24 12.44 -7.50 5.66
CA HIS B 24 13.74 -8.11 5.92
C HIS B 24 13.76 -9.58 5.50
N LYS B 25 12.61 -10.23 5.56
CA LYS B 25 12.50 -11.63 5.18
C LYS B 25 12.49 -11.81 3.66
N PHE B 26 11.61 -11.06 2.99
CA PHE B 26 11.50 -11.14 1.54
C PHE B 26 12.42 -10.12 0.86
N GLY B 27 12.15 -8.84 1.11
CA GLY B 27 12.96 -7.79 0.50
C GLY B 27 12.11 -6.74 -0.20
N ILE B 28 11.39 -5.95 0.58
CA ILE B 28 10.54 -4.91 0.03
C ILE B 28 10.53 -3.67 0.94
N PRO B 29 10.38 -2.46 0.36
CA PRO B 29 10.36 -1.22 1.15
C PRO B 29 9.31 -1.27 2.25
N ASN B 30 9.55 -0.52 3.33
CA ASN B 30 8.62 -0.48 4.45
C ASN B 30 7.24 -0.01 4.01
N LEU B 31 7.21 0.84 2.98
CA LEU B 31 5.96 1.37 2.46
C LEU B 31 5.06 0.25 1.95
N VAL B 32 5.59 -0.57 1.04
CA VAL B 32 4.81 -1.67 0.50
C VAL B 32 4.45 -2.67 1.58
N ALA B 33 5.44 -3.05 2.39
CA ALA B 33 5.21 -3.99 3.47
C ALA B 33 4.11 -3.51 4.42
N ARG B 34 3.94 -2.18 4.50
CA ARG B 34 2.92 -1.61 5.37
C ARG B 34 1.53 -1.95 4.85
N GLN B 35 1.40 -2.06 3.53
CA GLN B 35 0.11 -2.39 2.91
C GLN B 35 -0.35 -3.77 3.36
N ILE B 36 0.60 -4.65 3.69
CA ILE B 36 0.29 -5.99 4.14
C ILE B 36 -0.51 -5.96 5.44
N VAL B 37 0.10 -5.37 6.47
CA VAL B 37 -0.56 -5.26 7.77
C VAL B 37 -1.84 -4.45 7.65
N ASN B 38 -1.79 -3.38 6.86
CA ASN B 38 -2.96 -2.53 6.65
C ASN B 38 -4.11 -3.32 6.03
N SER B 39 -3.75 -4.26 5.16
CA SER B 39 -4.76 -5.09 4.50
C SER B 39 -5.41 -6.04 5.51
N CYS B 40 -4.65 -6.43 6.52
CA CYS B 40 -5.15 -7.33 7.56
C CYS B 40 -6.16 -6.62 8.45
N ALA B 41 -7.33 -7.24 8.62
CA ALA B 41 -8.38 -6.66 9.45
C ALA B 41 -8.13 -6.89 10.93
N GLN B 42 -7.69 -8.11 11.26
CA GLN B 42 -7.42 -8.45 12.65
C GLN B 42 -6.28 -7.61 13.23
N CYS B 43 -5.40 -7.13 12.36
CA CYS B 43 -4.27 -6.31 12.80
C CYS B 43 -4.61 -4.83 12.73
N GLN B 44 -5.46 -4.46 11.79
CA GLN B 44 -5.88 -3.07 11.63
C GLN B 44 -6.56 -2.56 12.90
N GLN B 45 -7.57 -3.29 13.35
CA GLN B 45 -8.32 -2.91 14.56
C GLN B 45 -7.60 -3.41 15.81
N LYS B 46 -7.63 -2.59 16.86
CA LYS B 46 -6.99 -2.95 18.12
C LYS B 46 -8.03 -3.19 19.20
N GLY B 47 -9.21 -2.83 18.99
N PHE A 1 9.38 2.34 -3.78
CA PHE A 1 7.96 2.41 -3.36
C PHE A 1 7.45 3.85 -3.36
N LEU A 2 8.18 4.74 -2.70
CA LEU A 2 7.80 6.14 -2.63
C LEU A 2 8.37 6.95 -3.81
N GLU A 3 8.87 6.26 -4.83
CA GLU A 3 9.43 6.93 -6.00
C GLU A 3 8.37 7.17 -7.06
N LYS A 4 7.68 6.12 -7.46
CA LYS A 4 6.64 6.21 -8.48
C LYS A 4 5.27 6.51 -7.87
N ILE A 5 5.13 6.30 -6.56
CA ILE A 5 3.86 6.57 -5.88
C ILE A 5 3.77 8.03 -5.45
N GLU A 6 4.90 8.61 -5.05
CA GLU A 6 4.92 10.01 -4.63
C GLU A 6 4.35 10.93 -5.70
N PRO A 7 4.87 10.84 -6.95
CA PRO A 7 4.39 11.66 -8.08
C PRO A 7 2.86 11.70 -8.15
N ALA A 8 2.25 10.54 -7.98
CA ALA A 8 0.79 10.44 -8.03
C ALA A 8 0.15 11.30 -6.93
N GLN A 9 0.77 11.29 -5.76
CA GLN A 9 0.28 12.07 -4.63
C GLN A 9 0.28 13.57 -4.96
N GLU A 10 1.34 14.01 -5.64
CA GLU A 10 1.46 15.41 -6.02
C GLU A 10 0.35 15.79 -7.00
N GLU A 11 -0.02 14.85 -7.85
CA GLU A 11 -1.07 15.07 -8.84
C GLU A 11 -2.43 15.22 -8.16
N HIS A 12 -2.67 14.39 -7.14
CA HIS A 12 -3.94 14.47 -6.42
C HIS A 12 -4.01 15.77 -5.63
N GLU A 13 -2.88 16.18 -5.06
CA GLU A 13 -2.83 17.40 -4.27
C GLU A 13 -3.07 18.65 -5.13
N LYS A 14 -3.06 18.50 -6.45
CA LYS A 14 -3.26 19.64 -7.35
C LYS A 14 -4.65 19.64 -7.98
N TYR A 15 -5.32 18.49 -8.03
CA TYR A 15 -6.65 18.42 -8.65
C TYR A 15 -7.56 17.38 -7.98
N HIS A 16 -7.20 16.92 -6.78
CA HIS A 16 -7.98 15.91 -6.04
C HIS A 16 -8.49 14.79 -6.96
N SER A 17 -7.60 14.30 -7.82
CA SER A 17 -7.94 13.23 -8.76
C SER A 17 -8.27 11.94 -8.03
N ASN A 18 -9.28 11.22 -8.54
CA ASN A 18 -9.71 9.96 -7.95
C ASN A 18 -8.73 8.84 -8.30
N VAL A 19 -8.95 7.67 -7.69
CA VAL A 19 -8.11 6.51 -7.93
C VAL A 19 -8.03 6.15 -9.41
N LYS A 20 -9.19 6.02 -10.05
CA LYS A 20 -9.25 5.66 -11.47
C LYS A 20 -8.39 6.59 -12.31
N GLU A 21 -8.22 7.82 -11.86
CA GLU A 21 -7.41 8.80 -12.58
C GLU A 21 -5.93 8.57 -12.30
N LEU A 22 -5.59 8.39 -11.02
CA LEU A 22 -4.21 8.14 -10.62
C LEU A 22 -3.72 6.81 -11.17
N SER A 23 -4.63 5.85 -11.27
CA SER A 23 -4.29 4.52 -11.78
C SER A 23 -4.14 4.54 -13.30
N HIS A 24 -4.98 5.33 -13.95
CA HIS A 24 -4.94 5.44 -15.41
C HIS A 24 -3.82 6.37 -15.87
N LYS A 25 -3.54 7.40 -15.08
CA LYS A 25 -2.51 8.36 -15.42
C LYS A 25 -1.11 7.81 -15.14
N PHE A 26 -0.87 7.43 -13.88
CA PHE A 26 0.43 6.89 -13.49
C PHE A 26 0.51 5.37 -13.65
N GLY A 27 -0.51 4.77 -14.26
CA GLY A 27 -0.51 3.33 -14.46
C GLY A 27 -0.27 2.54 -13.19
N ILE A 28 -0.97 2.91 -12.12
CA ILE A 28 -0.83 2.22 -10.83
C ILE A 28 -2.12 1.47 -10.48
N PRO A 29 -2.02 0.37 -9.72
CA PRO A 29 -3.20 -0.41 -9.31
C PRO A 29 -4.11 0.38 -8.38
N ASN A 30 -5.36 -0.05 -8.27
CA ASN A 30 -6.34 0.61 -7.42
C ASN A 30 -5.85 0.64 -5.97
N LEU A 31 -5.10 -0.38 -5.59
CA LEU A 31 -4.57 -0.47 -4.22
C LEU A 31 -3.67 0.72 -3.91
N VAL A 32 -2.58 0.84 -4.66
CA VAL A 32 -1.64 1.94 -4.46
C VAL A 32 -2.34 3.29 -4.63
N ALA A 33 -3.19 3.38 -5.64
CA ALA A 33 -3.93 4.61 -5.90
C ALA A 33 -4.86 4.95 -4.74
N ARG A 34 -5.48 3.92 -4.16
CA ARG A 34 -6.40 4.12 -3.04
C ARG A 34 -5.67 4.80 -1.89
N GLN A 35 -4.41 4.43 -1.68
CA GLN A 35 -3.60 5.01 -0.62
C GLN A 35 -3.40 6.51 -0.85
N ILE A 36 -3.45 6.92 -2.12
CA ILE A 36 -3.28 8.32 -2.48
C ILE A 36 -4.45 9.15 -1.96
N VAL A 37 -5.66 8.79 -2.38
CA VAL A 37 -6.86 9.49 -1.95
C VAL A 37 -7.02 9.40 -0.44
N ASN A 38 -6.70 8.23 0.11
CA ASN A 38 -6.81 8.01 1.55
C ASN A 38 -5.92 8.99 2.31
N SER A 39 -4.77 9.32 1.70
CA SER A 39 -3.84 10.25 2.31
C SER A 39 -4.45 11.64 2.39
N CYS A 40 -5.33 11.96 1.44
CA CYS A 40 -5.98 13.25 1.40
C CYS A 40 -7.02 13.37 2.51
N ALA A 41 -6.91 14.41 3.32
CA ALA A 41 -7.84 14.63 4.43
C ALA A 41 -9.14 15.26 3.93
N GLN A 42 -9.03 16.18 2.98
CA GLN A 42 -10.21 16.87 2.44
C GLN A 42 -11.12 15.89 1.70
N CYS A 43 -10.54 14.82 1.16
CA CYS A 43 -11.31 13.82 0.42
C CYS A 43 -11.79 12.71 1.35
N GLN A 44 -11.03 12.44 2.40
CA GLN A 44 -11.40 11.41 3.36
C GLN A 44 -12.73 11.74 4.03
N GLN A 45 -12.84 12.96 4.54
CA GLN A 45 -14.04 13.41 5.21
C GLN A 45 -15.14 13.75 4.19
N LYS A 46 -16.25 14.27 4.68
CA LYS A 46 -17.38 14.63 3.82
C LYS A 46 -17.88 13.43 3.03
N GLY A 47 -17.54 12.29 3.41
N PHE B 1 4.49 -4.20 -8.34
CA PHE B 1 3.89 -3.99 -7.00
C PHE B 1 3.61 -5.32 -6.31
N LEU B 2 2.92 -6.21 -7.00
CA LEU B 2 2.59 -7.53 -6.45
C LEU B 2 3.68 -8.56 -6.74
N GLU B 3 4.85 -8.10 -7.18
CA GLU B 3 5.96 -9.01 -7.48
C GLU B 3 6.84 -9.23 -6.26
N LYS B 4 7.31 -8.13 -5.66
CA LYS B 4 8.16 -8.21 -4.48
C LYS B 4 7.36 -8.22 -3.19
N ILE B 5 6.08 -7.81 -3.26
CA ILE B 5 5.23 -7.79 -2.09
C ILE B 5 4.57 -9.15 -1.85
N GLU B 6 4.23 -9.84 -2.94
CA GLU B 6 3.58 -11.15 -2.84
C GLU B 6 4.44 -12.11 -2.01
N PRO B 7 5.74 -12.27 -2.36
CA PRO B 7 6.66 -13.15 -1.63
C PRO B 7 6.55 -12.98 -0.11
N ALA B 8 6.48 -11.72 0.33
CA ALA B 8 6.37 -11.42 1.76
C ALA B 8 5.08 -12.00 2.33
N GLN B 9 4.01 -11.94 1.56
CA GLN B 9 2.73 -12.48 1.99
C GLN B 9 2.82 -13.98 2.23
N GLU B 10 3.53 -14.66 1.34
CA GLU B 10 3.71 -16.11 1.47
C GLU B 10 4.48 -16.45 2.74
N GLU B 11 5.42 -15.59 3.10
CA GLU B 11 6.23 -15.78 4.30
C GLU B 11 5.37 -15.63 5.55
N HIS B 12 4.47 -14.64 5.54
CA HIS B 12 3.60 -14.43 6.69
C HIS B 12 2.61 -15.59 6.82
N GLU B 13 2.14 -16.08 5.69
CA GLU B 13 1.18 -17.17 5.69
C GLU B 13 1.79 -18.48 6.20
N LYS B 14 3.11 -18.51 6.37
CA LYS B 14 3.79 -19.72 6.83
C LYS B 14 4.25 -19.61 8.29
N TYR B 15 4.39 -18.38 8.80
CA TYR B 15 4.85 -18.19 10.18
C TYR B 15 4.25 -16.94 10.85
N HIS B 16 3.19 -16.39 10.27
CA HIS B 16 2.53 -15.18 10.79
C HIS B 16 3.54 -14.14 11.27
N SER B 17 4.57 -13.90 10.45
CA SER B 17 5.61 -12.94 10.78
C SER B 17 5.05 -11.52 10.84
N ASN B 18 5.55 -10.74 11.80
CA ASN B 18 5.11 -9.36 11.97
C ASN B 18 5.74 -8.45 10.93
N VAL B 19 5.30 -7.19 10.90
CA VAL B 19 5.82 -6.21 9.95
C VAL B 19 7.34 -6.07 10.03
N LYS B 20 7.83 -5.85 11.25
CA LYS B 20 9.28 -5.69 11.46
C LYS B 20 10.07 -6.85 10.85
N GLU B 21 9.45 -8.02 10.78
CA GLU B 21 10.11 -9.20 10.21
C GLU B 21 10.05 -9.15 8.69
N LEU B 22 8.86 -8.85 8.16
CA LEU B 22 8.66 -8.76 6.72
C LEU B 22 9.47 -7.60 6.14
N SER B 23 9.62 -6.54 6.92
CA SER B 23 10.36 -5.36 6.49
C SER B 23 11.86 -5.61 6.55
N HIS B 24 12.28 -6.35 7.57
CA HIS B 24 13.70 -6.66 7.75
C HIS B 24 14.14 -7.80 6.84
N LYS B 25 13.23 -8.74 6.60
CA LYS B 25 13.54 -9.89 5.75
C LYS B 25 13.51 -9.52 4.27
N PHE B 26 12.37 -9.01 3.81
CA PHE B 26 12.23 -8.63 2.40
C PHE B 26 12.63 -7.17 2.15
N GLY B 27 13.20 -6.52 3.16
CA GLY B 27 13.63 -5.13 3.00
C GLY B 27 12.53 -4.21 2.48
N ILE B 28 11.34 -4.33 3.05
CA ILE B 28 10.21 -3.50 2.66
C ILE B 28 9.80 -2.53 3.77
N PRO B 29 9.25 -1.35 3.42
CA PRO B 29 8.83 -0.37 4.42
C PRO B 29 7.68 -0.87 5.28
N ASN B 30 7.50 -0.24 6.44
CA ASN B 30 6.44 -0.63 7.37
C ASN B 30 5.07 -0.53 6.70
N LEU B 31 4.95 0.40 5.76
CA LEU B 31 3.68 0.60 5.04
C LEU B 31 3.31 -0.66 4.27
N VAL B 32 4.15 -1.04 3.32
CA VAL B 32 3.90 -2.23 2.51
C VAL B 32 3.77 -3.48 3.40
N ALA B 33 4.64 -3.57 4.39
CA ALA B 33 4.62 -4.70 5.31
C ALA B 33 3.32 -4.74 6.11
N ARG B 34 2.84 -3.57 6.50
CA ARG B 34 1.60 -3.47 7.27
C ARG B 34 0.44 -4.08 6.48
N GLN B 35 0.46 -3.88 5.17
CA GLN B 35 -0.58 -4.43 4.31
C GLN B 35 -0.56 -5.95 4.34
N ILE B 36 0.62 -6.52 4.62
CA ILE B 36 0.77 -7.97 4.68
C ILE B 36 -0.01 -8.54 5.86
N VAL B 37 0.31 -8.05 7.06
CA VAL B 37 -0.36 -8.50 8.27
C VAL B 37 -1.85 -8.18 8.21
N ASN B 38 -2.17 -7.01 7.66
CA ASN B 38 -3.56 -6.58 7.54
C ASN B 38 -4.34 -7.58 6.68
N SER B 39 -3.67 -8.15 5.70
CA SER B 39 -4.29 -9.12 4.81
C SER B 39 -4.66 -10.39 5.58
N CYS B 40 -3.88 -10.69 6.62
CA CYS B 40 -4.13 -11.87 7.43
C CYS B 40 -5.36 -11.67 8.32
N ALA B 41 -6.30 -12.59 8.23
CA ALA B 41 -7.52 -12.52 9.01
C ALA B 41 -7.30 -13.00 10.44
N GLN B 42 -6.49 -14.06 10.59
CA GLN B 42 -6.21 -14.62 11.91
C GLN B 42 -5.44 -13.63 12.78
N CYS B 43 -4.68 -12.75 12.15
CA CYS B 43 -3.89 -11.76 12.87
C CYS B 43 -4.68 -10.48 13.08
N GLN B 44 -5.58 -10.18 12.15
CA GLN B 44 -6.41 -8.97 12.24
C GLN B 44 -7.28 -9.01 13.49
N GLN B 45 -7.99 -10.12 13.68
CA GLN B 45 -8.85 -10.29 14.84
C GLN B 45 -8.03 -10.58 16.09
N LYS B 46 -8.72 -10.88 17.20
CA LYS B 46 -8.07 -11.17 18.46
C LYS B 46 -7.17 -10.03 18.90
N GLY B 47 -7.33 -8.91 18.37
N PHE A 1 10.49 4.01 -3.87
CA PHE A 1 9.02 3.79 -3.70
C PHE A 1 8.31 5.11 -3.35
N LEU A 2 8.63 5.65 -2.19
CA LEU A 2 8.01 6.90 -1.75
C LEU A 2 8.41 8.07 -2.65
N GLU A 3 9.56 7.93 -3.33
CA GLU A 3 10.05 8.98 -4.22
C GLU A 3 9.02 9.31 -5.30
N LYS A 4 8.47 8.28 -5.93
CA LYS A 4 7.48 8.46 -6.99
C LYS A 4 6.07 8.49 -6.41
N ILE A 5 5.86 7.78 -5.31
CA ILE A 5 4.55 7.73 -4.67
C ILE A 5 4.21 9.08 -4.03
N GLU A 6 5.23 9.79 -3.56
CA GLU A 6 5.02 11.08 -2.93
C GLU A 6 4.37 12.06 -3.91
N PRO A 7 5.04 12.38 -5.04
CA PRO A 7 4.49 13.30 -6.05
C PRO A 7 3.02 13.03 -6.35
N ALA A 8 2.64 11.75 -6.31
CA ALA A 8 1.27 11.36 -6.58
C ALA A 8 0.33 11.88 -5.48
N GLN A 9 0.79 11.78 -4.24
CA GLN A 9 0.00 12.24 -3.10
C GLN A 9 -0.27 13.73 -3.20
N GLU A 10 0.75 14.49 -3.58
CA GLU A 10 0.62 15.93 -3.73
C GLU A 10 -0.31 16.28 -4.90
N GLU A 11 -0.33 15.41 -5.90
CA GLU A 11 -1.17 15.61 -7.07
C GLU A 11 -2.64 15.49 -6.71
N HIS A 12 -2.97 14.53 -5.85
CA HIS A 12 -4.37 14.34 -5.45
C HIS A 12 -4.87 15.56 -4.68
N GLU A 13 -4.06 16.05 -3.76
CA GLU A 13 -4.43 17.21 -2.96
C GLU A 13 -4.69 18.45 -3.81
N LYS A 14 -4.26 18.42 -5.07
CA LYS A 14 -4.44 19.56 -5.96
C LYS A 14 -5.66 19.41 -6.89
N TYR A 15 -5.81 18.23 -7.51
CA TYR A 15 -6.92 18.00 -8.43
C TYR A 15 -7.75 16.77 -8.07
N HIS A 16 -7.63 16.30 -6.82
CA HIS A 16 -8.37 15.11 -6.35
C HIS A 16 -8.34 13.97 -7.39
N SER A 17 -7.19 13.78 -8.02
CA SER A 17 -7.04 12.73 -9.03
C SER A 17 -7.39 11.36 -8.46
N ASN A 18 -8.20 10.61 -9.21
CA ASN A 18 -8.62 9.28 -8.78
C ASN A 18 -7.46 8.29 -8.89
N VAL A 19 -7.75 7.02 -8.62
CA VAL A 19 -6.73 5.98 -8.68
C VAL A 19 -6.25 5.77 -10.12
N LYS A 20 -7.19 5.58 -11.03
CA LYS A 20 -6.86 5.37 -12.44
C LYS A 20 -6.05 6.53 -13.00
N GLU A 21 -6.33 7.73 -12.52
CA GLU A 21 -5.61 8.92 -12.97
C GLU A 21 -4.19 8.92 -12.43
N LEU A 22 -4.06 8.69 -11.12
CA LEU A 22 -2.76 8.66 -10.48
C LEU A 22 -1.93 7.48 -10.98
N SER A 23 -2.60 6.34 -11.17
CA SER A 23 -1.93 5.13 -11.64
C SER A 23 -1.47 5.28 -13.09
N HIS A 24 -2.33 5.87 -13.93
CA HIS A 24 -2.00 6.06 -15.33
C HIS A 24 -1.10 7.27 -15.54
N LYS A 25 -1.23 8.28 -14.69
CA LYS A 25 -0.43 9.48 -14.79
C LYS A 25 1.00 9.25 -14.32
N PHE A 26 1.14 8.65 -13.13
CA PHE A 26 2.45 8.38 -12.57
C PHE A 26 2.94 6.99 -12.94
N GLY A 27 2.09 5.99 -12.74
CA GLY A 27 2.45 4.63 -13.07
C GLY A 27 2.46 3.72 -11.86
N ILE A 28 1.59 4.00 -10.90
CA ILE A 28 1.50 3.19 -9.69
C ILE A 28 0.24 2.32 -9.71
N PRO A 29 0.37 1.03 -9.31
CA PRO A 29 -0.77 0.11 -9.29
C PRO A 29 -1.97 0.68 -8.56
N ASN A 30 -3.16 0.16 -8.85
CA ASN A 30 -4.39 0.62 -8.22
C ASN A 30 -4.30 0.54 -6.70
N LEU A 31 -3.52 -0.41 -6.20
CA LEU A 31 -3.36 -0.59 -4.76
C LEU A 31 -2.77 0.66 -4.12
N VAL A 32 -1.55 1.01 -4.53
CA VAL A 32 -0.87 2.18 -3.99
C VAL A 32 -1.67 3.44 -4.27
N ALA A 33 -2.21 3.55 -5.48
CA ALA A 33 -2.99 4.70 -5.87
C ALA A 33 -4.23 4.85 -4.98
N ARG A 34 -4.74 3.72 -4.51
CA ARG A 34 -5.92 3.72 -3.64
C ARG A 34 -5.59 4.29 -2.26
N GLN A 35 -4.33 4.14 -1.85
CA GLN A 35 -3.91 4.66 -0.55
C GLN A 35 -4.04 6.17 -0.48
N ILE A 36 -3.69 6.83 -1.58
CA ILE A 36 -3.78 8.29 -1.67
C ILE A 36 -5.23 8.74 -1.61
N VAL A 37 -6.06 8.18 -2.48
CA VAL A 37 -7.47 8.54 -2.53
C VAL A 37 -8.15 8.17 -1.21
N ASN A 38 -7.77 7.02 -0.64
CA ASN A 38 -8.34 6.57 0.62
C ASN A 38 -8.09 7.58 1.73
N SER A 39 -6.90 8.18 1.71
CA SER A 39 -6.54 9.17 2.71
C SER A 39 -7.44 10.40 2.62
N CYS A 40 -7.87 10.73 1.40
CA CYS A 40 -8.73 11.87 1.17
C CYS A 40 -10.12 11.65 1.77
N ALA A 41 -10.53 12.56 2.64
CA ALA A 41 -11.84 12.46 3.30
C ALA A 41 -12.95 12.96 2.38
N GLN A 42 -12.69 14.07 1.68
CA GLN A 42 -13.67 14.65 0.77
C GLN A 42 -14.05 13.65 -0.32
N CYS A 43 -13.11 12.79 -0.70
CA CYS A 43 -13.34 11.79 -1.74
C CYS A 43 -13.92 10.52 -1.13
N GLN A 44 -13.53 10.22 0.10
CA GLN A 44 -14.01 9.03 0.79
C GLN A 44 -15.51 9.11 1.03
N GLN A 45 -15.95 10.20 1.65
CA GLN A 45 -17.38 10.40 1.93
C GLN A 45 -18.06 11.11 0.75
N LYS A 46 -19.00 10.40 0.11
CA LYS A 46 -19.72 10.96 -1.02
C LYS A 46 -20.72 12.01 -0.56
N GLY A 47 -21.48 11.74 0.40
N PHE B 1 4.46 -6.07 -9.20
CA PHE B 1 4.15 -5.60 -7.83
C PHE B 1 3.52 -6.72 -7.01
N LEU B 2 2.34 -7.15 -7.40
CA LEU B 2 1.63 -8.22 -6.70
C LEU B 2 2.40 -9.54 -6.81
N GLU B 3 3.22 -9.68 -7.85
CA GLU B 3 3.99 -10.90 -8.06
C GLU B 3 4.88 -11.22 -6.85
N LYS B 4 5.59 -10.20 -6.37
CA LYS B 4 6.48 -10.37 -5.22
C LYS B 4 5.74 -10.11 -3.91
N ILE B 5 4.74 -9.23 -3.96
CA ILE B 5 3.96 -8.90 -2.77
C ILE B 5 3.09 -10.08 -2.36
N GLU B 6 2.64 -10.86 -3.32
CA GLU B 6 1.79 -12.02 -3.04
C GLU B 6 2.52 -13.00 -2.12
N PRO B 7 3.68 -13.57 -2.57
CA PRO B 7 4.46 -14.53 -1.77
C PRO B 7 4.62 -14.07 -0.32
N ALA B 8 4.73 -12.76 -0.12
CA ALA B 8 4.87 -12.20 1.22
C ALA B 8 3.61 -12.41 2.03
N GLN B 9 2.46 -12.22 1.40
CA GLN B 9 1.18 -12.40 2.07
C GLN B 9 1.02 -13.84 2.55
N GLU B 10 1.39 -14.79 1.70
CA GLU B 10 1.30 -16.20 2.05
C GLU B 10 2.29 -16.55 3.17
N GLU B 11 3.40 -15.83 3.21
CA GLU B 11 4.42 -16.06 4.24
C GLU B 11 3.91 -15.67 5.61
N HIS B 12 3.17 -14.56 5.69
CA HIS B 12 2.63 -14.11 6.97
C HIS B 12 1.62 -15.12 7.52
N GLU B 13 0.75 -15.60 6.66
CA GLU B 13 -0.27 -16.56 7.07
C GLU B 13 0.36 -17.85 7.61
N LYS B 14 1.66 -18.06 7.36
CA LYS B 14 2.33 -19.26 7.82
C LYS B 14 3.11 -19.05 9.12
N TYR B 15 3.88 -17.96 9.20
CA TYR B 15 4.68 -17.69 10.39
C TYR B 15 4.42 -16.30 10.98
N HIS B 16 3.29 -15.70 10.64
CA HIS B 16 2.92 -14.36 11.12
C HIS B 16 4.11 -13.39 11.10
N SER B 17 4.90 -13.46 10.03
CA SER B 17 6.06 -12.59 9.88
C SER B 17 5.68 -11.13 9.96
N ASN B 18 6.42 -10.36 10.76
CA ASN B 18 6.16 -8.94 10.93
C ASN B 18 6.56 -8.17 9.67
N VAL B 19 6.45 -6.84 9.74
CA VAL B 19 6.80 -5.99 8.62
C VAL B 19 8.29 -6.05 8.32
N LYS B 20 9.10 -5.84 9.36
CA LYS B 20 10.55 -5.87 9.21
C LYS B 20 11.03 -7.21 8.63
N GLU B 21 10.34 -8.28 9.02
CA GLU B 21 10.69 -9.61 8.53
C GLU B 21 10.33 -9.76 7.06
N LEU B 22 9.10 -9.38 6.72
CA LEU B 22 8.63 -9.46 5.35
C LEU B 22 9.39 -8.50 4.45
N SER B 23 9.68 -7.30 4.98
CA SER B 23 10.40 -6.29 4.23
C SER B 23 11.86 -6.70 4.01
N HIS B 24 12.49 -7.25 5.03
CA HIS B 24 13.88 -7.67 4.94
C HIS B 24 14.01 -9.03 4.25
N LYS B 25 12.99 -9.88 4.40
CA LYS B 25 13.01 -11.20 3.79
C LYS B 25 12.76 -11.13 2.28
N PHE B 26 11.71 -10.40 1.90
CA PHE B 26 11.36 -10.27 0.49
C PHE B 26 11.99 -9.02 -0.13
N GLY B 27 11.85 -7.89 0.56
CA GLY B 27 12.42 -6.65 0.06
C GLY B 27 11.37 -5.61 -0.24
N ILE B 28 10.28 -5.62 0.52
CA ILE B 28 9.20 -4.67 0.32
C ILE B 28 9.20 -3.61 1.43
N PRO B 29 9.03 -2.32 1.09
CA PRO B 29 9.02 -1.23 2.07
C PRO B 29 8.05 -1.52 3.23
N ASN B 30 8.28 -0.85 4.36
CA ASN B 30 7.44 -1.04 5.54
C ASN B 30 5.97 -0.76 5.23
N LEU B 31 5.72 0.11 4.27
CA LEU B 31 4.36 0.45 3.88
C LEU B 31 3.61 -0.78 3.37
N VAL B 32 4.11 -1.36 2.28
CA VAL B 32 3.48 -2.54 1.70
C VAL B 32 3.47 -3.69 2.70
N ALA B 33 4.57 -3.87 3.41
CA ALA B 33 4.69 -4.93 4.39
C ALA B 33 3.64 -4.77 5.49
N ARG B 34 3.28 -3.52 5.77
CA ARG B 34 2.29 -3.22 6.81
C ARG B 34 0.89 -3.65 6.37
N GLN B 35 0.66 -3.64 5.05
CA GLN B 35 -0.65 -4.03 4.52
C GLN B 35 -0.96 -5.49 4.85
N ILE B 36 0.07 -6.34 4.75
CA ILE B 36 -0.09 -7.76 5.04
C ILE B 36 -0.39 -7.98 6.52
N VAL B 37 0.46 -7.42 7.37
CA VAL B 37 0.27 -7.54 8.82
C VAL B 37 -1.04 -6.90 9.25
N ASN B 38 -1.38 -5.78 8.64
CA ASN B 38 -2.61 -5.07 8.96
C ASN B 38 -3.82 -5.95 8.69
N SER B 39 -3.75 -6.73 7.61
CA SER B 39 -4.85 -7.62 7.24
C SER B 39 -5.05 -8.71 8.30
N CYS B 40 -3.96 -9.11 8.95
CA CYS B 40 -4.02 -10.13 9.98
C CYS B 40 -4.74 -9.62 11.22
N ALA B 41 -5.79 -10.33 11.63
CA ALA B 41 -6.56 -9.95 12.80
C ALA B 41 -5.87 -10.39 14.09
N GLN B 42 -5.34 -11.61 14.08
CA GLN B 42 -4.65 -12.14 15.25
C GLN B 42 -3.47 -11.26 15.64
N CYS B 43 -2.85 -10.62 14.66
CA CYS B 43 -1.72 -9.73 14.91
C CYS B 43 -2.18 -8.31 15.21
N GLN B 44 -3.30 -7.92 14.61
CA GLN B 44 -3.85 -6.59 14.83
C GLN B 44 -4.27 -6.41 16.28
N GLN B 45 -5.10 -7.32 16.77
CA GLN B 45 -5.58 -7.26 18.15
C GLN B 45 -4.62 -7.99 19.09
N LYS B 46 -4.00 -7.26 19.99
CA LYS B 46 -3.06 -7.84 20.94
C LYS B 46 -3.79 -8.66 22.00
N GLY B 47 -4.78 -8.14 22.57
N PHE A 1 10.78 3.38 -3.99
CA PHE A 1 9.31 3.23 -3.85
C PHE A 1 8.63 4.58 -3.63
N LEU A 2 8.87 5.19 -2.47
CA LEU A 2 8.28 6.49 -2.15
C LEU A 2 8.61 7.54 -3.21
N GLU A 3 9.69 7.30 -3.97
CA GLU A 3 10.10 8.23 -5.02
C GLU A 3 9.01 8.44 -6.07
N LYS A 4 8.41 7.35 -6.52
CA LYS A 4 7.37 7.41 -7.54
C LYS A 4 5.98 7.54 -6.92
N ILE A 5 5.81 7.03 -5.70
CA ILE A 5 4.52 7.10 -5.03
C ILE A 5 4.28 8.51 -4.47
N GLU A 6 5.36 9.23 -4.17
CA GLU A 6 5.23 10.58 -3.64
C GLU A 6 4.55 11.50 -4.67
N PRO A 7 5.16 11.65 -5.87
CA PRO A 7 4.60 12.49 -6.94
C PRO A 7 3.09 12.32 -7.11
N ALA A 8 2.64 11.06 -7.08
CA ALA A 8 1.21 10.76 -7.24
C ALA A 8 0.40 11.37 -6.11
N GLN A 9 0.97 11.37 -4.90
CA GLN A 9 0.29 11.93 -3.75
C GLN A 9 0.09 13.43 -3.90
N GLU A 10 1.07 14.09 -4.52
CA GLU A 10 1.00 15.53 -4.75
C GLU A 10 -0.09 15.86 -5.76
N GLU A 11 -0.29 14.96 -6.72
CA GLU A 11 -1.29 15.15 -7.75
C GLU A 11 -2.69 15.14 -7.15
N HIS A 12 -2.96 14.16 -6.30
CA HIS A 12 -4.27 14.07 -5.67
C HIS A 12 -4.52 15.29 -4.79
N GLU A 13 -3.49 15.71 -4.07
CA GLU A 13 -3.61 16.86 -3.18
C GLU A 13 -3.92 18.16 -3.93
N LYS A 14 -3.79 18.15 -5.26
CA LYS A 14 -4.04 19.37 -6.04
C LYS A 14 -5.34 19.30 -6.83
N TYR A 15 -5.87 18.10 -7.07
CA TYR A 15 -7.12 17.96 -7.84
C TYR A 15 -7.97 16.78 -7.38
N HIS A 16 -7.69 16.24 -6.19
CA HIS A 16 -8.43 15.10 -5.64
C HIS A 16 -8.73 14.03 -6.70
N SER A 17 -7.70 13.65 -7.45
CA SER A 17 -7.83 12.66 -8.51
C SER A 17 -8.15 11.27 -7.94
N ASN A 18 -8.92 10.49 -8.69
CA ASN A 18 -9.30 9.15 -8.26
C ASN A 18 -8.20 8.14 -8.56
N VAL A 19 -8.36 6.91 -8.08
CA VAL A 19 -7.38 5.85 -8.29
C VAL A 19 -7.10 5.65 -9.78
N LYS A 20 -8.18 5.48 -10.55
CA LYS A 20 -8.06 5.27 -12.00
C LYS A 20 -7.23 6.38 -12.65
N GLU A 21 -7.25 7.55 -12.04
CA GLU A 21 -6.49 8.68 -12.55
C GLU A 21 -5.02 8.55 -12.16
N LEU A 22 -4.77 8.32 -10.87
CA LEU A 22 -3.42 8.16 -10.37
C LEU A 22 -2.74 6.96 -11.00
N SER A 23 -3.52 5.94 -11.31
CA SER A 23 -3.00 4.72 -11.93
C SER A 23 -2.70 4.94 -13.41
N HIS A 24 -3.67 5.50 -14.12
CA HIS A 24 -3.52 5.75 -15.55
C HIS A 24 -2.61 6.94 -15.83
N LYS A 25 -2.51 7.87 -14.87
CA LYS A 25 -1.66 9.04 -15.04
C LYS A 25 -0.20 8.73 -14.77
N PHE A 26 0.08 8.08 -13.65
CA PHE A 26 1.45 7.75 -13.27
C PHE A 26 1.82 6.31 -13.67
N GLY A 27 0.83 5.43 -13.64
CA GLY A 27 1.08 4.05 -14.00
C GLY A 27 1.22 3.15 -12.78
N ILE A 28 0.57 3.55 -11.69
CA ILE A 28 0.62 2.77 -10.45
C ILE A 28 -0.62 1.89 -10.30
N PRO A 29 -0.47 0.68 -9.75
CA PRO A 29 -1.61 -0.23 -9.55
C PRO A 29 -2.70 0.38 -8.67
N ASN A 30 -3.90 -0.17 -8.76
CA ASN A 30 -5.02 0.33 -7.97
C ASN A 30 -4.72 0.27 -6.47
N LEU A 31 -3.89 -0.69 -6.07
CA LEU A 31 -3.51 -0.84 -4.67
C LEU A 31 -2.82 0.41 -4.15
N VAL A 32 -1.65 0.70 -4.70
CA VAL A 32 -0.88 1.87 -4.29
C VAL A 32 -1.68 3.15 -4.49
N ALA A 33 -2.42 3.21 -5.59
CA ALA A 33 -3.24 4.37 -5.90
C ALA A 33 -4.34 4.56 -4.85
N ARG A 34 -4.90 3.45 -4.39
CA ARG A 34 -5.95 3.50 -3.38
C ARG A 34 -5.45 4.16 -2.10
N GLN A 35 -4.23 3.82 -1.70
CA GLN A 35 -3.65 4.38 -0.48
C GLN A 35 -3.61 5.89 -0.54
N ILE A 36 -3.47 6.44 -1.74
CA ILE A 36 -3.44 7.88 -1.92
C ILE A 36 -4.81 8.50 -1.70
N VAL A 37 -5.81 7.95 -2.36
CA VAL A 37 -7.18 8.44 -2.24
C VAL A 37 -7.73 8.13 -0.85
N ASN A 38 -7.36 6.97 -0.31
CA ASN A 38 -7.81 6.55 1.01
C ASN A 38 -7.20 7.45 2.09
N SER A 39 -5.96 7.87 1.87
CA SER A 39 -5.28 8.73 2.82
C SER A 39 -5.96 10.08 2.93
N CYS A 40 -6.55 10.53 1.83
CA CYS A 40 -7.25 11.81 1.79
C CYS A 40 -8.43 11.80 2.74
N ALA A 41 -8.49 12.79 3.63
CA ALA A 41 -9.58 12.89 4.59
C ALA A 41 -10.83 13.50 3.94
N GLN A 42 -10.62 14.52 3.11
CA GLN A 42 -11.72 15.19 2.43
C GLN A 42 -12.46 14.23 1.49
N CYS A 43 -11.76 13.22 1.00
CA CYS A 43 -12.34 12.24 0.10
C CYS A 43 -12.90 11.04 0.88
N GLN A 44 -12.30 10.76 2.03
CA GLN A 44 -12.74 9.64 2.86
C GLN A 44 -14.19 9.83 3.29
N GLN A 45 -14.55 11.06 3.62
CA GLN A 45 -15.91 11.37 4.05
C GLN A 45 -16.86 11.44 2.87
N LYS A 46 -18.14 11.20 3.12
CA LYS A 46 -19.16 11.23 2.08
C LYS A 46 -20.47 11.80 2.62
N GLY A 47 -20.70 11.68 3.83
N PHE B 1 4.79 -5.57 -9.59
CA PHE B 1 4.48 -5.17 -8.20
C PHE B 1 3.97 -6.35 -7.38
N LEU B 2 2.78 -6.83 -7.69
CA LEU B 2 2.19 -7.96 -6.98
C LEU B 2 3.11 -9.19 -7.00
N GLU B 3 4.02 -9.23 -7.98
CA GLU B 3 4.95 -10.35 -8.11
C GLU B 3 5.81 -10.51 -6.86
N LYS B 4 6.36 -9.41 -6.36
CA LYS B 4 7.22 -9.45 -5.18
C LYS B 4 6.41 -9.28 -3.89
N ILE B 5 5.28 -8.59 -3.97
CA ILE B 5 4.45 -8.37 -2.80
C ILE B 5 3.66 -9.62 -2.44
N GLU B 6 3.38 -10.46 -3.45
CA GLU B 6 2.64 -11.69 -3.21
C GLU B 6 3.42 -12.62 -2.28
N PRO B 7 4.66 -13.02 -2.66
CA PRO B 7 5.50 -13.90 -1.84
C PRO B 7 5.51 -13.52 -0.36
N ALA B 8 5.61 -12.22 -0.11
CA ALA B 8 5.64 -11.72 1.27
C ALA B 8 4.33 -12.02 1.98
N GLN B 9 3.22 -11.97 1.26
CA GLN B 9 1.91 -12.24 1.83
C GLN B 9 1.82 -13.71 2.25
N GLU B 10 2.44 -14.58 1.49
CA GLU B 10 2.42 -16.01 1.78
C GLU B 10 3.25 -16.30 3.03
N GLU B 11 4.29 -15.52 3.24
CA GLU B 11 5.16 -15.68 4.41
C GLU B 11 4.40 -15.37 5.68
N HIS B 12 3.68 -14.26 5.69
CA HIS B 12 2.91 -13.87 6.87
C HIS B 12 1.83 -14.91 7.16
N GLU B 13 1.19 -15.40 6.10
CA GLU B 13 0.12 -16.38 6.25
C GLU B 13 0.61 -17.70 6.84
N LYS B 14 1.94 -17.89 6.90
CA LYS B 14 2.49 -19.14 7.43
C LYS B 14 3.11 -18.98 8.82
N TYR B 15 3.46 -17.75 9.21
CA TYR B 15 4.08 -17.53 10.52
C TYR B 15 3.70 -16.17 11.13
N HIS B 16 2.66 -15.53 10.59
CA HIS B 16 2.21 -14.21 11.08
C HIS B 16 3.37 -13.27 11.39
N SER B 17 4.29 -13.16 10.42
CA SER B 17 5.46 -12.31 10.58
C SER B 17 5.08 -10.83 10.61
N ASN B 18 5.84 -10.04 11.37
CA ASN B 18 5.59 -8.62 11.49
C ASN B 18 6.18 -7.85 10.31
N VAL B 19 5.87 -6.55 10.24
CA VAL B 19 6.37 -5.70 9.16
C VAL B 19 7.89 -5.74 9.09
N LYS B 20 8.55 -5.51 10.22
CA LYS B 20 10.00 -5.52 10.29
C LYS B 20 10.57 -6.82 9.72
N GLU B 21 9.80 -7.89 9.81
CA GLU B 21 10.22 -9.18 9.30
C GLU B 21 10.03 -9.24 7.78
N LEU B 22 8.85 -8.87 7.33
CA LEU B 22 8.53 -8.87 5.91
C LEU B 22 9.43 -7.88 5.17
N SER B 23 9.79 -6.80 5.84
CA SER B 23 10.65 -5.77 5.25
C SER B 23 12.10 -6.23 5.20
N HIS B 24 12.59 -6.72 6.33
CA HIS B 24 13.96 -7.18 6.43
C HIS B 24 14.17 -8.53 5.73
N LYS B 25 13.11 -9.32 5.63
CA LYS B 25 13.19 -10.63 4.99
C LYS B 25 13.16 -10.52 3.46
N PHE B 26 12.20 -9.78 2.94
CA PHE B 26 12.05 -9.62 1.49
C PHE B 26 12.70 -8.33 1.00
N GLY B 27 12.70 -7.30 1.85
CA GLY B 27 13.28 -6.03 1.45
C GLY B 27 12.25 -5.01 1.02
N ILE B 28 11.04 -5.15 1.55
CA ILE B 28 9.95 -4.23 1.21
C ILE B 28 9.78 -3.17 2.29
N PRO B 29 9.45 -1.92 1.89
CA PRO B 29 9.26 -0.82 2.85
C PRO B 29 8.17 -1.13 3.87
N ASN B 30 8.18 -0.42 4.99
CA ASN B 30 7.20 -0.62 6.05
C ASN B 30 5.77 -0.41 5.52
N LEU B 31 5.63 0.44 4.51
CA LEU B 31 4.33 0.73 3.93
C LEU B 31 3.71 -0.53 3.33
N VAL B 32 4.36 -1.08 2.31
CA VAL B 32 3.86 -2.29 1.65
C VAL B 32 3.76 -3.45 2.65
N ALA B 33 4.75 -3.53 3.55
CA ALA B 33 4.76 -4.57 4.56
C ALA B 33 3.57 -4.45 5.50
N ARG B 34 3.21 -3.22 5.83
CA ARG B 34 2.09 -2.96 6.72
C ARG B 34 0.80 -3.51 6.15
N GLN B 35 0.60 -3.31 4.84
CA GLN B 35 -0.60 -3.78 4.16
C GLN B 35 -0.78 -5.30 4.35
N ILE B 36 0.33 -6.01 4.46
CA ILE B 36 0.29 -7.45 4.65
C ILE B 36 -0.19 -7.81 6.05
N VAL B 37 0.43 -7.20 7.06
CA VAL B 37 0.05 -7.45 8.45
C VAL B 37 -1.32 -6.87 8.74
N ASN B 38 -1.62 -5.73 8.13
CA ASN B 38 -2.92 -5.07 8.33
C ASN B 38 -4.03 -5.89 7.70
N SER B 39 -3.73 -6.53 6.57
CA SER B 39 -4.71 -7.35 5.87
C SER B 39 -5.12 -8.55 6.73
N CYS B 40 -4.18 -9.05 7.52
CA CYS B 40 -4.43 -10.18 8.39
C CYS B 40 -5.51 -9.86 9.41
N ALA B 41 -6.53 -10.71 9.48
CA ALA B 41 -7.62 -10.52 10.42
C ALA B 41 -7.23 -11.00 11.82
N GLN B 42 -6.55 -12.13 11.87
CA GLN B 42 -6.13 -12.70 13.14
C GLN B 42 -5.15 -11.79 13.87
N CYS B 43 -4.43 -10.97 13.11
CA CYS B 43 -3.47 -10.04 13.69
C CYS B 43 -4.11 -8.67 13.95
N GLN B 44 -5.12 -8.33 13.16
CA GLN B 44 -5.80 -7.06 13.31
C GLN B 44 -6.45 -6.95 14.69
N GLN B 45 -7.00 -8.06 15.17
CA GLN B 45 -7.65 -8.09 16.48
C GLN B 45 -6.61 -8.17 17.60
N LYS B 46 -6.99 -7.69 18.78
CA LYS B 46 -6.09 -7.71 19.93
C LYS B 46 -6.87 -7.98 21.22
N GLY B 47 -8.08 -7.67 21.25
N PHE A 1 10.52 3.03 -4.63
CA PHE A 1 9.09 2.88 -4.26
C PHE A 1 8.41 4.24 -4.21
N LEU A 2 9.04 5.20 -3.55
CA LEU A 2 8.48 6.54 -3.42
C LEU A 2 8.93 7.46 -4.57
N GLU A 3 9.39 6.88 -5.66
CA GLU A 3 9.84 7.67 -6.80
C GLU A 3 8.68 7.97 -7.74
N LYS A 4 8.02 6.92 -8.22
CA LYS A 4 6.89 7.06 -9.13
C LYS A 4 5.58 7.20 -8.34
N ILE A 5 5.56 6.69 -7.11
CA ILE A 5 4.37 6.76 -6.27
C ILE A 5 4.19 8.17 -5.71
N GLU A 6 5.29 8.85 -5.41
CA GLU A 6 5.24 10.21 -4.88
C GLU A 6 4.46 11.14 -5.81
N PRO A 7 4.91 11.28 -7.08
CA PRO A 7 4.24 12.15 -8.06
C PRO A 7 2.71 12.01 -8.04
N ALA A 8 2.24 10.78 -7.85
CA ALA A 8 0.81 10.51 -7.82
C ALA A 8 0.17 11.10 -6.56
N GLN A 9 0.95 11.16 -5.49
CA GLN A 9 0.47 11.70 -4.22
C GLN A 9 0.24 13.21 -4.32
N GLU A 10 1.12 13.88 -5.05
CA GLU A 10 1.01 15.33 -5.23
C GLU A 10 -0.21 15.68 -6.08
N GLU A 11 -0.54 14.81 -7.02
CA GLU A 11 -1.69 15.02 -7.89
C GLU A 11 -2.98 14.97 -7.10
N HIS A 12 -3.06 14.09 -6.12
CA HIS A 12 -4.27 13.98 -5.30
C HIS A 12 -4.44 15.22 -4.43
N GLU A 13 -3.34 15.72 -3.89
CA GLU A 13 -3.39 16.88 -3.02
C GLU A 13 -3.81 18.15 -3.77
N LYS A 14 -3.85 18.10 -5.11
CA LYS A 14 -4.22 19.26 -5.90
C LYS A 14 -5.62 19.14 -6.51
N TYR A 15 -6.16 17.92 -6.60
CA TYR A 15 -7.48 17.72 -7.19
C TYR A 15 -8.23 16.53 -6.58
N HIS A 16 -7.79 16.07 -5.41
CA HIS A 16 -8.41 14.91 -4.72
C HIS A 16 -8.83 13.81 -5.70
N SER A 17 -8.02 13.59 -6.73
CA SER A 17 -8.32 12.56 -7.73
C SER A 17 -8.50 11.19 -7.09
N ASN A 18 -9.29 10.35 -7.74
CA ASN A 18 -9.57 9.01 -7.24
C ASN A 18 -8.44 8.04 -7.63
N VAL A 19 -8.60 6.77 -7.25
CA VAL A 19 -7.61 5.75 -7.56
C VAL A 19 -7.55 5.48 -9.06
N LYS A 20 -8.72 5.33 -9.68
CA LYS A 20 -8.81 5.07 -11.11
C LYS A 20 -8.08 6.14 -11.92
N GLU A 21 -8.26 7.39 -11.52
CA GLU A 21 -7.63 8.52 -12.22
C GLU A 21 -6.11 8.44 -12.08
N LEU A 22 -5.64 8.24 -10.85
CA LEU A 22 -4.21 8.15 -10.58
C LEU A 22 -3.61 6.90 -11.23
N SER A 23 -4.35 5.81 -11.18
CA SER A 23 -3.89 4.55 -11.76
C SER A 23 -3.85 4.63 -13.28
N HIS A 24 -4.84 5.29 -13.87
CA HIS A 24 -4.91 5.43 -15.31
C HIS A 24 -3.99 6.55 -15.82
N LYS A 25 -3.74 7.54 -14.96
CA LYS A 25 -2.89 8.66 -15.33
C LYS A 25 -1.42 8.29 -15.21
N PHE A 26 -1.03 7.72 -14.06
CA PHE A 26 0.34 7.34 -13.83
C PHE A 26 0.62 5.89 -14.23
N GLY A 27 -0.44 5.09 -14.33
CA GLY A 27 -0.26 3.70 -14.71
C GLY A 27 0.17 2.84 -13.54
N ILE A 28 -0.34 3.14 -12.35
CA ILE A 28 0.00 2.40 -11.15
C ILE A 28 -1.15 1.48 -10.72
N PRO A 29 -0.82 0.32 -10.12
CA PRO A 29 -1.85 -0.63 -9.67
C PRO A 29 -2.89 0.04 -8.78
N ASN A 30 -4.12 -0.46 -8.84
CA ASN A 30 -5.22 0.10 -8.04
C ASN A 30 -4.86 0.13 -6.55
N LEU A 31 -3.97 -0.78 -6.14
CA LEU A 31 -3.55 -0.84 -4.75
C LEU A 31 -2.67 0.37 -4.41
N VAL A 32 -1.67 0.62 -5.24
CA VAL A 32 -0.76 1.74 -5.03
C VAL A 32 -1.51 3.06 -5.00
N ALA A 33 -2.39 3.28 -5.97
CA ALA A 33 -3.16 4.52 -6.04
C ALA A 33 -3.99 4.71 -4.78
N ARG A 34 -4.40 3.60 -4.17
CA ARG A 34 -5.20 3.65 -2.95
C ARG A 34 -4.39 4.23 -1.79
N GLN A 35 -3.08 4.02 -1.81
CA GLN A 35 -2.21 4.53 -0.75
C GLN A 35 -2.31 6.06 -0.63
N ILE A 36 -2.48 6.72 -1.77
CA ILE A 36 -2.60 8.18 -1.78
C ILE A 36 -3.95 8.60 -1.21
N VAL A 37 -5.02 8.04 -1.75
CA VAL A 37 -6.36 8.36 -1.28
C VAL A 37 -6.54 7.94 0.17
N ASN A 38 -5.95 6.81 0.53
CA ASN A 38 -6.05 6.30 1.91
C ASN A 38 -5.40 7.26 2.90
N SER A 39 -4.40 8.01 2.43
CA SER A 39 -3.70 8.96 3.28
C SER A 39 -4.51 10.24 3.47
N CYS A 40 -5.24 10.64 2.43
CA CYS A 40 -6.06 11.85 2.51
C CYS A 40 -7.10 11.75 3.61
N ALA A 41 -7.08 12.71 4.53
CA ALA A 41 -8.03 12.74 5.64
C ALA A 41 -9.38 13.29 5.21
N GLN A 42 -9.34 14.28 4.33
CA GLN A 42 -10.56 14.91 3.82
C GLN A 42 -11.39 13.92 2.99
N CYS A 43 -10.72 12.97 2.36
CA CYS A 43 -11.38 11.97 1.54
C CYS A 43 -11.75 10.74 2.36
N GLN A 44 -10.98 10.47 3.42
CA GLN A 44 -11.23 9.32 4.28
C GLN A 44 -12.52 9.51 5.07
N GLN A 45 -12.53 10.51 5.95
CA GLN A 45 -13.70 10.79 6.78
C GLN A 45 -14.73 11.61 5.99
N LYS A 46 -16.00 11.51 6.40
CA LYS A 46 -17.06 12.25 5.75
C LYS A 46 -17.79 13.16 6.73
N GLY A 47 -17.89 12.78 7.92
N PHE B 1 5.38 -5.21 -9.27
CA PHE B 1 4.86 -4.81 -7.94
C PHE B 1 4.52 -6.02 -7.09
N LEU B 2 3.80 -6.97 -7.68
CA LEU B 2 3.40 -8.18 -6.97
C LEU B 2 4.44 -9.30 -7.12
N GLU B 3 5.66 -8.95 -7.50
CA GLU B 3 6.72 -9.94 -7.66
C GLU B 3 7.45 -10.19 -6.34
N LYS B 4 8.00 -9.12 -5.78
CA LYS B 4 8.71 -9.20 -4.52
C LYS B 4 7.77 -9.03 -3.33
N ILE B 5 6.65 -8.36 -3.56
CA ILE B 5 5.66 -8.15 -2.51
C ILE B 5 4.88 -9.42 -2.22
N GLU B 6 4.61 -10.21 -3.24
CA GLU B 6 3.87 -11.46 -3.09
C GLU B 6 4.55 -12.38 -2.06
N PRO B 7 5.83 -12.76 -2.30
CA PRO B 7 6.58 -13.64 -1.38
C PRO B 7 6.39 -13.25 0.09
N ALA B 8 6.35 -11.96 0.36
CA ALA B 8 6.17 -11.47 1.72
C ALA B 8 4.77 -11.78 2.25
N GLN B 9 3.81 -11.81 1.33
CA GLN B 9 2.42 -12.10 1.70
C GLN B 9 2.26 -13.55 2.14
N GLU B 10 2.98 -14.46 1.47
CA GLU B 10 2.92 -15.88 1.80
C GLU B 10 3.55 -16.14 3.17
N GLU B 11 4.56 -15.36 3.51
CA GLU B 11 5.25 -15.50 4.78
C GLU B 11 4.33 -15.16 5.94
N HIS B 12 3.48 -14.14 5.75
CA HIS B 12 2.55 -13.75 6.81
C HIS B 12 1.49 -14.82 7.02
N GLU B 13 1.01 -15.39 5.93
CA GLU B 13 -0.02 -16.42 6.00
C GLU B 13 0.47 -17.70 6.70
N LYS B 14 1.79 -17.81 6.92
CA LYS B 14 2.34 -19.00 7.56
C LYS B 14 2.79 -18.75 8.99
N TYR B 15 3.00 -17.48 9.37
CA TYR B 15 3.44 -17.16 10.73
C TYR B 15 2.94 -15.80 11.22
N HIS B 16 1.92 -15.25 10.55
CA HIS B 16 1.34 -13.94 10.91
C HIS B 16 2.42 -12.93 11.32
N SER B 17 3.56 -12.97 10.63
CA SER B 17 4.66 -12.06 10.93
C SER B 17 4.23 -10.61 10.83
N ASN B 18 4.89 -9.74 11.59
CA ASN B 18 4.57 -8.32 11.60
C ASN B 18 5.24 -7.59 10.42
N VAL B 19 5.05 -6.28 10.36
CA VAL B 19 5.62 -5.47 9.30
C VAL B 19 7.14 -5.42 9.42
N LYS B 20 7.62 -5.17 10.62
CA LYS B 20 9.06 -5.09 10.87
C LYS B 20 9.78 -6.37 10.43
N GLU B 21 9.18 -7.51 10.72
CA GLU B 21 9.77 -8.80 10.34
C GLU B 21 9.82 -8.95 8.83
N LEU B 22 8.71 -8.64 8.16
CA LEU B 22 8.63 -8.74 6.71
C LEU B 22 9.53 -7.71 6.05
N SER B 23 9.56 -6.51 6.62
CA SER B 23 10.38 -5.43 6.08
C SER B 23 11.86 -5.72 6.27
N HIS B 24 12.22 -6.29 7.41
CA HIS B 24 13.61 -6.62 7.72
C HIS B 24 14.04 -7.92 7.03
N LYS B 25 13.08 -8.81 6.80
CA LYS B 25 13.37 -10.09 6.17
C LYS B 25 13.49 -9.95 4.65
N PHE B 26 12.50 -9.29 4.05
CA PHE B 26 12.49 -9.09 2.60
C PHE B 26 13.15 -7.77 2.19
N GLY B 27 13.24 -6.83 3.14
CA GLY B 27 13.84 -5.55 2.83
C GLY B 27 12.88 -4.62 2.12
N ILE B 28 11.61 -4.69 2.50
CA ILE B 28 10.58 -3.86 1.89
C ILE B 28 10.16 -2.71 2.83
N PRO B 29 9.79 -1.54 2.27
CA PRO B 29 9.37 -0.40 3.09
C PRO B 29 8.27 -0.77 4.08
N ASN B 30 8.25 -0.10 5.22
CA ASN B 30 7.25 -0.36 6.25
C ASN B 30 5.83 -0.26 5.69
N LEU B 31 5.68 0.54 4.63
CA LEU B 31 4.36 0.72 4.02
C LEU B 31 3.95 -0.54 3.28
N VAL B 32 4.86 -1.06 2.44
CA VAL B 32 4.59 -2.26 1.67
C VAL B 32 4.26 -3.45 2.58
N ALA B 33 5.08 -3.64 3.61
CA ALA B 33 4.87 -4.74 4.55
C ALA B 33 3.49 -4.64 5.21
N ARG B 34 3.01 -3.41 5.37
CA ARG B 34 1.71 -3.17 5.98
C ARG B 34 0.59 -3.72 5.11
N GLN B 35 0.80 -3.72 3.79
CA GLN B 35 -0.21 -4.21 2.86
C GLN B 35 -0.57 -5.67 3.15
N ILE B 36 0.42 -6.44 3.56
CA ILE B 36 0.20 -7.85 3.87
C ILE B 36 -0.61 -7.98 5.18
N VAL B 37 -0.11 -7.34 6.23
CA VAL B 37 -0.78 -7.38 7.52
C VAL B 37 -2.17 -6.75 7.44
N ASN B 38 -2.28 -5.68 6.65
CA ASN B 38 -3.55 -4.99 6.49
C ASN B 38 -4.60 -5.90 5.84
N SER B 39 -4.13 -6.84 5.03
CA SER B 39 -5.03 -7.77 4.35
C SER B 39 -5.51 -8.87 5.28
N CYS B 40 -4.64 -9.29 6.19
CA CYS B 40 -4.99 -10.34 7.15
C CYS B 40 -6.19 -9.93 8.00
N ALA B 41 -7.23 -10.75 7.99
CA ALA B 41 -8.44 -10.48 8.76
C ALA B 41 -8.27 -10.87 10.22
N GLN B 42 -7.54 -11.97 10.45
CA GLN B 42 -7.29 -12.46 11.80
C GLN B 42 -6.44 -11.48 12.61
N CYS B 43 -5.60 -10.74 11.90
CA CYS B 43 -4.71 -9.76 12.53
C CYS B 43 -5.38 -8.39 12.61
N GLN B 44 -6.28 -8.11 11.67
CA GLN B 44 -6.98 -6.83 11.63
C GLN B 44 -7.94 -6.71 12.82
N GLN B 45 -8.96 -7.56 12.83
CA GLN B 45 -9.95 -7.55 13.90
C GLN B 45 -9.44 -8.29 15.13
N LYS B 46 -9.97 -7.95 16.30
CA LYS B 46 -9.56 -8.59 17.54
C LYS B 46 -10.77 -9.24 18.23
N GLY B 47 -11.89 -8.70 18.10
N PHE A 1 8.46 1.38 -3.74
CA PHE A 1 7.12 1.75 -3.22
C PHE A 1 6.81 3.23 -3.44
N LEU A 2 7.71 4.09 -2.97
CA LEU A 2 7.53 5.54 -3.11
C LEU A 2 8.13 6.07 -4.41
N GLU A 3 8.39 5.18 -5.37
CA GLU A 3 8.96 5.57 -6.65
C GLU A 3 7.88 5.98 -7.63
N LYS A 4 6.96 5.05 -7.91
CA LYS A 4 5.86 5.32 -8.83
C LYS A 4 4.64 5.89 -8.11
N ILE A 5 4.51 5.58 -6.82
CA ILE A 5 3.39 6.07 -6.03
C ILE A 5 3.52 7.57 -5.75
N GLU A 6 4.75 8.03 -5.53
CA GLU A 6 5.00 9.45 -5.26
C GLU A 6 4.46 10.33 -6.40
N PRO A 7 4.96 10.15 -7.64
CA PRO A 7 4.52 10.94 -8.79
C PRO A 7 2.99 11.07 -8.85
N ALA A 8 2.30 10.01 -8.45
CA ALA A 8 0.85 10.02 -8.45
C ALA A 8 0.30 10.93 -7.37
N GLN A 9 0.99 10.98 -6.23
CA GLN A 9 0.58 11.82 -5.12
C GLN A 9 0.69 13.29 -5.49
N GLU A 10 1.74 13.64 -6.24
CA GLU A 10 1.95 15.01 -6.67
C GLU A 10 0.86 15.44 -7.63
N GLU A 11 0.42 14.51 -8.48
CA GLU A 11 -0.62 14.79 -9.45
C GLU A 11 -1.93 15.14 -8.75
N HIS A 12 -2.26 14.39 -7.71
CA HIS A 12 -3.49 14.64 -6.96
C HIS A 12 -3.41 16.01 -6.28
N GLU A 13 -2.22 16.37 -5.80
CA GLU A 13 -2.03 17.64 -5.12
C GLU A 13 -2.21 18.83 -6.06
N LYS A 14 -2.27 18.59 -7.38
CA LYS A 14 -2.42 19.67 -8.34
C LYS A 14 -3.84 19.75 -8.94
N TYR A 15 -4.58 18.64 -8.89
CA TYR A 15 -5.92 18.63 -9.46
C TYR A 15 -6.90 17.75 -8.68
N HIS A 16 -6.52 17.33 -7.46
CA HIS A 16 -7.36 16.47 -6.61
C HIS A 16 -8.01 15.35 -7.42
N SER A 17 -7.21 14.66 -8.22
CA SER A 17 -7.69 13.56 -9.05
C SER A 17 -8.19 12.40 -8.21
N ASN A 18 -9.07 11.59 -8.79
CA ASN A 18 -9.65 10.45 -8.09
C ASN A 18 -8.79 9.20 -8.33
N VAL A 19 -9.10 8.14 -7.58
CA VAL A 19 -8.36 6.88 -7.69
C VAL A 19 -8.33 6.38 -9.13
N LYS A 20 -9.50 6.28 -9.73
CA LYS A 20 -9.60 5.81 -11.13
C LYS A 20 -8.71 6.63 -12.05
N GLU A 21 -8.47 7.89 -11.67
CA GLU A 21 -7.64 8.78 -12.47
C GLU A 21 -6.16 8.48 -12.20
N LEU A 22 -5.81 8.34 -10.93
CA LEU A 22 -4.43 8.05 -10.54
C LEU A 22 -4.02 6.65 -10.96
N SER A 23 -4.99 5.73 -10.93
CA SER A 23 -4.72 4.34 -11.30
C SER A 23 -4.66 4.17 -12.81
N HIS A 24 -5.55 4.87 -13.53
CA HIS A 24 -5.60 4.77 -14.98
C HIS A 24 -4.52 5.64 -15.63
N LYS A 25 -4.12 6.71 -14.95
CA LYS A 25 -3.11 7.62 -15.48
C LYS A 25 -1.71 7.08 -15.27
N PHE A 26 -1.44 6.53 -14.10
CA PHE A 26 -0.12 5.99 -13.78
C PHE A 26 -0.09 4.47 -13.94
N GLY A 27 -1.20 3.81 -13.61
CA GLY A 27 -1.27 2.37 -13.73
C GLY A 27 -1.06 1.67 -12.40
N ILE A 28 -1.63 2.23 -11.33
CA ILE A 28 -1.50 1.65 -10.00
C ILE A 28 -2.83 1.07 -9.53
N PRO A 29 -2.79 -0.05 -8.78
CA PRO A 29 -4.01 -0.71 -8.28
C PRO A 29 -4.92 0.27 -7.53
N ASN A 30 -6.13 -0.16 -7.26
CA ASN A 30 -7.10 0.68 -6.56
C ASN A 30 -6.70 0.89 -5.10
N LEU A 31 -6.09 -0.14 -4.51
CA LEU A 31 -5.66 -0.07 -3.12
C LEU A 31 -4.51 0.94 -2.96
N VAL A 32 -3.66 1.01 -3.97
CA VAL A 32 -2.53 1.94 -3.95
C VAL A 32 -2.99 3.37 -4.19
N ALA A 33 -3.83 3.55 -5.21
CA ALA A 33 -4.36 4.86 -5.54
C ALA A 33 -5.21 5.41 -4.41
N ARG A 34 -5.92 4.53 -3.72
CA ARG A 34 -6.76 4.93 -2.60
C ARG A 34 -5.95 5.60 -1.51
N GLN A 35 -4.72 5.12 -1.33
CA GLN A 35 -3.82 5.66 -0.32
C GLN A 35 -3.50 7.12 -0.63
N ILE A 36 -3.47 7.45 -1.92
CA ILE A 36 -3.18 8.81 -2.35
C ILE A 36 -4.30 9.76 -1.95
N VAL A 37 -5.52 9.44 -2.39
CA VAL A 37 -6.68 10.26 -2.07
C VAL A 37 -6.92 10.29 -0.56
N ASN A 38 -6.74 9.15 0.09
CA ASN A 38 -6.93 9.05 1.52
C ASN A 38 -5.98 9.97 2.26
N SER A 39 -4.81 10.19 1.68
CA SER A 39 -3.81 11.07 2.28
C SER A 39 -4.27 12.52 2.25
N CYS A 40 -4.98 12.89 1.19
CA CYS A 40 -5.49 14.25 1.05
C CYS A 40 -6.46 14.59 2.16
N ALA A 41 -6.16 15.67 2.89
CA ALA A 41 -7.00 16.10 4.00
C ALA A 41 -8.21 16.90 3.50
N GLN A 42 -8.03 17.57 2.37
CA GLN A 42 -9.11 18.37 1.78
C GLN A 42 -10.17 17.49 1.13
N CYS A 43 -9.76 16.29 0.71
CA CYS A 43 -10.69 15.35 0.07
C CYS A 43 -11.30 14.40 1.09
N GLN A 44 -10.53 14.07 2.12
CA GLN A 44 -11.00 13.17 3.16
C GLN A 44 -12.10 13.82 4.00
N GLN A 45 -11.81 15.00 4.53
CA GLN A 45 -12.78 15.73 5.34
C GLN A 45 -13.76 16.49 4.47
N LYS A 46 -14.73 17.16 5.11
CA LYS A 46 -15.73 17.93 4.39
C LYS A 46 -15.86 19.33 4.98
N GLY A 47 -15.36 19.55 6.10
N PHE B 1 4.43 -3.24 -7.62
CA PHE B 1 3.71 -3.31 -6.33
C PHE B 1 3.66 -4.74 -5.79
N LEU B 2 3.19 -5.68 -6.61
CA LEU B 2 3.10 -7.08 -6.21
C LEU B 2 4.38 -7.85 -6.54
N GLU B 3 5.48 -7.14 -6.79
CA GLU B 3 6.75 -7.78 -7.11
C GLU B 3 7.52 -8.13 -5.84
N LYS B 4 7.81 -7.11 -5.03
CA LYS B 4 8.54 -7.31 -3.79
C LYS B 4 7.59 -7.59 -2.62
N ILE B 5 6.37 -7.11 -2.72
CA ILE B 5 5.37 -7.31 -1.67
C ILE B 5 4.91 -8.76 -1.62
N GLU B 6 4.77 -9.39 -2.79
CA GLU B 6 4.33 -10.76 -2.87
C GLU B 6 5.25 -11.69 -2.06
N PRO B 7 6.56 -11.75 -2.41
CA PRO B 7 7.53 -12.59 -1.69
C PRO B 7 7.38 -12.49 -0.17
N ALA B 8 7.05 -11.29 0.30
CA ALA B 8 6.87 -11.06 1.73
C ALA B 8 5.61 -11.74 2.24
N GLN B 9 4.57 -11.76 1.40
CA GLN B 9 3.31 -12.37 1.76
C GLN B 9 3.48 -13.89 1.91
N GLU B 10 4.28 -14.48 1.05
CA GLU B 10 4.54 -15.91 1.09
C GLU B 10 5.28 -16.27 2.37
N GLU B 11 6.20 -15.41 2.77
CA GLU B 11 6.98 -15.63 3.98
C GLU B 11 6.08 -15.69 5.20
N HIS B 12 5.13 -14.76 5.28
CA HIS B 12 4.21 -14.73 6.41
C HIS B 12 3.35 -16.00 6.42
N GLU B 13 2.98 -16.47 5.25
CA GLU B 13 2.15 -17.66 5.13
C GLU B 13 2.87 -18.92 5.61
N LYS B 14 4.19 -18.83 5.83
CA LYS B 14 4.96 -19.99 6.27
C LYS B 14 5.37 -19.92 7.74
N TYR B 15 5.39 -18.71 8.31
CA TYR B 15 5.79 -18.55 9.72
C TYR B 15 5.02 -17.44 10.43
N HIS B 16 3.93 -16.94 9.83
CA HIS B 16 3.13 -15.86 10.40
C HIS B 16 4.00 -14.75 11.00
N SER B 17 4.99 -14.31 10.23
CA SER B 17 5.90 -13.27 10.66
C SER B 17 5.17 -11.94 10.88
N ASN B 18 5.75 -11.08 11.72
CA ASN B 18 5.18 -9.78 12.02
C ASN B 18 5.68 -8.72 11.04
N VAL B 19 5.06 -7.55 11.07
CA VAL B 19 5.45 -6.44 10.20
C VAL B 19 6.93 -6.13 10.30
N LYS B 20 7.41 -5.92 11.53
CA LYS B 20 8.83 -5.62 11.76
C LYS B 20 9.72 -6.68 11.13
N GLU B 21 9.20 -7.90 11.02
CA GLU B 21 9.95 -9.01 10.43
C GLU B 21 9.92 -8.93 8.91
N LEU B 22 8.73 -8.68 8.36
CA LEU B 22 8.56 -8.57 6.92
C LEU B 22 9.22 -7.31 6.39
N SER B 23 9.22 -6.25 7.20
CA SER B 23 9.81 -4.98 6.80
C SER B 23 11.32 -5.01 6.93
N HIS B 24 11.82 -5.63 7.99
CA HIS B 24 13.25 -5.72 8.23
C HIS B 24 13.89 -6.83 7.40
N LYS B 25 13.11 -7.85 7.06
CA LYS B 25 13.63 -8.97 6.28
C LYS B 25 13.69 -8.63 4.79
N PHE B 26 12.63 -7.99 4.29
CA PHE B 26 12.57 -7.63 2.87
C PHE B 26 12.95 -6.17 2.65
N GLY B 27 12.59 -5.31 3.60
CA GLY B 27 12.90 -3.90 3.48
C GLY B 27 11.73 -3.08 2.98
N ILE B 28 10.53 -3.41 3.47
CA ILE B 28 9.32 -2.70 3.07
C ILE B 28 8.77 -1.86 4.22
N PRO B 29 8.20 -0.66 3.92
CA PRO B 29 7.65 0.23 4.95
C PRO B 29 6.67 -0.50 5.87
N ASN B 30 6.32 0.15 6.97
CA ASN B 30 5.38 -0.42 7.93
C ASN B 30 3.98 -0.50 7.35
N LEU B 31 3.62 0.48 6.52
CA LEU B 31 2.30 0.51 5.92
C LEU B 31 2.14 -0.64 4.91
N VAL B 32 3.23 -0.98 4.23
CA VAL B 32 3.20 -2.06 3.25
C VAL B 32 3.18 -3.42 3.94
N ALA B 33 4.04 -3.58 4.93
CA ALA B 33 4.12 -4.83 5.67
C ALA B 33 2.83 -5.10 6.43
N ARG B 34 2.18 -4.03 6.89
CA ARG B 34 0.94 -4.15 7.63
C ARG B 34 -0.14 -4.80 6.76
N GLN B 35 -0.10 -4.50 5.47
CA GLN B 35 -1.05 -5.05 4.53
C GLN B 35 -0.93 -6.57 4.45
N ILE B 36 0.29 -7.06 4.66
CA ILE B 36 0.56 -8.50 4.63
C ILE B 36 -0.10 -9.19 5.81
N VAL B 37 0.22 -8.74 7.01
CA VAL B 37 -0.35 -9.31 8.22
C VAL B 37 -1.86 -9.12 8.25
N ASN B 38 -2.32 -7.95 7.82
CA ASN B 38 -3.74 -7.63 7.78
C ASN B 38 -4.48 -8.61 6.87
N SER B 39 -3.79 -9.08 5.84
CA SER B 39 -4.39 -10.03 4.89
C SER B 39 -4.63 -11.37 5.55
N CYS B 40 -3.73 -11.75 6.46
CA CYS B 40 -3.84 -13.03 7.16
C CYS B 40 -5.11 -13.07 8.00
N ALA B 41 -5.94 -14.07 7.75
CA ALA B 41 -7.20 -14.24 8.48
C ALA B 41 -6.96 -14.88 9.85
N GLN B 42 -5.93 -15.72 9.94
CA GLN B 42 -5.61 -16.40 11.18
C GLN B 42 -4.97 -15.44 12.19
N CYS B 43 -4.34 -14.38 11.69
CA CYS B 43 -3.68 -13.40 12.56
C CYS B 43 -4.62 -12.24 12.87
N GLN B 44 -5.49 -11.92 11.93
CA GLN B 44 -6.45 -10.83 12.11
C GLN B 44 -7.49 -11.19 13.16
N GLN B 45 -8.14 -12.33 12.97
CA GLN B 45 -9.18 -12.79 13.90
C GLN B 45 -8.56 -13.48 15.10
N LYS B 46 -9.39 -13.90 16.04
CA LYS B 46 -8.92 -14.59 17.24
C LYS B 46 -9.71 -15.86 17.48
N GLY B 47 -10.79 -16.02 16.85
N PHE A 1 10.60 3.14 -5.42
CA PHE A 1 9.11 3.12 -5.35
C PHE A 1 8.56 4.43 -4.78
N LEU A 2 9.33 5.05 -3.88
CA LEU A 2 8.92 6.31 -3.26
C LEU A 2 9.22 7.52 -4.16
N GLU A 3 9.67 7.27 -5.39
CA GLU A 3 9.98 8.36 -6.31
C GLU A 3 8.77 8.72 -7.17
N LYS A 4 8.13 7.72 -7.76
CA LYS A 4 6.97 7.94 -8.61
C LYS A 4 5.66 7.90 -7.81
N ILE A 5 5.69 7.27 -6.64
CA ILE A 5 4.49 7.17 -5.81
C ILE A 5 4.27 8.47 -5.03
N GLU A 6 5.34 9.11 -4.59
CA GLU A 6 5.23 10.35 -3.83
C GLU A 6 4.46 11.41 -4.63
N PRO A 7 4.92 11.73 -5.86
CA PRO A 7 4.26 12.72 -6.72
C PRO A 7 2.75 12.49 -6.82
N ALA A 8 2.35 11.22 -6.86
CA ALA A 8 0.94 10.86 -6.95
C ALA A 8 0.20 11.23 -5.68
N GLN A 9 0.86 11.08 -4.53
CA GLN A 9 0.25 11.41 -3.25
C GLN A 9 -0.07 12.89 -3.16
N GLU A 10 0.75 13.71 -3.80
CA GLU A 10 0.55 15.16 -3.79
C GLU A 10 -0.64 15.53 -4.67
N GLU A 11 -0.80 14.81 -5.77
CA GLU A 11 -1.90 15.07 -6.69
C GLU A 11 -3.25 14.81 -6.03
N HIS A 12 -3.30 13.78 -5.20
CA HIS A 12 -4.54 13.45 -4.50
C HIS A 12 -4.91 14.55 -3.50
N GLU A 13 -3.91 15.07 -2.80
CA GLU A 13 -4.14 16.11 -1.81
C GLU A 13 -4.65 17.41 -2.44
N LYS A 14 -4.58 17.52 -3.77
CA LYS A 14 -5.03 18.72 -4.45
C LYS A 14 -6.40 18.57 -5.12
N TYR A 15 -6.78 17.34 -5.48
CA TYR A 15 -8.06 17.12 -6.15
C TYR A 15 -8.72 15.81 -5.75
N HIS A 16 -8.24 15.17 -4.67
CA HIS A 16 -8.79 13.90 -4.19
C HIS A 16 -9.02 12.92 -5.33
N SER A 17 -8.10 12.89 -6.30
CA SER A 17 -8.21 12.00 -7.45
C SER A 17 -8.33 10.55 -7.01
N ASN A 18 -9.00 9.74 -7.85
CA ASN A 18 -9.19 8.33 -7.55
C ASN A 18 -7.98 7.50 -7.99
N VAL A 19 -8.10 6.19 -7.86
CA VAL A 19 -7.02 5.28 -8.24
C VAL A 19 -6.80 5.29 -9.74
N LYS A 20 -7.86 5.08 -10.51
CA LYS A 20 -7.78 5.07 -11.96
C LYS A 20 -7.15 6.35 -12.51
N GLU A 21 -7.49 7.47 -11.89
CA GLU A 21 -6.96 8.76 -12.31
C GLU A 21 -5.45 8.84 -12.04
N LEU A 22 -5.07 8.50 -10.82
CA LEU A 22 -3.66 8.53 -10.43
C LEU A 22 -2.87 7.48 -11.20
N SER A 23 -3.46 6.30 -11.36
CA SER A 23 -2.82 5.20 -12.06
C SER A 23 -2.69 5.52 -13.56
N HIS A 24 -3.73 6.13 -14.12
CA HIS A 24 -3.73 6.49 -15.54
C HIS A 24 -2.94 7.76 -15.79
N LYS A 25 -2.89 8.64 -14.78
CA LYS A 25 -2.16 9.90 -14.91
C LYS A 25 -0.67 9.70 -14.70
N PHE A 26 -0.30 8.94 -13.67
CA PHE A 26 1.11 8.69 -13.37
C PHE A 26 1.58 7.38 -13.99
N GLY A 27 0.83 6.31 -13.75
CA GLY A 27 1.20 5.01 -14.30
C GLY A 27 1.57 4.01 -13.22
N ILE A 28 0.81 4.01 -12.14
CA ILE A 28 1.07 3.08 -11.02
C ILE A 28 -0.05 2.05 -10.91
N PRO A 29 0.29 0.81 -10.49
CA PRO A 29 -0.70 -0.26 -10.34
C PRO A 29 -1.88 0.16 -9.47
N ASN A 30 -3.01 -0.51 -9.65
CA ASN A 30 -4.21 -0.20 -8.89
C ASN A 30 -3.98 -0.40 -7.39
N LEU A 31 -3.16 -1.38 -7.06
CA LEU A 31 -2.84 -1.66 -5.66
C LEU A 31 -2.12 -0.49 -5.00
N VAL A 32 -1.05 -0.03 -5.65
CA VAL A 32 -0.28 1.10 -5.12
C VAL A 32 -1.12 2.37 -5.09
N ALA A 33 -1.84 2.62 -6.16
CA ALA A 33 -2.69 3.81 -6.24
C ALA A 33 -3.75 3.80 -5.14
N ARG A 34 -4.14 2.60 -4.71
CA ARG A 34 -5.15 2.46 -3.66
C ARG A 34 -4.58 2.86 -2.31
N GLN A 35 -3.28 2.69 -2.13
CA GLN A 35 -2.63 3.03 -0.87
C GLN A 35 -2.72 4.54 -0.60
N ILE A 36 -2.68 5.32 -1.67
CA ILE A 36 -2.76 6.78 -1.55
C ILE A 36 -4.13 7.21 -1.05
N VAL A 37 -5.17 6.81 -1.77
CA VAL A 37 -6.54 7.15 -1.41
C VAL A 37 -6.88 6.59 -0.03
N ASN A 38 -6.40 5.38 0.25
CA ASN A 38 -6.65 4.75 1.54
C ASN A 38 -6.11 5.60 2.69
N SER A 39 -5.02 6.31 2.42
CA SER A 39 -4.40 7.16 3.43
C SER A 39 -5.26 8.40 3.70
N CYS A 40 -5.97 8.85 2.66
CA CYS A 40 -6.82 10.02 2.79
C CYS A 40 -7.98 9.76 3.75
N ALA A 41 -8.10 10.60 4.77
CA ALA A 41 -9.17 10.46 5.76
C ALA A 41 -10.48 11.01 5.22
N GLN A 42 -10.40 12.12 4.49
CA GLN A 42 -11.59 12.74 3.90
C GLN A 42 -12.25 11.81 2.89
N CYS A 43 -11.46 10.92 2.30
CA CYS A 43 -11.98 9.98 1.31
C CYS A 43 -12.33 8.63 1.96
N GLN A 44 -11.54 8.24 2.95
CA GLN A 44 -11.77 6.99 3.65
C GLN A 44 -13.11 7.01 4.37
N GLN A 45 -13.41 8.11 5.03
CA GLN A 45 -14.67 8.26 5.76
C GLN A 45 -15.85 8.31 4.80
N LYS A 46 -16.81 7.42 5.00
CA LYS A 46 -17.98 7.36 4.14
C LYS A 46 -19.22 6.98 4.96
N GLY A 47 -19.40 5.78 5.24
N PHE B 1 6.11 -5.48 -9.23
CA PHE B 1 5.86 -5.22 -7.79
C PHE B 1 5.04 -6.34 -7.16
N LEU B 2 4.16 -6.95 -7.95
CA LEU B 2 3.32 -8.04 -7.46
C LEU B 2 4.05 -9.38 -7.44
N GLU B 3 5.36 -9.38 -7.75
CA GLU B 3 6.13 -10.61 -7.76
C GLU B 3 6.77 -10.89 -6.41
N LYS B 4 7.42 -9.88 -5.85
CA LYS B 4 8.08 -10.02 -4.55
C LYS B 4 7.16 -9.68 -3.39
N ILE B 5 6.10 -8.91 -3.67
CA ILE B 5 5.15 -8.53 -2.64
C ILE B 5 4.16 -9.65 -2.33
N GLU B 6 3.76 -10.39 -3.37
CA GLU B 6 2.83 -11.50 -3.19
C GLU B 6 3.36 -12.51 -2.17
N PRO B 7 4.57 -13.06 -2.40
CA PRO B 7 5.19 -14.03 -1.50
C PRO B 7 5.14 -13.58 -0.03
N ALA B 8 5.31 -12.28 0.18
CA ALA B 8 5.29 -11.72 1.52
C ALA B 8 3.89 -11.80 2.13
N GLN B 9 2.88 -11.60 1.29
CA GLN B 9 1.50 -11.67 1.75
C GLN B 9 1.15 -13.06 2.27
N GLU B 10 1.74 -14.07 1.66
CA GLU B 10 1.51 -15.46 2.06
C GLU B 10 2.16 -15.75 3.40
N GLU B 11 3.33 -15.16 3.61
CA GLU B 11 4.07 -15.36 4.86
C GLU B 11 3.28 -14.81 6.05
N HIS B 12 2.62 -13.68 5.84
CA HIS B 12 1.84 -13.08 6.92
C HIS B 12 0.65 -13.97 7.28
N GLU B 13 0.01 -14.54 6.28
CA GLU B 13 -1.15 -15.39 6.50
C GLU B 13 -0.79 -16.66 7.28
N LYS B 14 0.51 -16.95 7.42
CA LYS B 14 0.94 -18.16 8.12
C LYS B 14 1.45 -17.88 9.54
N TYR B 15 1.95 -16.67 9.78
CA TYR B 15 2.47 -16.32 11.10
C TYR B 15 2.20 -14.88 11.52
N HIS B 16 1.30 -14.21 10.80
CA HIS B 16 0.95 -12.81 11.09
C HIS B 16 2.19 -11.95 11.35
N SER B 17 3.24 -12.20 10.58
CA SER B 17 4.49 -11.46 10.72
C SER B 17 4.27 -9.95 10.58
N ASN B 18 5.12 -9.17 11.23
CA ASN B 18 5.03 -7.72 11.19
C ASN B 18 5.72 -7.16 9.95
N VAL B 19 5.79 -5.83 9.86
CA VAL B 19 6.42 -5.16 8.74
C VAL B 19 7.92 -5.41 8.74
N LYS B 20 8.57 -5.14 9.86
CA LYS B 20 10.02 -5.31 9.98
C LYS B 20 10.43 -6.74 9.62
N GLU B 21 9.62 -7.72 10.02
CA GLU B 21 9.91 -9.10 9.74
C GLU B 21 9.82 -9.38 8.24
N LEU B 22 8.72 -8.96 7.64
CA LEU B 22 8.50 -9.15 6.21
C LEU B 22 9.50 -8.36 5.40
N SER B 23 9.76 -7.12 5.84
CA SER B 23 10.69 -6.24 5.16
C SER B 23 12.13 -6.76 5.29
N HIS B 24 12.46 -7.28 6.46
CA HIS B 24 13.80 -7.81 6.72
C HIS B 24 13.95 -9.22 6.15
N LYS B 25 12.84 -9.95 6.09
CA LYS B 25 12.86 -11.31 5.57
C LYS B 25 12.88 -11.33 4.04
N PHE B 26 12.02 -10.51 3.44
CA PHE B 26 11.93 -10.45 1.98
C PHE B 26 12.80 -9.32 1.42
N GLY B 27 12.63 -8.12 1.97
CA GLY B 27 13.40 -6.98 1.50
C GLY B 27 12.54 -5.92 0.86
N ILE B 28 11.38 -5.65 1.44
CA ILE B 28 10.46 -4.66 0.91
C ILE B 28 10.36 -3.44 1.84
N PRO B 29 10.18 -2.22 1.27
CA PRO B 29 10.07 -1.01 2.07
C PRO B 29 9.01 -1.12 3.17
N ASN B 30 9.16 -0.31 4.21
CA ASN B 30 8.21 -0.32 5.32
C ASN B 30 6.80 0.02 4.85
N LEU B 31 6.71 0.89 3.85
CA LEU B 31 5.43 1.30 3.31
C LEU B 31 4.70 0.13 2.67
N VAL B 32 5.38 -0.58 1.77
CA VAL B 32 4.79 -1.73 1.11
C VAL B 32 4.47 -2.84 2.10
N ALA B 33 5.40 -3.12 3.00
CA ALA B 33 5.20 -4.15 4.01
C ALA B 33 4.00 -3.83 4.89
N ARG B 34 3.70 -2.55 5.05
CA ARG B 34 2.57 -2.11 5.86
C ARG B 34 1.25 -2.43 5.17
N GLN B 35 1.26 -2.43 3.85
CA GLN B 35 0.05 -2.71 3.08
C GLN B 35 -0.45 -4.14 3.34
N ILE B 36 0.49 -5.05 3.56
CA ILE B 36 0.15 -6.44 3.83
C ILE B 36 -0.57 -6.59 5.15
N VAL B 37 0.07 -6.12 6.22
CA VAL B 37 -0.50 -6.19 7.55
C VAL B 37 -1.82 -5.41 7.61
N ASN B 38 -1.85 -4.27 6.94
CA ASN B 38 -3.05 -3.44 6.91
C ASN B 38 -4.24 -4.21 6.34
N SER B 39 -3.96 -5.11 5.41
CA SER B 39 -5.00 -5.92 4.78
C SER B 39 -5.54 -6.96 5.74
N CYS B 40 -4.68 -7.42 6.65
CA CYS B 40 -5.09 -8.43 7.63
C CYS B 40 -6.14 -7.86 8.59
N ALA B 41 -7.28 -8.53 8.68
CA ALA B 41 -8.36 -8.10 9.56
C ALA B 41 -8.06 -8.50 11.00
N GLN B 42 -7.49 -9.69 11.19
CA GLN B 42 -7.16 -10.18 12.52
C GLN B 42 -6.11 -9.31 13.20
N CYS B 43 -5.31 -8.63 12.38
CA CYS B 43 -4.26 -7.75 12.89
C CYS B 43 -4.73 -6.31 12.96
N GLN B 44 -5.56 -5.91 11.99
CA GLN B 44 -6.08 -4.56 11.94
C GLN B 44 -6.95 -4.27 13.17
N GLN B 45 -7.81 -5.23 13.50
CA GLN B 45 -8.70 -5.08 14.65
C GLN B 45 -7.90 -5.07 15.95
N LYS B 46 -8.08 -4.00 16.74
CA LYS B 46 -7.38 -3.88 18.01
C LYS B 46 -8.27 -3.21 19.06
N GLY B 47 -8.39 -1.97 19.02
N PHE A 1 10.15 3.60 -3.42
CA PHE A 1 8.70 3.48 -3.11
C PHE A 1 8.02 4.85 -3.09
N LEU A 2 8.40 5.68 -2.12
CA LEU A 2 7.83 7.02 -2.01
C LEU A 2 8.27 7.93 -3.15
N GLU A 3 9.38 7.59 -3.80
CA GLU A 3 9.90 8.39 -4.91
C GLU A 3 8.85 8.64 -5.98
N LYS A 4 8.29 7.57 -6.53
CA LYS A 4 7.28 7.69 -7.58
C LYS A 4 5.87 7.82 -7.00
N ILE A 5 5.68 7.40 -5.75
CA ILE A 5 4.37 7.48 -5.11
C ILE A 5 4.09 8.90 -4.61
N GLU A 6 5.13 9.61 -4.18
CA GLU A 6 4.96 10.97 -3.68
C GLU A 6 4.35 11.87 -4.76
N PRO A 7 4.98 11.97 -5.95
CA PRO A 7 4.48 12.79 -7.05
C PRO A 7 2.98 12.60 -7.28
N ALA A 8 2.51 11.38 -7.08
CA ALA A 8 1.10 11.06 -7.27
C ALA A 8 0.27 11.65 -6.13
N GLN A 9 0.86 11.72 -4.95
CA GLN A 9 0.19 12.28 -3.78
C GLN A 9 -0.02 13.78 -3.95
N GLU A 10 1.01 14.46 -4.44
CA GLU A 10 0.94 15.90 -4.65
C GLU A 10 -0.11 16.24 -5.70
N GLU A 11 -0.29 15.34 -6.66
CA GLU A 11 -1.26 15.54 -7.73
C GLU A 11 -2.69 15.50 -7.17
N HIS A 12 -2.97 14.51 -6.32
CA HIS A 12 -4.30 14.40 -5.74
C HIS A 12 -4.60 15.62 -4.87
N GLU A 13 -3.60 16.07 -4.12
CA GLU A 13 -3.76 17.21 -3.24
C GLU A 13 -4.08 18.50 -4.02
N LYS A 14 -3.91 18.47 -5.35
CA LYS A 14 -4.16 19.67 -6.16
C LYS A 14 -5.36 19.48 -7.11
N TYR A 15 -5.76 18.23 -7.37
CA TYR A 15 -6.87 17.97 -8.28
C TYR A 15 -7.84 16.89 -7.77
N HIS A 16 -7.61 16.37 -6.57
CA HIS A 16 -8.45 15.31 -5.99
C HIS A 16 -8.82 14.24 -7.02
N SER A 17 -7.90 13.96 -7.93
CA SER A 17 -8.13 12.97 -8.98
C SER A 17 -8.45 11.60 -8.38
N ASN A 18 -8.93 10.69 -9.23
CA ASN A 18 -9.29 9.34 -8.81
C ASN A 18 -8.09 8.40 -8.92
N VAL A 19 -8.36 7.11 -8.82
CA VAL A 19 -7.31 6.10 -8.91
C VAL A 19 -6.84 5.88 -10.35
N LYS A 20 -7.81 5.67 -11.24
CA LYS A 20 -7.51 5.45 -12.65
C LYS A 20 -6.70 6.60 -13.24
N GLU A 21 -7.00 7.81 -12.80
CA GLU A 21 -6.30 9.00 -13.27
C GLU A 21 -4.86 9.02 -12.77
N LEU A 22 -4.68 8.72 -11.49
CA LEU A 22 -3.35 8.71 -10.88
C LEU A 22 -2.54 7.52 -11.40
N SER A 23 -3.21 6.38 -11.53
CA SER A 23 -2.55 5.17 -12.01
C SER A 23 -2.23 5.25 -13.50
N HIS A 24 -3.14 5.86 -14.26
CA HIS A 24 -2.94 6.01 -15.70
C HIS A 24 -2.01 7.17 -16.02
N LYS A 25 -2.01 8.19 -15.17
CA LYS A 25 -1.16 9.36 -15.37
C LYS A 25 0.28 9.08 -14.96
N PHE A 26 0.45 8.40 -13.83
CA PHE A 26 1.78 8.09 -13.32
C PHE A 26 2.19 6.67 -13.69
N GLY A 27 1.33 5.70 -13.40
CA GLY A 27 1.63 4.32 -13.72
C GLY A 27 1.79 3.45 -12.47
N ILE A 28 0.93 3.67 -11.49
CA ILE A 28 0.98 2.91 -10.25
C ILE A 28 -0.25 1.99 -10.12
N PRO A 29 -0.09 0.81 -9.49
CA PRO A 29 -1.20 -0.13 -9.32
C PRO A 29 -2.40 0.51 -8.65
N ASN A 30 -3.54 -0.18 -8.70
CA ASN A 30 -4.77 0.33 -8.09
C ASN A 30 -4.61 0.45 -6.58
N LEU A 31 -3.85 -0.46 -5.99
CA LEU A 31 -3.63 -0.46 -4.55
C LEU A 31 -2.92 0.82 -4.11
N VAL A 32 -1.84 1.16 -4.80
CA VAL A 32 -1.08 2.37 -4.48
C VAL A 32 -1.92 3.62 -4.67
N ALA A 33 -2.57 3.71 -5.83
CA ALA A 33 -3.41 4.86 -6.15
C ALA A 33 -4.59 4.96 -5.19
N ARG A 34 -5.11 3.82 -4.76
CA ARG A 34 -6.23 3.78 -3.84
C ARG A 34 -5.83 4.28 -2.46
N GLN A 35 -4.56 4.07 -2.10
CA GLN A 35 -4.05 4.50 -0.81
C GLN A 35 -4.04 6.02 -0.70
N ILE A 36 -3.70 6.69 -1.79
CA ILE A 36 -3.65 8.14 -1.81
C ILE A 36 -5.06 8.73 -1.62
N VAL A 37 -5.99 8.30 -2.45
CA VAL A 37 -7.37 8.77 -2.36
C VAL A 37 -7.99 8.39 -1.02
N ASN A 38 -7.70 7.17 -0.56
CA ASN A 38 -8.23 6.70 0.70
C ASN A 38 -7.74 7.55 1.87
N SER A 39 -6.55 8.12 1.71
CA SER A 39 -5.96 8.96 2.75
C SER A 39 -6.65 10.33 2.80
N CYS A 40 -7.08 10.82 1.64
CA CYS A 40 -7.75 12.10 1.55
C CYS A 40 -9.02 12.11 2.39
N ALA A 41 -9.13 13.09 3.29
CA ALA A 41 -10.30 13.21 4.15
C ALA A 41 -11.48 13.81 3.40
N GLN A 42 -11.21 14.88 2.67
CA GLN A 42 -12.24 15.57 1.89
C GLN A 42 -12.92 14.62 0.91
N CYS A 43 -12.18 13.61 0.45
CA CYS A 43 -12.71 12.64 -0.49
C CYS A 43 -13.33 11.44 0.23
N GLN A 44 -12.83 11.15 1.43
CA GLN A 44 -13.34 10.03 2.21
C GLN A 44 -14.80 10.26 2.61
N GLN A 45 -15.07 11.45 3.13
CA GLN A 45 -16.42 11.80 3.57
C GLN A 45 -17.23 12.36 2.39
N LYS A 46 -18.45 11.85 2.23
CA LYS A 46 -19.33 12.30 1.15
C LYS A 46 -20.22 13.44 1.62
N GLY A 47 -20.10 14.56 1.06
N PHE B 1 4.02 -5.50 -8.98
CA PHE B 1 3.56 -5.13 -7.61
C PHE B 1 3.24 -6.36 -6.77
N LEU B 2 2.22 -7.11 -7.17
CA LEU B 2 1.82 -8.31 -6.45
C LEU B 2 2.86 -9.43 -6.60
N GLU B 3 3.68 -9.34 -7.64
CA GLU B 3 4.71 -10.35 -7.90
C GLU B 3 5.60 -10.59 -6.68
N LYS B 4 6.24 -9.53 -6.19
CA LYS B 4 7.13 -9.64 -5.04
C LYS B 4 6.37 -9.48 -3.71
N ILE B 5 5.19 -8.86 -3.77
CA ILE B 5 4.39 -8.66 -2.56
C ILE B 5 3.64 -9.94 -2.17
N GLU B 6 3.24 -10.73 -3.15
CA GLU B 6 2.52 -11.98 -2.88
C GLU B 6 3.37 -12.90 -2.02
N PRO B 7 4.59 -13.25 -2.46
CA PRO B 7 5.50 -14.14 -1.69
C PRO B 7 5.57 -13.76 -0.21
N ALA B 8 5.51 -12.46 0.06
CA ALA B 8 5.56 -11.96 1.42
C ALA B 8 4.26 -12.26 2.16
N GLN B 9 3.16 -12.27 1.41
CA GLN B 9 1.85 -12.55 1.99
C GLN B 9 1.75 -14.01 2.41
N GLU B 10 2.25 -14.90 1.56
CA GLU B 10 2.23 -16.33 1.85
C GLU B 10 3.09 -16.65 3.07
N GLU B 11 4.14 -15.86 3.26
CA GLU B 11 5.04 -16.05 4.40
C GLU B 11 4.33 -15.73 5.71
N HIS B 12 3.61 -14.60 5.74
CA HIS B 12 2.91 -14.21 6.94
C HIS B 12 1.83 -15.24 7.28
N GLU B 13 1.14 -15.73 6.26
CA GLU B 13 0.09 -16.71 6.45
C GLU B 13 0.62 -18.02 7.03
N LYS B 14 1.95 -18.21 7.04
CA LYS B 14 2.52 -19.44 7.56
C LYS B 14 3.35 -19.21 8.85
N TYR B 15 3.74 -17.97 9.12
CA TYR B 15 4.54 -17.67 10.31
C TYR B 15 4.10 -16.40 11.04
N HIS B 16 3.02 -15.76 10.57
CA HIS B 16 2.52 -14.51 11.18
C HIS B 16 3.65 -13.54 11.55
N SER B 17 4.70 -13.54 10.73
CA SER B 17 5.85 -12.67 10.97
C SER B 17 5.43 -11.20 11.03
N ASN B 18 6.35 -10.35 11.49
CA ASN B 18 6.09 -8.93 11.61
C ASN B 18 6.49 -8.19 10.33
N VAL B 19 6.56 -6.87 10.40
CA VAL B 19 6.93 -6.05 9.25
C VAL B 19 8.42 -6.11 8.98
N LYS B 20 9.22 -5.86 10.02
CA LYS B 20 10.68 -5.89 9.90
C LYS B 20 11.17 -7.22 9.33
N GLU B 21 10.51 -8.30 9.72
CA GLU B 21 10.88 -9.63 9.25
C GLU B 21 10.56 -9.80 7.78
N LEU B 22 9.36 -9.38 7.38
CA LEU B 22 8.93 -9.47 5.99
C LEU B 22 9.71 -8.50 5.11
N SER B 23 9.95 -7.31 5.63
CA SER B 23 10.68 -6.28 4.90
C SER B 23 12.17 -6.61 4.81
N HIS B 24 12.71 -7.17 5.88
CA HIS B 24 14.12 -7.54 5.91
C HIS B 24 14.38 -8.86 5.19
N LYS B 25 13.38 -9.74 5.21
CA LYS B 25 13.51 -11.05 4.56
C LYS B 25 13.31 -10.93 3.05
N PHE B 26 12.32 -10.14 2.63
CA PHE B 26 12.03 -9.97 1.22
C PHE B 26 12.66 -8.69 0.67
N GLY B 27 12.42 -7.58 1.36
CA GLY B 27 12.98 -6.31 0.92
C GLY B 27 11.92 -5.32 0.48
N ILE B 28 10.81 -5.27 1.21
CA ILE B 28 9.72 -4.36 0.89
C ILE B 28 9.59 -3.26 1.95
N PRO B 29 9.17 -2.04 1.55
CA PRO B 29 9.02 -0.93 2.49
C PRO B 29 8.11 -1.29 3.66
N ASN B 30 8.13 -0.45 4.70
CA ASN B 30 7.31 -0.68 5.88
C ASN B 30 5.83 -0.61 5.54
N LEU B 31 5.49 0.24 4.58
CA LEU B 31 4.09 0.40 4.16
C LEU B 31 3.55 -0.90 3.58
N VAL B 32 4.31 -1.49 2.67
CA VAL B 32 3.90 -2.73 2.02
C VAL B 32 3.80 -3.87 3.04
N ALA B 33 4.84 -4.02 3.86
CA ALA B 33 4.87 -5.06 4.87
C ALA B 33 3.77 -4.85 5.91
N ARG B 34 3.47 -3.59 6.20
CA ARG B 34 2.43 -3.27 7.18
C ARG B 34 1.05 -3.63 6.65
N GLN B 35 0.89 -3.57 5.34
CA GLN B 35 -0.38 -3.89 4.71
C GLN B 35 -0.72 -5.37 4.88
N ILE B 36 0.29 -6.22 4.79
CA ILE B 36 0.09 -7.65 4.94
C ILE B 36 -0.37 -7.99 6.36
N VAL B 37 0.40 -7.54 7.35
CA VAL B 37 0.08 -7.79 8.75
C VAL B 37 -1.24 -7.13 9.11
N ASN B 38 -1.48 -5.93 8.61
CA ASN B 38 -2.71 -5.21 8.89
C ASN B 38 -3.92 -5.97 8.35
N SER B 39 -3.71 -6.72 7.28
CA SER B 39 -4.79 -7.49 6.67
C SER B 39 -5.13 -8.72 7.52
N CYS B 40 -4.12 -9.29 8.16
CA CYS B 40 -4.31 -10.46 9.00
C CYS B 40 -5.29 -10.16 10.14
N ALA B 41 -6.33 -10.98 10.25
CA ALA B 41 -7.33 -10.81 11.29
C ALA B 41 -6.84 -11.33 12.63
N GLN B 42 -6.24 -12.51 12.61
CA GLN B 42 -5.72 -13.14 13.82
C GLN B 42 -4.68 -12.23 14.51
N CYS B 43 -3.99 -11.42 13.71
CA CYS B 43 -2.98 -10.51 14.24
C CYS B 43 -3.57 -9.15 14.57
N GLN B 44 -4.65 -8.79 13.88
CA GLN B 44 -5.31 -7.50 14.12
C GLN B 44 -5.92 -7.46 15.53
N GLN B 45 -6.64 -8.51 15.89
CA GLN B 45 -7.27 -8.59 17.19
C GLN B 45 -6.32 -9.18 18.23
N LYS B 46 -6.22 -8.51 19.38
CA LYS B 46 -5.34 -8.96 20.45
C LYS B 46 -6.08 -9.89 21.41
N GLY B 47 -5.68 -11.08 21.51
N PHE A 1 11.28 4.31 -5.83
CA PHE A 1 9.98 3.95 -5.22
C PHE A 1 9.36 5.15 -4.49
N LEU A 2 9.89 5.48 -3.32
CA LEU A 2 9.40 6.62 -2.53
C LEU A 2 9.34 7.89 -3.38
N GLU A 3 10.18 7.96 -4.40
CA GLU A 3 10.21 9.14 -5.28
C GLU A 3 9.01 9.16 -6.21
N LYS A 4 8.49 7.98 -6.55
CA LYS A 4 7.35 7.88 -7.45
C LYS A 4 6.03 7.87 -6.67
N ILE A 5 6.00 7.14 -5.57
CA ILE A 5 4.80 7.03 -4.75
C ILE A 5 4.46 8.36 -4.08
N GLU A 6 5.47 9.16 -3.77
CA GLU A 6 5.25 10.46 -3.14
C GLU A 6 4.40 11.36 -4.04
N PRO A 7 4.89 11.71 -5.25
CA PRO A 7 4.16 12.55 -6.20
C PRO A 7 2.68 12.21 -6.29
N ALA A 8 2.39 10.92 -6.43
CA ALA A 8 1.01 10.45 -6.53
C ALA A 8 0.24 10.73 -5.24
N GLN A 9 0.94 10.67 -4.11
CA GLN A 9 0.31 10.91 -2.82
C GLN A 9 -0.09 12.39 -2.69
N GLU A 10 0.75 13.28 -3.21
CA GLU A 10 0.48 14.71 -3.16
C GLU A 10 -0.70 15.07 -4.06
N GLU A 11 -0.81 14.38 -5.19
CA GLU A 11 -1.89 14.62 -6.14
C GLU A 11 -3.24 14.29 -5.51
N HIS A 12 -3.28 13.21 -4.73
CA HIS A 12 -4.53 12.82 -4.09
C HIS A 12 -4.97 13.86 -3.07
N GLU A 13 -4.02 14.37 -2.30
CA GLU A 13 -4.32 15.35 -1.28
C GLU A 13 -4.83 16.67 -1.87
N LYS A 14 -4.71 16.85 -3.19
CA LYS A 14 -5.15 18.07 -3.83
C LYS A 14 -6.47 17.92 -4.59
N TYR A 15 -6.82 16.69 -4.98
CA TYR A 15 -8.06 16.47 -5.72
C TYR A 15 -8.67 15.09 -5.47
N HIS A 16 -8.25 14.43 -4.39
CA HIS A 16 -8.75 13.08 -4.03
C HIS A 16 -8.89 12.17 -5.25
N SER A 17 -7.88 12.17 -6.11
CA SER A 17 -7.88 11.35 -7.32
C SER A 17 -8.02 9.87 -6.97
N ASN A 18 -8.65 9.12 -7.87
CA ASN A 18 -8.84 7.68 -7.67
C ASN A 18 -7.58 6.90 -8.05
N VAL A 19 -7.71 5.59 -8.13
CA VAL A 19 -6.58 4.72 -8.48
C VAL A 19 -6.22 4.89 -9.96
N LYS A 20 -7.18 4.65 -10.84
CA LYS A 20 -6.95 4.75 -12.28
C LYS A 20 -6.42 6.13 -12.64
N GLU A 21 -6.93 7.16 -11.98
CA GLU A 21 -6.50 8.53 -12.25
C GLU A 21 -5.04 8.72 -11.87
N LEU A 22 -4.66 8.21 -10.69
CA LEU A 22 -3.28 8.32 -10.23
C LEU A 22 -2.37 7.39 -11.03
N SER A 23 -2.86 6.18 -11.28
CA SER A 23 -2.10 5.19 -12.04
C SER A 23 -1.97 5.61 -13.50
N HIS A 24 -3.00 6.25 -14.03
CA HIS A 24 -2.99 6.69 -15.43
C HIS A 24 -2.21 7.99 -15.58
N LYS A 25 -2.24 8.83 -14.56
CA LYS A 25 -1.54 10.11 -14.59
C LYS A 25 -0.05 9.94 -14.32
N PHE A 26 0.29 9.08 -13.36
CA PHE A 26 1.68 8.86 -13.00
C PHE A 26 2.22 7.57 -13.64
N GLY A 27 1.54 6.46 -13.38
CA GLY A 27 1.97 5.18 -13.93
C GLY A 27 2.32 4.17 -12.86
N ILE A 28 1.57 4.20 -11.76
CA ILE A 28 1.78 3.27 -10.66
C ILE A 28 0.73 2.16 -10.65
N PRO A 29 1.12 0.92 -10.28
CA PRO A 29 0.18 -0.21 -10.23
C PRO A 29 -1.06 0.11 -9.39
N ASN A 30 -2.18 -0.51 -9.73
CA ASN A 30 -3.42 -0.28 -9.01
C ASN A 30 -3.26 -0.58 -7.52
N LEU A 31 -2.31 -1.44 -7.18
CA LEU A 31 -2.08 -1.80 -5.78
C LEU A 31 -1.58 -0.59 -4.99
N VAL A 32 -0.47 -0.01 -5.43
CA VAL A 32 0.11 1.16 -4.75
C VAL A 32 -0.88 2.32 -4.75
N ALA A 33 -1.53 2.55 -5.88
CA ALA A 33 -2.49 3.62 -6.01
C ALA A 33 -3.64 3.45 -5.02
N ARG A 34 -3.93 2.21 -4.66
CA ARG A 34 -5.01 1.92 -3.72
C ARG A 34 -4.61 2.27 -2.29
N GLN A 35 -3.31 2.25 -2.01
CA GLN A 35 -2.82 2.57 -0.67
C GLN A 35 -3.03 4.05 -0.35
N ILE A 36 -2.79 4.91 -1.34
CA ILE A 36 -2.96 6.35 -1.16
C ILE A 36 -4.41 6.69 -0.84
N VAL A 37 -5.34 6.15 -1.63
CA VAL A 37 -6.76 6.40 -1.42
C VAL A 37 -7.22 5.77 -0.11
N ASN A 38 -6.70 4.59 0.18
CA ASN A 38 -7.05 3.88 1.41
C ASN A 38 -6.57 4.63 2.63
N SER A 39 -5.40 5.25 2.52
CA SER A 39 -4.83 6.02 3.62
C SER A 39 -5.66 7.26 3.90
N CYS A 40 -6.26 7.81 2.85
CA CYS A 40 -7.08 9.00 2.97
C CYS A 40 -8.30 8.73 3.85
N ALA A 41 -8.44 9.49 4.92
CA ALA A 41 -9.57 9.33 5.84
C ALA A 41 -10.87 9.83 5.23
N GLN A 42 -10.81 11.01 4.60
CA GLN A 42 -11.99 11.60 3.98
C GLN A 42 -12.58 10.66 2.91
N CYS A 43 -11.72 9.87 2.30
CA CYS A 43 -12.13 8.93 1.27
C CYS A 43 -12.53 7.58 1.88
N GLN A 44 -12.00 7.28 3.06
CA GLN A 44 -12.31 6.02 3.75
C GLN A 44 -13.80 5.90 4.01
N GLN A 45 -14.36 6.92 4.67
CA GLN A 45 -15.78 6.92 4.98
C GLN A 45 -16.61 7.29 3.76
N LYS A 46 -17.82 6.75 3.69
CA LYS A 46 -18.72 7.01 2.57
C LYS A 46 -20.13 7.35 3.06
N GLY A 47 -21.09 7.13 2.31
N PHE B 1 6.41 -6.74 -9.66
CA PHE B 1 5.69 -6.11 -8.53
C PHE B 1 4.74 -7.10 -7.86
N LEU B 2 3.60 -7.35 -8.51
CA LEU B 2 2.61 -8.27 -7.97
C LEU B 2 3.23 -9.63 -7.62
N GLU B 3 4.33 -9.97 -8.29
CA GLU B 3 5.01 -11.23 -8.04
C GLU B 3 5.78 -11.19 -6.73
N LYS B 4 6.23 -10.01 -6.33
CA LYS B 4 6.99 -9.84 -5.09
C LYS B 4 6.07 -9.53 -3.91
N ILE B 5 5.09 -8.65 -4.15
CA ILE B 5 4.16 -8.26 -3.09
C ILE B 5 3.26 -9.43 -2.67
N GLU B 6 2.97 -10.32 -3.61
CA GLU B 6 2.12 -11.47 -3.30
C GLU B 6 2.76 -12.35 -2.21
N PRO B 7 3.97 -12.92 -2.48
CA PRO B 7 4.68 -13.76 -1.51
C PRO B 7 4.64 -13.21 -0.09
N ALA B 8 4.94 -11.92 0.04
CA ALA B 8 4.93 -11.26 1.34
C ALA B 8 3.53 -11.25 1.95
N GLN B 9 2.53 -11.15 1.10
CA GLN B 9 1.14 -11.12 1.56
C GLN B 9 0.75 -12.49 2.13
N GLU B 10 1.23 -13.55 1.51
CA GLU B 10 0.93 -14.90 1.96
C GLU B 10 1.61 -15.19 3.30
N GLU B 11 2.81 -14.65 3.46
CA GLU B 11 3.57 -14.85 4.69
C GLU B 11 2.86 -14.22 5.88
N HIS B 12 2.24 -13.07 5.67
CA HIS B 12 1.53 -12.41 6.75
C HIS B 12 0.31 -13.21 7.17
N GLU B 13 -0.40 -13.76 6.21
CA GLU B 13 -1.60 -14.56 6.49
C GLU B 13 -1.27 -15.85 7.24
N LYS B 14 0.01 -16.20 7.34
CA LYS B 14 0.40 -17.43 8.03
C LYS B 14 1.00 -17.16 9.41
N TYR B 15 1.52 -15.96 9.64
CA TYR B 15 2.14 -15.65 10.93
C TYR B 15 2.04 -14.16 11.30
N HIS B 16 1.12 -13.44 10.66
CA HIS B 16 0.91 -12.01 10.91
C HIS B 16 2.23 -11.25 11.10
N SER B 17 3.20 -11.52 10.23
CA SER B 17 4.50 -10.88 10.29
C SER B 17 4.37 -9.36 10.17
N ASN B 18 5.29 -8.63 10.81
CA ASN B 18 5.28 -7.18 10.78
C ASN B 18 5.91 -6.66 9.50
N VAL B 19 6.19 -5.36 9.46
CA VAL B 19 6.80 -4.74 8.29
C VAL B 19 8.26 -5.15 8.15
N LYS B 20 9.05 -4.88 9.19
CA LYS B 20 10.47 -5.21 9.18
C LYS B 20 10.69 -6.69 8.90
N GLU B 21 9.83 -7.53 9.45
CA GLU B 21 9.92 -8.97 9.25
C GLU B 21 9.71 -9.33 7.78
N LEU B 22 8.68 -8.75 7.18
CA LEU B 22 8.37 -9.00 5.78
C LEU B 22 9.40 -8.33 4.88
N SER B 23 9.78 -7.10 5.23
CA SER B 23 10.76 -6.36 4.45
C SER B 23 12.15 -6.97 4.58
N HIS B 24 12.45 -7.52 5.76
CA HIS B 24 13.74 -8.12 6.02
C HIS B 24 13.80 -9.55 5.45
N LYS B 25 12.67 -10.23 5.44
CA LYS B 25 12.59 -11.59 4.94
C LYS B 25 12.52 -11.62 3.41
N PHE B 26 11.76 -10.71 2.83
CA PHE B 26 11.61 -10.65 1.39
C PHE B 26 12.48 -9.55 0.76
N GLY B 27 12.33 -8.33 1.25
CA GLY B 27 13.11 -7.22 0.73
C GLY B 27 12.25 -6.14 0.09
N ILE B 28 11.08 -5.91 0.69
CA ILE B 28 10.16 -4.89 0.19
C ILE B 28 10.19 -3.64 1.07
N PRO B 29 10.06 -2.44 0.47
CA PRO B 29 10.07 -1.19 1.23
C PRO B 29 9.05 -1.20 2.36
N ASN B 30 9.34 -0.46 3.43
CA ASN B 30 8.44 -0.38 4.58
C ASN B 30 7.05 0.07 4.17
N LEU B 31 6.96 0.81 3.08
CA LEU B 31 5.67 1.30 2.59
C LEU B 31 4.76 0.15 2.16
N VAL B 32 5.25 -0.65 1.21
CA VAL B 32 4.47 -1.78 0.71
C VAL B 32 4.19 -2.77 1.84
N ALA B 33 5.19 -3.05 2.67
CA ALA B 33 5.03 -3.96 3.78
C ALA B 33 3.94 -3.49 4.74
N ARG B 34 3.75 -2.18 4.80
CA ARG B 34 2.74 -1.61 5.69
C ARG B 34 1.33 -1.84 5.15
N GLN B 35 1.21 -1.97 3.82
CA GLN B 35 -0.09 -2.18 3.20
C GLN B 35 -0.65 -3.57 3.57
N ILE B 36 0.21 -4.57 3.58
CA ILE B 36 -0.19 -5.93 3.91
C ILE B 36 -0.73 -6.00 5.34
N VAL B 37 0.01 -5.43 6.29
CA VAL B 37 -0.40 -5.43 7.68
C VAL B 37 -1.65 -4.57 7.87
N ASN B 38 -1.70 -3.46 7.15
CA ASN B 38 -2.84 -2.54 7.24
C ASN B 38 -4.10 -3.19 6.69
N SER B 39 -3.94 -3.99 5.64
CA SER B 39 -5.07 -4.69 5.03
C SER B 39 -5.62 -5.74 5.98
N CYS B 40 -4.74 -6.33 6.78
CA CYS B 40 -5.14 -7.35 7.73
C CYS B 40 -6.11 -6.77 8.77
N ALA B 41 -7.30 -7.37 8.86
CA ALA B 41 -8.31 -6.91 9.80
C ALA B 41 -7.93 -7.28 11.24
N GLN B 42 -7.49 -8.53 11.44
CA GLN B 42 -7.11 -9.00 12.76
C GLN B 42 -6.01 -8.14 13.35
N CYS B 43 -5.17 -7.57 12.49
CA CYS B 43 -4.08 -6.72 12.93
C CYS B 43 -4.52 -5.26 13.04
N GLN B 44 -5.57 -4.90 12.32
CA GLN B 44 -6.08 -3.53 12.35
C GLN B 44 -6.51 -3.14 13.75
N GLN B 45 -7.37 -3.96 14.35
CA GLN B 45 -7.86 -3.72 15.70
C GLN B 45 -6.81 -4.10 16.74
N LYS B 46 -6.81 -3.39 17.86
CA LYS B 46 -5.86 -3.66 18.93
C LYS B 46 -6.57 -3.71 20.28
N GLY B 47 -5.89 -3.44 21.31
N PHE A 1 10.99 2.61 -6.01
CA PHE A 1 9.62 2.39 -5.46
C PHE A 1 8.93 3.72 -5.17
N LEU A 2 9.59 4.58 -4.41
CA LEU A 2 9.04 5.87 -4.05
C LEU A 2 9.37 6.94 -5.10
N GLU A 3 9.83 6.52 -6.28
CA GLU A 3 10.17 7.46 -7.34
C GLU A 3 8.92 7.90 -8.10
N LYS A 4 8.20 6.95 -8.67
CA LYS A 4 6.98 7.24 -9.43
C LYS A 4 5.75 7.21 -8.53
N ILE A 5 5.83 6.49 -7.42
CA ILE A 5 4.70 6.38 -6.49
C ILE A 5 4.50 7.69 -5.72
N GLU A 6 5.59 8.37 -5.41
CA GLU A 6 5.52 9.63 -4.67
C GLU A 6 4.64 10.65 -5.40
N PRO A 7 5.00 11.01 -6.65
CA PRO A 7 4.23 11.98 -7.46
C PRO A 7 2.73 11.75 -7.37
N ALA A 8 2.32 10.48 -7.38
CA ALA A 8 0.90 10.13 -7.30
C ALA A 8 0.32 10.53 -5.94
N GLN A 9 1.11 10.37 -4.89
CA GLN A 9 0.67 10.72 -3.55
C GLN A 9 0.43 12.22 -3.43
N GLU A 10 1.22 13.01 -4.16
CA GLU A 10 1.10 14.45 -4.14
C GLU A 10 -0.14 14.90 -4.90
N GLU A 11 -0.50 14.13 -5.93
CA GLU A 11 -1.67 14.44 -6.75
C GLU A 11 -2.96 14.27 -5.95
N HIS A 12 -3.06 13.18 -5.19
CA HIS A 12 -4.25 12.95 -4.40
C HIS A 12 -4.43 14.06 -3.36
N GLU A 13 -3.32 14.49 -2.78
CA GLU A 13 -3.34 15.54 -1.77
C GLU A 13 -3.87 16.87 -2.33
N LYS A 14 -3.96 16.99 -3.65
CA LYS A 14 -4.42 18.24 -4.25
C LYS A 14 -5.79 18.09 -4.95
N TYR A 15 -6.18 16.85 -5.28
CA TYR A 15 -7.46 16.62 -5.97
C TYR A 15 -8.26 15.47 -5.36
N HIS A 16 -7.76 14.84 -4.30
CA HIS A 16 -8.42 13.69 -3.66
C HIS A 16 -8.99 12.71 -4.70
N SER A 17 -8.30 12.62 -5.84
CA SER A 17 -8.73 11.73 -6.93
C SER A 17 -8.87 10.28 -6.45
N ASN A 18 -9.53 9.47 -7.26
CA ASN A 18 -9.75 8.07 -6.94
C ASN A 18 -8.55 7.22 -7.37
N VAL A 19 -8.72 5.90 -7.35
CA VAL A 19 -7.66 4.98 -7.74
C VAL A 19 -7.49 4.96 -9.25
N LYS A 20 -8.59 4.71 -9.97
CA LYS A 20 -8.55 4.65 -11.42
C LYS A 20 -7.98 5.93 -12.02
N GLU A 21 -8.22 7.05 -11.34
CA GLU A 21 -7.72 8.34 -11.79
C GLU A 21 -6.21 8.41 -11.68
N LEU A 22 -5.68 8.03 -10.52
CA LEU A 22 -4.24 8.03 -10.29
C LEU A 22 -3.57 6.98 -11.16
N SER A 23 -4.18 5.80 -11.24
CA SER A 23 -3.64 4.71 -12.04
C SER A 23 -3.61 5.07 -13.52
N HIS A 24 -4.62 5.81 -13.96
CA HIS A 24 -4.72 6.22 -15.36
C HIS A 24 -3.83 7.43 -15.65
N LYS A 25 -3.63 8.27 -14.63
CA LYS A 25 -2.82 9.47 -14.78
C LYS A 25 -1.32 9.17 -14.70
N PHE A 26 -0.94 8.29 -13.78
CA PHE A 26 0.47 7.95 -13.61
C PHE A 26 0.81 6.58 -14.18
N GLY A 27 -0.16 5.68 -14.18
CA GLY A 27 0.08 4.35 -14.72
C GLY A 27 0.52 3.36 -13.65
N ILE A 28 -0.03 3.50 -12.45
CA ILE A 28 0.30 2.61 -11.34
C ILE A 28 -0.81 1.60 -11.09
N PRO A 29 -0.46 0.36 -10.69
CA PRO A 29 -1.45 -0.70 -10.41
C PRO A 29 -2.53 -0.21 -9.45
N ASN A 30 -3.71 -0.83 -9.54
CA ASN A 30 -4.83 -0.46 -8.69
C ASN A 30 -4.46 -0.60 -7.21
N LEU A 31 -3.58 -1.54 -6.91
CA LEU A 31 -3.13 -1.76 -5.54
C LEU A 31 -2.43 -0.52 -5.00
N VAL A 32 -1.41 -0.07 -5.72
CA VAL A 32 -0.64 1.11 -5.33
C VAL A 32 -1.54 2.33 -5.16
N ALA A 33 -2.36 2.60 -6.16
CA ALA A 33 -3.27 3.75 -6.11
C ALA A 33 -4.23 3.63 -4.93
N ARG A 34 -4.59 2.39 -4.60
CA ARG A 34 -5.50 2.14 -3.48
C ARG A 34 -4.85 2.57 -2.17
N GLN A 35 -3.54 2.35 -2.06
CA GLN A 35 -2.81 2.73 -0.87
C GLN A 35 -2.77 4.26 -0.71
N ILE A 36 -2.89 4.96 -1.84
CA ILE A 36 -2.89 6.42 -1.82
C ILE A 36 -4.12 6.96 -1.09
N VAL A 37 -5.29 6.52 -1.55
CA VAL A 37 -6.55 6.95 -0.94
C VAL A 37 -6.64 6.46 0.50
N ASN A 38 -6.17 5.24 0.73
CA ASN A 38 -6.20 4.65 2.06
C ASN A 38 -5.37 5.48 3.04
N SER A 39 -4.32 6.11 2.52
CA SER A 39 -3.45 6.95 3.35
C SER A 39 -4.15 8.25 3.73
N CYS A 40 -5.01 8.74 2.84
CA CYS A 40 -5.74 9.98 3.09
C CYS A 40 -6.76 9.80 4.22
N ALA A 41 -6.70 10.70 5.20
CA ALA A 41 -7.61 10.63 6.34
C ALA A 41 -8.98 11.22 5.99
N GLN A 42 -8.97 12.36 5.32
CA GLN A 42 -10.21 13.03 4.92
C GLN A 42 -11.07 12.13 4.05
N CYS A 43 -10.43 11.22 3.32
CA CYS A 43 -11.14 10.29 2.44
C CYS A 43 -11.47 8.99 3.17
N GLN A 44 -10.64 8.63 4.14
CA GLN A 44 -10.85 7.42 4.92
C GLN A 44 -12.09 7.54 5.80
N GLN A 45 -12.15 8.63 6.55
CA GLN A 45 -13.27 8.88 7.45
C GLN A 45 -14.59 8.95 6.67
N LYS A 46 -15.60 8.22 7.15
CA LYS A 46 -16.90 8.21 6.49
C LYS A 46 -17.96 8.84 7.38
N GLY A 47 -19.12 8.95 6.92
N PHE B 1 6.83 -5.03 -9.58
CA PHE B 1 6.17 -4.53 -8.35
C PHE B 1 5.59 -5.68 -7.53
N LEU B 2 4.80 -6.52 -8.18
CA LEU B 2 4.18 -7.66 -7.51
C LEU B 2 5.08 -8.90 -7.55
N GLU B 3 6.36 -8.72 -7.87
CA GLU B 3 7.30 -9.83 -7.94
C GLU B 3 7.82 -10.19 -6.55
N LYS B 4 8.44 -9.21 -5.89
CA LYS B 4 8.99 -9.42 -4.55
C LYS B 4 7.97 -9.08 -3.47
N ILE B 5 6.99 -8.23 -3.80
CA ILE B 5 5.96 -7.83 -2.84
C ILE B 5 4.98 -8.98 -2.58
N GLU B 6 4.70 -9.77 -3.61
CA GLU B 6 3.78 -10.89 -3.47
C GLU B 6 4.23 -11.86 -2.37
N PRO B 7 5.45 -12.44 -2.50
CA PRO B 7 5.99 -13.37 -1.50
C PRO B 7 5.76 -12.90 -0.06
N ALA B 8 5.92 -11.61 0.16
CA ALA B 8 5.72 -11.04 1.49
C ALA B 8 4.26 -11.16 1.93
N GLN B 9 3.35 -10.98 0.98
CA GLN B 9 1.92 -11.06 1.27
C GLN B 9 1.54 -12.49 1.69
N GLU B 10 2.24 -13.47 1.11
CA GLU B 10 1.98 -14.87 1.43
C GLU B 10 2.51 -15.21 2.81
N GLU B 11 3.60 -14.55 3.21
CA GLU B 11 4.21 -14.79 4.51
C GLU B 11 3.29 -14.32 5.64
N HIS B 12 2.71 -13.13 5.49
CA HIS B 12 1.82 -12.62 6.52
C HIS B 12 0.61 -13.55 6.68
N GLU B 13 0.11 -14.05 5.57
CA GLU B 13 -1.05 -14.93 5.59
C GLU B 13 -0.78 -16.23 6.36
N LYS B 14 0.50 -16.52 6.66
CA LYS B 14 0.85 -17.75 7.36
C LYS B 14 1.38 -17.48 8.78
N TYR B 15 1.86 -16.27 9.05
CA TYR B 15 2.41 -15.94 10.37
C TYR B 15 1.90 -14.60 10.92
N HIS B 16 1.01 -13.92 10.19
CA HIS B 16 0.48 -12.61 10.60
C HIS B 16 1.58 -11.71 11.17
N SER B 17 2.79 -11.87 10.65
CA SER B 17 3.94 -11.08 11.10
C SER B 17 3.68 -9.59 10.98
N ASN B 18 4.52 -8.79 11.64
CA ASN B 18 4.39 -7.34 11.62
C ASN B 18 5.10 -6.75 10.39
N VAL B 19 5.25 -5.43 10.38
CA VAL B 19 5.91 -4.75 9.28
C VAL B 19 7.42 -4.96 9.31
N LYS B 20 8.02 -4.64 10.46
CA LYS B 20 9.46 -4.79 10.63
C LYS B 20 9.92 -6.21 10.33
N GLU B 21 9.05 -7.17 10.61
CA GLU B 21 9.36 -8.57 10.36
C GLU B 21 9.43 -8.85 8.87
N LEU B 22 8.41 -8.41 8.14
CA LEU B 22 8.36 -8.60 6.70
C LEU B 22 9.46 -7.79 6.02
N SER B 23 9.63 -6.56 6.47
CA SER B 23 10.65 -5.67 5.91
C SER B 23 12.05 -6.23 6.14
N HIS B 24 12.25 -6.86 7.29
CA HIS B 24 13.55 -7.44 7.64
C HIS B 24 13.74 -8.79 6.97
N LYS B 25 12.65 -9.51 6.74
CA LYS B 25 12.71 -10.83 6.12
C LYS B 25 12.86 -10.75 4.61
N PHE B 26 12.13 -9.83 3.98
CA PHE B 26 12.18 -9.69 2.53
C PHE B 26 13.01 -8.48 2.10
N GLY B 27 13.03 -7.44 2.93
CA GLY B 27 13.79 -6.25 2.59
C GLY B 27 12.94 -5.20 1.88
N ILE B 28 11.69 -5.09 2.27
CA ILE B 28 10.77 -4.13 1.66
C ILE B 28 10.54 -2.93 2.58
N PRO B 29 10.39 -1.71 2.01
CA PRO B 29 10.15 -0.50 2.81
C PRO B 29 9.01 -0.67 3.80
N ASN B 30 9.05 0.10 4.88
CA ASN B 30 8.02 0.02 5.91
C ASN B 30 6.64 0.30 5.32
N LEU B 31 6.59 1.13 4.29
CA LEU B 31 5.34 1.47 3.63
C LEU B 31 4.70 0.21 3.03
N VAL B 32 5.47 -0.48 2.19
CA VAL B 32 4.99 -1.70 1.54
C VAL B 32 4.52 -2.73 2.55
N ALA B 33 5.37 -3.02 3.54
CA ALA B 33 5.03 -3.99 4.58
C ALA B 33 3.78 -3.57 5.33
N ARG B 34 3.59 -2.26 5.48
CA ARG B 34 2.43 -1.72 6.17
C ARG B 34 1.16 -2.06 5.41
N GLN B 35 1.25 -2.04 4.08
CA GLN B 35 0.11 -2.36 3.24
C GLN B 35 -0.28 -3.83 3.39
N ILE B 36 0.70 -4.66 3.76
CA ILE B 36 0.46 -6.09 3.95
C ILE B 36 -0.48 -6.32 5.12
N VAL B 37 -0.11 -5.79 6.29
CA VAL B 37 -0.93 -5.93 7.48
C VAL B 37 -2.28 -5.24 7.30
N ASN B 38 -2.25 -4.08 6.65
CA ASN B 38 -3.47 -3.31 6.40
C ASN B 38 -4.46 -4.13 5.56
N SER B 39 -3.93 -4.98 4.69
CA SER B 39 -4.76 -5.82 3.84
C SER B 39 -5.42 -6.93 4.64
N CYS B 40 -4.72 -7.41 5.67
CA CYS B 40 -5.25 -8.47 6.51
C CYS B 40 -6.45 -7.99 7.33
N ALA B 41 -7.54 -8.74 7.26
CA ALA B 41 -8.75 -8.39 7.98
C ALA B 41 -8.67 -8.80 9.44
N GLN B 42 -8.19 -10.02 9.69
CA GLN B 42 -8.06 -10.54 11.05
C GLN B 42 -7.17 -9.64 11.90
N CYS B 43 -6.23 -8.94 11.25
CA CYS B 43 -5.32 -8.05 11.95
C CYS B 43 -5.87 -6.62 12.00
N GLN B 44 -6.67 -6.27 11.00
CA GLN B 44 -7.26 -4.94 10.93
C GLN B 44 -8.30 -4.75 12.03
N GLN B 45 -9.22 -5.72 12.14
CA GLN B 45 -10.26 -5.66 13.15
C GLN B 45 -9.67 -5.63 14.56
N LYS B 46 -10.14 -4.71 15.38
CA LYS B 46 -9.66 -4.58 16.75
C LYS B 46 -10.75 -4.92 17.75
N GLY B 47 -10.47 -4.92 18.97
N PHE A 1 10.46 3.20 -3.96
CA PHE A 1 9.00 3.07 -3.72
C PHE A 1 8.34 4.44 -3.61
N LEU A 2 8.98 5.35 -2.88
CA LEU A 2 8.46 6.70 -2.70
C LEU A 2 8.96 7.66 -3.78
N GLU A 3 9.46 7.12 -4.89
CA GLU A 3 9.97 7.95 -5.97
C GLU A 3 8.86 8.34 -6.93
N LYS A 4 8.22 7.34 -7.54
CA LYS A 4 7.14 7.58 -8.48
C LYS A 4 5.79 7.69 -7.76
N ILE A 5 5.69 7.04 -6.59
CA ILE A 5 4.45 7.08 -5.82
C ILE A 5 4.23 8.46 -5.20
N GLU A 6 5.30 9.11 -4.78
CA GLU A 6 5.21 10.43 -4.17
C GLU A 6 4.51 11.43 -5.10
N PRO A 7 5.07 11.66 -6.32
CA PRO A 7 4.47 12.59 -7.29
C PRO A 7 2.97 12.41 -7.42
N ALA A 8 2.52 11.17 -7.35
CA ALA A 8 1.09 10.86 -7.45
C ALA A 8 0.33 11.41 -6.26
N GLN A 9 0.95 11.35 -5.09
CA GLN A 9 0.33 11.85 -3.86
C GLN A 9 0.12 13.36 -3.93
N GLU A 10 1.07 14.05 -4.56
CA GLU A 10 0.99 15.49 -4.70
C GLU A 10 -0.05 15.87 -5.76
N GLU A 11 -0.21 15.00 -6.76
CA GLU A 11 -1.17 15.23 -7.83
C GLU A 11 -2.59 15.26 -7.28
N HIS A 12 -2.87 14.40 -6.30
CA HIS A 12 -4.19 14.35 -5.69
C HIS A 12 -4.48 15.63 -4.93
N GLU A 13 -3.49 16.12 -4.21
CA GLU A 13 -3.64 17.34 -3.41
C GLU A 13 -3.90 18.57 -4.29
N LYS A 14 -3.69 18.44 -5.60
CA LYS A 14 -3.89 19.58 -6.50
C LYS A 14 -5.21 19.49 -7.28
N TYR A 15 -5.74 18.29 -7.47
CA TYR A 15 -6.98 18.13 -8.23
C TYR A 15 -7.85 16.98 -7.73
N HIS A 16 -7.56 16.47 -6.54
CA HIS A 16 -8.33 15.34 -5.96
C HIS A 16 -8.61 14.24 -6.99
N SER A 17 -7.62 13.98 -7.84
CA SER A 17 -7.76 12.95 -8.88
C SER A 17 -8.08 11.59 -8.26
N ASN A 18 -8.91 10.81 -8.96
CA ASN A 18 -9.30 9.48 -8.48
C ASN A 18 -8.12 8.51 -8.59
N VAL A 19 -8.41 7.22 -8.41
CA VAL A 19 -7.39 6.19 -8.49
C VAL A 19 -7.00 5.92 -9.94
N LYS A 20 -8.00 5.75 -10.79
CA LYS A 20 -7.77 5.48 -12.21
C LYS A 20 -6.94 6.59 -12.86
N GLU A 21 -7.26 7.83 -12.51
CA GLU A 21 -6.53 8.98 -13.05
C GLU A 21 -5.07 8.95 -12.64
N LEU A 22 -4.83 8.67 -11.37
CA LEU A 22 -3.47 8.61 -10.83
C LEU A 22 -2.75 7.37 -11.35
N SER A 23 -3.45 6.26 -11.39
CA SER A 23 -2.88 5.00 -11.86
C SER A 23 -2.65 5.04 -13.38
N HIS A 24 -3.53 5.73 -14.09
CA HIS A 24 -3.42 5.83 -15.54
C HIS A 24 -2.40 6.89 -15.93
N LYS A 25 -2.26 7.92 -15.10
CA LYS A 25 -1.32 9.01 -15.38
C LYS A 25 0.12 8.63 -15.03
N PHE A 26 0.29 8.01 -13.86
CA PHE A 26 1.61 7.61 -13.40
C PHE A 26 1.90 6.15 -13.72
N GLY A 27 0.92 5.28 -13.47
CA GLY A 27 1.11 3.86 -13.74
C GLY A 27 1.18 3.03 -12.48
N ILE A 28 0.59 3.52 -11.40
CA ILE A 28 0.60 2.81 -10.12
C ILE A 28 -0.67 1.98 -9.95
N PRO A 29 -0.55 0.74 -9.43
CA PRO A 29 -1.70 -0.14 -9.22
C PRO A 29 -2.81 0.54 -8.43
N ASN A 30 -4.02 0.03 -8.57
CA ASN A 30 -5.18 0.59 -7.87
C ASN A 30 -4.95 0.60 -6.35
N LEU A 31 -4.15 -0.34 -5.87
CA LEU A 31 -3.85 -0.44 -4.45
C LEU A 31 -3.12 0.80 -3.96
N VAL A 32 -1.96 1.07 -4.56
CA VAL A 32 -1.17 2.23 -4.17
C VAL A 32 -1.94 3.53 -4.36
N ALA A 33 -2.64 3.63 -5.49
CA ALA A 33 -3.43 4.82 -5.79
C ALA A 33 -4.59 4.98 -4.81
N ARG A 34 -5.14 3.84 -4.38
CA ARG A 34 -6.26 3.86 -3.44
C ARG A 34 -5.83 4.38 -2.08
N GLN A 35 -4.57 4.14 -1.74
CA GLN A 35 -4.04 4.59 -0.46
C GLN A 35 -3.96 6.12 -0.39
N ILE A 36 -3.69 6.73 -1.54
CA ILE A 36 -3.59 8.19 -1.62
C ILE A 36 -4.95 8.83 -1.38
N VAL A 37 -5.95 8.41 -2.15
CA VAL A 37 -7.29 8.95 -2.02
C VAL A 37 -7.85 8.68 -0.63
N ASN A 38 -7.58 7.49 -0.10
CA ASN A 38 -8.06 7.12 1.22
C ASN A 38 -7.50 8.05 2.29
N SER A 39 -6.28 8.55 2.05
CA SER A 39 -5.63 9.45 2.98
C SER A 39 -6.31 10.81 3.00
N CYS A 40 -6.85 11.21 1.85
CA CYS A 40 -7.53 12.49 1.73
C CYS A 40 -8.77 12.55 2.62
N ALA A 41 -8.89 13.65 3.37
CA ALA A 41 -10.02 13.83 4.27
C ALA A 41 -11.27 14.30 3.53
N GLN A 42 -11.12 15.36 2.73
CA GLN A 42 -12.23 15.91 1.97
C GLN A 42 -12.87 14.86 1.07
N CYS A 43 -12.07 13.91 0.62
CA CYS A 43 -12.55 12.84 -0.25
C CYS A 43 -13.11 11.68 0.58
N GLN A 44 -12.55 11.49 1.77
CA GLN A 44 -12.98 10.42 2.65
C GLN A 44 -14.41 10.67 3.16
N GLN A 45 -14.67 11.91 3.57
CA GLN A 45 -15.98 12.29 4.08
C GLN A 45 -16.98 12.45 2.93
N LYS A 46 -18.07 11.69 3.00
CA LYS A 46 -19.10 11.76 1.97
C LYS A 46 -20.18 12.78 2.34
N GLY A 47 -20.33 13.07 3.54
N PHE B 1 4.67 -5.30 -9.28
CA PHE B 1 4.27 -4.92 -7.90
C PHE B 1 3.87 -6.13 -7.08
N LEU B 2 3.10 -7.03 -7.69
CA LEU B 2 2.65 -8.24 -7.02
C LEU B 2 3.63 -9.40 -7.24
N GLU B 3 4.85 -9.10 -7.64
CA GLU B 3 5.85 -10.13 -7.87
C GLU B 3 6.60 -10.47 -6.59
N LYS B 4 7.27 -9.47 -6.02
CA LYS B 4 8.03 -9.66 -4.78
C LYS B 4 7.14 -9.46 -3.56
N ILE B 5 6.08 -8.67 -3.71
CA ILE B 5 5.17 -8.41 -2.61
C ILE B 5 4.33 -9.64 -2.28
N GLU B 6 3.95 -10.39 -3.31
CA GLU B 6 3.14 -11.59 -3.12
C GLU B 6 3.82 -12.57 -2.17
N PRO B 7 5.04 -13.05 -2.51
CA PRO B 7 5.79 -13.99 -1.67
C PRO B 7 5.76 -13.61 -0.19
N ALA B 8 5.81 -12.31 0.08
CA ALA B 8 5.79 -11.80 1.45
C ALA B 8 4.45 -12.06 2.10
N GLN B 9 3.38 -11.95 1.31
CA GLN B 9 2.03 -12.18 1.81
C GLN B 9 1.84 -13.63 2.23
N GLU B 10 2.47 -14.53 1.48
CA GLU B 10 2.39 -15.96 1.77
C GLU B 10 3.24 -16.30 2.99
N GLU B 11 4.33 -15.57 3.17
CA GLU B 11 5.22 -15.78 4.31
C GLU B 11 4.51 -15.51 5.62
N HIS B 12 3.64 -14.51 5.63
CA HIS B 12 2.90 -14.17 6.84
C HIS B 12 1.91 -15.28 7.19
N GLU B 13 1.25 -15.82 6.18
CA GLU B 13 0.28 -16.88 6.39
C GLU B 13 0.92 -18.16 6.93
N LYS B 14 2.25 -18.25 6.90
CA LYS B 14 2.94 -19.44 7.37
C LYS B 14 3.55 -19.26 8.76
N TYR B 15 3.86 -18.03 9.15
CA TYR B 15 4.47 -17.78 10.46
C TYR B 15 4.06 -16.45 11.08
N HIS B 16 3.00 -15.83 10.56
CA HIS B 16 2.51 -14.54 11.06
C HIS B 16 3.64 -13.55 11.34
N SER B 17 4.65 -13.56 10.47
CA SER B 17 5.79 -12.67 10.62
C SER B 17 5.36 -11.20 10.65
N ASN B 18 6.06 -10.40 11.45
CA ASN B 18 5.74 -8.98 11.58
C ASN B 18 6.15 -8.23 10.31
N VAL B 19 6.12 -6.90 10.39
CA VAL B 19 6.49 -6.05 9.27
C VAL B 19 7.99 -6.04 9.05
N LYS B 20 8.74 -5.84 10.14
CA LYS B 20 10.19 -5.79 10.08
C LYS B 20 10.76 -7.09 9.51
N GLU B 21 10.19 -8.21 9.93
CA GLU B 21 10.65 -9.52 9.46
C GLU B 21 10.42 -9.66 7.96
N LEU B 22 9.23 -9.26 7.50
CA LEU B 22 8.89 -9.34 6.09
C LEU B 22 9.68 -8.31 5.29
N SER B 23 9.80 -7.11 5.84
CA SER B 23 10.52 -6.03 5.17
C SER B 23 12.02 -6.30 5.16
N HIS B 24 12.52 -6.94 6.21
CA HIS B 24 13.94 -7.25 6.33
C HIS B 24 14.29 -8.50 5.53
N LYS B 25 13.34 -9.41 5.41
CA LYS B 25 13.56 -10.66 4.68
C LYS B 25 13.44 -10.45 3.18
N PHE B 26 12.41 -9.73 2.75
CA PHE B 26 12.18 -9.48 1.33
C PHE B 26 12.76 -8.13 0.90
N GLY B 27 12.51 -7.11 1.70
CA GLY B 27 13.02 -5.78 1.37
C GLY B 27 11.92 -4.81 1.00
N ILE B 28 10.71 -5.06 1.49
CA ILE B 28 9.57 -4.21 1.21
C ILE B 28 9.38 -3.16 2.32
N PRO B 29 9.06 -1.90 1.95
CA PRO B 29 8.86 -0.84 2.93
C PRO B 29 7.84 -1.23 4.00
N ASN B 30 7.90 -0.56 5.15
CA ASN B 30 6.98 -0.84 6.25
C ASN B 30 5.52 -0.67 5.81
N LEU B 31 5.30 0.19 4.83
CA LEU B 31 3.96 0.43 4.32
C LEU B 31 3.37 -0.83 3.70
N VAL B 32 4.05 -1.37 2.70
CA VAL B 32 3.61 -2.58 2.01
C VAL B 32 3.50 -3.75 2.98
N ALA B 33 4.51 -3.89 3.84
CA ALA B 33 4.53 -4.97 4.81
C ALA B 33 3.40 -4.82 5.84
N ARG B 34 3.08 -3.57 6.16
CA ARG B 34 2.03 -3.28 7.13
C ARG B 34 0.66 -3.67 6.58
N GLN B 35 0.51 -3.60 5.26
CA GLN B 35 -0.75 -3.95 4.61
C GLN B 35 -1.02 -5.44 4.75
N ILE B 36 0.03 -6.24 4.72
CA ILE B 36 -0.09 -7.69 4.84
C ILE B 36 -0.59 -8.08 6.22
N VAL B 37 0.11 -7.61 7.25
CA VAL B 37 -0.27 -7.92 8.63
C VAL B 37 -1.65 -7.39 8.94
N ASN B 38 -1.96 -6.20 8.45
CA ASN B 38 -3.26 -5.58 8.67
C ASN B 38 -4.38 -6.44 8.09
N SER B 39 -4.08 -7.14 7.00
CA SER B 39 -5.05 -8.01 6.35
C SER B 39 -5.35 -9.24 7.20
N CYS B 40 -4.35 -9.70 7.95
CA CYS B 40 -4.50 -10.87 8.81
C CYS B 40 -5.54 -10.61 9.90
N ALA B 41 -6.46 -11.57 10.06
CA ALA B 41 -7.51 -11.45 11.06
C ALA B 41 -7.00 -11.81 12.46
N GLN B 42 -6.36 -12.97 12.57
CA GLN B 42 -5.84 -13.45 13.85
C GLN B 42 -4.86 -12.43 14.46
N CYS B 43 -4.18 -11.69 13.61
CA CYS B 43 -3.23 -10.68 14.07
C CYS B 43 -3.93 -9.35 14.33
N GLN B 44 -5.01 -9.09 13.59
CA GLN B 44 -5.76 -7.86 13.74
C GLN B 44 -6.47 -7.82 15.10
N GLN B 45 -7.09 -8.94 15.47
CA GLN B 45 -7.80 -9.05 16.73
C GLN B 45 -6.83 -9.19 17.89
N LYS B 46 -6.92 -8.28 18.86
CA LYS B 46 -6.03 -8.32 20.02
C LYS B 46 -6.68 -9.10 21.16
N GLY B 47 -7.93 -9.21 21.18
N PHE A 1 10.99 3.78 -5.67
CA PHE A 1 9.67 3.41 -5.09
C PHE A 1 9.00 4.61 -4.44
N LEU A 2 9.55 5.08 -3.33
CA LEU A 2 9.00 6.22 -2.62
C LEU A 2 9.16 7.51 -3.42
N GLU A 3 10.08 7.52 -4.38
CA GLU A 3 10.33 8.70 -5.20
C GLU A 3 9.19 8.93 -6.20
N LYS A 4 8.70 7.84 -6.80
CA LYS A 4 7.63 7.93 -7.79
C LYS A 4 6.26 7.85 -7.12
N ILE A 5 6.18 7.20 -5.97
CA ILE A 5 4.92 7.07 -5.26
C ILE A 5 4.54 8.40 -4.59
N GLU A 6 5.54 9.18 -4.20
CA GLU A 6 5.30 10.47 -3.55
C GLU A 6 4.47 11.38 -4.47
N PRO A 7 5.00 11.71 -5.68
CA PRO A 7 4.30 12.57 -6.63
C PRO A 7 2.81 12.25 -6.75
N ALA A 8 2.51 10.97 -6.96
CA ALA A 8 1.12 10.53 -7.10
C ALA A 8 0.31 10.83 -5.85
N GLN A 9 0.98 10.87 -4.70
CA GLN A 9 0.32 11.15 -3.43
C GLN A 9 -0.11 12.60 -3.36
N GLU A 10 0.77 13.51 -3.79
CA GLU A 10 0.46 14.93 -3.77
C GLU A 10 -0.65 15.27 -4.76
N GLU A 11 -0.69 14.53 -5.86
CA GLU A 11 -1.71 14.76 -6.88
C GLU A 11 -3.10 14.54 -6.31
N HIS A 12 -3.25 13.52 -5.46
CA HIS A 12 -4.53 13.25 -4.85
C HIS A 12 -4.90 14.42 -3.94
N GLU A 13 -4.10 14.63 -2.91
CA GLU A 13 -4.33 15.71 -1.94
C GLU A 13 -4.79 17.02 -2.60
N LYS A 14 -4.32 17.23 -3.83
CA LYS A 14 -4.66 18.45 -4.57
C LYS A 14 -6.01 18.39 -5.30
N TYR A 15 -6.54 17.20 -5.59
CA TYR A 15 -7.81 17.09 -6.31
C TYR A 15 -8.63 15.84 -5.95
N HIS A 16 -8.26 15.17 -4.84
CA HIS A 16 -8.93 13.95 -4.38
C HIS A 16 -9.33 13.03 -5.54
N SER A 17 -8.38 12.77 -6.44
CA SER A 17 -8.62 11.93 -7.60
C SER A 17 -8.79 10.46 -7.18
N ASN A 18 -9.26 9.64 -8.12
CA ASN A 18 -9.47 8.22 -7.87
C ASN A 18 -8.21 7.43 -8.18
N VAL A 19 -8.32 6.09 -8.10
CA VAL A 19 -7.19 5.21 -8.36
C VAL A 19 -6.90 5.13 -9.86
N LYS A 20 -7.95 4.96 -10.65
CA LYS A 20 -7.81 4.85 -12.10
C LYS A 20 -7.09 6.06 -12.68
N GLU A 21 -7.42 7.24 -12.19
CA GLU A 21 -6.79 8.47 -12.66
C GLU A 21 -5.31 8.49 -12.33
N LEU A 22 -4.97 8.21 -11.07
CA LEU A 22 -3.59 8.19 -10.62
C LEU A 22 -2.79 7.12 -11.37
N SER A 23 -3.41 5.96 -11.57
CA SER A 23 -2.75 4.85 -12.25
C SER A 23 -2.50 5.18 -13.72
N HIS A 24 -3.48 5.81 -14.36
CA HIS A 24 -3.36 6.17 -15.77
C HIS A 24 -2.53 7.44 -15.96
N LYS A 25 -2.50 8.29 -14.94
CA LYS A 25 -1.76 9.54 -15.01
C LYS A 25 -0.26 9.32 -14.82
N PHE A 26 0.10 8.59 -13.77
CA PHE A 26 1.50 8.31 -13.47
C PHE A 26 1.95 6.97 -14.07
N GLY A 27 1.06 5.99 -14.05
CA GLY A 27 1.38 4.68 -14.59
C GLY A 27 1.61 3.65 -13.51
N ILE A 28 1.03 3.85 -12.34
CA ILE A 28 1.17 2.93 -11.23
C ILE A 28 -0.06 2.02 -11.11
N PRO A 29 0.12 0.77 -10.63
CA PRO A 29 -1.00 -0.16 -10.48
C PRO A 29 -2.07 0.38 -9.53
N ASN A 30 -3.25 -0.22 -9.57
CA ASN A 30 -4.35 0.21 -8.73
C ASN A 30 -4.02 0.03 -7.24
N LEU A 31 -3.12 -0.91 -6.94
CA LEU A 31 -2.72 -1.16 -5.56
C LEU A 31 -2.14 0.09 -4.91
N VAL A 32 -1.03 0.58 -5.47
CA VAL A 32 -0.38 1.77 -4.94
C VAL A 32 -1.33 2.95 -4.92
N ALA A 33 -2.03 3.18 -6.04
CA ALA A 33 -2.98 4.28 -6.14
C ALA A 33 -4.07 4.15 -5.09
N ARG A 34 -4.40 2.91 -4.72
CA ARG A 34 -5.43 2.65 -3.74
C ARG A 34 -4.95 3.07 -2.35
N GLN A 35 -3.68 2.81 -2.06
CA GLN A 35 -3.10 3.16 -0.77
C GLN A 35 -3.15 4.67 -0.54
N ILE A 36 -3.02 5.43 -1.62
CA ILE A 36 -3.07 6.88 -1.55
C ILE A 36 -4.46 7.36 -1.16
N VAL A 37 -5.46 6.91 -1.90
CA VAL A 37 -6.84 7.29 -1.61
C VAL A 37 -7.28 6.78 -0.24
N ASN A 38 -6.86 5.57 0.08
CA ASN A 38 -7.20 4.96 1.36
C ASN A 38 -6.58 5.75 2.52
N SER A 39 -5.41 6.33 2.27
CA SER A 39 -4.72 7.11 3.29
C SER A 39 -5.45 8.42 3.56
N CYS A 40 -6.11 8.95 2.52
CA CYS A 40 -6.84 10.21 2.65
C CYS A 40 -7.98 10.06 3.66
N ALA A 41 -7.94 10.89 4.69
CA ALA A 41 -8.96 10.86 5.74
C ALA A 41 -10.28 11.45 5.24
N GLN A 42 -10.19 12.50 4.43
CA GLN A 42 -11.37 13.16 3.89
C GLN A 42 -12.12 12.25 2.92
N CYS A 43 -11.41 11.32 2.30
CA CYS A 43 -12.01 10.39 1.35
C CYS A 43 -12.43 9.09 2.02
N GLN A 44 -11.77 8.76 3.14
CA GLN A 44 -12.08 7.53 3.86
C GLN A 44 -13.45 7.64 4.54
N GLN A 45 -13.59 8.62 5.42
CA GLN A 45 -14.84 8.82 6.14
C GLN A 45 -15.92 9.40 5.23
N LYS A 46 -17.18 9.25 5.62
CA LYS A 46 -18.29 9.76 4.83
C LYS A 46 -19.20 10.65 5.68
N GLY A 47 -19.47 10.27 6.84
N PHE B 1 6.30 -6.14 -9.46
CA PHE B 1 5.62 -5.48 -8.31
C PHE B 1 4.72 -6.48 -7.58
N LEU B 2 3.63 -6.87 -8.21
CA LEU B 2 2.70 -7.82 -7.62
C LEU B 2 3.30 -9.21 -7.49
N GLU B 3 4.35 -9.49 -8.26
CA GLU B 3 5.02 -10.79 -8.23
C GLU B 3 5.83 -10.96 -6.94
N LYS B 4 6.52 -9.92 -6.52
CA LYS B 4 7.34 -9.97 -5.32
C LYS B 4 6.54 -9.60 -4.08
N ILE B 5 5.50 -8.79 -4.26
CA ILE B 5 4.66 -8.38 -3.13
C ILE B 5 3.76 -9.53 -2.68
N GLU B 6 3.38 -10.39 -3.61
CA GLU B 6 2.52 -11.54 -3.30
C GLU B 6 3.18 -12.43 -2.23
N PRO B 7 4.38 -12.98 -2.53
CA PRO B 7 5.11 -13.85 -1.59
C PRO B 7 5.10 -13.31 -0.16
N ALA B 8 5.46 -12.05 0.00
CA ALA B 8 5.49 -11.42 1.31
C ALA B 8 4.12 -11.44 1.97
N GLN B 9 3.07 -11.42 1.16
CA GLN B 9 1.71 -11.42 1.66
C GLN B 9 1.35 -12.78 2.27
N GLU B 10 1.75 -13.85 1.60
CA GLU B 10 1.48 -15.20 2.08
C GLU B 10 2.26 -15.49 3.35
N GLU B 11 3.45 -14.90 3.46
CA GLU B 11 4.29 -15.10 4.63
C GLU B 11 3.59 -14.60 5.88
N HIS B 12 2.90 -13.48 5.77
CA HIS B 12 2.18 -12.94 6.91
C HIS B 12 1.07 -13.89 7.31
N GLU B 13 0.12 -14.09 6.39
CA GLU B 13 -1.02 -14.99 6.62
C GLU B 13 -0.62 -16.28 7.35
N LYS B 14 0.61 -16.73 7.10
CA LYS B 14 1.11 -17.97 7.68
C LYS B 14 1.66 -17.80 9.11
N TYR B 15 2.08 -16.58 9.49
CA TYR B 15 2.64 -16.39 10.84
C TYR B 15 2.38 -14.99 11.42
N HIS B 16 1.43 -14.25 10.82
CA HIS B 16 1.10 -12.88 11.25
C HIS B 16 2.32 -12.07 11.68
N SER B 17 3.35 -12.09 10.84
CA SER B 17 4.59 -11.38 11.13
C SER B 17 4.39 -9.86 11.03
N ASN B 18 5.37 -9.11 11.53
CA ASN B 18 5.31 -7.66 11.51
C ASN B 18 5.90 -7.11 10.20
N VAL B 19 6.00 -5.78 10.12
CA VAL B 19 6.54 -5.12 8.94
C VAL B 19 8.06 -5.28 8.85
N LYS B 20 8.73 -5.06 9.98
CA LYS B 20 10.18 -5.17 10.03
C LYS B 20 10.66 -6.54 9.56
N GLU B 21 9.95 -7.58 9.98
CA GLU B 21 10.30 -8.94 9.59
C GLU B 21 10.16 -9.14 8.09
N LEU B 22 9.00 -8.76 7.55
CA LEU B 22 8.74 -8.89 6.12
C LEU B 22 9.72 -8.05 5.30
N SER B 23 10.02 -6.85 5.78
CA SER B 23 10.94 -5.96 5.09
C SER B 23 12.36 -6.51 5.08
N HIS B 24 12.78 -7.07 6.22
CA HIS B 24 14.11 -7.63 6.35
C HIS B 24 14.21 -9.02 5.73
N LYS B 25 13.08 -9.72 5.68
CA LYS B 25 13.06 -11.07 5.12
C LYS B 25 13.08 -11.05 3.59
N PHE B 26 12.21 -10.25 3.00
CA PHE B 26 12.13 -10.15 1.55
C PHE B 26 12.97 -9.00 1.02
N GLY B 27 12.99 -7.90 1.75
CA GLY B 27 13.76 -6.74 1.34
C GLY B 27 12.88 -5.61 0.81
N ILE B 28 11.63 -5.58 1.26
CA ILE B 28 10.70 -4.53 0.83
C ILE B 28 10.58 -3.45 1.90
N PRO B 29 10.31 -2.19 1.49
CA PRO B 29 10.17 -1.08 2.44
C PRO B 29 9.03 -1.32 3.43
N ASN B 30 9.02 -0.56 4.52
CA ASN B 30 7.99 -0.70 5.53
C ASN B 30 6.60 -0.38 4.97
N LEU B 31 6.57 0.44 3.93
CA LEU B 31 5.29 0.81 3.31
C LEU B 31 4.53 -0.42 2.81
N VAL B 32 5.14 -1.14 1.87
CA VAL B 32 4.51 -2.33 1.30
C VAL B 32 4.20 -3.35 2.41
N ALA B 33 5.18 -3.61 3.26
CA ALA B 33 5.00 -4.55 4.36
C ALA B 33 3.86 -4.12 5.27
N ARG B 34 3.66 -2.81 5.38
CA ARG B 34 2.59 -2.26 6.21
C ARG B 34 1.22 -2.56 5.60
N GLN B 35 1.14 -2.47 4.28
CA GLN B 35 -0.11 -2.73 3.57
C GLN B 35 -0.57 -4.16 3.80
N ILE B 36 0.39 -5.08 3.93
CA ILE B 36 0.09 -6.48 4.15
C ILE B 36 -0.53 -6.69 5.52
N VAL B 37 0.14 -6.19 6.56
CA VAL B 37 -0.36 -6.32 7.92
C VAL B 37 -1.68 -5.56 8.09
N ASN B 38 -1.76 -4.40 7.46
CA ASN B 38 -2.97 -3.58 7.53
C ASN B 38 -4.15 -4.30 6.87
N SER B 39 -3.86 -5.07 5.84
CA SER B 39 -4.89 -5.81 5.12
C SER B 39 -5.44 -6.94 5.98
N CYS B 40 -4.58 -7.51 6.83
CA CYS B 40 -4.98 -8.60 7.70
C CYS B 40 -6.09 -8.16 8.66
N ALA B 41 -7.23 -8.83 8.59
CA ALA B 41 -8.37 -8.52 9.44
C ALA B 41 -8.13 -8.96 10.88
N GLN B 42 -7.48 -10.10 11.04
CA GLN B 42 -7.19 -10.65 12.37
C GLN B 42 -6.20 -9.77 13.12
N CYS B 43 -5.36 -9.04 12.38
CA CYS B 43 -4.36 -8.17 12.99
C CYS B 43 -4.87 -6.74 13.12
N GLN B 44 -5.84 -6.37 12.28
CA GLN B 44 -6.40 -5.03 12.32
C GLN B 44 -7.25 -4.82 13.58
N GLN B 45 -8.28 -5.65 13.72
CA GLN B 45 -9.17 -5.56 14.88
C GLN B 45 -8.48 -6.09 16.13
N LYS B 46 -9.00 -5.71 17.30
CA LYS B 46 -8.44 -6.13 18.57
C LYS B 46 -9.52 -6.75 19.46
N GLY B 47 -10.63 -6.19 19.51
#